data_6EZ4
#
_entry.id   6EZ4
#
_entity_poly.entity_id   1
_entity_poly.type   'polypeptide(L)'
_entity_poly.pdbx_seq_one_letter_code
;GPHMAQFATTVLPPIPANSFQLESDFRQLKSSPDMLYQYLKQIEPSLYPKLFQKNLDPDVFNQIVKILHDFYIEKEKPLL
IFEILQRLSELKRFDMAVMFMSETEKKIARALFNHIDKSGLKDSSVEELKKRYGG
;
_entity_poly.pdbx_strand_id   A
#
# COMPACT_ATOMS: atom_id res chain seq x y z
N GLY A 1 14.19 -8.00 19.94
CA GLY A 1 15.24 -7.64 20.89
C GLY A 1 16.41 -6.94 20.20
N PRO A 2 17.56 -6.75 20.87
CA PRO A 2 18.74 -6.08 20.31
C PRO A 2 19.38 -6.79 19.09
N HIS A 3 19.16 -8.09 18.91
CA HIS A 3 19.63 -8.88 17.77
C HIS A 3 18.51 -9.15 16.75
N MET A 4 18.86 -9.67 15.57
CA MET A 4 17.87 -10.15 14.59
C MET A 4 17.46 -11.60 14.88
N ALA A 5 16.15 -11.86 14.88
CA ALA A 5 15.58 -13.21 15.04
C ALA A 5 15.87 -14.11 13.83
N GLN A 6 15.67 -15.42 13.98
CA GLN A 6 15.70 -16.35 12.85
C GLN A 6 14.40 -16.22 12.05
N PHE A 7 14.51 -15.88 10.76
CA PHE A 7 13.37 -15.83 9.84
C PHE A 7 13.32 -17.09 8.96
N ALA A 8 12.11 -17.53 8.62
CA ALA A 8 11.90 -18.65 7.71
C ALA A 8 12.40 -18.32 6.29
N THR A 9 12.90 -19.34 5.58
CA THR A 9 13.29 -19.22 4.17
C THR A 9 12.05 -19.04 3.29
N THR A 10 11.94 -17.91 2.59
CA THR A 10 10.81 -17.58 1.71
C THR A 10 11.28 -16.88 0.43
N VAL A 11 10.45 -16.94 -0.61
CA VAL A 11 10.72 -16.42 -1.96
C VAL A 11 9.47 -15.67 -2.45
N LEU A 12 9.66 -14.48 -2.99
CA LEU A 12 8.62 -13.62 -3.57
C LEU A 12 7.63 -14.42 -4.45
N PRO A 13 6.35 -14.57 -4.06
CA PRO A 13 5.37 -15.31 -4.85
C PRO A 13 5.06 -14.62 -6.20
N PRO A 14 4.53 -15.35 -7.19
CA PRO A 14 4.09 -14.80 -8.48
C PRO A 14 2.97 -13.78 -8.29
N ILE A 15 2.74 -12.95 -9.33
CA ILE A 15 1.68 -11.97 -9.31
C ILE A 15 0.32 -12.71 -9.25
N PRO A 16 -0.56 -12.33 -8.30
CA PRO A 16 -1.84 -13.00 -8.04
C PRO A 16 -2.85 -12.78 -9.19
N ALA A 17 -3.87 -13.64 -9.27
CA ALA A 17 -4.91 -13.56 -10.29
C ALA A 17 -6.05 -12.64 -9.87
N ASN A 18 -6.33 -12.58 -8.57
CA ASN A 18 -7.40 -11.77 -7.97
C ASN A 18 -7.10 -11.44 -6.50
N SER A 19 -7.87 -10.54 -5.89
CA SER A 19 -7.67 -10.10 -4.50
C SER A 19 -7.55 -11.25 -3.49
N PHE A 20 -8.32 -12.33 -3.63
CA PHE A 20 -8.23 -13.53 -2.76
C PHE A 20 -6.80 -14.08 -2.67
N GLN A 21 -6.07 -13.99 -3.76
CA GLN A 21 -4.70 -14.46 -3.94
C GLN A 21 -3.69 -13.41 -3.45
N LEU A 22 -3.99 -12.13 -3.68
CA LEU A 22 -3.20 -10.98 -3.20
C LEU A 22 -3.19 -10.93 -1.66
N GLU A 23 -4.38 -10.90 -1.04
CA GLU A 23 -4.50 -10.79 0.42
C GLU A 23 -3.85 -11.97 1.14
N SER A 24 -3.86 -13.15 0.51
CA SER A 24 -3.19 -14.34 1.04
C SER A 24 -1.67 -14.16 1.10
N ASP A 25 -1.09 -13.54 0.07
CA ASP A 25 0.34 -13.26 -0.03
C ASP A 25 0.73 -12.03 0.82
N PHE A 26 -0.18 -11.07 1.02
CA PHE A 26 0.04 -9.95 1.93
C PHE A 26 0.06 -10.43 3.38
N ARG A 27 -0.92 -11.24 3.80
CA ARG A 27 -1.06 -11.61 5.20
C ARG A 27 0.00 -12.61 5.67
N GLN A 28 0.64 -13.29 4.72
CA GLN A 28 1.79 -14.16 4.99
C GLN A 28 3.15 -13.45 4.99
N LEU A 29 3.23 -12.29 4.31
CA LEU A 29 4.42 -11.44 4.20
C LEU A 29 4.34 -10.16 5.04
N LYS A 30 3.26 -9.91 5.79
CA LYS A 30 3.03 -8.68 6.57
C LYS A 30 4.11 -8.41 7.63
N SER A 31 4.64 -9.50 8.18
CA SER A 31 5.78 -9.53 9.10
C SER A 31 7.16 -9.54 8.41
N SER A 32 7.18 -9.39 7.08
CA SER A 32 8.37 -9.35 6.21
C SER A 32 8.26 -8.17 5.21
N PRO A 33 8.11 -6.93 5.71
CA PRO A 33 7.85 -5.75 4.88
C PRO A 33 8.94 -5.49 3.84
N ASP A 34 10.16 -5.97 4.10
CA ASP A 34 11.31 -5.78 3.21
C ASP A 34 11.20 -6.61 1.91
N MET A 35 10.50 -7.75 1.97
CA MET A 35 10.12 -8.50 0.78
C MET A 35 8.76 -8.09 0.22
N LEU A 36 7.86 -7.56 1.05
CA LEU A 36 6.62 -6.95 0.55
C LEU A 36 6.90 -5.82 -0.44
N TYR A 37 7.91 -4.96 -0.19
CA TYR A 37 8.34 -3.97 -1.17
C TYR A 37 8.66 -4.60 -2.54
N GLN A 38 9.41 -5.70 -2.55
CA GLN A 38 9.82 -6.39 -3.77
C GLN A 38 8.67 -7.17 -4.43
N TYR A 39 7.68 -7.62 -3.65
CA TYR A 39 6.42 -8.18 -4.17
C TYR A 39 5.54 -7.09 -4.82
N LEU A 40 5.44 -5.90 -4.21
CA LEU A 40 4.78 -4.72 -4.78
C LEU A 40 5.43 -4.32 -6.11
N LYS A 41 6.76 -4.41 -6.20
CA LYS A 41 7.51 -4.03 -7.41
C LYS A 41 7.16 -4.90 -8.62
N GLN A 42 6.67 -6.12 -8.42
CA GLN A 42 6.15 -6.97 -9.51
C GLN A 42 4.80 -6.48 -10.05
N ILE A 43 3.96 -5.94 -9.16
CA ILE A 43 2.56 -5.58 -9.43
C ILE A 43 2.52 -4.17 -10.04
N GLU A 44 1.97 -4.04 -11.25
CA GLU A 44 1.75 -2.74 -11.89
C GLU A 44 0.42 -2.08 -11.46
N PRO A 45 0.29 -0.74 -11.47
CA PRO A 45 -0.94 -0.03 -11.09
C PRO A 45 -2.15 -0.39 -11.97
N SER A 46 -1.94 -0.96 -13.15
CA SER A 46 -3.04 -1.46 -13.99
C SER A 46 -3.71 -2.72 -13.40
N LEU A 47 -3.03 -3.47 -12.54
CA LEU A 47 -3.61 -4.65 -11.87
C LEU A 47 -4.46 -4.29 -10.66
N TYR A 48 -4.17 -3.18 -9.99
CA TYR A 48 -4.85 -2.75 -8.76
C TYR A 48 -6.39 -2.69 -8.88
N PRO A 49 -6.98 -2.00 -9.89
CA PRO A 49 -8.44 -1.96 -10.04
C PRO A 49 -9.03 -3.32 -10.40
N LYS A 50 -8.25 -4.21 -11.06
CA LYS A 50 -8.70 -5.50 -11.57
C LYS A 50 -8.65 -6.61 -10.51
N LEU A 51 -7.62 -6.65 -9.68
CA LEU A 51 -7.50 -7.56 -8.54
C LEU A 51 -8.63 -7.34 -7.53
N PHE A 52 -8.86 -6.08 -7.19
CA PHE A 52 -9.78 -5.62 -6.15
C PHE A 52 -11.21 -5.32 -6.66
N GLN A 53 -11.58 -5.80 -7.86
CA GLN A 53 -12.85 -5.44 -8.51
C GLN A 53 -14.11 -5.97 -7.82
N LYS A 54 -14.01 -7.07 -7.07
CA LYS A 54 -15.12 -7.64 -6.27
C LYS A 54 -15.10 -7.20 -4.81
N ASN A 55 -13.93 -6.84 -4.26
CA ASN A 55 -13.75 -6.15 -2.98
C ASN A 55 -12.26 -5.83 -2.70
N LEU A 56 -12.01 -4.93 -1.74
CA LEU A 56 -10.73 -4.76 -1.04
C LEU A 56 -10.78 -5.44 0.36
N ASP A 57 -9.64 -5.52 1.04
CA ASP A 57 -9.51 -5.86 2.46
C ASP A 57 -8.96 -4.68 3.29
N PRO A 58 -9.44 -4.40 4.52
CA PRO A 58 -8.93 -3.29 5.33
C PRO A 58 -7.49 -3.49 5.79
N ASP A 59 -7.06 -4.74 5.94
CA ASP A 59 -5.68 -5.04 6.30
C ASP A 59 -4.76 -4.89 5.07
N VAL A 60 -5.23 -5.22 3.87
CA VAL A 60 -4.46 -5.01 2.63
C VAL A 60 -4.34 -3.52 2.34
N PHE A 61 -5.43 -2.76 2.46
CA PHE A 61 -5.43 -1.30 2.35
C PHE A 61 -4.32 -0.66 3.20
N ASN A 62 -4.26 -1.00 4.50
CA ASN A 62 -3.25 -0.40 5.37
C ASN A 62 -1.84 -0.97 5.12
N GLN A 63 -1.71 -2.22 4.64
CA GLN A 63 -0.42 -2.79 4.29
C GLN A 63 0.18 -2.15 3.03
N ILE A 64 -0.60 -1.92 1.97
CA ILE A 64 -0.12 -1.17 0.77
C ILE A 64 0.47 0.18 1.21
N VAL A 65 -0.28 0.93 2.02
CA VAL A 65 0.11 2.26 2.55
C VAL A 65 1.37 2.17 3.41
N LYS A 66 1.40 1.22 4.34
CA LYS A 66 2.50 0.93 5.28
C LYS A 66 3.82 0.53 4.59
N ILE A 67 3.76 -0.13 3.44
CA ILE A 67 4.96 -0.42 2.61
C ILE A 67 5.36 0.77 1.73
N LEU A 68 4.41 1.52 1.16
CA LEU A 68 4.75 2.79 0.47
C LEU A 68 5.52 3.73 1.42
N HIS A 69 5.15 3.77 2.71
CA HIS A 69 5.65 4.69 3.73
C HIS A 69 7.16 4.61 4.00
N ASP A 70 7.72 3.40 3.93
CA ASP A 70 9.09 3.15 4.40
C ASP A 70 10.01 2.57 3.31
N PHE A 71 9.53 2.46 2.07
CA PHE A 71 10.22 1.81 0.98
C PHE A 71 9.96 2.59 -0.32
N TYR A 72 8.73 2.92 -0.73
CA TYR A 72 8.62 3.62 -2.01
C TYR A 72 9.10 5.07 -1.90
N ILE A 73 9.05 5.65 -0.70
CA ILE A 73 9.59 6.98 -0.39
C ILE A 73 11.12 7.03 -0.47
N GLU A 74 11.79 5.89 -0.22
CA GLU A 74 13.25 5.79 -0.24
C GLU A 74 13.83 5.19 -1.54
N LYS A 75 13.10 4.26 -2.16
CA LYS A 75 13.58 3.34 -3.20
C LYS A 75 12.97 3.57 -4.59
N GLU A 76 11.73 4.06 -4.65
CA GLU A 76 10.97 4.39 -5.88
C GLU A 76 10.75 5.91 -6.04
N LYS A 77 10.02 6.35 -7.07
CA LYS A 77 9.67 7.76 -7.30
C LYS A 77 8.42 8.18 -6.50
N PRO A 78 8.31 9.45 -6.06
CA PRO A 78 7.16 9.96 -5.33
C PRO A 78 5.87 9.87 -6.15
N LEU A 79 6.00 9.97 -7.47
CA LEU A 79 4.90 9.84 -8.42
C LEU A 79 4.25 8.44 -8.35
N LEU A 80 5.04 7.39 -8.10
CA LEU A 80 4.55 6.01 -8.10
C LEU A 80 3.61 5.79 -6.91
N ILE A 81 4.02 6.14 -5.69
CA ILE A 81 3.17 6.15 -4.48
C ILE A 81 1.83 6.82 -4.79
N PHE A 82 1.87 8.03 -5.38
CA PHE A 82 0.66 8.78 -5.70
C PHE A 82 -0.27 8.04 -6.68
N GLU A 83 0.28 7.40 -7.72
CA GLU A 83 -0.49 6.62 -8.69
C GLU A 83 -1.12 5.37 -8.01
N ILE A 84 -0.37 4.64 -7.18
CA ILE A 84 -0.87 3.47 -6.42
C ILE A 84 -2.08 3.86 -5.56
N LEU A 85 -1.96 4.95 -4.79
CA LEU A 85 -3.01 5.43 -3.90
C LEU A 85 -4.27 5.86 -4.66
N GLN A 86 -4.08 6.44 -5.85
CA GLN A 86 -5.14 6.78 -6.77
C GLN A 86 -5.90 5.54 -7.27
N ARG A 87 -5.22 4.44 -7.68
CA ARG A 87 -5.93 3.20 -8.10
C ARG A 87 -6.86 2.66 -7.03
N LEU A 88 -6.38 2.58 -5.79
CA LEU A 88 -7.19 2.14 -4.64
C LEU A 88 -8.42 3.03 -4.37
N SER A 89 -8.33 4.33 -4.65
CA SER A 89 -9.44 5.27 -4.40
C SER A 89 -10.67 5.04 -5.29
N GLU A 90 -10.52 4.33 -6.40
CA GLU A 90 -11.61 3.96 -7.31
C GLU A 90 -12.31 2.66 -6.92
N LEU A 91 -11.87 2.00 -5.85
CA LEU A 91 -12.45 0.74 -5.39
C LEU A 91 -13.73 0.97 -4.57
N LYS A 92 -14.71 0.06 -4.68
CA LYS A 92 -16.03 0.21 -4.05
C LYS A 92 -16.04 0.05 -2.54
N ARG A 93 -15.03 -0.62 -1.98
CA ARG A 93 -14.83 -0.82 -0.53
C ARG A 93 -13.75 0.08 0.09
N PHE A 94 -13.11 0.97 -0.67
CA PHE A 94 -11.93 1.71 -0.18
C PHE A 94 -12.23 2.55 1.08
N ASP A 95 -13.40 3.19 1.14
CA ASP A 95 -13.77 4.07 2.25
C ASP A 95 -14.18 3.28 3.49
N MET A 96 -14.66 2.04 3.33
CA MET A 96 -14.84 1.12 4.46
C MET A 96 -13.48 0.64 4.99
N ALA A 97 -12.46 0.49 4.14
CA ALA A 97 -11.11 0.24 4.61
C ALA A 97 -10.55 1.43 5.43
N VAL A 98 -10.77 2.67 4.99
CA VAL A 98 -10.45 3.90 5.75
C VAL A 98 -11.21 3.97 7.09
N MET A 99 -12.46 3.51 7.13
CA MET A 99 -13.29 3.42 8.35
C MET A 99 -12.75 2.39 9.36
N PHE A 100 -12.11 1.31 8.87
CA PHE A 100 -11.44 0.30 9.69
C PHE A 100 -9.98 0.64 10.05
N MET A 101 -9.40 1.70 9.49
CA MET A 101 -8.09 2.23 9.92
C MET A 101 -8.20 3.02 11.24
N SER A 102 -7.12 3.06 12.01
CA SER A 102 -6.97 3.89 13.21
C SER A 102 -6.08 5.13 12.95
N GLU A 103 -5.87 5.98 13.97
CA GLU A 103 -4.88 7.07 13.91
C GLU A 103 -3.48 6.60 13.45
N THR A 104 -3.08 5.39 13.87
CA THR A 104 -1.77 4.80 13.59
C THR A 104 -1.56 4.48 12.12
N GLU A 105 -2.64 4.11 11.41
CA GLU A 105 -2.60 3.90 9.96
C GLU A 105 -2.83 5.21 9.18
N LYS A 106 -3.64 6.12 9.70
CA LYS A 106 -3.91 7.43 9.06
C LYS A 106 -2.70 8.37 9.08
N LYS A 107 -1.89 8.37 10.15
CA LYS A 107 -0.63 9.13 10.21
C LYS A 107 0.42 8.64 9.20
N ILE A 108 0.35 7.37 8.82
CA ILE A 108 1.15 6.80 7.72
C ILE A 108 0.58 7.27 6.37
N ALA A 109 -0.74 7.19 6.18
CA ALA A 109 -1.39 7.56 4.92
C ALA A 109 -1.16 9.03 4.55
N ARG A 110 -1.24 9.95 5.51
CA ARG A 110 -0.93 11.37 5.28
C ARG A 110 0.55 11.62 5.05
N ALA A 111 1.43 10.83 5.68
CA ALA A 111 2.87 10.95 5.48
C ALA A 111 3.31 10.62 4.05
N LEU A 112 2.54 9.80 3.32
CA LEU A 112 2.70 9.64 1.87
C LEU A 112 2.42 10.96 1.15
N PHE A 113 1.22 11.52 1.29
CA PHE A 113 0.83 12.78 0.62
C PHE A 113 1.70 13.98 1.04
N ASN A 114 2.25 13.98 2.25
CA ASN A 114 3.21 14.97 2.72
C ASN A 114 4.55 14.90 1.98
N HIS A 115 5.06 13.68 1.70
CA HIS A 115 6.30 13.48 0.93
C HIS A 115 6.09 13.76 -0.57
N ILE A 116 4.95 13.34 -1.12
CA ILE A 116 4.61 13.57 -2.53
C ILE A 116 4.57 15.08 -2.80
N ASP A 117 3.93 15.84 -1.92
CA ASP A 117 3.76 17.29 -2.07
C ASP A 117 5.10 18.01 -2.09
N LYS A 118 5.91 17.77 -1.05
CA LYS A 118 7.24 18.38 -0.90
C LYS A 118 8.27 17.92 -1.93
N SER A 119 7.99 16.80 -2.60
CA SER A 119 8.83 16.34 -3.73
C SER A 119 8.66 17.21 -5.00
N GLY A 120 7.64 18.08 -5.02
CA GLY A 120 7.33 19.00 -6.11
C GLY A 120 6.04 18.67 -6.86
N LEU A 121 5.28 17.65 -6.44
CA LEU A 121 4.03 17.24 -7.09
C LEU A 121 2.83 18.00 -6.49
N LYS A 122 2.25 18.90 -7.29
CA LYS A 122 1.12 19.77 -6.96
C LYS A 122 -0.01 19.58 -7.97
N ASP A 123 -1.02 18.83 -7.55
CA ASP A 123 -2.32 18.70 -8.21
C ASP A 123 -3.45 18.71 -7.18
N SER A 124 -4.65 19.13 -7.57
CA SER A 124 -5.86 19.06 -6.74
C SER A 124 -6.14 17.64 -6.22
N SER A 125 -5.71 16.62 -6.96
CA SER A 125 -5.84 15.21 -6.56
C SER A 125 -4.92 14.83 -5.38
N VAL A 126 -3.82 15.56 -5.15
CA VAL A 126 -2.94 15.31 -3.99
C VAL A 126 -3.70 15.60 -2.70
N GLU A 127 -4.35 16.77 -2.63
CA GLU A 127 -5.10 17.18 -1.44
C GLU A 127 -6.47 16.48 -1.32
N GLU A 128 -7.09 16.07 -2.44
CA GLU A 128 -8.28 15.21 -2.42
C GLU A 128 -7.97 13.80 -1.89
N LEU A 129 -6.89 13.18 -2.36
CA LEU A 129 -6.60 11.80 -2.00
C LEU A 129 -6.13 11.70 -0.55
N LYS A 130 -5.44 12.73 -0.03
CA LYS A 130 -5.10 12.78 1.40
C LYS A 130 -6.34 12.86 2.29
N LYS A 131 -7.38 13.60 1.89
CA LYS A 131 -8.62 13.66 2.69
C LYS A 131 -9.47 12.39 2.60
N ARG A 132 -9.44 11.72 1.44
CA ARG A 132 -10.12 10.43 1.21
C ARG A 132 -9.55 9.30 2.06
N TYR A 133 -8.25 9.33 2.36
CA TYR A 133 -7.55 8.36 3.22
C TYR A 133 -7.49 8.76 4.70
N GLY A 134 -7.43 10.06 5.04
CA GLY A 134 -7.30 10.48 6.44
C GLY A 134 -7.41 11.97 6.76
N GLY A 135 -8.17 12.73 5.97
CA GLY A 135 -8.51 14.15 6.22
C GLY A 135 -9.45 14.34 7.40
N GLY A 1 32.43 -9.43 14.03
CA GLY A 1 32.67 -10.87 14.02
C GLY A 1 32.29 -11.46 12.67
N PRO A 2 32.81 -12.65 12.31
CA PRO A 2 32.46 -13.31 11.05
C PRO A 2 30.94 -13.49 10.88
N HIS A 3 30.47 -13.49 9.63
CA HIS A 3 29.09 -13.85 9.29
C HIS A 3 28.90 -15.37 9.31
N MET A 4 27.69 -15.81 9.65
CA MET A 4 27.21 -17.19 9.56
C MET A 4 26.25 -17.35 8.38
N ALA A 5 26.17 -18.53 7.77
CA ALA A 5 25.08 -18.81 6.85
C ALA A 5 23.78 -18.93 7.66
N GLN A 6 22.82 -18.06 7.34
CA GLN A 6 21.54 -17.93 8.04
C GLN A 6 20.58 -19.07 7.67
N PHE A 7 19.45 -19.18 8.36
CA PHE A 7 18.36 -20.03 7.87
C PHE A 7 17.71 -19.40 6.62
N ALA A 8 17.20 -20.24 5.72
CA ALA A 8 16.48 -19.83 4.51
C ALA A 8 15.29 -18.91 4.83
N THR A 9 14.93 -18.04 3.90
CA THR A 9 13.72 -17.19 3.97
C THR A 9 12.77 -17.47 2.81
N THR A 10 11.56 -16.92 2.88
CA THR A 10 10.54 -16.98 1.81
C THR A 10 11.00 -16.28 0.53
N VAL A 11 10.42 -16.68 -0.61
CA VAL A 11 10.74 -16.29 -1.98
C VAL A 11 9.51 -15.59 -2.55
N LEU A 12 9.75 -14.45 -3.17
CA LEU A 12 8.72 -13.57 -3.75
C LEU A 12 7.72 -14.36 -4.63
N PRO A 13 6.45 -14.51 -4.19
CA PRO A 13 5.42 -15.19 -4.98
C PRO A 13 5.09 -14.39 -6.25
N PRO A 14 4.52 -15.03 -7.29
CA PRO A 14 4.15 -14.36 -8.53
C PRO A 14 3.01 -13.36 -8.32
N ILE A 15 2.76 -12.54 -9.34
CA ILE A 15 1.72 -11.53 -9.38
C ILE A 15 0.33 -12.18 -9.14
N PRO A 16 -0.51 -11.58 -8.30
CA PRO A 16 -1.82 -12.13 -7.95
C PRO A 16 -2.79 -12.15 -9.15
N ALA A 17 -3.74 -13.08 -9.12
CA ALA A 17 -4.80 -13.23 -10.15
C ALA A 17 -6.04 -12.38 -9.82
N ASN A 18 -6.23 -12.10 -8.52
CA ASN A 18 -7.30 -11.30 -7.94
C ASN A 18 -6.94 -10.92 -6.49
N SER A 19 -7.73 -10.05 -5.87
CA SER A 19 -7.60 -9.59 -4.47
C SER A 19 -7.34 -10.72 -3.45
N PHE A 20 -8.00 -11.88 -3.59
CA PHE A 20 -7.82 -13.01 -2.68
C PHE A 20 -6.39 -13.58 -2.67
N GLN A 21 -5.71 -13.56 -3.82
CA GLN A 21 -4.30 -13.98 -3.93
C GLN A 21 -3.36 -12.94 -3.32
N LEU A 22 -3.70 -11.65 -3.47
CA LEU A 22 -2.94 -10.52 -2.96
C LEU A 22 -2.99 -10.49 -1.44
N GLU A 23 -4.19 -10.53 -0.86
CA GLU A 23 -4.35 -10.54 0.60
C GLU A 23 -3.68 -11.75 1.25
N SER A 24 -3.61 -12.87 0.51
CA SER A 24 -2.94 -14.11 0.94
C SER A 24 -1.42 -13.94 0.98
N ASP A 25 -0.83 -13.25 0.00
CA ASP A 25 0.59 -12.91 -0.01
C ASP A 25 0.90 -11.83 1.05
N PHE A 26 -0.03 -10.90 1.29
CA PHE A 26 0.11 -9.85 2.29
C PHE A 26 0.06 -10.42 3.71
N ARG A 27 -0.86 -11.35 4.00
CA ARG A 27 -1.01 -11.90 5.35
C ARG A 27 0.10 -12.88 5.69
N GLN A 28 0.75 -13.47 4.69
CA GLN A 28 1.91 -14.33 4.95
C GLN A 28 3.20 -13.52 5.10
N LEU A 29 3.40 -12.49 4.27
CA LEU A 29 4.61 -11.65 4.25
C LEU A 29 4.52 -10.46 5.22
N LYS A 30 3.51 -10.42 6.10
CA LYS A 30 3.20 -9.30 7.01
C LYS A 30 4.38 -8.93 7.91
N SER A 31 5.14 -9.95 8.32
CA SER A 31 6.35 -9.83 9.15
C SER A 31 7.63 -9.71 8.33
N SER A 32 7.53 -9.53 7.00
CA SER A 32 8.66 -9.37 6.08
C SER A 32 8.41 -8.20 5.12
N PRO A 33 8.23 -6.97 5.64
CA PRO A 33 7.92 -5.78 4.84
C PRO A 33 9.03 -5.47 3.81
N ASP A 34 10.26 -5.94 4.07
CA ASP A 34 11.40 -5.72 3.18
C ASP A 34 11.26 -6.50 1.86
N MET A 35 10.60 -7.66 1.88
CA MET A 35 10.24 -8.39 0.66
C MET A 35 8.85 -8.01 0.14
N LEU A 36 7.93 -7.53 0.98
CA LEU A 36 6.65 -6.98 0.52
C LEU A 36 6.86 -5.86 -0.51
N TYR A 37 7.86 -4.99 -0.32
CA TYR A 37 8.27 -4.01 -1.33
C TYR A 37 8.63 -4.67 -2.68
N GLN A 38 9.46 -5.71 -2.67
CA GLN A 38 9.95 -6.36 -3.90
C GLN A 38 8.89 -7.24 -4.57
N TYR A 39 7.92 -7.72 -3.79
CA TYR A 39 6.70 -8.38 -4.27
C TYR A 39 5.78 -7.38 -4.99
N LEU A 40 5.55 -6.20 -4.39
CA LEU A 40 4.75 -5.13 -4.98
C LEU A 40 5.43 -4.52 -6.21
N LYS A 41 6.77 -4.50 -6.25
CA LYS A 41 7.54 -4.05 -7.42
C LYS A 41 7.25 -4.84 -8.70
N GLN A 42 6.83 -6.11 -8.57
CA GLN A 42 6.38 -6.91 -9.72
C GLN A 42 5.07 -6.36 -10.32
N ILE A 43 4.20 -5.80 -9.49
CA ILE A 43 2.78 -5.52 -9.76
C ILE A 43 2.63 -4.06 -10.26
N GLU A 44 2.28 -3.88 -11.52
CA GLU A 44 2.01 -2.55 -12.10
C GLU A 44 0.68 -1.94 -11.61
N PRO A 45 0.52 -0.60 -11.59
CA PRO A 45 -0.72 0.06 -11.17
C PRO A 45 -1.93 -0.29 -12.07
N SER A 46 -1.67 -0.76 -13.28
CA SER A 46 -2.68 -1.23 -14.24
C SER A 46 -3.44 -2.47 -13.75
N LEU A 47 -2.84 -3.25 -12.85
CA LEU A 47 -3.48 -4.42 -12.24
C LEU A 47 -4.34 -4.09 -11.03
N TYR A 48 -4.04 -3.03 -10.29
CA TYR A 48 -4.79 -2.63 -9.09
C TYR A 48 -6.31 -2.53 -9.29
N PRO A 49 -6.83 -1.85 -10.33
CA PRO A 49 -8.28 -1.77 -10.55
C PRO A 49 -8.89 -3.08 -11.07
N LYS A 50 -8.07 -4.02 -11.56
CA LYS A 50 -8.50 -5.39 -11.90
C LYS A 50 -8.56 -6.29 -10.67
N LEU A 51 -7.47 -6.39 -9.92
CA LEU A 51 -7.33 -7.28 -8.76
C LEU A 51 -8.45 -7.05 -7.75
N PHE A 52 -8.71 -5.77 -7.44
CA PHE A 52 -9.70 -5.34 -6.47
C PHE A 52 -11.07 -4.98 -7.09
N GLN A 53 -11.35 -5.40 -8.34
CA GLN A 53 -12.54 -4.97 -9.09
C GLN A 53 -13.89 -5.40 -8.48
N LYS A 54 -13.91 -6.47 -7.67
CA LYS A 54 -15.09 -6.92 -6.93
C LYS A 54 -14.99 -6.65 -5.43
N ASN A 55 -13.78 -6.56 -4.86
CA ASN A 55 -13.57 -6.20 -3.45
C ASN A 55 -12.16 -5.65 -3.15
N LEU A 56 -12.06 -4.81 -2.12
CA LEU A 56 -10.84 -4.60 -1.32
C LEU A 56 -10.98 -5.28 0.06
N ASP A 57 -9.87 -5.47 0.78
CA ASP A 57 -9.85 -5.90 2.19
C ASP A 57 -9.47 -4.74 3.11
N PRO A 58 -10.06 -4.60 4.31
CA PRO A 58 -9.78 -3.47 5.20
C PRO A 58 -8.33 -3.47 5.68
N ASP A 59 -7.71 -4.64 5.84
CA ASP A 59 -6.32 -4.74 6.29
C ASP A 59 -5.30 -4.64 5.15
N VAL A 60 -5.68 -5.03 3.92
CA VAL A 60 -4.82 -4.85 2.75
C VAL A 60 -4.63 -3.38 2.43
N PHE A 61 -5.72 -2.61 2.49
CA PHE A 61 -5.69 -1.15 2.37
C PHE A 61 -4.59 -0.51 3.24
N ASN A 62 -4.55 -0.80 4.55
CA ASN A 62 -3.55 -0.22 5.43
C ASN A 62 -2.15 -0.81 5.20
N GLN A 63 -2.01 -2.04 4.71
CA GLN A 63 -0.72 -2.62 4.36
C GLN A 63 -0.09 -2.05 3.09
N ILE A 64 -0.86 -1.81 2.01
CA ILE A 64 -0.36 -1.12 0.81
C ILE A 64 0.25 0.23 1.23
N VAL A 65 -0.49 0.99 2.04
CA VAL A 65 -0.04 2.26 2.66
C VAL A 65 1.22 2.07 3.51
N LYS A 66 1.21 1.06 4.38
CA LYS A 66 2.34 0.67 5.25
C LYS A 66 3.63 0.38 4.49
N ILE A 67 3.58 -0.24 3.32
CA ILE A 67 4.78 -0.55 2.52
C ILE A 67 5.20 0.61 1.62
N LEU A 68 4.28 1.40 1.06
CA LEU A 68 4.65 2.63 0.37
C LEU A 68 5.53 3.54 1.27
N HIS A 69 5.21 3.57 2.57
CA HIS A 69 5.77 4.51 3.56
C HIS A 69 7.28 4.48 3.72
N ASP A 70 7.91 3.29 3.82
CA ASP A 70 9.35 3.20 4.09
C ASP A 70 10.12 2.40 3.03
N PHE A 71 9.57 2.30 1.81
CA PHE A 71 10.15 1.57 0.70
C PHE A 71 9.88 2.28 -0.61
N TYR A 72 8.66 2.73 -0.95
CA TYR A 72 8.51 3.42 -2.23
C TYR A 72 9.06 4.84 -2.13
N ILE A 73 8.98 5.43 -0.93
CA ILE A 73 9.56 6.73 -0.60
C ILE A 73 11.09 6.70 -0.53
N GLU A 74 11.65 5.58 -0.09
CA GLU A 74 13.10 5.41 0.03
C GLU A 74 13.75 4.96 -1.29
N LYS A 75 13.07 4.08 -2.04
CA LYS A 75 13.63 3.27 -3.15
C LYS A 75 13.03 3.60 -4.53
N GLU A 76 11.75 4.00 -4.61
CA GLU A 76 11.07 4.39 -5.85
C GLU A 76 10.84 5.92 -6.01
N LYS A 77 10.19 6.32 -7.11
CA LYS A 77 9.83 7.70 -7.41
C LYS A 77 8.59 8.16 -6.62
N PRO A 78 8.47 9.47 -6.31
CA PRO A 78 7.34 10.02 -5.57
C PRO A 78 6.01 9.92 -6.34
N LEU A 79 6.08 9.88 -7.68
CA LEU A 79 4.92 9.67 -8.55
C LEU A 79 4.34 8.25 -8.43
N LEU A 80 5.16 7.27 -8.02
CA LEU A 80 4.72 5.90 -7.83
C LEU A 80 3.72 5.80 -6.66
N ILE A 81 4.09 6.24 -5.45
CA ILE A 81 3.22 6.26 -4.26
C ILE A 81 1.88 6.90 -4.61
N PHE A 82 1.90 8.10 -5.22
CA PHE A 82 0.68 8.83 -5.54
C PHE A 82 -0.26 8.04 -6.46
N GLU A 83 0.27 7.38 -7.49
CA GLU A 83 -0.57 6.61 -8.41
C GLU A 83 -1.10 5.31 -7.80
N ILE A 84 -0.31 4.57 -6.99
CA ILE A 84 -0.79 3.38 -6.26
C ILE A 84 -2.01 3.73 -5.39
N LEU A 85 -1.91 4.83 -4.62
CA LEU A 85 -2.98 5.30 -3.74
C LEU A 85 -4.24 5.70 -4.53
N GLN A 86 -4.04 6.27 -5.71
CA GLN A 86 -5.12 6.67 -6.59
C GLN A 86 -5.88 5.45 -7.12
N ARG A 87 -5.22 4.36 -7.55
CA ARG A 87 -5.94 3.15 -8.02
C ARG A 87 -6.86 2.58 -6.95
N LEU A 88 -6.39 2.51 -5.70
CA LEU A 88 -7.21 2.04 -4.58
C LEU A 88 -8.43 2.91 -4.26
N SER A 89 -8.34 4.22 -4.50
CA SER A 89 -9.43 5.15 -4.15
C SER A 89 -10.71 5.00 -4.98
N GLU A 90 -10.66 4.29 -6.11
CA GLU A 90 -11.82 4.01 -6.96
C GLU A 90 -12.61 2.78 -6.51
N LEU A 91 -12.13 2.06 -5.49
CA LEU A 91 -12.66 0.74 -5.10
C LEU A 91 -13.87 0.82 -4.17
N LYS A 92 -14.87 -0.04 -4.37
CA LYS A 92 -16.19 0.07 -3.75
C LYS A 92 -16.21 -0.14 -2.25
N ARG A 93 -15.21 -0.82 -1.69
CA ARG A 93 -14.95 -1.04 -0.26
C ARG A 93 -13.87 -0.13 0.35
N PHE A 94 -13.23 0.76 -0.44
CA PHE A 94 -12.08 1.54 0.07
C PHE A 94 -12.42 2.37 1.33
N ASP A 95 -13.62 2.94 1.38
CA ASP A 95 -14.02 3.83 2.47
C ASP A 95 -14.37 3.04 3.74
N MET A 96 -14.82 1.78 3.60
CA MET A 96 -14.97 0.87 4.75
C MET A 96 -13.59 0.58 5.38
N ALA A 97 -12.55 0.49 4.55
CA ALA A 97 -11.17 0.26 4.99
C ALA A 97 -10.54 1.48 5.67
N VAL A 98 -10.83 2.70 5.20
CA VAL A 98 -10.48 3.97 5.85
C VAL A 98 -11.19 4.13 7.19
N MET A 99 -12.47 3.75 7.26
CA MET A 99 -13.25 3.74 8.50
C MET A 99 -12.70 2.71 9.52
N PHE A 100 -12.07 1.64 9.04
CA PHE A 100 -11.40 0.64 9.88
C PHE A 100 -10.05 1.14 10.44
N MET A 101 -9.36 2.05 9.75
CA MET A 101 -8.02 2.52 10.14
C MET A 101 -8.01 3.23 11.50
N SER A 102 -6.93 3.02 12.25
CA SER A 102 -6.66 3.70 13.53
C SER A 102 -5.53 4.74 13.39
N GLU A 103 -5.27 5.51 14.45
CA GLU A 103 -4.38 6.68 14.44
C GLU A 103 -2.96 6.41 13.90
N THR A 104 -2.38 5.25 14.23
CA THR A 104 -1.04 4.82 13.79
C THR A 104 -1.01 4.44 12.31
N GLU A 105 -2.14 4.05 11.73
CA GLU A 105 -2.26 3.79 10.28
C GLU A 105 -2.57 5.09 9.52
N LYS A 106 -3.39 5.96 10.13
CA LYS A 106 -3.78 7.28 9.62
C LYS A 106 -2.57 8.22 9.48
N LYS A 107 -1.62 8.19 10.44
CA LYS A 107 -0.38 8.97 10.35
C LYS A 107 0.55 8.52 9.20
N ILE A 108 0.47 7.25 8.81
CA ILE A 108 1.21 6.71 7.66
C ILE A 108 0.56 7.23 6.37
N ALA A 109 -0.77 7.19 6.28
CA ALA A 109 -1.49 7.66 5.09
C ALA A 109 -1.18 9.13 4.78
N ARG A 110 -1.14 10.00 5.80
CA ARG A 110 -0.74 11.42 5.60
C ARG A 110 0.74 11.56 5.27
N ALA A 111 1.62 10.75 5.87
CA ALA A 111 3.06 10.81 5.63
C ALA A 111 3.42 10.53 4.16
N LEU A 112 2.62 9.71 3.47
CA LEU A 112 2.70 9.53 2.01
C LEU A 112 2.45 10.85 1.28
N PHE A 113 1.30 11.49 1.49
CA PHE A 113 0.96 12.76 0.84
C PHE A 113 1.93 13.88 1.20
N ASN A 114 2.41 13.93 2.45
CA ASN A 114 3.44 14.86 2.90
C ASN A 114 4.76 14.69 2.11
N HIS A 115 5.15 13.45 1.78
CA HIS A 115 6.32 13.15 0.94
C HIS A 115 6.09 13.51 -0.54
N ILE A 116 4.92 13.18 -1.08
CA ILE A 116 4.55 13.44 -2.48
C ILE A 116 4.59 14.96 -2.73
N ASP A 117 4.02 15.73 -1.80
CA ASP A 117 3.93 17.18 -1.88
C ASP A 117 5.31 17.83 -1.88
N LYS A 118 6.13 17.51 -0.87
CA LYS A 118 7.50 18.02 -0.77
C LYS A 118 8.43 17.49 -1.85
N SER A 119 8.05 16.41 -2.52
CA SER A 119 8.76 15.94 -3.72
C SER A 119 8.44 16.76 -4.98
N GLY A 120 7.60 17.80 -4.85
CA GLY A 120 7.26 18.77 -5.88
C GLY A 120 5.93 18.51 -6.57
N LEU A 121 5.12 17.55 -6.11
CA LEU A 121 3.86 17.17 -6.75
C LEU A 121 2.69 17.90 -6.08
N LYS A 122 2.21 18.93 -6.78
CA LYS A 122 1.13 19.84 -6.34
C LYS A 122 0.08 19.98 -7.44
N ASP A 123 -0.95 19.13 -7.31
CA ASP A 123 -2.19 19.15 -8.10
C ASP A 123 -3.38 19.09 -7.13
N SER A 124 -4.52 19.67 -7.49
CA SER A 124 -5.79 19.52 -6.75
C SER A 124 -6.17 18.06 -6.48
N SER A 125 -5.70 17.12 -7.31
CA SER A 125 -5.86 15.68 -7.15
C SER A 125 -5.16 15.13 -5.92
N VAL A 126 -4.04 15.72 -5.50
CA VAL A 126 -3.28 15.26 -4.34
C VAL A 126 -4.05 15.49 -3.05
N GLU A 127 -4.63 16.68 -2.88
CA GLU A 127 -5.46 17.00 -1.71
C GLU A 127 -6.84 16.32 -1.78
N GLU A 128 -7.43 16.21 -2.96
CA GLU A 128 -8.66 15.46 -3.24
C GLU A 128 -8.54 13.98 -2.90
N LEU A 129 -7.34 13.42 -3.02
CA LEU A 129 -7.07 12.04 -2.67
C LEU A 129 -6.74 11.87 -1.18
N LYS A 130 -6.05 12.83 -0.55
CA LYS A 130 -5.69 12.68 0.87
C LYS A 130 -6.89 12.80 1.81
N LYS A 131 -7.93 13.53 1.40
CA LYS A 131 -9.20 13.60 2.14
C LYS A 131 -9.99 12.28 2.10
N ARG A 132 -9.75 11.43 1.10
CA ARG A 132 -10.32 10.08 1.02
C ARG A 132 -9.67 9.13 2.03
N TYR A 133 -8.36 9.25 2.25
CA TYR A 133 -7.58 8.39 3.14
C TYR A 133 -7.59 8.84 4.61
N GLY A 134 -7.68 10.14 4.89
CA GLY A 134 -7.66 10.63 6.27
C GLY A 134 -7.61 12.14 6.45
N GLY A 135 -8.32 12.91 5.61
CA GLY A 135 -8.45 14.37 5.76
C GLY A 135 -9.04 14.84 7.08
N GLY A 1 21.30 -29.12 22.38
CA GLY A 1 19.92 -29.25 22.88
C GLY A 1 18.99 -29.63 21.74
N PRO A 2 17.75 -29.11 21.69
CA PRO A 2 16.76 -29.49 20.68
C PRO A 2 17.11 -28.87 19.33
N HIS A 3 17.76 -29.63 18.45
CA HIS A 3 18.21 -29.16 17.14
C HIS A 3 17.01 -28.85 16.26
N MET A 4 16.88 -27.60 15.80
CA MET A 4 15.67 -27.14 15.12
C MET A 4 15.68 -27.45 13.62
N ALA A 5 14.52 -27.85 13.14
CA ALA A 5 14.29 -28.35 11.79
C ALA A 5 14.57 -27.30 10.71
N GLN A 6 14.82 -27.77 9.49
CA GLN A 6 14.83 -26.90 8.31
C GLN A 6 13.39 -26.51 7.96
N PHE A 7 13.15 -25.22 7.71
CA PHE A 7 11.92 -24.71 7.11
C PHE A 7 12.22 -24.05 5.77
N ALA A 8 11.27 -24.12 4.83
CA ALA A 8 11.42 -23.48 3.53
C ALA A 8 11.49 -21.97 3.74
N THR A 9 12.61 -21.35 3.34
CA THR A 9 12.85 -19.93 3.55
C THR A 9 11.83 -19.07 2.79
N THR A 10 11.57 -17.86 3.29
CA THR A 10 10.73 -16.91 2.56
C THR A 10 11.42 -16.47 1.26
N VAL A 11 10.63 -16.41 0.21
CA VAL A 11 11.03 -16.11 -1.17
C VAL A 11 9.81 -15.54 -1.90
N LEU A 12 10.03 -14.51 -2.71
CA LEU A 12 8.99 -13.70 -3.33
C LEU A 12 8.00 -14.53 -4.15
N PRO A 13 6.71 -14.63 -3.74
CA PRO A 13 5.70 -15.33 -4.52
C PRO A 13 5.39 -14.58 -5.83
N PRO A 14 4.90 -15.28 -6.87
CA PRO A 14 4.53 -14.68 -8.15
C PRO A 14 3.32 -13.74 -8.02
N ILE A 15 3.08 -12.94 -9.07
CA ILE A 15 2.00 -11.95 -9.15
C ILE A 15 0.64 -12.63 -8.85
N PRO A 16 -0.22 -12.02 -8.01
CA PRO A 16 -1.54 -12.56 -7.69
C PRO A 16 -2.44 -12.63 -8.93
N ALA A 17 -3.43 -13.52 -8.90
CA ALA A 17 -4.44 -13.64 -9.96
C ALA A 17 -5.79 -12.97 -9.59
N ASN A 18 -6.07 -12.81 -8.29
CA ASN A 18 -7.18 -12.02 -7.74
C ASN A 18 -6.84 -11.48 -6.33
N SER A 19 -7.76 -10.73 -5.73
CA SER A 19 -7.67 -10.27 -4.33
C SER A 19 -7.38 -11.41 -3.34
N PHE A 20 -7.92 -12.61 -3.56
CA PHE A 20 -7.74 -13.76 -2.63
C PHE A 20 -6.32 -14.33 -2.66
N GLN A 21 -5.62 -14.14 -3.77
CA GLN A 21 -4.20 -14.47 -3.92
C GLN A 21 -3.31 -13.39 -3.28
N LEU A 22 -3.67 -12.12 -3.48
CA LEU A 22 -2.97 -10.96 -2.94
C LEU A 22 -3.02 -10.93 -1.41
N GLU A 23 -4.22 -11.01 -0.83
CA GLU A 23 -4.41 -10.98 0.63
C GLU A 23 -3.62 -12.10 1.33
N SER A 24 -3.47 -13.24 0.64
CA SER A 24 -2.79 -14.43 1.15
C SER A 24 -1.27 -14.20 1.22
N ASP A 25 -0.72 -13.52 0.23
CA ASP A 25 0.70 -13.15 0.21
C ASP A 25 0.99 -11.96 1.13
N PHE A 26 0.03 -11.07 1.35
CA PHE A 26 0.13 -9.97 2.31
C PHE A 26 0.16 -10.49 3.75
N ARG A 27 -0.75 -11.39 4.10
CA ARG A 27 -0.89 -11.88 5.49
C ARG A 27 0.20 -12.86 5.89
N GLN A 28 0.83 -13.53 4.92
CA GLN A 28 1.95 -14.43 5.18
C GLN A 28 3.30 -13.69 5.28
N LEU A 29 3.44 -12.56 4.57
CA LEU A 29 4.65 -11.72 4.53
C LEU A 29 4.60 -10.48 5.45
N LYS A 30 3.60 -10.36 6.32
CA LYS A 30 3.37 -9.17 7.17
C LYS A 30 4.55 -8.85 8.10
N SER A 31 5.25 -9.89 8.55
CA SER A 31 6.50 -9.77 9.32
C SER A 31 7.77 -9.64 8.47
N SER A 32 7.65 -9.42 7.15
CA SER A 32 8.76 -9.29 6.20
C SER A 32 8.50 -8.18 5.16
N PRO A 33 8.31 -6.93 5.60
CA PRO A 33 7.95 -5.79 4.74
C PRO A 33 8.99 -5.49 3.66
N ASP A 34 10.24 -5.90 3.87
CA ASP A 34 11.33 -5.68 2.89
C ASP A 34 11.21 -6.59 1.66
N MET A 35 10.50 -7.71 1.79
CA MET A 35 10.04 -8.50 0.64
C MET A 35 8.65 -8.11 0.14
N LEU A 36 7.76 -7.61 1.00
CA LEU A 36 6.49 -7.01 0.54
C LEU A 36 6.71 -5.90 -0.50
N TYR A 37 7.74 -5.06 -0.33
CA TYR A 37 8.19 -4.10 -1.35
C TYR A 37 8.47 -4.77 -2.71
N GLN A 38 9.32 -5.79 -2.74
CA GLN A 38 9.75 -6.44 -3.99
C GLN A 38 8.63 -7.29 -4.62
N TYR A 39 7.73 -7.82 -3.79
CA TYR A 39 6.51 -8.49 -4.22
C TYR A 39 5.58 -7.52 -4.97
N LEU A 40 5.38 -6.30 -4.46
CA LEU A 40 4.55 -5.27 -5.09
C LEU A 40 5.19 -4.69 -6.35
N LYS A 41 6.53 -4.64 -6.42
CA LYS A 41 7.29 -4.19 -7.59
C LYS A 41 7.02 -5.02 -8.85
N GLN A 42 6.57 -6.27 -8.70
CA GLN A 42 6.16 -7.15 -9.81
C GLN A 42 4.84 -6.69 -10.48
N ILE A 43 3.98 -5.98 -9.74
CA ILE A 43 2.55 -5.80 -10.00
C ILE A 43 2.24 -4.41 -10.60
N GLU A 44 1.79 -4.36 -11.86
CA GLU A 44 1.39 -3.13 -12.56
C GLU A 44 0.09 -2.47 -12.02
N PRO A 45 -0.07 -1.14 -12.10
CA PRO A 45 -1.29 -0.44 -11.65
C PRO A 45 -2.52 -0.73 -12.52
N SER A 46 -2.33 -1.36 -13.69
CA SER A 46 -3.41 -1.92 -14.53
C SER A 46 -4.04 -3.19 -13.93
N LEU A 47 -3.34 -3.91 -13.04
CA LEU A 47 -3.89 -5.06 -12.31
C LEU A 47 -4.70 -4.64 -11.08
N TYR A 48 -4.43 -3.47 -10.47
CA TYR A 48 -5.13 -3.02 -9.26
C TYR A 48 -6.67 -3.01 -9.40
N PRO A 49 -7.26 -2.43 -10.47
CA PRO A 49 -8.71 -2.50 -10.67
C PRO A 49 -9.25 -3.90 -10.97
N LYS A 50 -8.41 -4.80 -11.52
CA LYS A 50 -8.77 -6.19 -11.81
C LYS A 50 -8.73 -7.06 -10.56
N LEU A 51 -7.64 -7.05 -9.80
CA LEU A 51 -7.45 -7.86 -8.59
C LEU A 51 -8.52 -7.54 -7.54
N PHE A 52 -8.79 -6.24 -7.36
CA PHE A 52 -9.79 -5.71 -6.43
C PHE A 52 -11.15 -5.39 -7.07
N GLN A 53 -11.51 -6.09 -8.16
CA GLN A 53 -12.79 -5.88 -8.86
C GLN A 53 -14.03 -6.24 -8.00
N LYS A 54 -13.94 -7.30 -7.19
CA LYS A 54 -15.05 -7.79 -6.34
C LYS A 54 -15.02 -7.19 -4.92
N ASN A 55 -13.84 -6.77 -4.44
CA ASN A 55 -13.62 -6.18 -3.13
C ASN A 55 -12.20 -5.57 -3.00
N LEU A 56 -12.00 -4.69 -2.02
CA LEU A 56 -10.73 -4.51 -1.30
C LEU A 56 -10.83 -5.15 0.10
N ASP A 57 -9.71 -5.37 0.79
CA ASP A 57 -9.62 -5.82 2.19
C ASP A 57 -9.05 -4.69 3.08
N PRO A 58 -9.59 -4.40 4.29
CA PRO A 58 -9.09 -3.32 5.13
C PRO A 58 -7.67 -3.58 5.67
N ASP A 59 -7.32 -4.85 5.93
CA ASP A 59 -5.95 -5.22 6.32
C ASP A 59 -4.97 -5.08 5.14
N VAL A 60 -5.45 -5.08 3.90
CA VAL A 60 -4.65 -4.93 2.68
C VAL A 60 -4.45 -3.45 2.35
N PHE A 61 -5.53 -2.66 2.37
CA PHE A 61 -5.52 -1.21 2.17
C PHE A 61 -4.40 -0.54 2.99
N ASN A 62 -4.37 -0.79 4.30
CA ASN A 62 -3.39 -0.17 5.17
C ASN A 62 -2.00 -0.80 5.07
N GLN A 63 -1.87 -2.07 4.66
CA GLN A 63 -0.58 -2.69 4.37
C GLN A 63 0.07 -2.13 3.09
N ILE A 64 -0.66 -1.94 1.99
CA ILE A 64 -0.13 -1.25 0.80
C ILE A 64 0.44 0.13 1.22
N VAL A 65 -0.32 0.88 2.02
CA VAL A 65 0.06 2.21 2.55
C VAL A 65 1.31 2.13 3.44
N LYS A 66 1.34 1.16 4.36
CA LYS A 66 2.48 0.88 5.26
C LYS A 66 3.77 0.51 4.51
N ILE A 67 3.68 -0.17 3.37
CA ILE A 67 4.83 -0.41 2.50
C ILE A 67 5.21 0.85 1.69
N LEU A 68 4.24 1.57 1.10
CA LEU A 68 4.54 2.83 0.41
C LEU A 68 5.36 3.80 1.32
N HIS A 69 5.03 3.83 2.61
CA HIS A 69 5.55 4.74 3.64
C HIS A 69 7.05 4.67 3.88
N ASP A 70 7.64 3.48 3.83
CA ASP A 70 9.04 3.23 4.21
C ASP A 70 9.83 2.48 3.13
N PHE A 71 9.24 2.33 1.94
CA PHE A 71 9.83 1.62 0.83
C PHE A 71 9.60 2.36 -0.48
N TYR A 72 8.41 2.86 -0.82
CA TYR A 72 8.32 3.54 -2.12
C TYR A 72 8.88 4.96 -2.04
N ILE A 73 8.79 5.59 -0.87
CA ILE A 73 9.41 6.89 -0.56
C ILE A 73 10.94 6.84 -0.61
N GLU A 74 11.51 5.70 -0.19
CA GLU A 74 12.96 5.50 -0.06
C GLU A 74 13.57 4.88 -1.33
N LYS A 75 12.85 3.96 -1.98
CA LYS A 75 13.35 3.06 -3.02
C LYS A 75 12.76 3.30 -4.43
N GLU A 76 11.55 3.87 -4.51
CA GLU A 76 10.90 4.33 -5.75
C GLU A 76 10.77 5.86 -5.84
N LYS A 77 10.10 6.35 -6.90
CA LYS A 77 9.79 7.77 -7.15
C LYS A 77 8.55 8.25 -6.37
N PRO A 78 8.45 9.57 -6.03
CA PRO A 78 7.30 10.14 -5.34
C PRO A 78 6.02 10.09 -6.18
N LEU A 79 6.13 10.08 -7.52
CA LEU A 79 4.97 9.90 -8.40
C LEU A 79 4.30 8.52 -8.21
N LEU A 80 5.10 7.47 -7.96
CA LEU A 80 4.64 6.08 -7.92
C LEU A 80 3.58 5.89 -6.83
N ILE A 81 3.92 6.29 -5.59
CA ILE A 81 3.02 6.30 -4.42
C ILE A 81 1.70 6.98 -4.79
N PHE A 82 1.77 8.19 -5.36
CA PHE A 82 0.57 8.96 -5.73
C PHE A 82 -0.32 8.25 -6.76
N GLU A 83 0.27 7.50 -7.69
CA GLU A 83 -0.45 6.70 -8.69
C GLU A 83 -1.11 5.46 -8.06
N ILE A 84 -0.39 4.71 -7.21
CA ILE A 84 -0.93 3.55 -6.47
C ILE A 84 -2.15 3.96 -5.62
N LEU A 85 -2.02 5.07 -4.87
CA LEU A 85 -3.07 5.58 -3.99
C LEU A 85 -4.32 5.99 -4.76
N GLN A 86 -4.14 6.58 -5.95
CA GLN A 86 -5.22 6.89 -6.88
C GLN A 86 -5.99 5.63 -7.30
N ARG A 87 -5.31 4.56 -7.76
CA ARG A 87 -6.00 3.32 -8.20
C ARG A 87 -6.89 2.73 -7.12
N LEU A 88 -6.33 2.62 -5.91
CA LEU A 88 -7.05 2.13 -4.73
C LEU A 88 -8.25 2.99 -4.34
N SER A 89 -8.18 4.31 -4.55
CA SER A 89 -9.25 5.25 -4.16
C SER A 89 -10.52 5.19 -5.03
N GLU A 90 -10.46 4.51 -6.19
CA GLU A 90 -11.60 4.24 -7.07
C GLU A 90 -12.31 2.92 -6.71
N LEU A 91 -11.78 2.14 -5.76
CA LEU A 91 -12.34 0.83 -5.39
C LEU A 91 -13.60 0.98 -4.51
N LYS A 92 -14.56 0.07 -4.66
CA LYS A 92 -15.90 0.18 -4.06
C LYS A 92 -15.93 0.00 -2.54
N ARG A 93 -14.95 -0.69 -1.97
CA ARG A 93 -14.73 -0.88 -0.53
C ARG A 93 -13.67 0.04 0.08
N PHE A 94 -13.02 0.92 -0.70
CA PHE A 94 -11.88 1.71 -0.19
C PHE A 94 -12.26 2.57 1.04
N ASP A 95 -13.46 3.15 1.04
CA ASP A 95 -13.89 4.08 2.09
C ASP A 95 -14.29 3.34 3.38
N MET A 96 -14.70 2.08 3.26
CA MET A 96 -14.84 1.17 4.41
C MET A 96 -13.46 0.80 4.98
N ALA A 97 -12.44 0.66 4.13
CA ALA A 97 -11.08 0.43 4.59
C ALA A 97 -10.50 1.64 5.33
N VAL A 98 -10.78 2.86 4.85
CA VAL A 98 -10.49 4.13 5.58
C VAL A 98 -11.23 4.19 6.92
N MET A 99 -12.48 3.73 6.97
CA MET A 99 -13.27 3.65 8.21
C MET A 99 -12.69 2.63 9.22
N PHE A 100 -12.05 1.56 8.75
CA PHE A 100 -11.32 0.57 9.54
C PHE A 100 -9.92 1.04 9.98
N MET A 101 -9.35 2.07 9.35
CA MET A 101 -8.04 2.59 9.76
C MET A 101 -8.10 3.32 11.10
N SER A 102 -7.09 3.09 11.94
CA SER A 102 -6.88 3.78 13.22
C SER A 102 -5.94 4.97 13.04
N GLU A 103 -5.75 5.81 14.05
CA GLU A 103 -4.76 6.90 14.03
C GLU A 103 -3.35 6.40 13.71
N THR A 104 -3.00 5.22 14.25
CA THR A 104 -1.74 4.53 13.92
C THR A 104 -1.56 4.26 12.43
N GLU A 105 -2.63 3.99 11.67
CA GLU A 105 -2.58 3.89 10.20
C GLU A 105 -2.73 5.25 9.50
N LYS A 106 -3.57 6.14 10.01
CA LYS A 106 -3.84 7.46 9.41
C LYS A 106 -2.60 8.35 9.40
N LYS A 107 -1.73 8.28 10.42
CA LYS A 107 -0.41 8.94 10.41
C LYS A 107 0.50 8.48 9.26
N ILE A 108 0.31 7.24 8.80
CA ILE A 108 1.07 6.66 7.68
C ILE A 108 0.53 7.21 6.36
N ALA A 109 -0.80 7.18 6.18
CA ALA A 109 -1.45 7.63 4.96
C ALA A 109 -1.18 9.11 4.69
N ARG A 110 -1.21 9.96 5.72
CA ARG A 110 -0.89 11.39 5.56
C ARG A 110 0.59 11.62 5.27
N ALA A 111 1.47 10.81 5.84
CA ALA A 111 2.90 10.95 5.64
C ALA A 111 3.31 10.68 4.17
N LEU A 112 2.52 9.86 3.44
CA LEU A 112 2.65 9.73 1.98
C LEU A 112 2.41 11.06 1.28
N PHE A 113 1.23 11.65 1.43
CA PHE A 113 0.90 12.93 0.77
C PHE A 113 1.84 14.07 1.19
N ASN A 114 2.26 14.09 2.45
CA ASN A 114 3.23 15.04 2.99
C ASN A 114 4.63 14.93 2.33
N HIS A 115 5.04 13.72 1.92
CA HIS A 115 6.25 13.48 1.13
C HIS A 115 6.05 13.82 -0.36
N ILE A 116 4.90 13.49 -0.96
CA ILE A 116 4.59 13.73 -2.38
C ILE A 116 4.58 15.25 -2.64
N ASP A 117 4.00 16.01 -1.72
CA ASP A 117 3.91 17.47 -1.73
C ASP A 117 5.28 18.14 -1.79
N LYS A 118 6.10 17.82 -0.77
CA LYS A 118 7.46 18.36 -0.66
C LYS A 118 8.39 17.88 -1.77
N SER A 119 8.03 16.80 -2.44
CA SER A 119 8.77 16.27 -3.60
C SER A 119 8.45 16.96 -4.94
N GLY A 120 7.60 17.99 -4.93
CA GLY A 120 7.41 18.93 -6.05
C GLY A 120 6.04 18.85 -6.73
N LEU A 121 5.10 18.04 -6.23
CA LEU A 121 3.84 17.73 -6.92
C LEU A 121 2.70 18.60 -6.39
N LYS A 122 2.06 19.39 -7.27
CA LYS A 122 1.00 20.37 -6.94
C LYS A 122 -0.21 20.25 -7.89
N ASP A 123 -1.21 19.50 -7.43
CA ASP A 123 -2.52 19.38 -8.08
C ASP A 123 -3.64 19.27 -7.04
N SER A 124 -4.88 19.65 -7.38
CA SER A 124 -6.08 19.40 -6.56
C SER A 124 -6.20 17.93 -6.15
N SER A 125 -5.73 17.02 -6.99
CA SER A 125 -5.75 15.57 -6.75
C SER A 125 -4.91 15.18 -5.53
N VAL A 126 -3.85 15.93 -5.23
CA VAL A 126 -2.97 15.68 -4.06
C VAL A 126 -3.74 15.91 -2.76
N GLU A 127 -4.41 17.05 -2.66
CA GLU A 127 -5.20 17.45 -1.48
C GLU A 127 -6.57 16.75 -1.41
N GLU A 128 -7.10 16.25 -2.52
CA GLU A 128 -8.30 15.39 -2.54
C GLU A 128 -8.01 13.98 -2.04
N LEU A 129 -6.93 13.36 -2.50
CA LEU A 129 -6.62 11.99 -2.13
C LEU A 129 -6.16 11.93 -0.66
N LYS A 130 -5.50 12.98 -0.16
CA LYS A 130 -5.13 13.04 1.26
C LYS A 130 -6.34 13.16 2.19
N LYS A 131 -7.41 13.85 1.79
CA LYS A 131 -8.62 13.93 2.63
C LYS A 131 -9.43 12.63 2.60
N ARG A 132 -9.41 11.92 1.47
CA ARG A 132 -10.07 10.62 1.25
C ARG A 132 -9.49 9.48 2.07
N TYR A 133 -8.18 9.50 2.33
CA TYR A 133 -7.50 8.55 3.20
C TYR A 133 -7.42 8.99 4.68
N GLY A 134 -7.27 10.28 4.97
CA GLY A 134 -6.94 10.73 6.33
C GLY A 134 -6.99 12.24 6.61
N GLY A 135 -7.89 12.96 5.94
CA GLY A 135 -8.17 14.40 6.19
C GLY A 135 -8.54 14.79 7.63
N GLY A 1 5.73 1.99 19.67
CA GLY A 1 4.81 0.85 19.56
C GLY A 1 5.55 -0.47 19.52
N PRO A 2 4.93 -1.58 19.95
CA PRO A 2 5.53 -2.91 19.94
C PRO A 2 6.16 -3.32 18.59
N HIS A 3 7.26 -4.06 18.64
CA HIS A 3 8.02 -4.52 17.47
C HIS A 3 7.36 -5.70 16.73
N MET A 4 7.56 -5.78 15.41
CA MET A 4 7.04 -6.85 14.56
C MET A 4 7.70 -8.23 14.79
N ALA A 5 6.98 -9.28 14.41
CA ALA A 5 7.42 -10.67 14.48
C ALA A 5 8.68 -10.97 13.64
N GLN A 6 9.43 -12.01 14.03
CA GLN A 6 10.58 -12.54 13.29
C GLN A 6 10.18 -13.26 11.99
N PHE A 7 11.13 -13.42 11.07
CA PHE A 7 10.88 -14.02 9.76
C PHE A 7 10.52 -15.51 9.85
N ALA A 8 9.62 -15.94 8.97
CA ALA A 8 9.45 -17.33 8.56
C ALA A 8 10.27 -17.62 7.29
N THR A 9 10.41 -18.90 6.92
CA THR A 9 10.96 -19.34 5.63
C THR A 9 10.10 -18.76 4.50
N THR A 10 10.66 -17.82 3.73
CA THR A 10 9.90 -16.94 2.82
C THR A 10 10.60 -16.66 1.49
N VAL A 11 9.83 -16.70 0.38
CA VAL A 11 10.26 -16.44 -1.01
C VAL A 11 9.17 -15.65 -1.73
N LEU A 12 9.56 -14.62 -2.46
CA LEU A 12 8.71 -13.70 -3.23
C LEU A 12 7.80 -14.45 -4.24
N PRO A 13 6.47 -14.44 -4.05
CA PRO A 13 5.52 -15.05 -4.97
C PRO A 13 5.31 -14.21 -6.25
N PRO A 14 4.81 -14.83 -7.34
CA PRO A 14 4.40 -14.15 -8.56
C PRO A 14 3.18 -13.24 -8.35
N ILE A 15 2.86 -12.43 -9.36
CA ILE A 15 1.73 -11.51 -9.36
C ILE A 15 0.40 -12.29 -9.22
N PRO A 16 -0.52 -11.84 -8.35
CA PRO A 16 -1.81 -12.49 -8.07
C PRO A 16 -2.79 -12.36 -9.27
N ALA A 17 -3.83 -13.20 -9.26
CA ALA A 17 -4.89 -13.32 -10.26
C ALA A 17 -6.15 -12.54 -9.88
N ASN A 18 -6.35 -12.31 -8.58
CA ASN A 18 -7.44 -11.54 -7.98
C ASN A 18 -7.10 -11.19 -6.51
N SER A 19 -7.89 -10.32 -5.87
CA SER A 19 -7.79 -9.91 -4.46
C SER A 19 -7.55 -11.08 -3.48
N PHE A 20 -8.20 -12.22 -3.70
CA PHE A 20 -8.13 -13.39 -2.80
C PHE A 20 -6.72 -14.01 -2.75
N GLN A 21 -5.99 -14.00 -3.89
CA GLN A 21 -4.57 -14.39 -3.92
C GLN A 21 -3.69 -13.37 -3.21
N LEU A 22 -3.97 -12.08 -3.44
CA LEU A 22 -3.18 -10.95 -2.93
C LEU A 22 -3.22 -10.87 -1.41
N GLU A 23 -4.40 -10.87 -0.79
CA GLU A 23 -4.53 -10.87 0.67
C GLU A 23 -3.74 -12.03 1.30
N SER A 24 -3.68 -13.17 0.61
CA SER A 24 -2.99 -14.38 1.10
C SER A 24 -1.47 -14.31 0.97
N ASP A 25 -0.95 -13.48 0.07
CA ASP A 25 0.46 -13.12 0.00
C ASP A 25 0.82 -11.97 0.96
N PHE A 26 -0.11 -11.04 1.20
CA PHE A 26 0.08 -9.92 2.13
C PHE A 26 0.15 -10.41 3.57
N ARG A 27 -0.79 -11.27 3.98
CA ARG A 27 -0.90 -11.75 5.36
C ARG A 27 0.22 -12.71 5.75
N GLN A 28 0.82 -13.38 4.76
CA GLN A 28 1.98 -14.24 5.00
C GLN A 28 3.30 -13.44 5.09
N LEU A 29 3.39 -12.31 4.37
CA LEU A 29 4.59 -11.46 4.32
C LEU A 29 4.52 -10.26 5.28
N LYS A 30 3.49 -10.18 6.14
CA LYS A 30 3.24 -9.07 7.09
C LYS A 30 4.39 -8.84 8.08
N SER A 31 5.10 -9.92 8.40
CA SER A 31 6.29 -9.94 9.25
C SER A 31 7.61 -9.73 8.47
N SER A 32 7.54 -9.52 7.15
CA SER A 32 8.69 -9.37 6.24
C SER A 32 8.45 -8.21 5.25
N PRO A 33 8.31 -6.98 5.75
CA PRO A 33 7.95 -5.81 4.94
C PRO A 33 9.00 -5.48 3.87
N ASP A 34 10.24 -5.90 4.06
CA ASP A 34 11.33 -5.65 3.10
C ASP A 34 11.12 -6.45 1.80
N MET A 35 10.47 -7.62 1.88
CA MET A 35 10.05 -8.37 0.69
C MET A 35 8.65 -8.01 0.23
N LEU A 36 7.78 -7.51 1.10
CA LEU A 36 6.52 -6.89 0.64
C LEU A 36 6.76 -5.77 -0.37
N TYR A 37 7.82 -4.96 -0.16
CA TYR A 37 8.27 -3.99 -1.16
C TYR A 37 8.60 -4.65 -2.52
N GLN A 38 9.44 -5.68 -2.56
CA GLN A 38 9.87 -6.34 -3.81
C GLN A 38 8.72 -7.12 -4.49
N TYR A 39 7.79 -7.68 -3.71
CA TYR A 39 6.52 -8.23 -4.21
C TYR A 39 5.65 -7.17 -4.89
N LEU A 40 5.48 -5.99 -4.26
CA LEU A 40 4.69 -4.87 -4.80
C LEU A 40 5.35 -4.24 -6.03
N LYS A 41 6.68 -4.26 -6.12
CA LYS A 41 7.43 -3.79 -7.29
C LYS A 41 7.08 -4.55 -8.58
N GLN A 42 6.55 -5.77 -8.46
CA GLN A 42 6.03 -6.55 -9.61
C GLN A 42 4.65 -6.06 -10.08
N ILE A 43 3.82 -5.60 -9.15
CA ILE A 43 2.38 -5.43 -9.36
C ILE A 43 2.12 -4.02 -9.93
N GLU A 44 1.87 -3.97 -11.23
CA GLU A 44 1.60 -2.74 -11.97
C GLU A 44 0.23 -2.12 -11.62
N PRO A 45 0.08 -0.78 -11.64
CA PRO A 45 -1.20 -0.09 -11.36
C PRO A 45 -2.28 -0.38 -12.41
N SER A 46 -1.92 -1.00 -13.54
CA SER A 46 -2.82 -1.57 -14.55
C SER A 46 -3.67 -2.73 -14.00
N LEU A 47 -3.18 -3.45 -12.97
CA LEU A 47 -3.85 -4.60 -12.38
C LEU A 47 -4.68 -4.25 -11.14
N TYR A 48 -4.35 -3.18 -10.43
CA TYR A 48 -5.08 -2.75 -9.22
C TYR A 48 -6.62 -2.64 -9.40
N PRO A 49 -7.15 -1.99 -10.45
CA PRO A 49 -8.61 -1.93 -10.66
C PRO A 49 -9.23 -3.30 -10.94
N LYS A 50 -8.43 -4.25 -11.45
CA LYS A 50 -8.86 -5.57 -11.90
C LYS A 50 -8.76 -6.64 -10.80
N LEU A 51 -7.70 -6.62 -10.00
CA LEU A 51 -7.51 -7.47 -8.82
C LEU A 51 -8.57 -7.20 -7.75
N PHE A 52 -8.85 -5.92 -7.51
CA PHE A 52 -9.79 -5.48 -6.48
C PHE A 52 -11.20 -5.16 -7.03
N GLN A 53 -11.59 -5.73 -8.19
CA GLN A 53 -12.87 -5.45 -8.84
C GLN A 53 -14.10 -6.03 -8.14
N LYS A 54 -13.97 -7.15 -7.41
CA LYS A 54 -15.06 -7.71 -6.58
C LYS A 54 -14.97 -7.24 -5.12
N ASN A 55 -13.78 -6.90 -4.64
CA ASN A 55 -13.55 -6.31 -3.32
C ASN A 55 -12.13 -5.72 -3.19
N LEU A 56 -11.97 -4.69 -2.37
CA LEU A 56 -10.74 -4.46 -1.58
C LEU A 56 -10.85 -5.20 -0.24
N ASP A 57 -9.72 -5.52 0.39
CA ASP A 57 -9.68 -5.99 1.78
C ASP A 57 -9.23 -4.86 2.72
N PRO A 58 -9.86 -4.67 3.89
CA PRO A 58 -9.40 -3.68 4.87
C PRO A 58 -7.98 -4.01 5.38
N ASP A 59 -7.67 -5.30 5.48
CA ASP A 59 -6.37 -5.81 5.95
C ASP A 59 -5.25 -5.64 4.92
N VAL A 60 -5.63 -5.42 3.65
CA VAL A 60 -4.71 -5.10 2.56
C VAL A 60 -4.49 -3.59 2.44
N PHE A 61 -5.57 -2.79 2.48
CA PHE A 61 -5.53 -1.33 2.33
C PHE A 61 -4.46 -0.69 3.22
N ASN A 62 -4.47 -1.03 4.52
CA ASN A 62 -3.51 -0.50 5.48
C ASN A 62 -2.08 -1.00 5.23
N GLN A 63 -1.90 -2.25 4.79
CA GLN A 63 -0.57 -2.77 4.47
C GLN A 63 0.04 -2.15 3.21
N ILE A 64 -0.72 -1.92 2.14
CA ILE A 64 -0.20 -1.22 0.94
C ILE A 64 0.38 0.15 1.36
N VAL A 65 -0.38 0.90 2.17
CA VAL A 65 0.00 2.23 2.69
C VAL A 65 1.26 2.15 3.57
N LYS A 66 1.27 1.18 4.50
CA LYS A 66 2.39 0.90 5.42
C LYS A 66 3.70 0.52 4.69
N ILE A 67 3.64 -0.14 3.54
CA ILE A 67 4.83 -0.43 2.72
C ILE A 67 5.24 0.73 1.80
N LEU A 68 4.29 1.47 1.23
CA LEU A 68 4.62 2.72 0.52
C LEU A 68 5.46 3.66 1.43
N HIS A 69 5.14 3.70 2.72
CA HIS A 69 5.68 4.64 3.71
C HIS A 69 7.20 4.54 3.98
N ASP A 70 7.75 3.33 3.94
CA ASP A 70 9.11 3.03 4.41
C ASP A 70 9.99 2.40 3.32
N PHE A 71 9.48 2.32 2.09
CA PHE A 71 10.14 1.65 0.98
C PHE A 71 9.87 2.40 -0.32
N TYR A 72 8.64 2.85 -0.62
CA TYR A 72 8.51 3.57 -1.89
C TYR A 72 9.02 5.01 -1.75
N ILE A 73 8.91 5.60 -0.56
CA ILE A 73 9.47 6.92 -0.26
C ILE A 73 11.00 6.91 -0.27
N GLU A 74 11.62 5.77 0.05
CA GLU A 74 13.09 5.66 0.11
C GLU A 74 13.73 5.13 -1.17
N LYS A 75 13.02 4.25 -1.89
CA LYS A 75 13.57 3.37 -2.94
C LYS A 75 12.90 3.54 -4.32
N GLU A 76 11.66 4.04 -4.36
CA GLU A 76 10.93 4.45 -5.58
C GLU A 76 10.67 5.98 -5.65
N LYS A 77 9.98 6.43 -6.71
CA LYS A 77 9.62 7.84 -6.95
C LYS A 77 8.31 8.25 -6.26
N PRO A 78 8.14 9.54 -5.90
CA PRO A 78 6.92 10.07 -5.28
C PRO A 78 5.71 9.95 -6.21
N LEU A 79 5.92 9.99 -7.52
CA LEU A 79 4.86 9.73 -8.51
C LEU A 79 4.26 8.33 -8.36
N LEU A 80 5.07 7.32 -8.02
CA LEU A 80 4.64 5.94 -7.94
C LEU A 80 3.63 5.74 -6.80
N ILE A 81 3.97 6.16 -5.57
CA ILE A 81 3.09 6.15 -4.40
C ILE A 81 1.75 6.80 -4.76
N PHE A 82 1.76 8.00 -5.34
CA PHE A 82 0.52 8.69 -5.72
C PHE A 82 -0.33 7.92 -6.73
N GLU A 83 0.28 7.25 -7.70
CA GLU A 83 -0.44 6.41 -8.68
C GLU A 83 -1.05 5.17 -8.02
N ILE A 84 -0.32 4.46 -7.14
CA ILE A 84 -0.87 3.33 -6.36
C ILE A 84 -2.08 3.78 -5.54
N LEU A 85 -1.96 4.90 -4.83
CA LEU A 85 -3.03 5.44 -3.96
C LEU A 85 -4.26 5.85 -4.77
N GLN A 86 -4.06 6.41 -5.96
CA GLN A 86 -5.12 6.75 -6.90
C GLN A 86 -5.93 5.50 -7.27
N ARG A 87 -5.28 4.40 -7.68
CA ARG A 87 -6.01 3.18 -8.10
C ARG A 87 -6.92 2.64 -7.00
N LEU A 88 -6.38 2.58 -5.79
CA LEU A 88 -7.09 2.05 -4.62
C LEU A 88 -8.33 2.86 -4.23
N SER A 89 -8.34 4.17 -4.51
CA SER A 89 -9.47 5.03 -4.21
C SER A 89 -10.66 4.87 -5.17
N GLU A 90 -10.45 4.23 -6.32
CA GLU A 90 -11.50 3.88 -7.29
C GLU A 90 -12.33 2.65 -6.85
N LEU A 91 -11.98 2.02 -5.73
CA LEU A 91 -12.53 0.73 -5.33
C LEU A 91 -13.77 0.87 -4.44
N LYS A 92 -14.72 -0.06 -4.57
CA LYS A 92 -16.05 0.08 -3.94
C LYS A 92 -16.01 0.00 -2.43
N ARG A 93 -15.10 -0.81 -1.89
CA ARG A 93 -14.89 -1.03 -0.45
C ARG A 93 -13.76 -0.16 0.14
N PHE A 94 -13.14 0.73 -0.64
CA PHE A 94 -12.02 1.53 -0.11
C PHE A 94 -12.41 2.37 1.12
N ASP A 95 -13.64 2.87 1.14
CA ASP A 95 -14.13 3.76 2.20
C ASP A 95 -14.37 3.00 3.51
N MET A 96 -14.77 1.72 3.42
CA MET A 96 -14.89 0.81 4.56
C MET A 96 -13.51 0.46 5.13
N ALA A 97 -12.47 0.46 4.29
CA ALA A 97 -11.08 0.22 4.68
C ALA A 97 -10.42 1.44 5.35
N VAL A 98 -10.71 2.67 4.89
CA VAL A 98 -10.30 3.91 5.57
C VAL A 98 -10.89 3.99 6.98
N MET A 99 -12.18 3.63 7.12
CA MET A 99 -12.88 3.53 8.40
C MET A 99 -12.25 2.52 9.36
N PHE A 100 -11.58 1.50 8.82
CA PHE A 100 -10.87 0.45 9.56
C PHE A 100 -9.54 0.94 10.16
N MET A 101 -8.94 2.01 9.63
CA MET A 101 -7.60 2.45 10.00
C MET A 101 -7.55 3.14 11.37
N SER A 102 -6.48 2.86 12.13
CA SER A 102 -6.13 3.51 13.40
C SER A 102 -5.43 4.86 13.19
N GLU A 103 -5.20 5.62 14.26
CA GLU A 103 -4.49 6.90 14.18
C GLU A 103 -3.02 6.74 13.75
N THR A 104 -2.39 5.60 14.06
CA THR A 104 -1.08 5.22 13.50
C THR A 104 -1.16 5.04 11.98
N GLU A 105 -2.16 4.30 11.50
CA GLU A 105 -2.30 3.98 10.08
C GLU A 105 -2.67 5.23 9.27
N LYS A 106 -3.40 6.17 9.88
CA LYS A 106 -3.67 7.50 9.35
C LYS A 106 -2.44 8.42 9.37
N LYS A 107 -1.58 8.38 10.41
CA LYS A 107 -0.33 9.17 10.44
C LYS A 107 0.72 8.68 9.42
N ILE A 108 0.63 7.42 9.01
CA ILE A 108 1.37 6.86 7.86
C ILE A 108 0.74 7.32 6.55
N ALA A 109 -0.59 7.21 6.43
CA ALA A 109 -1.30 7.57 5.19
C ALA A 109 -1.09 9.04 4.81
N ARG A 110 -1.17 9.96 5.78
CA ARG A 110 -0.90 11.39 5.54
C ARG A 110 0.58 11.64 5.22
N ALA A 111 1.49 10.85 5.78
CA ALA A 111 2.92 10.99 5.56
C ALA A 111 3.34 10.63 4.12
N LEU A 112 2.54 9.78 3.43
CA LEU A 112 2.64 9.61 1.98
C LEU A 112 2.36 10.92 1.26
N PHE A 113 1.19 11.53 1.48
CA PHE A 113 0.83 12.81 0.86
C PHE A 113 1.77 13.96 1.25
N ASN A 114 2.32 13.94 2.46
CA ASN A 114 3.33 14.90 2.91
C ASN A 114 4.68 14.74 2.20
N HIS A 115 5.05 13.53 1.76
CA HIS A 115 6.21 13.28 0.90
C HIS A 115 5.94 13.68 -0.56
N ILE A 116 4.77 13.31 -1.10
CA ILE A 116 4.40 13.58 -2.48
C ILE A 116 4.36 15.10 -2.70
N ASP A 117 3.75 15.83 -1.77
CA ASP A 117 3.57 17.28 -1.84
C ASP A 117 4.90 18.05 -1.83
N LYS A 118 5.73 17.72 -0.85
CA LYS A 118 7.08 18.30 -0.71
C LYS A 118 8.03 17.93 -1.85
N SER A 119 7.73 16.85 -2.57
CA SER A 119 8.54 16.43 -3.73
C SER A 119 8.30 17.27 -4.99
N GLY A 120 7.29 18.15 -4.97
CA GLY A 120 6.91 19.05 -6.06
C GLY A 120 5.59 18.68 -6.73
N LEU A 121 4.90 17.64 -6.25
CA LEU A 121 3.64 17.17 -6.84
C LEU A 121 2.44 17.78 -6.11
N LYS A 122 1.79 18.73 -6.77
CA LYS A 122 0.69 19.52 -6.22
C LYS A 122 -0.36 19.88 -7.26
N ASP A 123 -0.98 18.85 -7.80
CA ASP A 123 -2.26 18.95 -8.51
C ASP A 123 -3.41 19.01 -7.48
N SER A 124 -4.57 19.57 -7.85
CA SER A 124 -5.76 19.54 -6.99
C SER A 124 -6.22 18.13 -6.61
N SER A 125 -5.82 17.11 -7.38
CA SER A 125 -6.05 15.69 -7.09
C SER A 125 -5.20 15.14 -5.94
N VAL A 126 -3.99 15.68 -5.72
CA VAL A 126 -3.11 15.23 -4.61
C VAL A 126 -3.74 15.55 -3.26
N GLU A 127 -4.22 16.79 -3.12
CA GLU A 127 -4.89 17.29 -1.93
C GLU A 127 -6.32 16.76 -1.76
N GLU A 128 -7.01 16.38 -2.84
CA GLU A 128 -8.31 15.69 -2.77
C GLU A 128 -8.17 14.24 -2.31
N LEU A 129 -7.02 13.60 -2.58
CA LEU A 129 -6.80 12.19 -2.27
C LEU A 129 -6.29 12.02 -0.84
N LYS A 130 -5.54 12.99 -0.29
CA LYS A 130 -5.09 12.98 1.11
C LYS A 130 -6.27 12.89 2.08
N LYS A 131 -7.36 13.62 1.79
CA LYS A 131 -8.53 13.67 2.67
C LYS A 131 -9.33 12.36 2.64
N ARG A 132 -9.35 11.67 1.50
CA ARG A 132 -9.98 10.35 1.30
C ARG A 132 -9.34 9.26 2.15
N TYR A 133 -8.03 9.32 2.38
CA TYR A 133 -7.28 8.38 3.21
C TYR A 133 -7.18 8.77 4.70
N GLY A 134 -7.11 10.07 5.02
CA GLY A 134 -6.86 10.49 6.41
C GLY A 134 -7.02 11.97 6.72
N GLY A 135 -7.85 12.69 5.94
CA GLY A 135 -8.36 14.02 6.34
C GLY A 135 -9.37 13.94 7.48
N GLY A 1 32.39 -8.58 17.31
CA GLY A 1 32.99 -9.90 17.58
C GLY A 1 31.96 -10.99 17.39
N PRO A 2 31.38 -11.54 18.47
CA PRO A 2 30.38 -12.62 18.39
C PRO A 2 29.04 -12.17 17.77
N HIS A 3 28.61 -12.92 16.76
CA HIS A 3 27.26 -12.87 16.22
C HIS A 3 26.39 -14.02 16.79
N MET A 4 25.10 -13.98 16.51
CA MET A 4 24.21 -15.15 16.46
C MET A 4 24.03 -15.61 15.01
N ALA A 5 23.65 -16.88 14.82
CA ALA A 5 23.43 -17.46 13.49
C ALA A 5 22.32 -16.73 12.71
N GLN A 6 22.50 -16.63 11.39
CA GLN A 6 21.54 -15.96 10.50
C GLN A 6 20.21 -16.70 10.48
N PHE A 7 19.10 -15.97 10.52
CA PHE A 7 17.76 -16.54 10.47
C PHE A 7 17.41 -17.15 9.08
N ALA A 8 16.41 -18.03 9.04
CA ALA A 8 15.99 -18.72 7.81
C ALA A 8 15.45 -17.75 6.74
N THR A 9 15.67 -18.08 5.46
CA THR A 9 15.32 -17.24 4.31
C THR A 9 13.83 -17.22 3.97
N THR A 10 13.42 -16.17 3.26
CA THR A 10 12.07 -15.93 2.74
C THR A 10 12.16 -15.47 1.28
N VAL A 11 11.12 -15.74 0.46
CA VAL A 11 11.15 -15.61 -1.00
C VAL A 11 9.79 -15.24 -1.56
N LEU A 12 9.79 -14.28 -2.49
CA LEU A 12 8.62 -13.69 -3.12
C LEU A 12 7.74 -14.75 -3.81
N PRO A 13 6.42 -14.76 -3.53
CA PRO A 13 5.43 -15.37 -4.39
C PRO A 13 5.30 -14.63 -5.75
N PRO A 14 4.71 -15.26 -6.78
CA PRO A 14 4.38 -14.60 -8.05
C PRO A 14 3.26 -13.58 -7.86
N ILE A 15 2.97 -12.81 -8.90
CA ILE A 15 1.85 -11.87 -8.93
C ILE A 15 0.54 -12.66 -8.73
N PRO A 16 -0.36 -12.20 -7.83
CA PRO A 16 -1.63 -12.88 -7.54
C PRO A 16 -2.62 -12.77 -8.71
N ALA A 17 -3.64 -13.62 -8.74
CA ALA A 17 -4.65 -13.63 -9.79
C ALA A 17 -5.93 -12.85 -9.41
N ASN A 18 -6.19 -12.67 -8.12
CA ASN A 18 -7.26 -11.80 -7.58
C ASN A 18 -6.95 -11.26 -6.16
N SER A 19 -7.83 -10.45 -5.58
CA SER A 19 -7.70 -9.96 -4.19
C SER A 19 -7.54 -11.10 -3.18
N PHE A 20 -8.26 -12.22 -3.39
CA PHE A 20 -8.21 -13.35 -2.44
C PHE A 20 -6.83 -14.01 -2.41
N GLN A 21 -6.11 -13.93 -3.53
CA GLN A 21 -4.70 -14.34 -3.67
C GLN A 21 -3.71 -13.31 -3.09
N LEU A 22 -3.98 -12.02 -3.30
CA LEU A 22 -3.18 -10.89 -2.82
C LEU A 22 -3.19 -10.82 -1.29
N GLU A 23 -4.39 -10.80 -0.68
CA GLU A 23 -4.55 -10.77 0.79
C GLU A 23 -3.81 -11.94 1.47
N SER A 24 -3.71 -13.08 0.78
CA SER A 24 -3.03 -14.28 1.27
C SER A 24 -1.52 -14.09 1.36
N ASP A 25 -0.95 -13.36 0.40
CA ASP A 25 0.48 -13.02 0.41
C ASP A 25 0.76 -11.82 1.34
N PHE A 26 -0.19 -10.89 1.45
CA PHE A 26 -0.05 -9.72 2.32
C PHE A 26 -0.03 -10.11 3.79
N ARG A 27 -0.88 -11.06 4.20
CA ARG A 27 -0.93 -11.48 5.61
C ARG A 27 0.26 -12.36 5.98
N GLN A 28 0.76 -13.15 5.03
CA GLN A 28 1.93 -13.99 5.29
C GLN A 28 3.22 -13.16 5.40
N LEU A 29 3.31 -12.05 4.65
CA LEU A 29 4.49 -11.19 4.56
C LEU A 29 4.36 -9.89 5.38
N LYS A 30 3.33 -9.74 6.23
CA LYS A 30 3.09 -8.50 7.02
C LYS A 30 4.24 -8.16 7.97
N SER A 31 4.91 -9.19 8.49
CA SER A 31 6.14 -9.08 9.29
C SER A 31 7.41 -9.24 8.44
N SER A 32 7.29 -9.15 7.11
CA SER A 32 8.37 -9.17 6.12
C SER A 32 8.24 -8.00 5.13
N PRO A 33 8.12 -6.75 5.63
CA PRO A 33 7.90 -5.58 4.78
C PRO A 33 9.05 -5.34 3.77
N ASP A 34 10.25 -5.84 4.08
CA ASP A 34 11.43 -5.70 3.21
C ASP A 34 11.28 -6.50 1.91
N MET A 35 10.58 -7.64 1.96
CA MET A 35 10.22 -8.39 0.77
C MET A 35 8.87 -7.99 0.18
N LEU A 36 7.96 -7.44 0.98
CA LEU A 36 6.72 -6.86 0.45
C LEU A 36 6.99 -5.77 -0.58
N TYR A 37 7.98 -4.89 -0.37
CA TYR A 37 8.41 -3.93 -1.38
C TYR A 37 8.72 -4.59 -2.75
N GLN A 38 9.46 -5.69 -2.74
CA GLN A 38 9.86 -6.41 -3.94
C GLN A 38 8.72 -7.21 -4.57
N TYR A 39 7.80 -7.73 -3.75
CA TYR A 39 6.55 -8.36 -4.19
C TYR A 39 5.65 -7.35 -4.91
N LEU A 40 5.49 -6.14 -4.35
CA LEU A 40 4.80 -5.01 -4.97
C LEU A 40 5.47 -4.59 -6.28
N LYS A 41 6.80 -4.62 -6.35
CA LYS A 41 7.55 -4.21 -7.54
C LYS A 41 7.34 -5.11 -8.77
N GLN A 42 6.78 -6.31 -8.60
CA GLN A 42 6.31 -7.15 -9.71
C GLN A 42 5.05 -6.57 -10.37
N ILE A 43 4.21 -5.92 -9.56
CA ILE A 43 2.81 -5.58 -9.86
C ILE A 43 2.75 -4.21 -10.54
N GLU A 44 2.19 -4.16 -11.75
CA GLU A 44 1.88 -2.90 -12.44
C GLU A 44 0.58 -2.27 -11.87
N PRO A 45 0.44 -0.93 -11.86
CA PRO A 45 -0.76 -0.25 -11.34
C PRO A 45 -2.02 -0.61 -12.13
N SER A 46 -1.89 -1.13 -13.35
CA SER A 46 -2.98 -1.63 -14.19
C SER A 46 -3.63 -2.92 -13.64
N LEU A 47 -2.96 -3.64 -12.72
CA LEU A 47 -3.52 -4.82 -12.05
C LEU A 47 -4.34 -4.45 -10.81
N TYR A 48 -4.02 -3.34 -10.14
CA TYR A 48 -4.71 -2.90 -8.92
C TYR A 48 -6.25 -2.85 -9.07
N PRO A 49 -6.82 -2.20 -10.10
CA PRO A 49 -8.28 -2.18 -10.28
C PRO A 49 -8.88 -3.54 -10.65
N LYS A 50 -8.10 -4.45 -11.26
CA LYS A 50 -8.53 -5.78 -11.67
C LYS A 50 -8.52 -6.80 -10.53
N LEU A 51 -7.48 -6.79 -9.70
CA LEU A 51 -7.36 -7.64 -8.52
C LEU A 51 -8.48 -7.36 -7.52
N PHE A 52 -8.74 -6.07 -7.29
CA PHE A 52 -9.68 -5.58 -6.28
C PHE A 52 -11.09 -5.24 -6.82
N GLN A 53 -11.44 -5.77 -7.99
CA GLN A 53 -12.70 -5.46 -8.68
C GLN A 53 -13.96 -5.95 -7.93
N LYS A 54 -13.88 -7.06 -7.20
CA LYS A 54 -15.01 -7.61 -6.43
C LYS A 54 -15.02 -7.13 -4.97
N ASN A 55 -13.86 -6.77 -4.42
CA ASN A 55 -13.68 -5.87 -3.26
C ASN A 55 -12.18 -5.57 -3.03
N LEU A 56 -11.87 -4.49 -2.33
CA LEU A 56 -10.62 -4.34 -1.58
C LEU A 56 -10.78 -4.96 -0.17
N ASP A 57 -9.71 -5.43 0.45
CA ASP A 57 -9.71 -5.84 1.85
C ASP A 57 -9.32 -4.66 2.77
N PRO A 58 -9.99 -4.47 3.92
CA PRO A 58 -9.67 -3.38 4.84
C PRO A 58 -8.27 -3.50 5.44
N ASP A 59 -7.75 -4.73 5.57
CA ASP A 59 -6.42 -5.01 6.11
C ASP A 59 -5.33 -4.82 5.03
N VAL A 60 -5.65 -5.11 3.76
CA VAL A 60 -4.73 -4.95 2.62
C VAL A 60 -4.51 -3.46 2.33
N PHE A 61 -5.58 -2.67 2.33
CA PHE A 61 -5.53 -1.22 2.17
C PHE A 61 -4.44 -0.57 3.03
N ASN A 62 -4.41 -0.85 4.34
CA ASN A 62 -3.43 -0.25 5.23
C ASN A 62 -2.02 -0.84 5.06
N GLN A 63 -1.89 -2.10 4.62
CA GLN A 63 -0.61 -2.68 4.26
C GLN A 63 0.02 -2.05 3.00
N ILE A 64 -0.77 -1.79 1.93
CA ILE A 64 -0.25 -1.10 0.73
C ILE A 64 0.36 0.26 1.13
N VAL A 65 -0.37 1.03 1.92
CA VAL A 65 0.05 2.34 2.45
C VAL A 65 1.33 2.23 3.29
N LYS A 66 1.35 1.25 4.21
CA LYS A 66 2.50 0.92 5.06
C LYS A 66 3.77 0.59 4.26
N ILE A 67 3.67 -0.11 3.13
CA ILE A 67 4.86 -0.44 2.32
C ILE A 67 5.29 0.71 1.40
N LEU A 68 4.35 1.50 0.86
CA LEU A 68 4.72 2.76 0.20
C LEU A 68 5.56 3.66 1.13
N HIS A 69 5.23 3.70 2.43
CA HIS A 69 5.80 4.62 3.41
C HIS A 69 7.30 4.49 3.63
N ASP A 70 7.82 3.25 3.67
CA ASP A 70 9.19 2.99 4.14
C ASP A 70 10.10 2.39 3.06
N PHE A 71 9.61 2.33 1.81
CA PHE A 71 10.26 1.66 0.70
C PHE A 71 9.99 2.40 -0.60
N TYR A 72 8.75 2.80 -0.94
CA TYR A 72 8.61 3.51 -2.23
C TYR A 72 9.12 4.94 -2.13
N ILE A 73 9.10 5.53 -0.92
CA ILE A 73 9.63 6.87 -0.64
C ILE A 73 11.16 6.94 -0.77
N GLU A 74 11.85 5.86 -0.42
CA GLU A 74 13.32 5.78 -0.43
C GLU A 74 13.87 5.13 -1.71
N LYS A 75 13.20 4.08 -2.21
CA LYS A 75 13.67 3.15 -3.25
C LYS A 75 13.02 3.38 -4.63
N GLU A 76 11.78 3.90 -4.67
CA GLU A 76 11.09 4.31 -5.90
C GLU A 76 10.87 5.85 -6.00
N LYS A 77 10.13 6.28 -7.05
CA LYS A 77 9.72 7.67 -7.27
C LYS A 77 8.41 8.04 -6.53
N PRO A 78 8.26 9.30 -6.07
CA PRO A 78 7.03 9.81 -5.44
C PRO A 78 5.82 9.79 -6.39
N LEU A 79 6.09 9.89 -7.70
CA LEU A 79 5.07 9.80 -8.75
C LEU A 79 4.44 8.41 -8.87
N LEU A 80 5.11 7.37 -8.36
CA LEU A 80 4.56 6.02 -8.31
C LEU A 80 3.60 5.85 -7.12
N ILE A 81 4.03 6.21 -5.89
CA ILE A 81 3.20 6.22 -4.66
C ILE A 81 1.86 6.92 -4.94
N PHE A 82 1.90 8.12 -5.53
CA PHE A 82 0.68 8.88 -5.80
C PHE A 82 -0.28 8.14 -6.74
N GLU A 83 0.22 7.47 -7.78
CA GLU A 83 -0.61 6.67 -8.67
C GLU A 83 -1.15 5.40 -8.00
N ILE A 84 -0.34 4.67 -7.21
CA ILE A 84 -0.80 3.49 -6.45
C ILE A 84 -1.99 3.88 -5.54
N LEU A 85 -1.86 4.98 -4.80
CA LEU A 85 -2.93 5.50 -3.93
C LEU A 85 -4.18 5.89 -4.74
N GLN A 86 -3.99 6.47 -5.91
CA GLN A 86 -5.06 6.82 -6.84
C GLN A 86 -5.77 5.59 -7.42
N ARG A 87 -5.09 4.48 -7.77
CA ARG A 87 -5.79 3.25 -8.25
C ARG A 87 -6.75 2.74 -7.18
N LEU A 88 -6.26 2.62 -5.94
CA LEU A 88 -7.08 2.20 -4.79
C LEU A 88 -8.29 3.12 -4.53
N SER A 89 -8.17 4.41 -4.77
CA SER A 89 -9.26 5.38 -4.53
C SER A 89 -10.49 5.22 -5.44
N GLU A 90 -10.38 4.39 -6.49
CA GLU A 90 -11.49 4.06 -7.38
C GLU A 90 -12.27 2.81 -6.88
N LEU A 91 -11.79 2.12 -5.83
CA LEU A 91 -12.32 0.82 -5.41
C LEU A 91 -13.51 0.96 -4.46
N LYS A 92 -14.52 0.09 -4.59
CA LYS A 92 -15.80 0.23 -3.86
C LYS A 92 -15.71 -0.05 -2.37
N ARG A 93 -14.69 -0.79 -1.91
CA ARG A 93 -14.38 -0.98 -0.48
C ARG A 93 -13.23 -0.09 0.07
N PHE A 94 -12.67 0.83 -0.72
CA PHE A 94 -11.58 1.70 -0.23
C PHE A 94 -12.03 2.56 0.98
N ASP A 95 -13.23 3.13 0.93
CA ASP A 95 -13.70 4.09 1.92
C ASP A 95 -14.15 3.39 3.22
N MET A 96 -14.66 2.16 3.13
CA MET A 96 -14.81 1.28 4.30
C MET A 96 -13.47 0.78 4.83
N ALA A 97 -12.44 0.61 4.00
CA ALA A 97 -11.11 0.30 4.50
C ALA A 97 -10.50 1.46 5.31
N VAL A 98 -10.80 2.71 4.95
CA VAL A 98 -10.51 3.94 5.73
C VAL A 98 -11.33 3.97 7.03
N MET A 99 -12.60 3.53 6.99
CA MET A 99 -13.46 3.42 8.18
C MET A 99 -12.95 2.36 9.19
N PHE A 100 -12.22 1.36 8.70
CA PHE A 100 -11.48 0.37 9.50
C PHE A 100 -10.11 0.87 10.00
N MET A 101 -9.54 1.98 9.47
CA MET A 101 -8.20 2.44 9.86
C MET A 101 -8.16 3.14 11.22
N SER A 102 -7.07 2.93 11.94
CA SER A 102 -6.74 3.54 13.24
C SER A 102 -5.84 4.78 13.06
N GLU A 103 -5.59 5.55 14.12
CA GLU A 103 -4.64 6.67 14.10
C GLU A 103 -3.25 6.25 13.58
N THR A 104 -2.80 5.05 13.94
CA THR A 104 -1.50 4.49 13.54
C THR A 104 -1.39 4.23 12.04
N GLU A 105 -2.49 3.85 11.39
CA GLU A 105 -2.53 3.70 9.92
C GLU A 105 -2.69 5.06 9.23
N LYS A 106 -3.47 5.96 9.84
CA LYS A 106 -3.77 7.30 9.32
C LYS A 106 -2.56 8.24 9.34
N LYS A 107 -1.68 8.14 10.35
CA LYS A 107 -0.40 8.89 10.38
C LYS A 107 0.54 8.51 9.23
N ILE A 108 0.46 7.27 8.76
CA ILE A 108 1.22 6.79 7.59
C ILE A 108 0.58 7.30 6.30
N ALA A 109 -0.76 7.23 6.18
CA ALA A 109 -1.48 7.68 4.98
C ALA A 109 -1.22 9.16 4.69
N ARG A 110 -1.22 10.01 5.72
CA ARG A 110 -0.89 11.43 5.57
C ARG A 110 0.60 11.66 5.29
N ALA A 111 1.49 10.86 5.89
CA ALA A 111 2.93 10.99 5.70
C ALA A 111 3.37 10.70 4.26
N LEU A 112 2.64 9.83 3.53
CA LEU A 112 2.80 9.64 2.09
C LEU A 112 2.56 10.94 1.33
N PHE A 113 1.36 11.51 1.42
CA PHE A 113 1.03 12.76 0.74
C PHE A 113 1.98 13.90 1.15
N ASN A 114 2.39 13.94 2.42
CA ASN A 114 3.34 14.93 2.94
C ASN A 114 4.76 14.82 2.36
N HIS A 115 5.20 13.61 1.97
CA HIS A 115 6.44 13.40 1.21
C HIS A 115 6.27 13.73 -0.29
N ILE A 116 5.18 13.27 -0.90
CA ILE A 116 4.87 13.49 -2.32
C ILE A 116 4.86 14.99 -2.60
N ASP A 117 4.30 15.77 -1.68
CA ASP A 117 4.22 17.22 -1.74
C ASP A 117 5.60 17.87 -1.90
N LYS A 118 6.48 17.58 -0.93
CA LYS A 118 7.80 18.16 -0.85
C LYS A 118 8.78 17.65 -1.90
N SER A 119 8.37 16.61 -2.63
CA SER A 119 9.07 16.17 -3.84
C SER A 119 8.82 17.07 -5.07
N GLY A 120 7.83 17.96 -4.99
CA GLY A 120 7.43 18.90 -6.06
C GLY A 120 6.06 18.61 -6.69
N LEU A 121 5.26 17.69 -6.12
CA LEU A 121 3.95 17.29 -6.65
C LEU A 121 2.79 17.96 -5.89
N LYS A 122 2.19 18.96 -6.53
CA LYS A 122 1.07 19.77 -6.05
C LYS A 122 -0.03 19.76 -7.10
N ASP A 123 -1.06 18.98 -6.81
CA ASP A 123 -2.30 18.87 -7.60
C ASP A 123 -3.53 18.85 -6.67
N SER A 124 -4.70 19.31 -7.14
CA SER A 124 -5.94 19.28 -6.36
C SER A 124 -6.42 17.86 -6.04
N SER A 125 -5.96 16.84 -6.77
CA SER A 125 -6.18 15.44 -6.42
C SER A 125 -5.27 14.96 -5.27
N VAL A 126 -4.15 15.62 -4.96
CA VAL A 126 -3.34 15.29 -3.76
C VAL A 126 -4.15 15.58 -2.50
N GLU A 127 -4.72 16.78 -2.42
CA GLU A 127 -5.47 17.24 -1.25
C GLU A 127 -6.89 16.68 -1.17
N GLU A 128 -7.44 16.20 -2.29
CA GLU A 128 -8.66 15.39 -2.33
C GLU A 128 -8.41 13.95 -1.88
N LEU A 129 -7.32 13.31 -2.33
CA LEU A 129 -7.03 11.94 -1.96
C LEU A 129 -6.61 11.84 -0.51
N LYS A 130 -5.88 12.83 0.03
CA LYS A 130 -5.49 12.81 1.44
C LYS A 130 -6.71 12.86 2.37
N LYS A 131 -7.75 13.63 2.01
CA LYS A 131 -8.97 13.69 2.84
C LYS A 131 -9.77 12.39 2.76
N ARG A 132 -9.81 11.75 1.59
CA ARG A 132 -10.43 10.43 1.38
C ARG A 132 -9.79 9.33 2.22
N TYR A 133 -8.46 9.31 2.32
CA TYR A 133 -7.66 8.31 3.05
C TYR A 133 -7.65 8.52 4.56
N GLY A 134 -7.72 9.78 5.03
CA GLY A 134 -7.74 10.09 6.45
C GLY A 134 -7.33 11.53 6.78
N GLY A 135 -7.80 12.50 6.01
CA GLY A 135 -7.44 13.93 6.16
C GLY A 135 -8.62 14.87 6.25
N GLY A 1 20.88 -8.70 25.32
CA GLY A 1 21.55 -9.93 25.75
C GLY A 1 22.42 -10.49 24.64
N PRO A 2 22.23 -11.76 24.24
CA PRO A 2 22.99 -12.40 23.16
C PRO A 2 22.71 -11.78 21.79
N HIS A 3 23.56 -12.06 20.80
CA HIS A 3 23.29 -11.68 19.42
C HIS A 3 22.19 -12.55 18.77
N MET A 4 21.54 -11.99 17.74
CA MET A 4 20.42 -12.60 17.03
C MET A 4 20.72 -14.00 16.44
N ALA A 5 19.79 -14.93 16.62
CA ALA A 5 19.85 -16.30 16.11
C ALA A 5 19.55 -16.35 14.60
N GLN A 6 19.88 -17.47 13.93
CA GLN A 6 19.82 -17.57 12.47
C GLN A 6 18.39 -17.41 11.93
N PHE A 7 18.18 -16.41 11.07
CA PHE A 7 16.88 -16.17 10.41
C PHE A 7 16.63 -17.19 9.28
N ALA A 8 15.39 -17.70 9.20
CA ALA A 8 14.98 -18.67 8.19
C ALA A 8 14.84 -18.04 6.79
N THR A 9 15.04 -18.83 5.74
CA THR A 9 14.88 -18.40 4.34
C THR A 9 13.42 -18.01 4.01
N THR A 10 13.23 -17.09 3.08
CA THR A 10 11.94 -16.66 2.52
C THR A 10 12.05 -16.54 0.99
N VAL A 11 10.93 -16.50 0.27
CA VAL A 11 10.89 -16.42 -1.20
C VAL A 11 9.65 -15.62 -1.63
N LEU A 12 9.87 -14.74 -2.61
CA LEU A 12 8.86 -13.91 -3.23
C LEU A 12 7.95 -14.74 -4.15
N PRO A 13 6.63 -14.78 -3.87
CA PRO A 13 5.65 -15.40 -4.75
C PRO A 13 5.41 -14.56 -6.04
N PRO A 14 4.82 -15.17 -7.08
CA PRO A 14 4.46 -14.50 -8.32
C PRO A 14 3.25 -13.58 -8.15
N ILE A 15 2.91 -12.84 -9.20
CA ILE A 15 1.78 -11.93 -9.24
C ILE A 15 0.46 -12.73 -9.06
N PRO A 16 -0.45 -12.25 -8.19
CA PRO A 16 -1.74 -12.88 -7.91
C PRO A 16 -2.75 -12.68 -9.05
N ALA A 17 -3.78 -13.53 -9.11
CA ALA A 17 -4.83 -13.45 -10.13
C ALA A 17 -6.07 -12.68 -9.65
N ASN A 18 -6.29 -12.59 -8.34
CA ASN A 18 -7.34 -11.76 -7.75
C ASN A 18 -7.00 -11.24 -6.33
N SER A 19 -7.89 -10.41 -5.77
CA SER A 19 -7.80 -9.90 -4.40
C SER A 19 -7.61 -10.98 -3.36
N PHE A 20 -8.26 -12.15 -3.52
CA PHE A 20 -8.12 -13.25 -2.54
C PHE A 20 -6.73 -13.87 -2.56
N GLN A 21 -6.08 -13.85 -3.73
CA GLN A 21 -4.68 -14.29 -3.88
C GLN A 21 -3.68 -13.26 -3.34
N LEU A 22 -3.94 -11.96 -3.52
CA LEU A 22 -3.15 -10.84 -3.02
C LEU A 22 -3.17 -10.80 -1.48
N GLU A 23 -4.37 -10.77 -0.87
CA GLU A 23 -4.51 -10.68 0.58
C GLU A 23 -3.86 -11.87 1.31
N SER A 24 -3.77 -13.01 0.64
CA SER A 24 -3.11 -14.22 1.13
C SER A 24 -1.58 -14.06 1.18
N ASP A 25 -0.99 -13.37 0.20
CA ASP A 25 0.43 -13.06 0.17
C ASP A 25 0.77 -11.88 1.09
N PHE A 26 -0.16 -10.97 1.31
CA PHE A 26 0.00 -9.87 2.26
C PHE A 26 -0.06 -10.37 3.70
N ARG A 27 -1.01 -11.23 4.07
CA ARG A 27 -1.16 -11.70 5.47
C ARG A 27 -0.05 -12.63 5.90
N GLN A 28 0.60 -13.29 4.94
CA GLN A 28 1.74 -14.18 5.21
C GLN A 28 3.09 -13.44 5.25
N LEU A 29 3.22 -12.31 4.55
CA LEU A 29 4.45 -11.49 4.45
C LEU A 29 4.40 -10.19 5.27
N LYS A 30 3.33 -9.91 6.03
CA LYS A 30 3.14 -8.64 6.75
C LYS A 30 4.23 -8.35 7.80
N SER A 31 4.81 -9.44 8.32
CA SER A 31 5.95 -9.41 9.25
C SER A 31 7.32 -9.32 8.55
N SER A 32 7.34 -9.24 7.22
CA SER A 32 8.55 -9.15 6.37
C SER A 32 8.36 -8.07 5.29
N PRO A 33 8.16 -6.80 5.69
CA PRO A 33 7.87 -5.68 4.77
C PRO A 33 8.98 -5.46 3.73
N ASP A 34 10.20 -5.92 4.04
CA ASP A 34 11.35 -5.78 3.14
C ASP A 34 11.24 -6.68 1.89
N MET A 35 10.51 -7.79 1.98
CA MET A 35 10.13 -8.58 0.81
C MET A 35 8.78 -8.14 0.22
N LEU A 36 7.86 -7.61 1.03
CA LEU A 36 6.62 -7.01 0.50
C LEU A 36 6.89 -5.92 -0.54
N TYR A 37 7.91 -5.09 -0.35
CA TYR A 37 8.33 -4.11 -1.37
C TYR A 37 8.70 -4.77 -2.71
N GLN A 38 9.54 -5.80 -2.72
CA GLN A 38 9.93 -6.51 -3.95
C GLN A 38 8.77 -7.30 -4.56
N TYR A 39 7.86 -7.83 -3.74
CA TYR A 39 6.60 -8.43 -4.20
C TYR A 39 5.73 -7.40 -4.94
N LEU A 40 5.53 -6.20 -4.36
CA LEU A 40 4.80 -5.11 -4.99
C LEU A 40 5.48 -4.58 -6.25
N LYS A 41 6.81 -4.63 -6.32
CA LYS A 41 7.56 -4.19 -7.50
C LYS A 41 7.36 -5.06 -8.75
N GLN A 42 6.76 -6.23 -8.62
CA GLN A 42 6.27 -7.06 -9.74
C GLN A 42 4.92 -6.55 -10.27
N ILE A 43 4.07 -6.03 -9.38
CA ILE A 43 2.65 -5.76 -9.60
C ILE A 43 2.45 -4.33 -10.12
N GLU A 44 1.83 -4.21 -11.30
CA GLU A 44 1.57 -2.93 -11.96
C GLU A 44 0.28 -2.24 -11.47
N PRO A 45 0.19 -0.90 -11.50
CA PRO A 45 -1.03 -0.16 -11.13
C PRO A 45 -2.26 -0.53 -11.98
N SER A 46 -2.06 -1.07 -13.18
CA SER A 46 -3.12 -1.53 -14.08
C SER A 46 -3.82 -2.82 -13.60
N LEU A 47 -3.20 -3.55 -12.65
CA LEU A 47 -3.82 -4.70 -11.98
C LEU A 47 -4.61 -4.30 -10.74
N TYR A 48 -4.27 -3.21 -10.05
CA TYR A 48 -4.93 -2.79 -8.80
C TYR A 48 -6.46 -2.69 -8.89
N PRO A 49 -7.06 -2.00 -9.89
CA PRO A 49 -8.52 -1.89 -9.99
C PRO A 49 -9.19 -3.20 -10.43
N LYS A 50 -8.42 -4.14 -10.99
CA LYS A 50 -8.89 -5.45 -11.47
C LYS A 50 -8.84 -6.53 -10.39
N LEU A 51 -7.73 -6.64 -9.65
CA LEU A 51 -7.57 -7.59 -8.54
C LEU A 51 -8.67 -7.40 -7.51
N PHE A 52 -8.86 -6.15 -7.09
CA PHE A 52 -9.78 -5.72 -6.04
C PHE A 52 -11.19 -5.34 -6.53
N GLN A 53 -11.53 -5.68 -7.79
CA GLN A 53 -12.74 -5.19 -8.46
C GLN A 53 -14.05 -5.50 -7.73
N LYS A 54 -14.13 -6.62 -7.00
CA LYS A 54 -15.31 -6.97 -6.18
C LYS A 54 -15.14 -6.62 -4.71
N ASN A 55 -13.90 -6.61 -4.21
CA ASN A 55 -13.60 -6.43 -2.80
C ASN A 55 -12.12 -6.09 -2.58
N LEU A 56 -11.86 -4.96 -1.91
CA LEU A 56 -10.62 -4.68 -1.20
C LEU A 56 -10.69 -5.23 0.23
N ASP A 57 -9.55 -5.62 0.81
CA ASP A 57 -9.48 -5.99 2.22
C ASP A 57 -9.08 -4.80 3.11
N PRO A 58 -9.72 -4.61 4.28
CA PRO A 58 -9.42 -3.47 5.15
C PRO A 58 -8.01 -3.52 5.74
N ASP A 59 -7.45 -4.71 5.91
CA ASP A 59 -6.08 -4.90 6.39
C ASP A 59 -5.05 -4.76 5.25
N VAL A 60 -5.44 -5.09 4.00
CA VAL A 60 -4.55 -4.93 2.83
C VAL A 60 -4.37 -3.46 2.50
N PHE A 61 -5.46 -2.70 2.57
CA PHE A 61 -5.43 -1.23 2.41
C PHE A 61 -4.34 -0.56 3.25
N ASN A 62 -4.29 -0.80 4.57
CA ASN A 62 -3.24 -0.21 5.41
C ASN A 62 -1.86 -0.84 5.18
N GLN A 63 -1.77 -2.11 4.77
CA GLN A 63 -0.50 -2.71 4.39
C GLN A 63 0.12 -2.07 3.14
N ILE A 64 -0.66 -1.81 2.07
CA ILE A 64 -0.16 -1.10 0.87
C ILE A 64 0.44 0.26 1.28
N VAL A 65 -0.30 1.04 2.09
CA VAL A 65 0.12 2.36 2.62
C VAL A 65 1.41 2.25 3.45
N LYS A 66 1.47 1.27 4.33
CA LYS A 66 2.59 0.95 5.24
C LYS A 66 3.86 0.49 4.52
N ILE A 67 3.77 -0.14 3.36
CA ILE A 67 4.92 -0.41 2.49
C ILE A 67 5.31 0.80 1.65
N LEU A 68 4.34 1.53 1.07
CA LEU A 68 4.65 2.79 0.37
C LEU A 68 5.50 3.74 1.26
N HIS A 69 5.18 3.77 2.57
CA HIS A 69 5.75 4.67 3.58
C HIS A 69 7.26 4.58 3.77
N ASP A 70 7.83 3.38 3.77
CA ASP A 70 9.25 3.17 4.12
C ASP A 70 10.04 2.48 3.00
N PHE A 71 9.47 2.38 1.80
CA PHE A 71 10.06 1.70 0.67
C PHE A 71 9.80 2.45 -0.62
N TYR A 72 8.58 2.90 -0.94
CA TYR A 72 8.45 3.61 -2.22
C TYR A 72 8.95 5.06 -2.08
N ILE A 73 8.93 5.60 -0.87
CA ILE A 73 9.51 6.90 -0.51
C ILE A 73 11.05 6.88 -0.51
N GLU A 74 11.66 5.74 -0.17
CA GLU A 74 13.12 5.61 -0.06
C GLU A 74 13.77 5.04 -1.32
N LYS A 75 13.05 4.18 -2.05
CA LYS A 75 13.56 3.28 -3.11
C LYS A 75 12.92 3.51 -4.48
N GLU A 76 11.68 4.00 -4.53
CA GLU A 76 10.99 4.42 -5.77
C GLU A 76 10.78 5.95 -5.88
N LYS A 77 10.13 6.40 -6.96
CA LYS A 77 9.83 7.82 -7.25
C LYS A 77 8.57 8.30 -6.52
N PRO A 78 8.47 9.61 -6.19
CA PRO A 78 7.33 10.18 -5.47
C PRO A 78 6.02 10.10 -6.29
N LEU A 79 6.15 10.08 -7.63
CA LEU A 79 5.02 9.87 -8.54
C LEU A 79 4.35 8.51 -8.29
N LEU A 80 5.15 7.46 -8.06
CA LEU A 80 4.65 6.09 -8.01
C LEU A 80 3.67 5.89 -6.84
N ILE A 81 4.02 6.34 -5.64
CA ILE A 81 3.13 6.34 -4.45
C ILE A 81 1.79 7.00 -4.81
N PHE A 82 1.82 8.19 -5.42
CA PHE A 82 0.59 8.90 -5.79
C PHE A 82 -0.26 8.15 -6.82
N GLU A 83 0.35 7.43 -7.75
CA GLU A 83 -0.35 6.58 -8.73
C GLU A 83 -0.98 5.35 -8.05
N ILE A 84 -0.24 4.62 -7.21
CA ILE A 84 -0.76 3.45 -6.45
C ILE A 84 -1.99 3.83 -5.60
N LEU A 85 -1.90 4.93 -4.85
CA LEU A 85 -2.97 5.40 -3.97
C LEU A 85 -4.23 5.79 -4.75
N GLN A 86 -4.03 6.36 -5.94
CA GLN A 86 -5.10 6.72 -6.85
C GLN A 86 -5.83 5.48 -7.39
N ARG A 87 -5.14 4.41 -7.83
CA ARG A 87 -5.83 3.19 -8.30
C ARG A 87 -6.77 2.60 -7.25
N LEU A 88 -6.30 2.51 -6.00
CA LEU A 88 -7.12 2.07 -4.87
C LEU A 88 -8.36 2.94 -4.62
N SER A 89 -8.27 4.24 -4.88
CA SER A 89 -9.39 5.17 -4.65
C SER A 89 -10.59 4.99 -5.59
N GLU A 90 -10.47 4.19 -6.66
CA GLU A 90 -11.57 3.88 -7.59
C GLU A 90 -12.40 2.66 -7.13
N LEU A 91 -12.01 2.03 -6.01
CA LEU A 91 -12.56 0.75 -5.57
C LEU A 91 -13.88 0.88 -4.77
N LYS A 92 -14.72 -0.15 -4.81
CA LYS A 92 -16.02 -0.18 -4.14
C LYS A 92 -15.96 -0.33 -2.63
N ARG A 93 -14.91 -0.99 -2.12
CA ARG A 93 -14.63 -1.19 -0.70
C ARG A 93 -13.56 -0.27 -0.11
N PHE A 94 -13.10 0.75 -0.85
CA PHE A 94 -12.01 1.61 -0.36
C PHE A 94 -12.41 2.34 0.93
N ASP A 95 -13.65 2.83 0.99
CA ASP A 95 -14.15 3.67 2.09
C ASP A 95 -14.43 2.84 3.36
N MET A 96 -14.88 1.59 3.21
CA MET A 96 -14.99 0.65 4.33
C MET A 96 -13.63 0.15 4.84
N ALA A 97 -12.55 0.27 4.05
CA ALA A 97 -11.19 0.05 4.52
C ALA A 97 -10.62 1.25 5.30
N VAL A 98 -10.91 2.48 4.86
CA VAL A 98 -10.60 3.73 5.58
C VAL A 98 -11.36 3.83 6.91
N MET A 99 -12.60 3.32 6.95
CA MET A 99 -13.42 3.17 8.16
C MET A 99 -12.79 2.29 9.24
N PHE A 100 -11.96 1.31 8.85
CA PHE A 100 -11.25 0.42 9.78
C PHE A 100 -9.93 0.99 10.31
N MET A 101 -9.28 1.94 9.63
CA MET A 101 -7.91 2.38 9.97
C MET A 101 -7.83 3.02 11.36
N SER A 102 -6.70 2.80 12.04
CA SER A 102 -6.38 3.42 13.33
C SER A 102 -5.70 4.78 13.17
N GLU A 103 -5.50 5.52 14.26
CA GLU A 103 -4.64 6.72 14.29
C GLU A 103 -3.18 6.37 13.92
N THR A 104 -2.72 5.18 14.29
CA THR A 104 -1.38 4.65 13.95
C THR A 104 -1.24 4.30 12.45
N GLU A 105 -2.31 3.87 11.76
CA GLU A 105 -2.31 3.75 10.29
C GLU A 105 -2.49 5.12 9.60
N LYS A 106 -3.35 5.99 10.14
CA LYS A 106 -3.68 7.30 9.55
C LYS A 106 -2.50 8.26 9.51
N LYS A 107 -1.61 8.22 10.51
CA LYS A 107 -0.34 8.98 10.49
C LYS A 107 0.63 8.53 9.39
N ILE A 108 0.54 7.28 8.96
CA ILE A 108 1.29 6.76 7.80
C ILE A 108 0.72 7.34 6.50
N ALA A 109 -0.61 7.32 6.35
CA ALA A 109 -1.28 7.80 5.14
C ALA A 109 -0.96 9.28 4.86
N ARG A 110 -0.97 10.13 5.90
CA ARG A 110 -0.60 11.55 5.76
C ARG A 110 0.87 11.75 5.41
N ALA A 111 1.76 10.91 5.94
CA ALA A 111 3.20 11.02 5.68
C ALA A 111 3.56 10.71 4.22
N LEU A 112 2.73 9.92 3.52
CA LEU A 112 2.80 9.75 2.06
C LEU A 112 2.52 11.07 1.36
N PHE A 113 1.34 11.65 1.57
CA PHE A 113 0.96 12.92 0.93
C PHE A 113 1.92 14.07 1.28
N ASN A 114 2.56 14.03 2.45
CA ASN A 114 3.60 14.99 2.84
C ASN A 114 4.89 14.84 2.02
N HIS A 115 5.35 13.60 1.75
CA HIS A 115 6.50 13.34 0.88
C HIS A 115 6.22 13.65 -0.60
N ILE A 116 5.00 13.35 -1.06
CA ILE A 116 4.56 13.59 -2.43
C ILE A 116 4.52 15.10 -2.70
N ASP A 117 3.94 15.87 -1.77
CA ASP A 117 3.78 17.32 -1.89
C ASP A 117 5.13 18.03 -2.00
N LYS A 118 6.00 17.77 -1.02
CA LYS A 118 7.34 18.37 -0.94
C LYS A 118 8.28 17.93 -2.07
N SER A 119 7.94 16.85 -2.77
CA SER A 119 8.70 16.42 -3.96
C SER A 119 8.55 17.38 -5.16
N GLY A 120 7.52 18.24 -5.14
CA GLY A 120 7.14 19.13 -6.24
C GLY A 120 5.79 18.82 -6.88
N LEU A 121 5.03 17.85 -6.37
CA LEU A 121 3.69 17.51 -6.89
C LEU A 121 2.61 18.37 -6.20
N LYS A 122 2.06 19.34 -6.95
CA LYS A 122 1.08 20.33 -6.47
C LYS A 122 -0.16 20.38 -7.36
N ASP A 123 -0.93 19.30 -7.34
CA ASP A 123 -2.22 19.20 -8.02
C ASP A 123 -3.37 19.21 -7.01
N SER A 124 -4.53 19.77 -7.37
CA SER A 124 -5.72 19.76 -6.50
C SER A 124 -6.23 18.34 -6.19
N SER A 125 -5.84 17.36 -7.01
CA SER A 125 -6.07 15.93 -6.78
C SER A 125 -5.23 15.37 -5.63
N VAL A 126 -4.07 15.98 -5.31
CA VAL A 126 -3.23 15.55 -4.18
C VAL A 126 -3.97 15.76 -2.86
N GLU A 127 -4.57 16.94 -2.69
CA GLU A 127 -5.35 17.25 -1.48
C GLU A 127 -6.73 16.59 -1.46
N GLU A 128 -7.33 16.28 -2.61
CA GLU A 128 -8.55 15.47 -2.69
C GLU A 128 -8.31 14.00 -2.34
N LEU A 129 -7.17 13.45 -2.74
CA LEU A 129 -6.84 12.05 -2.50
C LEU A 129 -6.41 11.85 -1.05
N LYS A 130 -5.76 12.84 -0.41
CA LYS A 130 -5.40 12.74 1.02
C LYS A 130 -6.63 12.66 1.92
N LYS A 131 -7.73 13.33 1.54
CA LYS A 131 -8.95 13.34 2.36
C LYS A 131 -9.77 12.05 2.26
N ARG A 132 -9.68 11.36 1.11
CA ARG A 132 -10.20 9.99 0.92
C ARG A 132 -9.56 8.98 1.87
N TYR A 133 -8.27 9.14 2.19
CA TYR A 133 -7.49 8.25 3.05
C TYR A 133 -7.53 8.63 4.54
N GLY A 134 -7.66 9.92 4.87
CA GLY A 134 -7.69 10.34 6.28
C GLY A 134 -7.88 11.83 6.57
N GLY A 135 -8.50 12.58 5.66
CA GLY A 135 -8.89 14.00 5.83
C GLY A 135 -7.76 15.02 5.92
N GLY A 1 18.31 -3.00 25.44
CA GLY A 1 17.08 -3.64 25.91
C GLY A 1 16.98 -5.01 25.28
N PRO A 2 15.82 -5.40 24.71
CA PRO A 2 15.66 -6.70 24.04
C PRO A 2 16.55 -6.86 22.81
N HIS A 3 16.85 -8.10 22.43
CA HIS A 3 17.72 -8.46 21.31
C HIS A 3 16.94 -9.05 20.12
N MET A 4 17.28 -8.68 18.88
CA MET A 4 16.57 -9.17 17.69
C MET A 4 17.01 -10.60 17.31
N ALA A 5 16.04 -11.50 17.09
CA ALA A 5 16.27 -12.85 16.58
C ALA A 5 16.65 -12.85 15.09
N GLN A 6 17.41 -13.85 14.64
CA GLN A 6 17.69 -14.06 13.21
C GLN A 6 16.39 -14.15 12.41
N PHE A 7 16.34 -13.45 11.27
CA PHE A 7 15.22 -13.47 10.35
C PHE A 7 15.19 -14.75 9.50
N ALA A 8 14.00 -15.21 9.11
CA ALA A 8 13.82 -16.41 8.30
C ALA A 8 14.48 -16.32 6.92
N THR A 9 14.83 -17.48 6.34
CA THR A 9 15.08 -17.61 4.91
C THR A 9 13.72 -17.64 4.20
N THR A 10 13.53 -16.79 3.19
CA THR A 10 12.23 -16.57 2.53
C THR A 10 12.37 -16.42 1.02
N VAL A 11 11.28 -16.58 0.28
CA VAL A 11 11.21 -16.48 -1.18
C VAL A 11 9.95 -15.70 -1.56
N LEU A 12 10.12 -14.76 -2.47
CA LEU A 12 9.08 -13.93 -3.05
C LEU A 12 8.09 -14.76 -3.88
N PRO A 13 6.79 -14.77 -3.53
CA PRO A 13 5.74 -15.39 -4.33
C PRO A 13 5.44 -14.57 -5.61
N PRO A 14 4.89 -15.21 -6.67
CA PRO A 14 4.58 -14.56 -7.93
C PRO A 14 3.35 -13.64 -7.84
N ILE A 15 3.09 -12.89 -8.92
CA ILE A 15 2.02 -11.87 -8.99
C ILE A 15 0.64 -12.52 -8.73
N PRO A 16 -0.23 -11.89 -7.94
CA PRO A 16 -1.58 -12.38 -7.66
C PRO A 16 -2.49 -12.32 -8.90
N ALA A 17 -3.50 -13.19 -8.97
CA ALA A 17 -4.49 -13.19 -10.05
C ALA A 17 -5.73 -12.33 -9.71
N ASN A 18 -6.07 -12.28 -8.42
CA ASN A 18 -7.15 -11.50 -7.82
C ASN A 18 -6.86 -11.22 -6.33
N SER A 19 -7.64 -10.36 -5.67
CA SER A 19 -7.49 -9.98 -4.25
C SER A 19 -7.23 -11.16 -3.30
N PHE A 20 -7.91 -12.29 -3.51
CA PHE A 20 -7.80 -13.48 -2.65
C PHE A 20 -6.39 -14.12 -2.64
N GLN A 21 -5.62 -13.94 -3.72
CA GLN A 21 -4.22 -14.34 -3.84
C GLN A 21 -3.29 -13.30 -3.19
N LEU A 22 -3.62 -12.01 -3.34
CA LEU A 22 -2.87 -10.88 -2.80
C LEU A 22 -2.93 -10.86 -1.27
N GLU A 23 -4.14 -10.90 -0.69
CA GLU A 23 -4.31 -10.92 0.76
C GLU A 23 -3.67 -12.16 1.40
N SER A 24 -3.62 -13.28 0.66
CA SER A 24 -2.93 -14.49 1.11
C SER A 24 -1.42 -14.29 1.25
N ASP A 25 -0.84 -13.52 0.33
CA ASP A 25 0.58 -13.16 0.36
C ASP A 25 0.85 -12.02 1.36
N PHE A 26 -0.08 -11.07 1.51
CA PHE A 26 0.03 -9.97 2.47
C PHE A 26 -0.05 -10.47 3.90
N ARG A 27 -0.99 -11.38 4.23
CA ARG A 27 -1.17 -11.86 5.59
C ARG A 27 -0.04 -12.78 6.02
N GLN A 28 0.69 -13.36 5.06
CA GLN A 28 1.88 -14.17 5.36
C GLN A 28 3.17 -13.34 5.45
N LEU A 29 3.31 -12.32 4.60
CA LEU A 29 4.50 -11.45 4.54
C LEU A 29 4.34 -10.16 5.37
N LYS A 30 3.30 -10.06 6.21
CA LYS A 30 2.93 -8.85 6.98
C LYS A 30 4.05 -8.36 7.89
N SER A 31 4.79 -9.28 8.49
CA SER A 31 5.97 -8.99 9.32
C SER A 31 7.27 -9.09 8.53
N SER A 32 7.18 -9.07 7.20
CA SER A 32 8.29 -9.12 6.25
C SER A 32 8.16 -7.98 5.23
N PRO A 33 8.02 -6.73 5.69
CA PRO A 33 7.77 -5.58 4.83
C PRO A 33 8.89 -5.32 3.82
N ASP A 34 10.11 -5.79 4.14
CA ASP A 34 11.30 -5.59 3.32
C ASP A 34 11.33 -6.54 2.11
N MET A 35 10.64 -7.68 2.19
CA MET A 35 10.32 -8.49 1.02
C MET A 35 8.99 -8.10 0.37
N LEU A 36 8.02 -7.58 1.14
CA LEU A 36 6.77 -7.06 0.57
C LEU A 36 7.02 -5.97 -0.49
N TYR A 37 8.02 -5.10 -0.31
CA TYR A 37 8.41 -4.14 -1.35
C TYR A 37 8.82 -4.83 -2.68
N GLN A 38 9.64 -5.88 -2.64
CA GLN A 38 10.04 -6.62 -3.84
C GLN A 38 8.88 -7.45 -4.43
N TYR A 39 7.96 -7.92 -3.60
CA TYR A 39 6.69 -8.54 -4.03
C TYR A 39 5.81 -7.53 -4.78
N LEU A 40 5.66 -6.30 -4.25
CA LEU A 40 4.88 -5.22 -4.86
C LEU A 40 5.55 -4.63 -6.09
N LYS A 41 6.88 -4.68 -6.18
CA LYS A 41 7.63 -4.27 -7.37
C LYS A 41 7.22 -5.08 -8.61
N GLN A 42 6.77 -6.32 -8.44
CA GLN A 42 6.19 -7.14 -9.52
C GLN A 42 4.81 -6.63 -10.00
N ILE A 43 4.04 -6.02 -9.10
CA ILE A 43 2.63 -5.66 -9.28
C ILE A 43 2.50 -4.21 -9.77
N GLU A 44 2.15 -4.04 -11.04
CA GLU A 44 1.96 -2.72 -11.67
C GLU A 44 0.60 -2.07 -11.30
N PRO A 45 0.47 -0.74 -11.33
CA PRO A 45 -0.77 -0.02 -11.00
C PRO A 45 -1.96 -0.40 -11.89
N SER A 46 -1.75 -0.93 -13.10
CA SER A 46 -2.89 -1.35 -13.94
C SER A 46 -3.52 -2.67 -13.49
N LEU A 47 -2.86 -3.42 -12.60
CA LEU A 47 -3.46 -4.60 -11.93
C LEU A 47 -4.31 -4.20 -10.71
N TYR A 48 -3.98 -3.12 -10.01
CA TYR A 48 -4.68 -2.69 -8.78
C TYR A 48 -6.21 -2.57 -8.92
N PRO A 49 -6.76 -1.87 -9.94
CA PRO A 49 -8.21 -1.74 -10.08
C PRO A 49 -8.88 -3.07 -10.49
N LYS A 50 -8.11 -4.02 -11.04
CA LYS A 50 -8.58 -5.35 -11.46
C LYS A 50 -8.60 -6.35 -10.30
N LEU A 51 -7.49 -6.48 -9.58
CA LEU A 51 -7.34 -7.41 -8.45
C LEU A 51 -8.45 -7.24 -7.41
N PHE A 52 -8.75 -5.98 -7.10
CA PHE A 52 -9.72 -5.54 -6.10
C PHE A 52 -11.07 -5.13 -6.71
N GLN A 53 -11.35 -5.50 -7.96
CA GLN A 53 -12.52 -4.99 -8.69
C GLN A 53 -13.85 -5.32 -8.00
N LYS A 54 -13.99 -6.50 -7.39
CA LYS A 54 -15.21 -6.90 -6.67
C LYS A 54 -15.21 -6.47 -5.19
N ASN A 55 -14.03 -6.40 -4.57
CA ASN A 55 -13.82 -5.87 -3.22
C ASN A 55 -12.34 -5.58 -2.92
N LEU A 56 -12.10 -4.66 -1.98
CA LEU A 56 -10.84 -4.52 -1.23
C LEU A 56 -10.94 -5.25 0.13
N ASP A 57 -9.83 -5.35 0.86
CA ASP A 57 -9.79 -5.72 2.27
C ASP A 57 -9.20 -4.60 3.14
N PRO A 58 -9.73 -4.31 4.34
CA PRO A 58 -9.13 -3.32 5.24
C PRO A 58 -7.74 -3.76 5.75
N ASP A 59 -7.51 -5.07 5.86
CA ASP A 59 -6.25 -5.66 6.29
C ASP A 59 -5.19 -5.59 5.18
N VAL A 60 -5.63 -5.40 3.92
CA VAL A 60 -4.76 -5.12 2.77
C VAL A 60 -4.53 -3.62 2.58
N PHE A 61 -5.58 -2.79 2.59
CA PHE A 61 -5.50 -1.33 2.40
C PHE A 61 -4.41 -0.68 3.26
N ASN A 62 -4.39 -0.94 4.57
CA ASN A 62 -3.39 -0.37 5.47
C ASN A 62 -1.98 -0.92 5.19
N GLN A 63 -1.86 -2.19 4.77
CA GLN A 63 -0.58 -2.79 4.41
C GLN A 63 0.02 -2.18 3.14
N ILE A 64 -0.77 -1.93 2.08
CA ILE A 64 -0.27 -1.26 0.86
C ILE A 64 0.34 0.10 1.23
N VAL A 65 -0.41 0.91 2.00
CA VAL A 65 0.01 2.25 2.47
C VAL A 65 1.32 2.17 3.26
N LYS A 66 1.40 1.19 4.15
CA LYS A 66 2.56 0.87 5.01
C LYS A 66 3.80 0.37 4.26
N ILE A 67 3.67 -0.23 3.08
CA ILE A 67 4.81 -0.55 2.19
C ILE A 67 5.20 0.63 1.29
N LEU A 68 4.24 1.42 0.81
CA LEU A 68 4.58 2.71 0.19
C LEU A 68 5.43 3.58 1.15
N HIS A 69 5.09 3.57 2.44
CA HIS A 69 5.67 4.43 3.47
C HIS A 69 7.18 4.26 3.67
N ASP A 70 7.65 3.01 3.67
CA ASP A 70 9.03 2.71 4.12
C ASP A 70 9.96 2.28 2.98
N PHE A 71 9.45 2.23 1.75
CA PHE A 71 10.11 1.62 0.63
C PHE A 71 9.82 2.39 -0.65
N TYR A 72 8.57 2.79 -0.97
CA TYR A 72 8.43 3.51 -2.24
C TYR A 72 8.95 4.95 -2.09
N ILE A 73 8.91 5.52 -0.88
CA ILE A 73 9.44 6.86 -0.61
C ILE A 73 10.97 6.91 -0.75
N GLU A 74 11.66 5.81 -0.42
CA GLU A 74 13.12 5.71 -0.44
C GLU A 74 13.69 5.08 -1.73
N LYS A 75 12.99 4.08 -2.30
CA LYS A 75 13.45 3.19 -3.37
C LYS A 75 12.83 3.50 -4.75
N GLU A 76 11.58 3.98 -4.77
CA GLU A 76 10.87 4.41 -5.99
C GLU A 76 10.69 5.94 -6.09
N LYS A 77 9.98 6.38 -7.14
CA LYS A 77 9.66 7.78 -7.43
C LYS A 77 8.46 8.28 -6.61
N PRO A 78 8.38 9.59 -6.29
CA PRO A 78 7.25 10.17 -5.55
C PRO A 78 5.92 10.09 -6.31
N LEU A 79 5.99 10.10 -7.65
CA LEU A 79 4.83 9.96 -8.53
C LEU A 79 4.19 8.56 -8.42
N LEU A 80 4.98 7.52 -8.14
CA LEU A 80 4.50 6.12 -8.08
C LEU A 80 3.47 5.97 -6.95
N ILE A 81 3.82 6.37 -5.73
CA ILE A 81 2.97 6.33 -4.52
C ILE A 81 1.65 7.05 -4.83
N PHE A 82 1.70 8.27 -5.38
CA PHE A 82 0.50 9.03 -5.72
C PHE A 82 -0.43 8.27 -6.70
N GLU A 83 0.13 7.59 -7.70
CA GLU A 83 -0.66 6.81 -8.65
C GLU A 83 -1.20 5.51 -8.04
N ILE A 84 -0.43 4.76 -7.23
CA ILE A 84 -0.92 3.59 -6.47
C ILE A 84 -2.14 3.98 -5.60
N LEU A 85 -2.03 5.09 -4.86
CA LEU A 85 -3.10 5.57 -3.98
C LEU A 85 -4.36 5.97 -4.78
N GLN A 86 -4.17 6.56 -5.97
CA GLN A 86 -5.23 6.86 -6.91
C GLN A 86 -5.95 5.59 -7.39
N ARG A 87 -5.26 4.51 -7.79
CA ARG A 87 -5.92 3.26 -8.21
C ARG A 87 -6.82 2.68 -7.13
N LEU A 88 -6.32 2.62 -5.89
CA LEU A 88 -7.12 2.19 -4.73
C LEU A 88 -8.33 3.08 -4.45
N SER A 89 -8.25 4.39 -4.72
CA SER A 89 -9.37 5.31 -4.47
C SER A 89 -10.60 5.06 -5.34
N GLU A 90 -10.45 4.41 -6.50
CA GLU A 90 -11.56 4.07 -7.41
C GLU A 90 -12.20 2.71 -7.05
N LEU A 91 -11.81 2.11 -5.92
CA LEU A 91 -12.37 0.86 -5.41
C LEU A 91 -13.62 1.12 -4.56
N LYS A 92 -14.61 0.23 -4.66
CA LYS A 92 -15.93 0.42 -4.03
C LYS A 92 -15.95 0.18 -2.52
N ARG A 93 -14.95 -0.53 -1.99
CA ARG A 93 -14.68 -0.68 -0.54
C ARG A 93 -13.53 0.18 0.03
N PHE A 94 -12.98 1.14 -0.73
CA PHE A 94 -11.85 1.95 -0.21
C PHE A 94 -12.25 2.79 1.02
N ASP A 95 -13.45 3.37 1.01
CA ASP A 95 -13.93 4.29 2.05
C ASP A 95 -14.33 3.54 3.33
N MET A 96 -14.83 2.29 3.15
CA MET A 96 -14.96 1.28 4.22
C MET A 96 -13.60 0.88 4.80
N ALA A 97 -12.53 0.82 4.00
CA ALA A 97 -11.19 0.51 4.49
C ALA A 97 -10.60 1.66 5.33
N VAL A 98 -10.83 2.92 4.93
CA VAL A 98 -10.47 4.11 5.72
C VAL A 98 -11.27 4.18 7.03
N MET A 99 -12.52 3.71 7.04
CA MET A 99 -13.33 3.57 8.25
C MET A 99 -12.83 2.45 9.20
N PHE A 100 -12.21 1.40 8.65
CA PHE A 100 -11.50 0.35 9.39
C PHE A 100 -10.05 0.71 9.79
N MET A 101 -9.46 1.78 9.24
CA MET A 101 -8.12 2.23 9.62
C MET A 101 -8.11 2.85 11.01
N SER A 102 -7.03 2.57 11.75
CA SER A 102 -6.76 3.11 13.08
C SER A 102 -5.80 4.28 13.00
N GLU A 103 -5.74 5.10 14.05
CA GLU A 103 -4.76 6.19 14.28
C GLU A 103 -3.32 5.86 13.84
N THR A 104 -2.84 4.65 14.15
CA THR A 104 -1.51 4.13 13.78
C THR A 104 -1.31 3.99 12.27
N GLU A 105 -2.36 3.63 11.54
CA GLU A 105 -2.34 3.48 10.08
C GLU A 105 -2.60 4.82 9.37
N LYS A 106 -3.43 5.69 9.95
CA LYS A 106 -3.78 7.02 9.43
C LYS A 106 -2.56 7.96 9.34
N LYS A 107 -1.70 7.97 10.36
CA LYS A 107 -0.44 8.74 10.39
C LYS A 107 0.57 8.35 9.30
N ILE A 108 0.44 7.13 8.77
CA ILE A 108 1.21 6.62 7.64
C ILE A 108 0.63 7.15 6.32
N ALA A 109 -0.70 7.10 6.15
CA ALA A 109 -1.36 7.61 4.95
C ALA A 109 -1.02 9.09 4.69
N ARG A 110 -1.05 9.93 5.74
CA ARG A 110 -0.69 11.36 5.61
C ARG A 110 0.79 11.56 5.32
N ALA A 111 1.66 10.70 5.87
CA ALA A 111 3.10 10.73 5.57
C ALA A 111 3.43 10.44 4.10
N LEU A 112 2.58 9.69 3.38
CA LEU A 112 2.68 9.56 1.92
C LEU A 112 2.38 10.90 1.24
N PHE A 113 1.21 11.49 1.47
CA PHE A 113 0.84 12.78 0.86
C PHE A 113 1.80 13.91 1.27
N ASN A 114 2.43 13.85 2.44
CA ASN A 114 3.48 14.79 2.87
C ASN A 114 4.78 14.64 2.05
N HIS A 115 5.19 13.41 1.72
CA HIS A 115 6.35 13.16 0.84
C HIS A 115 6.06 13.56 -0.62
N ILE A 116 4.84 13.30 -1.08
CA ILE A 116 4.41 13.63 -2.44
C ILE A 116 4.40 15.15 -2.63
N ASP A 117 3.90 15.89 -1.62
CA ASP A 117 3.81 17.35 -1.62
C ASP A 117 5.19 18.01 -1.76
N LYS A 118 6.09 17.66 -0.83
CA LYS A 118 7.47 18.17 -0.81
C LYS A 118 8.26 17.79 -2.05
N SER A 119 7.83 16.72 -2.74
CA SER A 119 8.41 16.29 -4.03
C SER A 119 7.91 17.10 -5.24
N GLY A 120 7.16 18.18 -5.00
CA GLY A 120 6.77 19.16 -6.01
C GLY A 120 5.41 18.88 -6.66
N LEU A 121 4.60 18.01 -6.04
CA LEU A 121 3.31 17.57 -6.58
C LEU A 121 2.16 18.33 -5.92
N LYS A 122 1.63 19.31 -6.67
CA LYS A 122 0.69 20.34 -6.20
C LYS A 122 -0.48 20.51 -7.17
N ASP A 123 -1.36 19.52 -7.20
CA ASP A 123 -2.65 19.57 -7.90
C ASP A 123 -3.80 19.53 -6.89
N SER A 124 -4.98 20.05 -7.24
CA SER A 124 -6.19 19.91 -6.40
C SER A 124 -6.56 18.43 -6.15
N SER A 125 -6.13 17.52 -7.02
CA SER A 125 -6.28 16.06 -6.87
C SER A 125 -5.42 15.47 -5.75
N VAL A 126 -4.28 16.09 -5.41
CA VAL A 126 -3.39 15.62 -4.34
C VAL A 126 -4.07 15.80 -2.98
N GLU A 127 -4.64 16.98 -2.75
CA GLU A 127 -5.40 17.27 -1.53
C GLU A 127 -6.77 16.59 -1.50
N GLU A 128 -7.39 16.34 -2.65
CA GLU A 128 -8.62 15.54 -2.75
C GLU A 128 -8.39 14.08 -2.33
N LEU A 129 -7.25 13.50 -2.69
CA LEU A 129 -6.90 12.12 -2.31
C LEU A 129 -6.43 12.03 -0.86
N LYS A 130 -5.73 13.06 -0.35
CA LYS A 130 -5.31 13.08 1.05
C LYS A 130 -6.50 13.16 2.01
N LYS A 131 -7.59 13.83 1.63
CA LYS A 131 -8.80 13.90 2.45
C LYS A 131 -9.58 12.58 2.44
N ARG A 132 -9.59 11.87 1.30
CA ARG A 132 -10.20 10.54 1.14
C ARG A 132 -9.59 9.48 2.07
N TYR A 133 -8.26 9.46 2.23
CA TYR A 133 -7.55 8.55 3.14
C TYR A 133 -7.42 9.05 4.59
N GLY A 134 -7.31 10.37 4.80
CA GLY A 134 -6.87 10.91 6.09
C GLY A 134 -7.15 12.40 6.34
N GLY A 135 -8.17 12.95 5.67
CA GLY A 135 -8.79 14.23 6.02
C GLY A 135 -9.58 14.13 7.33
N GLY A 1 21.16 -6.47 26.74
CA GLY A 1 19.91 -6.28 25.98
C GLY A 1 19.57 -7.55 25.20
N PRO A 2 18.70 -7.43 24.19
CA PRO A 2 18.39 -8.48 23.22
C PRO A 2 19.09 -8.27 21.87
N HIS A 3 19.35 -9.35 21.12
CA HIS A 3 19.62 -9.33 19.68
C HIS A 3 18.34 -9.63 18.90
N MET A 4 18.35 -9.49 17.56
CA MET A 4 17.18 -9.81 16.74
C MET A 4 16.94 -11.34 16.65
N ALA A 5 15.68 -11.72 16.50
CA ALA A 5 15.27 -13.10 16.21
C ALA A 5 15.33 -13.42 14.70
N GLN A 6 15.21 -14.71 14.37
CA GLN A 6 15.07 -15.15 12.98
C GLN A 6 13.72 -14.70 12.38
N PHE A 7 13.71 -14.43 11.08
CA PHE A 7 12.57 -13.89 10.33
C PHE A 7 11.37 -14.85 10.27
N ALA A 8 10.17 -14.31 9.99
CA ALA A 8 8.99 -15.12 9.69
C ALA A 8 9.19 -15.96 8.41
N THR A 9 8.58 -17.15 8.34
CA THR A 9 8.89 -18.16 7.29
C THR A 9 8.25 -17.82 5.94
N THR A 10 9.08 -17.37 4.99
CA THR A 10 8.61 -16.77 3.72
C THR A 10 9.49 -17.09 2.50
N VAL A 11 8.97 -16.81 1.30
CA VAL A 11 9.69 -16.73 0.02
C VAL A 11 8.87 -15.83 -0.93
N LEU A 12 9.50 -14.93 -1.69
CA LEU A 12 8.78 -14.01 -2.60
C LEU A 12 7.85 -14.77 -3.58
N PRO A 13 6.53 -14.54 -3.50
CA PRO A 13 5.56 -15.12 -4.42
C PRO A 13 5.44 -14.33 -5.75
N PRO A 14 4.91 -14.95 -6.82
CA PRO A 14 4.66 -14.28 -8.10
C PRO A 14 3.42 -13.39 -8.07
N ILE A 15 3.21 -12.63 -9.15
CA ILE A 15 2.06 -11.73 -9.30
C ILE A 15 0.72 -12.51 -9.16
N PRO A 16 -0.24 -12.00 -8.35
CA PRO A 16 -1.55 -12.62 -8.11
C PRO A 16 -2.49 -12.53 -9.32
N ALA A 17 -3.56 -13.32 -9.32
CA ALA A 17 -4.61 -13.31 -10.35
C ALA A 17 -5.86 -12.50 -9.94
N ASN A 18 -6.12 -12.33 -8.63
CA ASN A 18 -7.20 -11.51 -8.10
C ASN A 18 -6.95 -11.04 -6.64
N SER A 19 -7.90 -10.28 -6.07
CA SER A 19 -7.92 -9.88 -4.65
C SER A 19 -7.70 -11.07 -3.71
N PHE A 20 -8.34 -12.22 -3.97
CA PHE A 20 -8.28 -13.39 -3.07
C PHE A 20 -6.86 -13.98 -3.03
N GLN A 21 -6.12 -13.87 -4.14
CA GLN A 21 -4.71 -14.23 -4.24
C GLN A 21 -3.80 -13.20 -3.57
N LEU A 22 -4.09 -11.90 -3.75
CA LEU A 22 -3.35 -10.79 -3.16
C LEU A 22 -3.41 -10.82 -1.63
N GLU A 23 -4.61 -10.88 -1.04
CA GLU A 23 -4.77 -10.98 0.43
C GLU A 23 -3.95 -12.15 1.00
N SER A 24 -3.83 -13.24 0.23
CA SER A 24 -3.14 -14.46 0.63
C SER A 24 -1.63 -14.25 0.73
N ASP A 25 -1.06 -13.41 -0.14
CA ASP A 25 0.33 -12.99 -0.03
C ASP A 25 0.53 -11.88 1.01
N PHE A 26 -0.42 -10.95 1.13
CA PHE A 26 -0.30 -9.82 2.07
C PHE A 26 -0.40 -10.27 3.53
N ARG A 27 -1.29 -11.22 3.84
CA ARG A 27 -1.46 -11.74 5.19
C ARG A 27 -0.29 -12.63 5.60
N GLN A 28 0.35 -13.30 4.65
CA GLN A 28 1.51 -14.15 4.95
C GLN A 28 2.81 -13.35 5.11
N LEU A 29 2.96 -12.26 4.36
CA LEU A 29 4.13 -11.38 4.37
C LEU A 29 3.99 -10.16 5.31
N LYS A 30 2.93 -10.09 6.13
CA LYS A 30 2.60 -8.93 6.97
C LYS A 30 3.73 -8.57 7.94
N SER A 31 4.42 -9.57 8.45
CA SER A 31 5.60 -9.45 9.33
C SER A 31 6.94 -9.43 8.57
N SER A 32 6.90 -9.26 7.25
CA SER A 32 8.08 -9.18 6.38
C SER A 32 7.95 -8.02 5.38
N PRO A 33 7.85 -6.76 5.87
CA PRO A 33 7.64 -5.59 5.03
C PRO A 33 8.78 -5.35 4.04
N ASP A 34 9.98 -5.84 4.33
CA ASP A 34 11.15 -5.65 3.46
C ASP A 34 11.06 -6.49 2.18
N MET A 35 10.38 -7.63 2.23
CA MET A 35 10.04 -8.40 1.03
C MET A 35 8.69 -8.04 0.42
N LEU A 36 7.75 -7.47 1.20
CA LEU A 36 6.53 -6.90 0.63
C LEU A 36 6.85 -5.85 -0.45
N TYR A 37 7.90 -5.04 -0.27
CA TYR A 37 8.42 -4.17 -1.32
C TYR A 37 8.77 -4.92 -2.62
N GLN A 38 9.56 -5.99 -2.57
CA GLN A 38 9.97 -6.74 -3.77
C GLN A 38 8.82 -7.50 -4.42
N TYR A 39 7.89 -8.02 -3.62
CA TYR A 39 6.60 -8.54 -4.10
C TYR A 39 5.82 -7.49 -4.90
N LEU A 40 5.70 -6.26 -4.36
CA LEU A 40 4.96 -5.15 -4.96
C LEU A 40 5.67 -4.56 -6.18
N LYS A 41 7.00 -4.66 -6.25
CA LYS A 41 7.78 -4.24 -7.43
C LYS A 41 7.45 -5.02 -8.70
N GLN A 42 6.83 -6.20 -8.57
CA GLN A 42 6.30 -6.98 -9.69
C GLN A 42 4.93 -6.46 -10.17
N ILE A 43 4.12 -5.92 -9.25
CA ILE A 43 2.69 -5.65 -9.45
C ILE A 43 2.51 -4.20 -9.91
N GLU A 44 2.15 -4.01 -11.18
CA GLU A 44 1.95 -2.69 -11.76
C GLU A 44 0.61 -2.04 -11.32
N PRO A 45 0.49 -0.70 -11.31
CA PRO A 45 -0.76 -0.01 -10.97
C PRO A 45 -1.93 -0.38 -11.89
N SER A 46 -1.68 -0.86 -13.11
CA SER A 46 -2.73 -1.32 -14.04
C SER A 46 -3.39 -2.64 -13.62
N LEU A 47 -2.78 -3.39 -12.68
CA LEU A 47 -3.42 -4.57 -12.06
C LEU A 47 -4.32 -4.20 -10.88
N TYR A 48 -4.03 -3.12 -10.15
CA TYR A 48 -4.78 -2.72 -8.95
C TYR A 48 -6.31 -2.62 -9.16
N PRO A 49 -6.82 -1.92 -10.20
CA PRO A 49 -8.25 -1.82 -10.44
C PRO A 49 -8.90 -3.13 -10.93
N LYS A 50 -8.08 -4.09 -11.40
CA LYS A 50 -8.51 -5.43 -11.83
C LYS A 50 -8.58 -6.44 -10.68
N LEU A 51 -7.51 -6.53 -9.89
CA LEU A 51 -7.41 -7.43 -8.73
C LEU A 51 -8.58 -7.22 -7.77
N PHE A 52 -8.80 -5.95 -7.41
CA PHE A 52 -9.78 -5.50 -6.42
C PHE A 52 -11.15 -5.13 -7.01
N GLN A 53 -11.49 -5.64 -8.20
CA GLN A 53 -12.72 -5.22 -8.90
C GLN A 53 -14.02 -5.61 -8.20
N LYS A 54 -14.00 -6.67 -7.39
CA LYS A 54 -15.18 -7.10 -6.60
C LYS A 54 -15.28 -6.39 -5.24
N ASN A 55 -14.13 -6.04 -4.67
CA ASN A 55 -13.93 -5.32 -3.41
C ASN A 55 -12.41 -5.15 -3.13
N LEU A 56 -12.08 -4.30 -2.16
CA LEU A 56 -10.79 -4.32 -1.43
C LEU A 56 -10.94 -5.14 -0.13
N ASP A 57 -9.83 -5.45 0.55
CA ASP A 57 -9.78 -6.00 1.91
C ASP A 57 -9.21 -4.97 2.91
N PRO A 58 -9.82 -4.79 4.11
CA PRO A 58 -9.50 -3.68 5.01
C PRO A 58 -8.09 -3.75 5.60
N ASP A 59 -7.62 -4.96 5.87
CA ASP A 59 -6.27 -5.30 6.33
C ASP A 59 -5.20 -5.05 5.26
N VAL A 60 -5.56 -5.29 4.00
CA VAL A 60 -4.67 -5.06 2.84
C VAL A 60 -4.46 -3.56 2.61
N PHE A 61 -5.53 -2.76 2.70
CA PHE A 61 -5.46 -1.30 2.53
C PHE A 61 -4.41 -0.65 3.45
N ASN A 62 -4.44 -0.99 4.75
CA ASN A 62 -3.48 -0.44 5.71
C ASN A 62 -2.04 -0.93 5.44
N GLN A 63 -1.89 -2.17 4.94
CA GLN A 63 -0.58 -2.72 4.59
C GLN A 63 0.03 -2.07 3.35
N ILE A 64 -0.73 -1.82 2.28
CA ILE A 64 -0.18 -1.12 1.07
C ILE A 64 0.42 0.24 1.48
N VAL A 65 -0.30 1.00 2.31
CA VAL A 65 0.12 2.31 2.84
C VAL A 65 1.38 2.19 3.69
N LYS A 66 1.38 1.21 4.60
CA LYS A 66 2.53 0.89 5.48
C LYS A 66 3.82 0.60 4.70
N ILE A 67 3.74 -0.07 3.55
CA ILE A 67 4.90 -0.35 2.69
C ILE A 67 5.30 0.83 1.79
N LEU A 68 4.35 1.56 1.19
CA LEU A 68 4.67 2.79 0.44
C LEU A 68 5.55 3.74 1.27
N HIS A 69 5.26 3.85 2.57
CA HIS A 69 5.90 4.77 3.52
C HIS A 69 7.43 4.63 3.63
N ASP A 70 7.94 3.41 3.71
CA ASP A 70 9.36 3.13 4.04
C ASP A 70 10.11 2.38 2.95
N PHE A 71 9.50 2.26 1.77
CA PHE A 71 10.04 1.51 0.66
C PHE A 71 9.79 2.21 -0.67
N TYR A 72 8.63 2.82 -0.91
CA TYR A 72 8.50 3.55 -2.18
C TYR A 72 9.03 4.97 -2.07
N ILE A 73 9.02 5.55 -0.86
CA ILE A 73 9.66 6.83 -0.58
C ILE A 73 11.20 6.69 -0.51
N GLU A 74 11.69 5.56 0.01
CA GLU A 74 13.13 5.34 0.23
C GLU A 74 13.83 4.71 -0.98
N LYS A 75 13.15 3.81 -1.71
CA LYS A 75 13.68 3.06 -2.84
C LYS A 75 13.15 3.55 -4.20
N GLU A 76 11.88 3.97 -4.28
CA GLU A 76 11.23 4.48 -5.51
C GLU A 76 11.01 6.02 -5.51
N LYS A 77 10.24 6.48 -6.50
CA LYS A 77 9.86 7.88 -6.78
C LYS A 77 8.48 8.26 -6.18
N PRO A 78 8.26 9.54 -5.84
CA PRO A 78 6.99 10.08 -5.34
C PRO A 78 5.82 9.84 -6.30
N LEU A 79 6.12 9.90 -7.61
CA LEU A 79 5.14 9.69 -8.69
C LEU A 79 4.53 8.28 -8.68
N LEU A 80 5.26 7.29 -8.15
CA LEU A 80 4.78 5.91 -7.99
C LEU A 80 3.74 5.82 -6.85
N ILE A 81 4.09 6.23 -5.62
CA ILE A 81 3.20 6.24 -4.44
C ILE A 81 1.87 6.93 -4.79
N PHE A 82 1.93 8.11 -5.41
CA PHE A 82 0.73 8.87 -5.74
C PHE A 82 -0.21 8.10 -6.67
N GLU A 83 0.33 7.41 -7.69
CA GLU A 83 -0.50 6.59 -8.58
C GLU A 83 -1.07 5.35 -7.88
N ILE A 84 -0.29 4.63 -7.05
CA ILE A 84 -0.80 3.50 -6.26
C ILE A 84 -2.01 3.94 -5.40
N LEU A 85 -1.87 5.06 -4.68
CA LEU A 85 -2.91 5.61 -3.81
C LEU A 85 -4.16 6.03 -4.60
N GLN A 86 -3.96 6.59 -5.79
CA GLN A 86 -5.03 6.95 -6.71
C GLN A 86 -5.81 5.69 -7.13
N ARG A 87 -5.16 4.62 -7.61
CA ARG A 87 -5.88 3.43 -8.14
C ARG A 87 -6.78 2.82 -7.07
N LEU A 88 -6.25 2.68 -5.86
CA LEU A 88 -6.98 2.17 -4.69
C LEU A 88 -8.20 3.02 -4.33
N SER A 89 -8.16 4.33 -4.57
CA SER A 89 -9.30 5.21 -4.28
C SER A 89 -10.46 5.09 -5.27
N GLU A 90 -10.24 4.44 -6.42
CA GLU A 90 -11.30 4.10 -7.37
C GLU A 90 -12.06 2.81 -6.99
N LEU A 91 -11.68 2.15 -5.88
CA LEU A 91 -12.22 0.84 -5.49
C LEU A 91 -13.49 0.92 -4.63
N LYS A 92 -14.41 -0.02 -4.85
CA LYS A 92 -15.76 0.03 -4.26
C LYS A 92 -15.80 -0.17 -2.75
N ARG A 93 -14.79 -0.85 -2.19
CA ARG A 93 -14.61 -1.04 -0.75
C ARG A 93 -13.52 -0.18 -0.10
N PHE A 94 -12.95 0.80 -0.80
CA PHE A 94 -11.80 1.55 -0.25
C PHE A 94 -12.15 2.33 1.03
N ASP A 95 -13.29 2.99 1.08
CA ASP A 95 -13.64 3.89 2.19
C ASP A 95 -14.11 3.09 3.43
N MET A 96 -14.67 1.90 3.20
CA MET A 96 -14.91 0.89 4.24
C MET A 96 -13.60 0.29 4.79
N ALA A 97 -12.47 0.41 4.08
CA ALA A 97 -11.16 0.05 4.63
C ALA A 97 -10.54 1.19 5.48
N VAL A 98 -10.74 2.45 5.08
CA VAL A 98 -10.35 3.64 5.84
C VAL A 98 -11.07 3.68 7.20
N MET A 99 -12.34 3.25 7.25
CA MET A 99 -13.16 3.08 8.45
C MET A 99 -12.48 2.24 9.55
N PHE A 100 -11.63 1.27 9.18
CA PHE A 100 -10.94 0.36 10.11
C PHE A 100 -9.48 0.75 10.44
N MET A 101 -8.94 1.79 9.80
CA MET A 101 -7.59 2.28 10.11
C MET A 101 -7.55 3.04 11.45
N SER A 102 -6.43 2.88 12.17
CA SER A 102 -6.08 3.64 13.38
C SER A 102 -5.37 4.94 13.03
N GLU A 103 -5.27 5.86 13.98
CA GLU A 103 -4.35 7.01 13.91
C GLU A 103 -2.90 6.56 13.62
N THR A 104 -2.50 5.39 14.15
CA THR A 104 -1.22 4.73 13.85
C THR A 104 -1.01 4.51 12.35
N GLU A 105 -2.05 4.13 11.62
CA GLU A 105 -2.02 3.90 10.16
C GLU A 105 -2.33 5.17 9.34
N LYS A 106 -3.15 6.08 9.88
CA LYS A 106 -3.51 7.34 9.21
C LYS A 106 -2.38 8.38 9.26
N LYS A 107 -1.55 8.39 10.31
CA LYS A 107 -0.35 9.24 10.37
C LYS A 107 0.72 8.85 9.35
N ILE A 108 0.71 7.59 8.91
CA ILE A 108 1.48 7.07 7.77
C ILE A 108 0.86 7.56 6.46
N ALA A 109 -0.45 7.44 6.30
CA ALA A 109 -1.14 7.83 5.06
C ALA A 109 -0.93 9.30 4.71
N ARG A 110 -0.97 10.20 5.70
CA ARG A 110 -0.68 11.62 5.49
C ARG A 110 0.80 11.91 5.27
N ALA A 111 1.69 11.11 5.86
CA ALA A 111 3.13 11.21 5.62
C ALA A 111 3.51 10.88 4.16
N LEU A 112 2.71 10.06 3.46
CA LEU A 112 2.82 9.86 2.01
C LEU A 112 2.53 11.17 1.27
N PHE A 113 1.35 11.75 1.47
CA PHE A 113 0.97 13.02 0.81
C PHE A 113 1.95 14.15 1.15
N ASN A 114 2.46 14.22 2.37
CA ASN A 114 3.47 15.19 2.80
C ASN A 114 4.83 15.03 2.08
N HIS A 115 5.19 13.84 1.60
CA HIS A 115 6.36 13.62 0.74
C HIS A 115 6.03 13.90 -0.75
N ILE A 116 4.84 13.56 -1.22
CA ILE A 116 4.41 13.77 -2.61
C ILE A 116 4.26 15.26 -2.91
N ASP A 117 3.74 16.03 -1.95
CA ASP A 117 3.52 17.46 -2.06
C ASP A 117 4.84 18.22 -2.18
N LYS A 118 5.75 18.00 -1.23
CA LYS A 118 7.12 18.55 -1.26
C LYS A 118 7.96 18.10 -2.47
N SER A 119 7.55 17.01 -3.11
CA SER A 119 8.14 16.51 -4.37
C SER A 119 7.70 17.28 -5.63
N GLY A 120 6.92 18.35 -5.49
CA GLY A 120 6.60 19.28 -6.59
C GLY A 120 5.34 18.89 -7.38
N LEU A 121 4.60 17.89 -6.90
CA LEU A 121 3.40 17.39 -7.55
C LEU A 121 2.19 18.25 -7.10
N LYS A 122 1.61 18.98 -8.05
CA LYS A 122 0.46 19.87 -7.87
C LYS A 122 -0.66 19.49 -8.85
N ASP A 123 -1.64 18.81 -8.29
CA ASP A 123 -2.95 18.52 -8.89
C ASP A 123 -4.03 18.69 -7.81
N SER A 124 -5.25 19.11 -8.17
CA SER A 124 -6.43 19.07 -7.28
C SER A 124 -6.71 17.68 -6.69
N SER A 125 -6.14 16.63 -7.28
CA SER A 125 -6.20 15.25 -6.82
C SER A 125 -5.32 14.99 -5.60
N VAL A 126 -4.24 15.75 -5.40
CA VAL A 126 -3.33 15.59 -4.25
C VAL A 126 -4.07 15.88 -2.94
N GLU A 127 -4.85 16.96 -2.90
CA GLU A 127 -5.73 17.29 -1.78
C GLU A 127 -6.95 16.37 -1.68
N GLU A 128 -7.52 15.93 -2.80
CA GLU A 128 -8.69 15.05 -2.83
C GLU A 128 -8.39 13.67 -2.25
N LEU A 129 -7.18 13.14 -2.47
CA LEU A 129 -6.79 11.82 -1.97
C LEU A 129 -6.40 11.87 -0.50
N LYS A 130 -5.79 12.98 -0.02
CA LYS A 130 -5.41 13.09 1.40
C LYS A 130 -6.63 13.04 2.33
N LYS A 131 -7.79 13.55 1.88
CA LYS A 131 -9.03 13.46 2.67
C LYS A 131 -9.64 12.05 2.66
N ARG A 132 -9.56 11.35 1.53
CA ARG A 132 -10.06 9.98 1.34
C ARG A 132 -9.39 8.98 2.27
N TYR A 133 -8.09 9.13 2.51
CA TYR A 133 -7.30 8.24 3.36
C TYR A 133 -7.26 8.64 4.85
N GLY A 134 -7.38 9.93 5.18
CA GLY A 134 -7.26 10.36 6.58
C GLY A 134 -7.67 11.79 6.93
N GLY A 135 -8.41 12.46 6.05
CA GLY A 135 -8.92 13.83 6.20
C GLY A 135 -9.59 14.14 7.53
N GLY A 1 17.20 3.98 16.93
CA GLY A 1 16.16 3.16 16.30
C GLY A 1 16.24 1.73 16.78
N PRO A 2 15.13 0.98 16.84
CA PRO A 2 15.13 -0.43 17.22
C PRO A 2 15.89 -1.32 16.23
N HIS A 3 16.21 -2.53 16.68
CA HIS A 3 16.93 -3.55 15.91
C HIS A 3 15.96 -4.37 15.05
N MET A 4 16.48 -5.11 14.07
CA MET A 4 15.70 -6.06 13.26
C MET A 4 15.63 -7.44 13.92
N ALA A 5 14.56 -8.19 13.66
CA ALA A 5 14.44 -9.62 13.98
C ALA A 5 15.06 -10.50 12.88
N GLN A 6 15.27 -11.79 13.14
CA GLN A 6 15.82 -12.71 12.15
C GLN A 6 14.81 -13.01 11.04
N PHE A 7 15.31 -13.04 9.80
CA PHE A 7 14.58 -13.29 8.55
C PHE A 7 14.79 -14.75 8.09
N ALA A 8 13.72 -15.48 7.79
CA ALA A 8 13.75 -16.90 7.43
C ALA A 8 14.15 -17.15 5.96
N THR A 9 14.42 -18.42 5.59
CA THR A 9 14.49 -18.83 4.18
C THR A 9 13.13 -18.66 3.51
N THR A 10 13.05 -17.76 2.54
CA THR A 10 11.81 -17.23 1.96
C THR A 10 11.92 -17.08 0.44
N VAL A 11 10.79 -17.00 -0.27
CA VAL A 11 10.69 -16.92 -1.73
C VAL A 11 9.52 -16.01 -2.09
N LEU A 12 9.76 -14.98 -2.90
CA LEU A 12 8.73 -14.07 -3.40
C LEU A 12 7.66 -14.84 -4.21
N PRO A 13 6.40 -14.77 -3.80
CA PRO A 13 5.28 -15.33 -4.54
C PRO A 13 5.04 -14.59 -5.87
N PRO A 14 4.41 -15.26 -6.85
CA PRO A 14 4.07 -14.67 -8.15
C PRO A 14 3.01 -13.57 -8.00
N ILE A 15 2.87 -12.76 -9.05
CA ILE A 15 1.80 -11.77 -9.17
C ILE A 15 0.43 -12.47 -8.96
N PRO A 16 -0.47 -11.88 -8.15
CA PRO A 16 -1.77 -12.47 -7.83
C PRO A 16 -2.73 -12.49 -9.04
N ALA A 17 -3.78 -13.31 -8.97
CA ALA A 17 -4.85 -13.39 -9.96
C ALA A 17 -6.07 -12.51 -9.59
N ASN A 18 -6.30 -12.32 -8.29
CA ASN A 18 -7.37 -11.52 -7.69
C ASN A 18 -7.01 -11.11 -6.25
N SER A 19 -7.84 -10.31 -5.58
CA SER A 19 -7.74 -9.92 -4.17
C SER A 19 -7.40 -11.07 -3.21
N PHE A 20 -8.00 -12.25 -3.37
CA PHE A 20 -7.80 -13.44 -2.51
C PHE A 20 -6.42 -14.11 -2.64
N GLN A 21 -5.69 -13.83 -3.73
CA GLN A 21 -4.27 -14.16 -3.85
C GLN A 21 -3.38 -13.07 -3.22
N LEU A 22 -3.78 -11.80 -3.34
CA LEU A 22 -3.01 -10.67 -2.83
C LEU A 22 -2.98 -10.69 -1.30
N GLU A 23 -4.16 -10.77 -0.67
CA GLU A 23 -4.23 -10.85 0.80
C GLU A 23 -3.54 -12.09 1.37
N SER A 24 -3.48 -13.18 0.60
CA SER A 24 -2.78 -14.42 0.99
C SER A 24 -1.27 -14.23 1.07
N ASP A 25 -0.72 -13.45 0.14
CA ASP A 25 0.70 -13.08 0.15
C ASP A 25 0.98 -11.98 1.19
N PHE A 26 0.03 -11.06 1.40
CA PHE A 26 0.15 -9.96 2.36
C PHE A 26 0.09 -10.45 3.81
N ARG A 27 -0.78 -11.43 4.13
CA ARG A 27 -0.91 -11.98 5.47
C ARG A 27 0.26 -12.89 5.84
N GLN A 28 0.86 -13.55 4.85
CA GLN A 28 2.00 -14.46 5.09
C GLN A 28 3.35 -13.73 5.15
N LEU A 29 3.43 -12.56 4.52
CA LEU A 29 4.63 -11.70 4.48
C LEU A 29 4.51 -10.44 5.36
N LYS A 30 3.49 -10.31 6.22
CA LYS A 30 3.27 -9.13 7.07
C LYS A 30 4.46 -8.83 7.98
N SER A 31 5.11 -9.88 8.48
CA SER A 31 6.34 -9.81 9.29
C SER A 31 7.61 -9.61 8.48
N SER A 32 7.52 -9.54 7.14
CA SER A 32 8.63 -9.48 6.20
C SER A 32 8.41 -8.35 5.18
N PRO A 33 8.21 -7.10 5.63
CA PRO A 33 7.88 -5.96 4.78
C PRO A 33 8.94 -5.67 3.71
N ASP A 34 10.17 -6.14 3.95
CA ASP A 34 11.31 -5.95 3.04
C ASP A 34 11.21 -6.84 1.78
N MET A 35 10.49 -7.96 1.87
CA MET A 35 10.07 -8.73 0.70
C MET A 35 8.68 -8.33 0.17
N LEU A 36 7.79 -7.80 1.01
CA LEU A 36 6.53 -7.20 0.52
C LEU A 36 6.78 -6.10 -0.51
N TYR A 37 7.83 -5.28 -0.32
CA TYR A 37 8.30 -4.32 -1.32
C TYR A 37 8.66 -5.00 -2.66
N GLN A 38 9.50 -6.04 -2.65
CA GLN A 38 9.94 -6.72 -3.88
C GLN A 38 8.81 -7.53 -4.55
N TYR A 39 7.83 -7.99 -3.77
CA TYR A 39 6.58 -8.58 -4.23
C TYR A 39 5.69 -7.54 -4.95
N LEU A 40 5.48 -6.35 -4.35
CA LEU A 40 4.65 -5.28 -4.92
C LEU A 40 5.25 -4.71 -6.20
N LYS A 41 6.59 -4.66 -6.28
CA LYS A 41 7.31 -4.19 -7.47
C LYS A 41 6.94 -4.96 -8.73
N GLN A 42 6.61 -6.25 -8.61
CA GLN A 42 6.16 -7.09 -9.72
C GLN A 42 4.80 -6.65 -10.31
N ILE A 43 3.97 -6.00 -9.50
CA ILE A 43 2.55 -5.75 -9.74
C ILE A 43 2.37 -4.33 -10.32
N GLU A 44 1.93 -4.20 -11.57
CA GLU A 44 1.68 -2.89 -12.18
C GLU A 44 0.39 -2.21 -11.69
N PRO A 45 0.29 -0.86 -11.70
CA PRO A 45 -0.90 -0.13 -11.23
C PRO A 45 -2.16 -0.43 -12.06
N SER A 46 -2.04 -1.02 -13.26
CA SER A 46 -3.20 -1.48 -14.04
C SER A 46 -3.84 -2.76 -13.48
N LEU A 47 -3.11 -3.52 -12.65
CA LEU A 47 -3.68 -4.68 -11.94
C LEU A 47 -4.53 -4.27 -10.73
N TYR A 48 -4.18 -3.16 -10.05
CA TYR A 48 -4.82 -2.73 -8.80
C TYR A 48 -6.36 -2.65 -8.89
N PRO A 49 -6.97 -1.96 -9.88
CA PRO A 49 -8.42 -1.87 -9.99
C PRO A 49 -9.09 -3.17 -10.46
N LYS A 50 -8.31 -4.10 -11.01
CA LYS A 50 -8.78 -5.39 -11.54
C LYS A 50 -8.72 -6.52 -10.52
N LEU A 51 -7.65 -6.59 -9.72
CA LEU A 51 -7.49 -7.53 -8.60
C LEU A 51 -8.56 -7.30 -7.52
N PHE A 52 -8.77 -6.03 -7.18
CA PHE A 52 -9.71 -5.57 -6.16
C PHE A 52 -11.08 -5.18 -6.72
N GLN A 53 -11.40 -5.58 -7.97
CA GLN A 53 -12.59 -5.12 -8.70
C GLN A 53 -13.90 -5.33 -7.92
N LYS A 54 -14.01 -6.44 -7.19
CA LYS A 54 -15.19 -6.74 -6.34
C LYS A 54 -15.03 -6.31 -4.89
N ASN A 55 -13.79 -6.31 -4.37
CA ASN A 55 -13.47 -5.88 -3.01
C ASN A 55 -11.99 -5.52 -2.83
N LEU A 56 -11.75 -4.51 -2.00
CA LEU A 56 -10.50 -4.39 -1.22
C LEU A 56 -10.65 -5.14 0.12
N ASP A 57 -9.57 -5.28 0.87
CA ASP A 57 -9.60 -5.73 2.27
C ASP A 57 -9.07 -4.60 3.18
N PRO A 58 -9.60 -4.38 4.40
CA PRO A 58 -9.12 -3.33 5.29
C PRO A 58 -7.68 -3.57 5.75
N ASP A 59 -7.28 -4.84 5.91
CA ASP A 59 -5.91 -5.20 6.26
C ASP A 59 -4.95 -4.97 5.08
N VAL A 60 -5.43 -5.15 3.85
CA VAL A 60 -4.62 -4.93 2.65
C VAL A 60 -4.44 -3.45 2.37
N PHE A 61 -5.52 -2.66 2.44
CA PHE A 61 -5.48 -1.20 2.30
C PHE A 61 -4.36 -0.57 3.14
N ASN A 62 -4.33 -0.87 4.44
CA ASN A 62 -3.34 -0.28 5.33
C ASN A 62 -1.94 -0.90 5.18
N GLN A 63 -1.82 -2.15 4.72
CA GLN A 63 -0.53 -2.76 4.38
C GLN A 63 0.09 -2.15 3.11
N ILE A 64 -0.68 -1.91 2.04
CA ILE A 64 -0.17 -1.18 0.85
C ILE A 64 0.40 0.18 1.27
N VAL A 65 -0.37 0.93 2.07
CA VAL A 65 0.01 2.25 2.61
C VAL A 65 1.30 2.16 3.45
N LYS A 66 1.35 1.18 4.34
CA LYS A 66 2.54 0.85 5.17
C LYS A 66 3.80 0.55 4.35
N ILE A 67 3.71 -0.23 3.27
CA ILE A 67 4.87 -0.52 2.41
C ILE A 67 5.26 0.68 1.56
N LEU A 68 4.30 1.46 1.03
CA LEU A 68 4.63 2.71 0.34
C LEU A 68 5.48 3.62 1.23
N HIS A 69 5.16 3.69 2.52
CA HIS A 69 5.74 4.64 3.49
C HIS A 69 7.25 4.48 3.73
N ASP A 70 7.75 3.25 3.74
CA ASP A 70 9.12 2.95 4.18
C ASP A 70 9.99 2.38 3.05
N PHE A 71 9.42 2.18 1.86
CA PHE A 71 10.06 1.52 0.75
C PHE A 71 9.79 2.25 -0.55
N TYR A 72 8.59 2.84 -0.79
CA TYR A 72 8.44 3.55 -2.05
C TYR A 72 8.97 4.96 -1.93
N ILE A 73 8.83 5.56 -0.73
CA ILE A 73 9.42 6.89 -0.44
C ILE A 73 10.94 6.81 -0.40
N GLU A 74 11.50 5.69 0.08
CA GLU A 74 12.94 5.51 0.29
C GLU A 74 13.66 4.87 -0.90
N LYS A 75 13.02 3.98 -1.65
CA LYS A 75 13.58 3.24 -2.79
C LYS A 75 13.04 3.71 -4.16
N GLU A 76 11.74 3.97 -4.27
CA GLU A 76 11.03 4.34 -5.51
C GLU A 76 10.83 5.86 -5.70
N LYS A 77 10.09 6.27 -6.75
CA LYS A 77 9.83 7.66 -7.13
C LYS A 77 8.56 8.24 -6.46
N PRO A 78 8.46 9.56 -6.24
CA PRO A 78 7.30 10.19 -5.59
C PRO A 78 6.02 10.09 -6.44
N LEU A 79 6.15 10.00 -7.77
CA LEU A 79 5.00 9.75 -8.65
C LEU A 79 4.41 8.35 -8.44
N LEU A 80 5.21 7.39 -7.96
CA LEU A 80 4.77 6.02 -7.73
C LEU A 80 3.73 5.95 -6.61
N ILE A 81 4.10 6.40 -5.39
CA ILE A 81 3.22 6.42 -4.20
C ILE A 81 1.88 7.06 -4.58
N PHE A 82 1.91 8.25 -5.19
CA PHE A 82 0.69 9.00 -5.52
C PHE A 82 -0.24 8.20 -6.44
N GLU A 83 0.31 7.52 -7.45
CA GLU A 83 -0.51 6.79 -8.41
C GLU A 83 -1.01 5.44 -7.88
N ILE A 84 -0.25 4.73 -7.03
CA ILE A 84 -0.77 3.55 -6.31
C ILE A 84 -2.00 3.92 -5.46
N LEU A 85 -1.92 5.03 -4.73
CA LEU A 85 -3.03 5.51 -3.88
C LEU A 85 -4.25 5.91 -4.72
N GLN A 86 -4.01 6.48 -5.90
CA GLN A 86 -5.04 6.82 -6.87
C GLN A 86 -5.80 5.56 -7.35
N ARG A 87 -5.12 4.46 -7.72
CA ARG A 87 -5.82 3.21 -8.14
C ARG A 87 -6.76 2.67 -7.07
N LEU A 88 -6.28 2.59 -5.82
CA LEU A 88 -7.07 2.13 -4.69
C LEU A 88 -8.31 3.01 -4.40
N SER A 89 -8.23 4.30 -4.70
CA SER A 89 -9.37 5.22 -4.50
C SER A 89 -10.55 4.94 -5.44
N GLU A 90 -10.35 4.20 -6.54
CA GLU A 90 -11.43 3.85 -7.46
C GLU A 90 -12.30 2.68 -6.94
N LEU A 91 -11.93 2.08 -5.81
CA LEU A 91 -12.51 0.82 -5.32
C LEU A 91 -13.75 1.03 -4.44
N LYS A 92 -14.74 0.14 -4.53
CA LYS A 92 -16.02 0.23 -3.81
C LYS A 92 -15.90 0.10 -2.29
N ARG A 93 -14.85 -0.58 -1.83
CA ARG A 93 -14.55 -0.81 -0.41
C ARG A 93 -13.51 0.14 0.17
N PHE A 94 -12.98 1.10 -0.62
CA PHE A 94 -11.88 1.95 -0.14
C PHE A 94 -12.29 2.74 1.11
N ASP A 95 -13.50 3.31 1.14
CA ASP A 95 -13.94 4.16 2.25
C ASP A 95 -14.26 3.33 3.51
N MET A 96 -14.63 2.06 3.32
CA MET A 96 -14.82 1.12 4.43
C MET A 96 -13.49 0.73 5.05
N ALA A 97 -12.43 0.61 4.24
CA ALA A 97 -11.07 0.38 4.70
C ALA A 97 -10.49 1.59 5.46
N VAL A 98 -10.78 2.82 5.01
CA VAL A 98 -10.47 4.06 5.74
C VAL A 98 -11.19 4.12 7.10
N MET A 99 -12.44 3.67 7.15
CA MET A 99 -13.19 3.52 8.41
C MET A 99 -12.54 2.47 9.34
N PHE A 100 -12.00 1.38 8.80
CA PHE A 100 -11.26 0.36 9.56
C PHE A 100 -9.82 0.76 9.92
N MET A 101 -9.27 1.88 9.43
CA MET A 101 -7.90 2.27 9.78
C MET A 101 -7.76 2.68 11.25
N SER A 102 -6.60 2.36 11.81
CA SER A 102 -6.18 2.82 13.14
C SER A 102 -5.44 4.15 13.10
N GLU A 103 -5.25 4.78 14.24
CA GLU A 103 -4.43 6.01 14.36
C GLU A 103 -2.98 5.78 13.91
N THR A 104 -2.46 4.58 14.15
CA THR A 104 -1.14 4.14 13.71
C THR A 104 -1.02 4.10 12.19
N GLU A 105 -2.11 3.79 11.49
CA GLU A 105 -2.20 3.71 10.02
C GLU A 105 -2.54 5.08 9.40
N LYS A 106 -3.34 5.90 10.07
CA LYS A 106 -3.77 7.25 9.62
C LYS A 106 -2.61 8.23 9.47
N LYS A 107 -1.64 8.20 10.41
CA LYS A 107 -0.40 8.99 10.30
C LYS A 107 0.43 8.62 9.08
N ILE A 108 0.33 7.37 8.62
CA ILE A 108 1.07 6.86 7.46
C ILE A 108 0.43 7.39 6.18
N ALA A 109 -0.90 7.29 6.06
CA ALA A 109 -1.61 7.71 4.85
C ALA A 109 -1.36 9.19 4.54
N ARG A 110 -1.40 10.07 5.56
CA ARG A 110 -1.07 11.50 5.38
C ARG A 110 0.40 11.74 5.07
N ALA A 111 1.30 10.94 5.66
CA ALA A 111 2.73 11.04 5.46
C ALA A 111 3.14 10.73 4.01
N LEU A 112 2.39 9.85 3.33
CA LEU A 112 2.52 9.62 1.89
C LEU A 112 2.29 10.93 1.12
N PHE A 113 1.15 11.59 1.32
CA PHE A 113 0.85 12.88 0.68
C PHE A 113 1.87 13.98 1.04
N ASN A 114 2.32 14.02 2.29
CA ASN A 114 3.35 14.95 2.75
C ASN A 114 4.71 14.76 2.04
N HIS A 115 5.08 13.52 1.67
CA HIS A 115 6.25 13.25 0.84
C HIS A 115 6.04 13.63 -0.63
N ILE A 116 4.87 13.31 -1.19
CA ILE A 116 4.52 13.59 -2.59
C ILE A 116 4.56 15.10 -2.83
N ASP A 117 3.97 15.85 -1.91
CA ASP A 117 3.81 17.30 -2.01
C ASP A 117 5.16 18.03 -2.00
N LYS A 118 5.97 17.73 -0.98
CA LYS A 118 7.32 18.32 -0.86
C LYS A 118 8.23 17.90 -2.02
N SER A 119 7.96 16.74 -2.63
CA SER A 119 8.71 16.23 -3.79
C SER A 119 8.35 16.92 -5.12
N GLY A 120 7.55 17.99 -5.07
CA GLY A 120 7.33 18.93 -6.17
C GLY A 120 5.97 18.77 -6.86
N LEU A 121 5.11 17.89 -6.34
CA LEU A 121 3.84 17.51 -6.95
C LEU A 121 2.68 18.28 -6.30
N LYS A 122 2.25 19.33 -6.98
CA LYS A 122 1.25 20.32 -6.57
C LYS A 122 0.08 20.36 -7.55
N ASP A 123 -0.93 19.53 -7.28
CA ASP A 123 -2.23 19.55 -7.96
C ASP A 123 -3.35 19.50 -6.92
N SER A 124 -4.53 20.08 -7.20
CA SER A 124 -5.70 19.90 -6.32
C SER A 124 -6.01 18.42 -6.08
N SER A 125 -5.71 17.56 -7.06
CA SER A 125 -5.89 16.12 -7.03
C SER A 125 -5.10 15.45 -5.89
N VAL A 126 -4.00 16.07 -5.43
CA VAL A 126 -3.19 15.58 -4.32
C VAL A 126 -3.96 15.73 -2.99
N GLU A 127 -4.51 16.92 -2.72
CA GLU A 127 -5.25 17.19 -1.48
C GLU A 127 -6.73 16.74 -1.53
N GLU A 128 -7.28 16.56 -2.73
CA GLU A 128 -8.58 15.93 -2.95
C GLU A 128 -8.50 14.39 -2.88
N LEU A 129 -7.30 13.80 -2.95
CA LEU A 129 -7.07 12.40 -2.64
C LEU A 129 -6.75 12.16 -1.15
N LYS A 130 -5.98 13.04 -0.49
CA LYS A 130 -5.67 12.88 0.94
C LYS A 130 -6.93 12.92 1.82
N LYS A 131 -7.93 13.73 1.44
CA LYS A 131 -9.20 13.78 2.18
C LYS A 131 -9.93 12.44 2.21
N ARG A 132 -9.75 11.62 1.16
CA ARG A 132 -10.38 10.31 1.02
C ARG A 132 -9.79 9.31 2.01
N TYR A 133 -8.47 9.38 2.22
CA TYR A 133 -7.70 8.49 3.08
C TYR A 133 -7.72 8.88 4.56
N GLY A 134 -7.81 10.17 4.90
CA GLY A 134 -7.88 10.59 6.30
C GLY A 134 -7.76 12.08 6.57
N GLY A 135 -8.13 12.93 5.62
CA GLY A 135 -8.02 14.40 5.72
C GLY A 135 -6.66 14.97 5.36
N GLY A 1 13.69 -28.25 25.69
CA GLY A 1 12.55 -28.57 24.83
C GLY A 1 12.52 -27.64 23.63
N PRO A 2 11.34 -27.31 23.07
CA PRO A 2 11.24 -26.47 21.88
C PRO A 2 11.74 -25.04 22.19
N HIS A 3 12.95 -24.71 21.73
CA HIS A 3 13.56 -23.40 21.99
C HIS A 3 13.02 -22.32 21.05
N MET A 4 13.25 -21.05 21.39
CA MET A 4 12.86 -19.90 20.58
C MET A 4 13.45 -20.01 19.16
N ALA A 5 12.58 -20.14 18.16
CA ALA A 5 12.97 -20.43 16.79
C ALA A 5 13.50 -19.19 16.06
N GLN A 6 14.54 -19.35 15.24
CA GLN A 6 14.93 -18.34 14.25
C GLN A 6 13.91 -18.29 13.10
N PHE A 7 14.01 -17.30 12.23
CA PHE A 7 13.03 -17.11 11.16
C PHE A 7 13.28 -18.02 9.94
N ALA A 8 12.20 -18.26 9.20
CA ALA A 8 12.15 -19.05 7.99
C ALA A 8 13.05 -18.50 6.85
N THR A 9 13.41 -19.35 5.90
CA THR A 9 13.91 -18.89 4.58
C THR A 9 12.76 -18.51 3.67
N THR A 10 12.91 -17.39 2.98
CA THR A 10 11.82 -16.69 2.29
C THR A 10 12.15 -16.35 0.83
N VAL A 11 11.14 -16.36 -0.02
CA VAL A 11 11.24 -16.18 -1.47
C VAL A 11 9.93 -15.60 -1.99
N LEU A 12 10.03 -14.59 -2.84
CA LEU A 12 8.92 -13.80 -3.34
C LEU A 12 7.92 -14.68 -4.12
N PRO A 13 6.63 -14.66 -3.74
CA PRO A 13 5.57 -15.25 -4.54
C PRO A 13 5.37 -14.49 -5.87
N PRO A 14 4.86 -15.16 -6.92
CA PRO A 14 4.50 -14.52 -8.17
C PRO A 14 3.31 -13.58 -8.00
N ILE A 15 3.03 -12.78 -9.02
CA ILE A 15 1.88 -11.87 -9.06
C ILE A 15 0.57 -12.66 -8.86
N PRO A 16 -0.38 -12.18 -8.04
CA PRO A 16 -1.68 -12.80 -7.78
C PRO A 16 -2.64 -12.68 -8.97
N ALA A 17 -3.74 -13.45 -8.95
CA ALA A 17 -4.79 -13.39 -9.96
C ALA A 17 -5.98 -12.52 -9.54
N ASN A 18 -6.23 -12.35 -8.23
CA ASN A 18 -7.22 -11.42 -7.67
C ASN A 18 -6.87 -10.93 -6.25
N SER A 19 -7.76 -10.11 -5.70
CA SER A 19 -7.81 -9.64 -4.31
C SER A 19 -7.60 -10.74 -3.27
N PHE A 20 -8.19 -11.92 -3.44
CA PHE A 20 -8.04 -13.02 -2.47
C PHE A 20 -6.66 -13.65 -2.52
N GLN A 21 -6.11 -13.80 -3.73
CA GLN A 21 -4.73 -14.25 -3.94
C GLN A 21 -3.68 -13.25 -3.42
N LEU A 22 -3.98 -11.96 -3.50
CA LEU A 22 -3.16 -10.85 -3.01
C LEU A 22 -3.13 -10.86 -1.48
N GLU A 23 -4.29 -10.82 -0.81
CA GLU A 23 -4.34 -10.86 0.66
C GLU A 23 -3.65 -12.11 1.23
N SER A 24 -3.64 -13.22 0.48
CA SER A 24 -2.99 -14.46 0.90
C SER A 24 -1.47 -14.33 0.98
N ASP A 25 -0.87 -13.53 0.09
CA ASP A 25 0.55 -13.22 0.11
C ASP A 25 0.86 -12.03 1.04
N PHE A 26 -0.07 -11.08 1.18
CA PHE A 26 0.07 -9.93 2.08
C PHE A 26 0.03 -10.38 3.54
N ARG A 27 -0.91 -11.24 3.92
CA ARG A 27 -1.07 -11.69 5.31
C ARG A 27 0.11 -12.53 5.79
N GLN A 28 0.79 -13.21 4.85
CA GLN A 28 1.98 -13.99 5.17
C GLN A 28 3.26 -13.15 5.24
N LEU A 29 3.33 -12.08 4.44
CA LEU A 29 4.52 -11.23 4.32
C LEU A 29 4.42 -9.93 5.12
N LYS A 30 3.32 -9.66 5.83
CA LYS A 30 3.12 -8.39 6.55
C LYS A 30 4.11 -8.16 7.67
N SER A 31 4.57 -9.25 8.27
CA SER A 31 5.69 -9.25 9.24
C SER A 31 7.09 -9.10 8.60
N SER A 32 7.19 -9.08 7.27
CA SER A 32 8.43 -9.03 6.47
C SER A 32 8.28 -7.95 5.38
N PRO A 33 8.06 -6.68 5.77
CA PRO A 33 7.76 -5.58 4.85
C PRO A 33 8.86 -5.34 3.82
N ASP A 34 10.08 -5.76 4.13
CA ASP A 34 11.23 -5.64 3.24
C ASP A 34 11.08 -6.47 1.96
N MET A 35 10.40 -7.62 2.05
CA MET A 35 10.08 -8.42 0.86
C MET A 35 8.73 -8.05 0.24
N LEU A 36 7.80 -7.50 1.02
CA LEU A 36 6.57 -6.92 0.47
C LEU A 36 6.85 -5.86 -0.60
N TYR A 37 7.87 -5.01 -0.41
CA TYR A 37 8.29 -4.06 -1.45
C TYR A 37 8.69 -4.76 -2.76
N GLN A 38 9.52 -5.81 -2.71
CA GLN A 38 9.96 -6.51 -3.91
C GLN A 38 8.86 -7.36 -4.54
N TYR A 39 7.91 -7.84 -3.74
CA TYR A 39 6.67 -8.47 -4.21
C TYR A 39 5.80 -7.46 -4.98
N LEU A 40 5.62 -6.25 -4.42
CA LEU A 40 4.85 -5.16 -5.00
C LEU A 40 5.53 -4.57 -6.25
N LYS A 41 6.86 -4.62 -6.34
CA LYS A 41 7.61 -4.23 -7.54
C LYS A 41 7.23 -5.04 -8.79
N GLN A 42 6.75 -6.27 -8.61
CA GLN A 42 6.20 -7.12 -9.68
C GLN A 42 4.79 -6.68 -10.09
N ILE A 43 4.01 -6.11 -9.15
CA ILE A 43 2.61 -5.74 -9.33
C ILE A 43 2.53 -4.30 -9.83
N GLU A 44 2.35 -4.17 -11.14
CA GLU A 44 2.18 -2.90 -11.83
C GLU A 44 0.83 -2.23 -11.47
N PRO A 45 0.71 -0.88 -11.52
CA PRO A 45 -0.52 -0.16 -11.20
C PRO A 45 -1.69 -0.49 -12.15
N SER A 46 -1.40 -1.07 -13.32
CA SER A 46 -2.40 -1.62 -14.25
C SER A 46 -3.17 -2.81 -13.67
N LEU A 47 -2.60 -3.54 -12.71
CA LEU A 47 -3.26 -4.68 -12.05
C LEU A 47 -4.15 -4.25 -10.90
N TYR A 48 -3.88 -3.11 -10.25
CA TYR A 48 -4.62 -2.65 -9.07
C TYR A 48 -6.15 -2.57 -9.27
N PRO A 49 -6.69 -1.93 -10.33
CA PRO A 49 -8.13 -1.89 -10.55
C PRO A 49 -8.71 -3.24 -10.99
N LYS A 50 -7.86 -4.16 -11.48
CA LYS A 50 -8.20 -5.49 -11.97
C LYS A 50 -8.30 -6.51 -10.82
N LEU A 51 -7.27 -6.60 -9.97
CA LEU A 51 -7.20 -7.54 -8.85
C LEU A 51 -8.34 -7.32 -7.85
N PHE A 52 -8.56 -6.06 -7.49
CA PHE A 52 -9.54 -5.62 -6.51
C PHE A 52 -10.92 -5.29 -7.10
N GLN A 53 -11.21 -5.76 -8.33
CA GLN A 53 -12.43 -5.40 -9.06
C GLN A 53 -13.74 -5.83 -8.37
N LYS A 54 -13.74 -6.89 -7.57
CA LYS A 54 -14.90 -7.35 -6.79
C LYS A 54 -14.84 -6.94 -5.32
N ASN A 55 -13.65 -6.74 -4.76
CA ASN A 55 -13.44 -6.26 -3.38
C ASN A 55 -11.97 -5.84 -3.10
N LEU A 56 -11.79 -5.02 -2.06
CA LEU A 56 -10.57 -4.87 -1.27
C LEU A 56 -10.74 -5.50 0.14
N ASP A 57 -9.66 -5.57 0.92
CA ASP A 57 -9.65 -5.90 2.34
C ASP A 57 -9.19 -4.69 3.19
N PRO A 58 -9.79 -4.41 4.37
CA PRO A 58 -9.35 -3.33 5.26
C PRO A 58 -7.93 -3.51 5.78
N ASP A 59 -7.48 -4.76 5.91
CA ASP A 59 -6.12 -5.05 6.36
C ASP A 59 -5.09 -4.86 5.24
N VAL A 60 -5.47 -5.19 4.00
CA VAL A 60 -4.62 -5.00 2.82
C VAL A 60 -4.50 -3.52 2.49
N PHE A 61 -5.62 -2.78 2.57
CA PHE A 61 -5.63 -1.32 2.39
C PHE A 61 -4.55 -0.63 3.25
N ASN A 62 -4.52 -0.89 4.56
CA ASN A 62 -3.51 -0.28 5.42
C ASN A 62 -2.11 -0.87 5.23
N GLN A 63 -1.98 -2.14 4.82
CA GLN A 63 -0.68 -2.74 4.49
C GLN A 63 -0.04 -2.11 3.25
N ILE A 64 -0.78 -1.88 2.15
CA ILE A 64 -0.24 -1.20 0.95
C ILE A 64 0.35 0.17 1.35
N VAL A 65 -0.41 0.94 2.13
CA VAL A 65 0.00 2.26 2.65
C VAL A 65 1.25 2.17 3.52
N LYS A 66 1.29 1.17 4.39
CA LYS A 66 2.41 0.85 5.29
C LYS A 66 3.70 0.42 4.58
N ILE A 67 3.63 -0.15 3.37
CA ILE A 67 4.83 -0.41 2.56
C ILE A 67 5.23 0.80 1.71
N LEU A 68 4.29 1.54 1.12
CA LEU A 68 4.62 2.80 0.45
C LEU A 68 5.48 3.72 1.34
N HIS A 69 5.18 3.72 2.66
CA HIS A 69 5.71 4.60 3.70
C HIS A 69 7.23 4.64 3.85
N ASP A 70 7.90 3.49 3.80
CA ASP A 70 9.37 3.45 3.90
C ASP A 70 10.07 2.64 2.81
N PHE A 71 9.43 2.45 1.64
CA PHE A 71 9.98 1.69 0.54
C PHE A 71 9.73 2.37 -0.79
N TYR A 72 8.52 2.84 -1.13
CA TYR A 72 8.39 3.49 -2.43
C TYR A 72 8.96 4.91 -2.37
N ILE A 73 8.82 5.56 -1.21
CA ILE A 73 9.42 6.86 -0.88
C ILE A 73 10.95 6.83 -1.01
N GLU A 74 11.57 5.69 -0.70
CA GLU A 74 13.02 5.52 -0.66
C GLU A 74 13.59 4.93 -1.96
N LYS A 75 12.91 3.94 -2.53
CA LYS A 75 13.43 3.00 -3.54
C LYS A 75 12.79 3.20 -4.92
N GLU A 76 11.58 3.76 -4.97
CA GLU A 76 10.87 4.18 -6.19
C GLU A 76 10.76 5.73 -6.27
N LYS A 77 10.03 6.22 -7.28
CA LYS A 77 9.73 7.64 -7.51
C LYS A 77 8.54 8.13 -6.66
N PRO A 78 8.49 9.42 -6.28
CA PRO A 78 7.39 10.03 -5.52
C PRO A 78 6.06 9.97 -6.28
N LEU A 79 6.11 9.97 -7.61
CA LEU A 79 4.93 9.78 -8.46
C LEU A 79 4.26 8.42 -8.21
N LEU A 80 5.05 7.37 -7.98
CA LEU A 80 4.55 6.00 -7.87
C LEU A 80 3.59 5.85 -6.68
N ILE A 81 3.98 6.33 -5.49
CA ILE A 81 3.12 6.34 -4.28
C ILE A 81 1.77 6.98 -4.60
N PHE A 82 1.77 8.19 -5.19
CA PHE A 82 0.52 8.84 -5.56
C PHE A 82 -0.33 8.05 -6.55
N GLU A 83 0.28 7.39 -7.55
CA GLU A 83 -0.42 6.56 -8.54
C GLU A 83 -1.06 5.32 -7.88
N ILE A 84 -0.32 4.59 -7.03
CA ILE A 84 -0.83 3.43 -6.28
C ILE A 84 -2.06 3.81 -5.44
N LEU A 85 -1.95 4.87 -4.64
CA LEU A 85 -3.02 5.34 -3.77
C LEU A 85 -4.27 5.74 -4.58
N GLN A 86 -4.05 6.33 -5.75
CA GLN A 86 -5.09 6.80 -6.64
C GLN A 86 -5.87 5.63 -7.29
N ARG A 87 -5.22 4.51 -7.65
CA ARG A 87 -5.97 3.34 -8.19
C ARG A 87 -6.89 2.75 -7.13
N LEU A 88 -6.38 2.60 -5.91
CA LEU A 88 -7.14 2.05 -4.78
C LEU A 88 -8.37 2.88 -4.42
N SER A 89 -8.32 4.20 -4.57
CA SER A 89 -9.44 5.11 -4.24
C SER A 89 -10.68 4.94 -5.12
N GLU A 90 -10.53 4.27 -6.27
CA GLU A 90 -11.63 3.98 -7.20
C GLU A 90 -12.31 2.64 -6.89
N LEU A 91 -11.88 1.92 -5.84
CA LEU A 91 -12.43 0.61 -5.44
C LEU A 91 -13.66 0.75 -4.52
N LYS A 92 -14.63 -0.17 -4.63
CA LYS A 92 -15.95 -0.04 -3.99
C LYS A 92 -15.94 -0.21 -2.47
N ARG A 93 -14.89 -0.82 -1.90
CA ARG A 93 -14.64 -0.94 -0.45
C ARG A 93 -13.64 0.07 0.10
N PHE A 94 -12.96 0.88 -0.73
CA PHE A 94 -11.80 1.64 -0.23
C PHE A 94 -12.17 2.58 0.94
N ASP A 95 -13.34 3.20 0.88
CA ASP A 95 -13.79 4.17 1.88
C ASP A 95 -14.25 3.45 3.17
N MET A 96 -14.75 2.21 3.05
CA MET A 96 -15.04 1.32 4.17
C MET A 96 -13.75 0.72 4.77
N ALA A 97 -12.66 0.64 4.00
CA ALA A 97 -11.33 0.27 4.51
C ALA A 97 -10.70 1.44 5.30
N VAL A 98 -10.88 2.69 4.86
CA VAL A 98 -10.51 3.88 5.63
C VAL A 98 -11.27 3.93 6.96
N MET A 99 -12.56 3.56 6.97
CA MET A 99 -13.40 3.50 8.19
C MET A 99 -12.85 2.52 9.25
N PHE A 100 -12.15 1.47 8.83
CA PHE A 100 -11.47 0.51 9.70
C PHE A 100 -10.11 1.03 10.24
N MET A 101 -9.53 2.08 9.65
CA MET A 101 -8.23 2.62 10.08
C MET A 101 -8.34 3.49 11.34
N SER A 102 -7.35 3.39 12.23
CA SER A 102 -7.16 4.23 13.41
C SER A 102 -6.02 5.24 13.22
N GLU A 103 -5.68 6.02 14.25
CA GLU A 103 -4.71 7.11 14.15
C GLU A 103 -3.32 6.66 13.69
N THR A 104 -2.85 5.51 14.17
CA THR A 104 -1.54 4.95 13.85
C THR A 104 -1.45 4.53 12.39
N GLU A 105 -2.55 4.09 11.77
CA GLU A 105 -2.60 3.85 10.33
C GLU A 105 -2.73 5.16 9.53
N LYS A 106 -3.56 6.09 10.01
CA LYS A 106 -3.81 7.39 9.35
C LYS A 106 -2.56 8.28 9.32
N LYS A 107 -1.68 8.21 10.33
CA LYS A 107 -0.40 8.96 10.32
C LYS A 107 0.61 8.48 9.28
N ILE A 108 0.51 7.22 8.87
CA ILE A 108 1.26 6.65 7.75
C ILE A 108 0.74 7.24 6.44
N ALA A 109 -0.59 7.28 6.25
CA ALA A 109 -1.19 7.80 5.02
C ALA A 109 -0.80 9.27 4.76
N ARG A 110 -0.84 10.12 5.80
CA ARG A 110 -0.41 11.53 5.67
C ARG A 110 1.08 11.67 5.40
N ALA A 111 1.90 10.76 5.93
CA ALA A 111 3.35 10.79 5.70
C ALA A 111 3.70 10.49 4.22
N LEU A 112 2.83 9.78 3.50
CA LEU A 112 2.88 9.66 2.04
C LEU A 112 2.59 11.01 1.38
N PHE A 113 1.42 11.60 1.68
CA PHE A 113 1.01 12.87 1.06
C PHE A 113 1.95 14.03 1.39
N ASN A 114 2.60 14.03 2.55
CA ASN A 114 3.66 14.97 2.94
C ASN A 114 4.94 14.80 2.09
N HIS A 115 5.35 13.56 1.77
CA HIS A 115 6.50 13.29 0.90
C HIS A 115 6.21 13.69 -0.56
N ILE A 116 5.00 13.37 -1.04
CA ILE A 116 4.54 13.73 -2.38
C ILE A 116 4.47 15.26 -2.50
N ASP A 117 4.06 15.94 -1.43
CA ASP A 117 3.96 17.41 -1.37
C ASP A 117 5.30 18.10 -1.48
N LYS A 118 6.25 17.73 -0.62
CA LYS A 118 7.62 18.27 -0.69
C LYS A 118 8.34 17.95 -2.01
N SER A 119 7.88 16.90 -2.72
CA SER A 119 8.36 16.60 -4.08
C SER A 119 7.90 17.61 -5.15
N GLY A 120 6.89 18.44 -4.85
CA GLY A 120 6.33 19.45 -5.75
C GLY A 120 5.00 19.05 -6.38
N LEU A 121 4.46 17.89 -6.00
CA LEU A 121 3.22 17.32 -6.55
C LEU A 121 2.02 17.83 -5.75
N LYS A 122 1.28 18.76 -6.33
CA LYS A 122 0.14 19.49 -5.73
C LYS A 122 -1.04 19.62 -6.71
N ASP A 123 -1.40 18.52 -7.36
CA ASP A 123 -2.60 18.46 -8.20
C ASP A 123 -3.87 18.49 -7.34
N SER A 124 -5.02 18.84 -7.95
CA SER A 124 -6.33 18.84 -7.28
C SER A 124 -6.70 17.48 -6.70
N SER A 125 -6.20 16.40 -7.31
CA SER A 125 -6.36 15.04 -6.83
C SER A 125 -5.50 14.75 -5.59
N VAL A 126 -4.34 15.41 -5.38
CA VAL A 126 -3.48 15.15 -4.21
C VAL A 126 -4.18 15.55 -2.93
N GLU A 127 -4.76 16.74 -2.93
CA GLU A 127 -5.49 17.32 -1.79
C GLU A 127 -6.88 16.68 -1.55
N GLU A 128 -7.48 16.07 -2.58
CA GLU A 128 -8.64 15.19 -2.39
C GLU A 128 -8.25 13.82 -1.82
N LEU A 129 -7.15 13.24 -2.29
CA LEU A 129 -6.79 11.88 -1.97
C LEU A 129 -6.24 11.80 -0.55
N LYS A 130 -5.56 12.86 -0.09
CA LYS A 130 -5.11 12.99 1.30
C LYS A 130 -6.26 13.01 2.30
N LYS A 131 -7.39 13.64 1.98
CA LYS A 131 -8.56 13.60 2.89
C LYS A 131 -9.31 12.27 2.83
N ARG A 132 -9.39 11.66 1.64
CA ARG A 132 -10.06 10.37 1.40
C ARG A 132 -9.49 9.23 2.25
N TYR A 133 -8.17 9.17 2.39
CA TYR A 133 -7.45 8.19 3.20
C TYR A 133 -7.50 8.47 4.72
N GLY A 134 -7.74 9.73 5.11
CA GLY A 134 -8.09 10.09 6.48
C GLY A 134 -7.58 11.43 6.99
N GLY A 135 -7.33 12.39 6.08
CA GLY A 135 -6.79 13.74 6.40
C GLY A 135 -5.50 13.73 7.18
N GLY A 1 20.90 -2.52 23.40
CA GLY A 1 20.95 -3.85 24.02
C GLY A 1 21.39 -4.90 23.01
N PRO A 2 20.56 -5.91 22.72
CA PRO A 2 20.93 -7.06 21.89
C PRO A 2 21.10 -6.69 20.40
N HIS A 3 21.92 -7.46 19.69
CA HIS A 3 21.94 -7.44 18.22
C HIS A 3 20.68 -8.11 17.63
N MET A 4 20.39 -7.81 16.37
CA MET A 4 19.22 -8.30 15.63
C MET A 4 19.44 -9.74 15.14
N ALA A 5 18.40 -10.58 15.20
CA ALA A 5 18.43 -11.93 14.67
C ALA A 5 18.38 -11.91 13.12
N GLN A 6 18.95 -12.92 12.47
CA GLN A 6 18.97 -13.06 11.01
C GLN A 6 17.53 -13.11 10.45
N PHE A 7 17.32 -12.54 9.26
CA PHE A 7 16.02 -12.59 8.59
C PHE A 7 15.70 -14.03 8.09
N ALA A 8 14.40 -14.35 8.01
CA ALA A 8 13.93 -15.70 7.68
C ALA A 8 14.27 -16.16 6.26
N THR A 9 14.45 -17.47 6.06
CA THR A 9 14.62 -18.08 4.73
C THR A 9 13.28 -18.08 4.00
N THR A 10 13.16 -17.24 2.97
CA THR A 10 11.92 -17.05 2.17
C THR A 10 12.23 -16.87 0.68
N VAL A 11 11.19 -16.94 -0.14
CA VAL A 11 11.22 -16.66 -1.58
C VAL A 11 10.03 -15.75 -1.88
N LEU A 12 10.28 -14.69 -2.65
CA LEU A 12 9.27 -13.76 -3.17
C LEU A 12 8.28 -14.50 -4.09
N PRO A 13 7.00 -14.58 -3.70
CA PRO A 13 5.96 -15.25 -4.49
C PRO A 13 5.60 -14.46 -5.76
N PRO A 14 5.00 -15.12 -6.77
CA PRO A 14 4.61 -14.48 -8.04
C PRO A 14 3.41 -13.54 -7.88
N ILE A 15 3.11 -12.78 -8.93
CA ILE A 15 1.98 -11.85 -9.01
C ILE A 15 0.65 -12.58 -8.75
N PRO A 16 -0.27 -12.03 -7.94
CA PRO A 16 -1.59 -12.62 -7.62
C PRO A 16 -2.52 -12.67 -8.85
N ALA A 17 -3.57 -13.49 -8.74
CA ALA A 17 -4.64 -13.57 -9.73
C ALA A 17 -5.90 -12.75 -9.33
N ASN A 18 -6.14 -12.55 -8.03
CA ASN A 18 -7.23 -11.73 -7.47
C ASN A 18 -6.89 -11.20 -6.06
N SER A 19 -7.80 -10.43 -5.46
CA SER A 19 -7.70 -9.98 -4.06
C SER A 19 -7.43 -11.11 -3.07
N PHE A 20 -7.98 -12.31 -3.27
CA PHE A 20 -7.83 -13.41 -2.29
C PHE A 20 -6.41 -14.00 -2.31
N GLN A 21 -5.81 -14.08 -3.49
CA GLN A 21 -4.37 -14.33 -3.67
C GLN A 21 -3.51 -13.24 -3.02
N LEU A 22 -3.86 -11.97 -3.24
CA LEU A 22 -3.09 -10.82 -2.77
C LEU A 22 -3.09 -10.75 -1.24
N GLU A 23 -4.26 -10.78 -0.61
CA GLU A 23 -4.38 -10.75 0.86
C GLU A 23 -3.65 -11.93 1.52
N SER A 24 -3.52 -13.06 0.81
CA SER A 24 -2.79 -14.25 1.26
C SER A 24 -1.29 -14.02 1.32
N ASP A 25 -0.75 -13.35 0.31
CA ASP A 25 0.67 -12.98 0.27
C ASP A 25 0.96 -11.79 1.19
N PHE A 26 -0.02 -10.91 1.41
CA PHE A 26 0.09 -9.83 2.38
C PHE A 26 0.09 -10.36 3.80
N ARG A 27 -0.78 -11.31 4.16
CA ARG A 27 -0.86 -11.84 5.53
C ARG A 27 0.32 -12.72 5.91
N GLN A 28 0.97 -13.34 4.93
CA GLN A 28 2.14 -14.19 5.17
C GLN A 28 3.47 -13.40 5.21
N LEU A 29 3.47 -12.22 4.57
CA LEU A 29 4.61 -11.29 4.52
C LEU A 29 4.39 -10.03 5.39
N LYS A 30 3.32 -9.97 6.20
CA LYS A 30 2.85 -8.76 6.91
C LYS A 30 3.88 -8.16 7.87
N SER A 31 4.72 -9.01 8.42
CA SER A 31 5.87 -8.64 9.27
C SER A 31 7.23 -9.00 8.62
N SER A 32 7.21 -9.13 7.29
CA SER A 32 8.37 -9.14 6.38
C SER A 32 8.22 -8.03 5.30
N PRO A 33 8.16 -6.76 5.74
CA PRO A 33 7.84 -5.62 4.88
C PRO A 33 8.89 -5.34 3.81
N ASP A 34 10.12 -5.80 4.01
CA ASP A 34 11.20 -5.64 3.03
C ASP A 34 11.02 -6.54 1.82
N MET A 35 10.41 -7.71 2.00
CA MET A 35 9.99 -8.53 0.87
C MET A 35 8.63 -8.13 0.31
N LEU A 36 7.74 -7.56 1.12
CA LEU A 36 6.51 -6.94 0.59
C LEU A 36 6.81 -5.86 -0.46
N TYR A 37 7.86 -5.04 -0.27
CA TYR A 37 8.30 -4.07 -1.27
C TYR A 37 8.59 -4.71 -2.64
N GLN A 38 9.44 -5.75 -2.69
CA GLN A 38 9.82 -6.40 -3.95
C GLN A 38 8.68 -7.24 -4.53
N TYR A 39 7.81 -7.79 -3.69
CA TYR A 39 6.57 -8.44 -4.12
C TYR A 39 5.65 -7.46 -4.86
N LEU A 40 5.45 -6.26 -4.33
CA LEU A 40 4.63 -5.20 -4.93
C LEU A 40 5.26 -4.63 -6.20
N LYS A 41 6.60 -4.55 -6.27
CA LYS A 41 7.33 -4.08 -7.47
C LYS A 41 7.03 -4.89 -8.72
N GLN A 42 6.64 -6.16 -8.57
CA GLN A 42 6.24 -7.01 -9.70
C GLN A 42 4.92 -6.58 -10.34
N ILE A 43 4.04 -5.95 -9.55
CA ILE A 43 2.62 -5.76 -9.83
C ILE A 43 2.42 -4.38 -10.47
N GLU A 44 1.97 -4.32 -11.73
CA GLU A 44 1.70 -3.05 -12.40
C GLU A 44 0.39 -2.39 -11.91
N PRO A 45 0.26 -1.05 -11.94
CA PRO A 45 -0.96 -0.36 -11.51
C PRO A 45 -2.19 -0.71 -12.37
N SER A 46 -2.00 -1.29 -13.55
CA SER A 46 -3.07 -1.85 -14.40
C SER A 46 -3.78 -3.06 -13.76
N LEU A 47 -3.11 -3.77 -12.83
CA LEU A 47 -3.68 -4.90 -12.11
C LEU A 47 -4.48 -4.48 -10.88
N TYR A 48 -4.14 -3.36 -10.23
CA TYR A 48 -4.82 -2.86 -9.02
C TYR A 48 -6.36 -2.80 -9.16
N PRO A 49 -6.93 -2.15 -10.20
CA PRO A 49 -8.38 -2.08 -10.39
C PRO A 49 -9.01 -3.41 -10.83
N LYS A 50 -8.22 -4.37 -11.33
CA LYS A 50 -8.65 -5.72 -11.76
C LYS A 50 -8.66 -6.74 -10.61
N LEU A 51 -7.63 -6.74 -9.76
CA LEU A 51 -7.52 -7.65 -8.60
C LEU A 51 -8.64 -7.38 -7.59
N PHE A 52 -8.91 -6.10 -7.36
CA PHE A 52 -9.87 -5.59 -6.37
C PHE A 52 -11.25 -5.21 -6.96
N GLN A 53 -11.58 -5.67 -8.18
CA GLN A 53 -12.78 -5.24 -8.90
C GLN A 53 -14.12 -5.60 -8.24
N LYS A 54 -14.14 -6.61 -7.36
CA LYS A 54 -15.33 -6.98 -6.56
C LYS A 54 -15.25 -6.62 -5.08
N ASN A 55 -14.04 -6.50 -4.55
CA ASN A 55 -13.74 -6.02 -3.19
C ASN A 55 -12.25 -5.63 -3.03
N LEU A 56 -11.99 -4.56 -2.28
CA LEU A 56 -10.76 -4.37 -1.51
C LEU A 56 -10.87 -5.06 -0.14
N ASP A 57 -9.76 -5.21 0.58
CA ASP A 57 -9.72 -5.67 1.97
C ASP A 57 -9.15 -4.60 2.91
N PRO A 58 -9.68 -4.38 4.13
CA PRO A 58 -9.14 -3.40 5.08
C PRO A 58 -7.73 -3.78 5.56
N ASP A 59 -7.46 -5.09 5.71
CA ASP A 59 -6.14 -5.62 6.08
C ASP A 59 -5.13 -5.42 4.95
N VAL A 60 -5.59 -5.24 3.71
CA VAL A 60 -4.74 -4.97 2.55
C VAL A 60 -4.53 -3.47 2.36
N PHE A 61 -5.60 -2.67 2.43
CA PHE A 61 -5.59 -1.22 2.26
C PHE A 61 -4.50 -0.56 3.10
N ASN A 62 -4.46 -0.88 4.40
CA ASN A 62 -3.49 -0.28 5.32
C ASN A 62 -2.06 -0.79 5.10
N GLN A 63 -1.89 -2.03 4.63
CA GLN A 63 -0.57 -2.57 4.33
C GLN A 63 0.04 -2.03 3.03
N ILE A 64 -0.74 -1.84 1.96
CA ILE A 64 -0.23 -1.14 0.75
C ILE A 64 0.36 0.22 1.16
N VAL A 65 -0.38 0.97 1.98
CA VAL A 65 0.02 2.29 2.52
C VAL A 65 1.30 2.19 3.36
N LYS A 66 1.35 1.21 4.27
CA LYS A 66 2.54 0.94 5.11
C LYS A 66 3.79 0.53 4.32
N ILE A 67 3.67 -0.10 3.16
CA ILE A 67 4.84 -0.43 2.31
C ILE A 67 5.24 0.72 1.39
N LEU A 68 4.29 1.52 0.89
CA LEU A 68 4.63 2.80 0.26
C LEU A 68 5.47 3.68 1.20
N HIS A 69 5.13 3.70 2.50
CA HIS A 69 5.68 4.58 3.53
C HIS A 69 7.20 4.47 3.73
N ASP A 70 7.75 3.26 3.69
CA ASP A 70 9.13 2.99 4.14
C ASP A 70 10.03 2.39 3.07
N PHE A 71 9.52 2.28 1.84
CA PHE A 71 10.17 1.61 0.74
C PHE A 71 9.92 2.34 -0.57
N TYR A 72 8.70 2.80 -0.89
CA TYR A 72 8.56 3.51 -2.16
C TYR A 72 9.14 4.92 -2.05
N ILE A 73 9.07 5.51 -0.86
CA ILE A 73 9.71 6.79 -0.55
C ILE A 73 11.25 6.67 -0.59
N GLU A 74 11.81 5.54 -0.16
CA GLU A 74 13.27 5.33 -0.09
C GLU A 74 13.92 4.71 -1.34
N LYS A 75 13.15 3.96 -2.12
CA LYS A 75 13.61 3.05 -3.19
C LYS A 75 13.00 3.37 -4.56
N GLU A 76 11.78 3.89 -4.60
CA GLU A 76 11.07 4.32 -5.82
C GLU A 76 10.89 5.85 -5.95
N LYS A 77 10.23 6.28 -7.02
CA LYS A 77 9.91 7.67 -7.38
C LYS A 77 8.68 8.20 -6.61
N PRO A 78 8.58 9.50 -6.32
CA PRO A 78 7.45 10.09 -5.61
C PRO A 78 6.14 10.03 -6.42
N LEU A 79 6.26 9.97 -7.76
CA LEU A 79 5.10 9.79 -8.66
C LEU A 79 4.43 8.42 -8.43
N LEU A 80 5.19 7.39 -8.09
CA LEU A 80 4.71 6.01 -7.99
C LEU A 80 3.66 5.90 -6.89
N ILE A 81 4.02 6.31 -5.67
CA ILE A 81 3.14 6.30 -4.48
C ILE A 81 1.81 6.97 -4.81
N PHE A 82 1.84 8.17 -5.40
CA PHE A 82 0.63 8.91 -5.74
C PHE A 82 -0.26 8.18 -6.77
N GLU A 83 0.35 7.53 -7.76
CA GLU A 83 -0.39 6.74 -8.77
C GLU A 83 -1.01 5.47 -8.13
N ILE A 84 -0.29 4.74 -7.26
CA ILE A 84 -0.81 3.58 -6.53
C ILE A 84 -2.04 3.95 -5.68
N LEU A 85 -1.92 5.03 -4.89
CA LEU A 85 -2.99 5.53 -4.01
C LEU A 85 -4.23 5.94 -4.81
N GLN A 86 -4.03 6.53 -5.98
CA GLN A 86 -5.07 6.92 -6.92
C GLN A 86 -5.85 5.69 -7.42
N ARG A 87 -5.19 4.59 -7.85
CA ARG A 87 -5.95 3.40 -8.33
C ARG A 87 -6.89 2.85 -7.26
N LEU A 88 -6.38 2.72 -6.04
CA LEU A 88 -7.14 2.19 -4.89
C LEU A 88 -8.37 3.03 -4.50
N SER A 89 -8.33 4.35 -4.72
CA SER A 89 -9.44 5.25 -4.38
C SER A 89 -10.73 4.99 -5.19
N GLU A 90 -10.61 4.32 -6.34
CA GLU A 90 -11.71 3.99 -7.25
C GLU A 90 -12.55 2.81 -6.76
N LEU A 91 -12.13 2.15 -5.68
CA LEU A 91 -12.69 0.87 -5.25
C LEU A 91 -13.92 1.06 -4.36
N LYS A 92 -14.80 0.05 -4.34
CA LYS A 92 -16.14 0.13 -3.73
C LYS A 92 -16.19 -0.16 -2.23
N ARG A 93 -15.19 -0.86 -1.70
CA ARG A 93 -14.91 -1.08 -0.26
C ARG A 93 -13.84 -0.14 0.30
N PHE A 94 -13.25 0.75 -0.51
CA PHE A 94 -12.13 1.60 -0.06
C PHE A 94 -12.50 2.48 1.15
N ASP A 95 -13.71 3.01 1.19
CA ASP A 95 -14.18 3.89 2.27
C ASP A 95 -14.47 3.12 3.56
N MET A 96 -14.95 1.88 3.45
CA MET A 96 -15.05 0.98 4.61
C MET A 96 -13.67 0.53 5.11
N ALA A 97 -12.64 0.48 4.25
CA ALA A 97 -11.25 0.26 4.65
C ALA A 97 -10.68 1.48 5.40
N VAL A 98 -10.93 2.72 4.94
CA VAL A 98 -10.55 3.96 5.64
C VAL A 98 -11.25 4.07 7.00
N MET A 99 -12.50 3.61 7.10
CA MET A 99 -13.24 3.50 8.36
C MET A 99 -12.63 2.46 9.33
N PHE A 100 -12.04 1.38 8.81
CA PHE A 100 -11.33 0.37 9.60
C PHE A 100 -9.94 0.84 10.08
N MET A 101 -9.36 1.88 9.47
CA MET A 101 -8.02 2.36 9.83
C MET A 101 -8.03 3.19 11.13
N SER A 102 -7.03 2.99 12.00
CA SER A 102 -6.84 3.80 13.21
C SER A 102 -5.87 4.96 12.99
N GLU A 103 -5.63 5.78 14.00
CA GLU A 103 -4.57 6.80 13.98
C GLU A 103 -3.18 6.24 13.60
N THR A 104 -2.89 5.00 14.03
CA THR A 104 -1.63 4.31 13.74
C THR A 104 -1.45 4.02 12.25
N GLU A 105 -2.53 3.74 11.53
CA GLU A 105 -2.53 3.62 10.06
C GLU A 105 -2.62 4.99 9.37
N LYS A 106 -3.37 5.94 9.93
CA LYS A 106 -3.65 7.23 9.28
C LYS A 106 -2.47 8.22 9.35
N LYS A 107 -1.61 8.11 10.38
CA LYS A 107 -0.29 8.77 10.42
C LYS A 107 0.65 8.32 9.30
N ILE A 108 0.45 7.10 8.80
CA ILE A 108 1.19 6.57 7.66
C ILE A 108 0.61 7.16 6.36
N ALA A 109 -0.72 7.16 6.20
CA ALA A 109 -1.39 7.68 5.01
C ALA A 109 -1.06 9.16 4.77
N ARG A 110 -1.07 9.99 5.83
CA ARG A 110 -0.72 11.42 5.72
C ARG A 110 0.74 11.64 5.32
N ALA A 111 1.64 10.79 5.80
CA ALA A 111 3.07 10.90 5.53
C ALA A 111 3.44 10.63 4.06
N LEU A 112 2.63 9.82 3.36
CA LEU A 112 2.73 9.68 1.90
C LEU A 112 2.43 11.01 1.21
N PHE A 113 1.26 11.60 1.44
CA PHE A 113 0.89 12.88 0.83
C PHE A 113 1.84 14.03 1.21
N ASN A 114 2.44 13.98 2.41
CA ASN A 114 3.48 14.91 2.85
C ASN A 114 4.80 14.74 2.05
N HIS A 115 5.20 13.51 1.71
CA HIS A 115 6.40 13.23 0.90
C HIS A 115 6.19 13.60 -0.59
N ILE A 116 4.99 13.35 -1.10
CA ILE A 116 4.61 13.65 -2.49
C ILE A 116 4.64 15.19 -2.69
N ASP A 117 4.13 15.93 -1.70
CA ASP A 117 4.09 17.39 -1.71
C ASP A 117 5.48 18.02 -1.72
N LYS A 118 6.32 17.60 -0.77
CA LYS A 118 7.72 18.06 -0.68
C LYS A 118 8.58 17.64 -1.87
N SER A 119 8.13 16.64 -2.62
CA SER A 119 8.76 16.22 -3.88
C SER A 119 8.39 17.07 -5.10
N GLY A 120 7.55 18.10 -4.91
CA GLY A 120 7.21 19.13 -5.89
C GLY A 120 5.97 18.81 -6.73
N LEU A 121 5.15 17.87 -6.26
CA LEU A 121 3.88 17.50 -6.88
C LEU A 121 2.77 18.28 -6.16
N LYS A 122 2.13 19.21 -6.87
CA LYS A 122 1.19 20.20 -6.32
C LYS A 122 -0.05 20.32 -7.21
N ASP A 123 -1.08 19.59 -6.84
CA ASP A 123 -2.37 19.59 -7.55
C ASP A 123 -3.52 19.51 -6.54
N SER A 124 -4.71 20.00 -6.90
CA SER A 124 -5.92 19.74 -6.10
C SER A 124 -6.20 18.23 -5.96
N SER A 125 -5.74 17.44 -6.93
CA SER A 125 -5.80 15.97 -6.91
C SER A 125 -5.05 15.34 -5.74
N VAL A 126 -4.07 16.06 -5.18
CA VAL A 126 -3.30 15.62 -4.01
C VAL A 126 -4.13 15.82 -2.74
N GLU A 127 -4.71 17.01 -2.55
CA GLU A 127 -5.49 17.33 -1.35
C GLU A 127 -6.89 16.69 -1.32
N GLU A 128 -7.50 16.46 -2.48
CA GLU A 128 -8.72 15.68 -2.63
C GLU A 128 -8.48 14.22 -2.24
N LEU A 129 -7.33 13.65 -2.60
CA LEU A 129 -7.01 12.27 -2.33
C LEU A 129 -6.51 12.07 -0.89
N LYS A 130 -5.84 13.08 -0.29
CA LYS A 130 -5.43 13.00 1.12
C LYS A 130 -6.63 13.00 2.07
N LYS A 131 -7.72 13.70 1.72
CA LYS A 131 -8.95 13.68 2.54
C LYS A 131 -9.74 12.36 2.42
N ARG A 132 -9.66 11.70 1.26
CA ARG A 132 -10.25 10.36 1.00
C ARG A 132 -9.62 9.24 1.83
N TYR A 133 -8.32 9.34 2.13
CA TYR A 133 -7.58 8.39 2.98
C TYR A 133 -7.61 8.72 4.48
N GLY A 134 -7.78 9.98 4.87
CA GLY A 134 -8.00 10.33 6.29
C GLY A 134 -8.01 11.79 6.70
N GLY A 135 -8.00 12.71 5.75
CA GLY A 135 -7.94 14.17 5.97
C GLY A 135 -6.62 14.81 5.56
N GLY A 1 21.13 -14.49 28.08
CA GLY A 1 20.24 -15.56 27.61
C GLY A 1 20.86 -16.32 26.44
N PRO A 2 20.11 -17.24 25.81
CA PRO A 2 20.60 -18.11 24.76
C PRO A 2 20.77 -17.41 23.40
N HIS A 3 21.72 -17.87 22.59
CA HIS A 3 21.95 -17.40 21.22
C HIS A 3 20.96 -18.06 20.25
N MET A 4 20.45 -17.31 19.27
CA MET A 4 19.34 -17.72 18.40
C MET A 4 19.82 -18.20 17.03
N ALA A 5 19.23 -19.28 16.50
CA ALA A 5 19.35 -19.67 15.10
C ALA A 5 18.64 -18.66 14.19
N GLN A 6 19.18 -18.40 12.99
CA GLN A 6 18.54 -17.50 12.03
C GLN A 6 17.19 -18.02 11.55
N PHE A 7 16.27 -17.11 11.21
CA PHE A 7 14.96 -17.45 10.66
C PHE A 7 15.04 -17.94 9.20
N ALA A 8 14.08 -18.77 8.80
CA ALA A 8 14.07 -19.43 7.50
C ALA A 8 14.14 -18.47 6.31
N THR A 9 14.82 -18.87 5.24
CA THR A 9 14.85 -18.16 3.95
C THR A 9 13.47 -18.10 3.31
N THR A 10 13.17 -16.97 2.67
CA THR A 10 11.92 -16.70 1.93
C THR A 10 12.12 -16.76 0.43
N VAL A 11 11.02 -16.87 -0.34
CA VAL A 11 11.04 -16.69 -1.80
C VAL A 11 9.80 -15.93 -2.26
N LEU A 12 10.01 -14.83 -2.98
CA LEU A 12 8.97 -13.92 -3.44
C LEU A 12 7.93 -14.62 -4.34
N PRO A 13 6.66 -14.67 -3.93
CA PRO A 13 5.59 -15.30 -4.69
C PRO A 13 5.27 -14.52 -5.98
N PRO A 14 4.73 -15.19 -7.02
CA PRO A 14 4.33 -14.55 -8.28
C PRO A 14 3.11 -13.65 -8.11
N ILE A 15 2.76 -12.93 -9.18
CA ILE A 15 1.68 -11.96 -9.20
C ILE A 15 0.33 -12.67 -8.96
N PRO A 16 -0.51 -12.15 -8.04
CA PRO A 16 -1.79 -12.75 -7.69
C PRO A 16 -2.78 -12.76 -8.86
N ALA A 17 -3.76 -13.64 -8.77
CA ALA A 17 -4.81 -13.87 -9.77
C ALA A 17 -6.01 -12.91 -9.58
N ASN A 18 -6.27 -12.60 -8.31
CA ASN A 18 -7.42 -11.86 -7.79
C ASN A 18 -7.11 -11.40 -6.35
N SER A 19 -7.95 -10.56 -5.75
CA SER A 19 -7.80 -10.02 -4.39
C SER A 19 -7.50 -11.08 -3.33
N PHE A 20 -8.11 -12.28 -3.44
CA PHE A 20 -7.95 -13.38 -2.49
C PHE A 20 -6.52 -13.95 -2.43
N GLN A 21 -5.77 -13.89 -3.54
CA GLN A 21 -4.35 -14.24 -3.59
C GLN A 21 -3.48 -13.10 -3.05
N LEU A 22 -3.83 -11.85 -3.35
CA LEU A 22 -3.09 -10.67 -2.87
C LEU A 22 -3.12 -10.61 -1.34
N GLU A 23 -4.32 -10.67 -0.74
CA GLU A 23 -4.46 -10.69 0.73
C GLU A 23 -3.76 -11.89 1.37
N SER A 24 -3.67 -13.02 0.66
CA SER A 24 -3.00 -14.24 1.12
C SER A 24 -1.49 -14.08 1.22
N ASP A 25 -0.90 -13.40 0.24
CA ASP A 25 0.53 -13.11 0.21
C ASP A 25 0.87 -11.95 1.14
N PHE A 26 -0.04 -10.99 1.30
CA PHE A 26 0.13 -9.86 2.21
C PHE A 26 0.19 -10.31 3.67
N ARG A 27 -0.69 -11.24 4.08
CA ARG A 27 -0.74 -11.67 5.48
C ARG A 27 0.34 -12.70 5.81
N GLN A 28 0.83 -13.44 4.82
CA GLN A 28 1.95 -14.35 5.04
C GLN A 28 3.26 -13.57 5.22
N LEU A 29 3.42 -12.43 4.52
CA LEU A 29 4.63 -11.60 4.47
C LEU A 29 4.57 -10.34 5.36
N LYS A 30 3.52 -10.18 6.18
CA LYS A 30 3.25 -8.96 6.98
C LYS A 30 4.39 -8.57 7.92
N SER A 31 5.09 -9.57 8.43
CA SER A 31 6.28 -9.44 9.30
C SER A 31 7.61 -9.47 8.53
N SER A 32 7.56 -9.41 7.19
CA SER A 32 8.73 -9.29 6.29
C SER A 32 8.49 -8.16 5.26
N PRO A 33 8.30 -6.91 5.71
CA PRO A 33 7.97 -5.79 4.84
C PRO A 33 9.04 -5.49 3.79
N ASP A 34 10.29 -5.90 4.04
CA ASP A 34 11.39 -5.68 3.10
C ASP A 34 11.25 -6.53 1.82
N MET A 35 10.59 -7.69 1.91
CA MET A 35 10.19 -8.46 0.74
C MET A 35 8.81 -8.08 0.20
N LEU A 36 7.91 -7.56 1.04
CA LEU A 36 6.63 -7.02 0.55
C LEU A 36 6.84 -5.92 -0.50
N TYR A 37 7.86 -5.06 -0.34
CA TYR A 37 8.30 -4.13 -1.38
C TYR A 37 8.62 -4.83 -2.72
N GLN A 38 9.48 -5.86 -2.69
CA GLN A 38 9.93 -6.57 -3.89
C GLN A 38 8.82 -7.41 -4.54
N TYR A 39 7.86 -7.91 -3.75
CA TYR A 39 6.63 -8.53 -4.22
C TYR A 39 5.75 -7.54 -4.98
N LEU A 40 5.54 -6.33 -4.44
CA LEU A 40 4.73 -5.28 -5.05
C LEU A 40 5.38 -4.71 -6.32
N LYS A 41 6.72 -4.65 -6.38
CA LYS A 41 7.47 -4.21 -7.55
C LYS A 41 7.15 -5.02 -8.82
N GLN A 42 6.82 -6.31 -8.68
CA GLN A 42 6.39 -7.18 -9.78
C GLN A 42 5.04 -6.75 -10.39
N ILE A 43 4.16 -6.18 -9.56
CA ILE A 43 2.73 -5.99 -9.84
C ILE A 43 2.49 -4.59 -10.42
N GLU A 44 1.93 -4.48 -11.62
CA GLU A 44 1.63 -3.18 -12.24
C GLU A 44 0.35 -2.53 -11.68
N PRO A 45 0.26 -1.19 -11.64
CA PRO A 45 -0.93 -0.48 -11.17
C PRO A 45 -2.18 -0.71 -12.03
N SER A 46 -2.05 -1.16 -13.28
CA SER A 46 -3.22 -1.58 -14.09
C SER A 46 -3.89 -2.86 -13.59
N LEU A 47 -3.21 -3.68 -12.78
CA LEU A 47 -3.81 -4.87 -12.16
C LEU A 47 -4.62 -4.54 -10.91
N TYR A 48 -4.37 -3.41 -10.23
CA TYR A 48 -5.05 -3.03 -9.00
C TYR A 48 -6.60 -3.05 -9.12
N PRO A 49 -7.21 -2.40 -10.14
CA PRO A 49 -8.67 -2.45 -10.31
C PRO A 49 -9.20 -3.84 -10.72
N LYS A 50 -8.38 -4.67 -11.38
CA LYS A 50 -8.73 -6.03 -11.81
C LYS A 50 -8.70 -7.02 -10.65
N LEU A 51 -7.67 -6.95 -9.81
CA LEU A 51 -7.51 -7.80 -8.62
C LEU A 51 -8.62 -7.52 -7.61
N PHE A 52 -8.88 -6.25 -7.35
CA PHE A 52 -9.85 -5.75 -6.36
C PHE A 52 -11.24 -5.44 -6.97
N GLN A 53 -11.60 -6.06 -8.11
CA GLN A 53 -12.81 -5.73 -8.87
C GLN A 53 -14.13 -6.03 -8.13
N LYS A 54 -14.12 -7.01 -7.22
CA LYS A 54 -15.27 -7.29 -6.35
C LYS A 54 -15.07 -6.75 -4.95
N ASN A 55 -13.83 -6.71 -4.46
CA ASN A 55 -13.52 -6.14 -3.15
C ASN A 55 -12.02 -5.80 -2.95
N LEU A 56 -11.77 -4.69 -2.25
CA LEU A 56 -10.57 -4.47 -1.43
C LEU A 56 -10.75 -5.12 -0.04
N ASP A 57 -9.67 -5.26 0.73
CA ASP A 57 -9.72 -5.62 2.16
C ASP A 57 -9.28 -4.43 3.03
N PRO A 58 -9.93 -4.16 4.19
CA PRO A 58 -9.48 -3.13 5.12
C PRO A 58 -8.07 -3.38 5.63
N ASP A 59 -7.65 -4.64 5.74
CA ASP A 59 -6.30 -5.00 6.21
C ASP A 59 -5.24 -4.90 5.11
N VAL A 60 -5.65 -5.03 3.84
CA VAL A 60 -4.75 -4.90 2.67
C VAL A 60 -4.50 -3.43 2.37
N PHE A 61 -5.56 -2.61 2.42
CA PHE A 61 -5.49 -1.16 2.26
C PHE A 61 -4.37 -0.54 3.11
N ASN A 62 -4.33 -0.83 4.41
CA ASN A 62 -3.30 -0.28 5.28
C ASN A 62 -1.91 -0.90 5.08
N GLN A 63 -1.82 -2.15 4.62
CA GLN A 63 -0.54 -2.76 4.27
C GLN A 63 0.07 -2.17 2.99
N ILE A 64 -0.71 -1.91 1.94
CA ILE A 64 -0.21 -1.18 0.75
C ILE A 64 0.40 0.17 1.20
N VAL A 65 -0.32 0.92 2.04
CA VAL A 65 0.10 2.23 2.58
C VAL A 65 1.38 2.11 3.42
N LYS A 66 1.42 1.12 4.31
CA LYS A 66 2.59 0.81 5.17
C LYS A 66 3.86 0.43 4.39
N ILE A 67 3.74 -0.22 3.23
CA ILE A 67 4.90 -0.51 2.37
C ILE A 67 5.27 0.68 1.47
N LEU A 68 4.31 1.46 0.97
CA LEU A 68 4.62 2.72 0.29
C LEU A 68 5.50 3.63 1.18
N HIS A 69 5.21 3.66 2.49
CA HIS A 69 5.80 4.56 3.49
C HIS A 69 7.33 4.44 3.67
N ASP A 70 7.85 3.21 3.64
CA ASP A 70 9.24 2.90 4.03
C ASP A 70 10.08 2.32 2.88
N PHE A 71 9.53 2.23 1.67
CA PHE A 71 10.15 1.55 0.56
C PHE A 71 9.86 2.28 -0.75
N TYR A 72 8.66 2.80 -1.02
CA TYR A 72 8.48 3.53 -2.27
C TYR A 72 8.99 4.96 -2.12
N ILE A 73 8.93 5.50 -0.90
CA ILE A 73 9.56 6.78 -0.56
C ILE A 73 11.09 6.65 -0.52
N GLU A 74 11.60 5.52 -0.06
CA GLU A 74 13.03 5.31 0.21
C GLU A 74 13.81 4.77 -1.00
N LYS A 75 13.13 4.05 -1.89
CA LYS A 75 13.71 3.32 -3.03
C LYS A 75 13.17 3.82 -4.37
N GLU A 76 11.86 4.09 -4.48
CA GLU A 76 11.18 4.49 -5.72
C GLU A 76 10.90 6.00 -5.83
N LYS A 77 10.24 6.42 -6.92
CA LYS A 77 9.92 7.82 -7.23
C LYS A 77 8.68 8.34 -6.48
N PRO A 78 8.58 9.65 -6.20
CA PRO A 78 7.44 10.25 -5.49
C PRO A 78 6.13 10.17 -6.28
N LEU A 79 6.20 10.09 -7.61
CA LEU A 79 5.01 9.85 -8.43
C LEU A 79 4.44 8.44 -8.19
N LEU A 80 5.28 7.44 -7.88
CA LEU A 80 4.86 6.05 -7.76
C LEU A 80 3.82 5.91 -6.64
N ILE A 81 4.13 6.37 -5.43
CA ILE A 81 3.22 6.37 -4.28
C ILE A 81 1.87 6.97 -4.69
N PHE A 82 1.86 8.19 -5.25
CA PHE A 82 0.61 8.85 -5.64
C PHE A 82 -0.20 8.07 -6.68
N GLU A 83 0.46 7.43 -7.64
CA GLU A 83 -0.18 6.66 -8.70
C GLU A 83 -0.77 5.32 -8.20
N ILE A 84 -0.16 4.66 -7.20
CA ILE A 84 -0.76 3.50 -6.52
C ILE A 84 -2.04 3.91 -5.76
N LEU A 85 -1.97 4.99 -4.98
CA LEU A 85 -3.04 5.48 -4.10
C LEU A 85 -4.28 5.88 -4.91
N GLN A 86 -4.08 6.43 -6.11
CA GLN A 86 -5.16 6.74 -7.05
C GLN A 86 -5.96 5.48 -7.40
N ARG A 87 -5.30 4.39 -7.83
CA ARG A 87 -6.02 3.18 -8.31
C ARG A 87 -6.98 2.65 -7.26
N LEU A 88 -6.49 2.62 -6.02
CA LEU A 88 -7.24 2.15 -4.85
C LEU A 88 -8.46 3.00 -4.51
N SER A 89 -8.40 4.32 -4.75
CA SER A 89 -9.51 5.23 -4.38
C SER A 89 -10.76 5.11 -5.27
N GLU A 90 -10.65 4.44 -6.41
CA GLU A 90 -11.78 4.15 -7.30
C GLU A 90 -12.51 2.85 -6.91
N LEU A 91 -12.03 2.12 -5.89
CA LEU A 91 -12.59 0.82 -5.48
C LEU A 91 -13.80 0.96 -4.54
N LYS A 92 -14.71 -0.01 -4.58
CA LYS A 92 -16.02 0.09 -3.90
C LYS A 92 -15.93 0.04 -2.38
N ARG A 93 -14.93 -0.63 -1.83
CA ARG A 93 -14.66 -0.76 -0.39
C ARG A 93 -13.54 0.14 0.13
N PHE A 94 -12.98 1.03 -0.70
CA PHE A 94 -11.84 1.85 -0.26
C PHE A 94 -12.19 2.76 0.93
N ASP A 95 -13.37 3.37 0.92
CA ASP A 95 -13.81 4.30 1.98
C ASP A 95 -14.21 3.55 3.25
N MET A 96 -14.70 2.31 3.14
CA MET A 96 -14.81 1.41 4.29
C MET A 96 -13.43 1.03 4.85
N ALA A 97 -12.43 0.80 4.00
CA ALA A 97 -11.09 0.48 4.48
C ALA A 97 -10.43 1.64 5.25
N VAL A 98 -10.73 2.89 4.86
CA VAL A 98 -10.38 4.12 5.57
C VAL A 98 -11.12 4.23 6.91
N MET A 99 -12.40 3.84 6.96
CA MET A 99 -13.18 3.79 8.21
C MET A 99 -12.57 2.80 9.23
N PHE A 100 -11.96 1.71 8.76
CA PHE A 100 -11.32 0.70 9.61
C PHE A 100 -9.92 1.10 10.10
N MET A 101 -9.27 2.10 9.47
CA MET A 101 -7.91 2.53 9.86
C MET A 101 -7.89 3.27 11.20
N SER A 102 -6.84 3.03 11.99
CA SER A 102 -6.61 3.72 13.28
C SER A 102 -5.69 4.93 13.12
N GLU A 103 -5.46 5.66 14.20
CA GLU A 103 -4.37 6.63 14.34
C GLU A 103 -3.00 6.12 13.83
N THR A 104 -2.65 4.86 14.12
CA THR A 104 -1.36 4.25 13.76
C THR A 104 -1.23 4.02 12.26
N GLU A 105 -2.34 3.76 11.56
CA GLU A 105 -2.36 3.67 10.09
C GLU A 105 -2.52 5.05 9.43
N LYS A 106 -3.31 5.95 10.01
CA LYS A 106 -3.59 7.28 9.46
C LYS A 106 -2.37 8.21 9.52
N LYS A 107 -1.51 8.09 10.55
CA LYS A 107 -0.20 8.77 10.57
C LYS A 107 0.72 8.35 9.42
N ILE A 108 0.57 7.14 8.91
CA ILE A 108 1.30 6.63 7.74
C ILE A 108 0.68 7.21 6.46
N ALA A 109 -0.65 7.15 6.33
CA ALA A 109 -1.36 7.64 5.14
C ALA A 109 -1.09 9.13 4.89
N ARG A 110 -1.11 9.95 5.95
CA ARG A 110 -0.80 11.38 5.83
C ARG A 110 0.67 11.65 5.50
N ALA A 111 1.57 10.80 5.99
CA ALA A 111 3.01 10.94 5.73
C ALA A 111 3.36 10.65 4.26
N LEU A 112 2.57 9.82 3.57
CA LEU A 112 2.66 9.64 2.11
C LEU A 112 2.39 10.97 1.39
N PHE A 113 1.24 11.59 1.63
CA PHE A 113 0.90 12.88 1.00
C PHE A 113 1.89 13.98 1.39
N ASN A 114 2.37 14.00 2.63
CA ASN A 114 3.41 14.93 3.09
C ASN A 114 4.75 14.75 2.34
N HIS A 115 5.11 13.53 1.92
CA HIS A 115 6.26 13.26 1.04
C HIS A 115 5.99 13.67 -0.42
N ILE A 116 4.81 13.38 -0.94
CA ILE A 116 4.43 13.66 -2.34
C ILE A 116 4.41 15.18 -2.57
N ASP A 117 3.85 15.91 -1.60
CA ASP A 117 3.74 17.37 -1.61
C ASP A 117 5.11 18.04 -1.62
N LYS A 118 5.96 17.70 -0.63
CA LYS A 118 7.33 18.21 -0.54
C LYS A 118 8.24 17.73 -1.68
N SER A 119 7.84 16.67 -2.37
CA SER A 119 8.53 16.19 -3.59
C SER A 119 8.19 16.99 -4.84
N GLY A 120 7.28 17.97 -4.76
CA GLY A 120 7.00 18.93 -5.82
C GLY A 120 5.71 18.67 -6.58
N LEU A 121 4.83 17.81 -6.08
CA LEU A 121 3.59 17.42 -6.77
C LEU A 121 2.38 18.21 -6.23
N LYS A 122 1.73 18.97 -7.13
CA LYS A 122 0.58 19.84 -6.86
C LYS A 122 -0.49 19.60 -7.92
N ASP A 123 -1.57 18.97 -7.50
CA ASP A 123 -2.82 18.85 -8.24
C ASP A 123 -3.99 18.90 -7.26
N SER A 124 -5.18 19.33 -7.70
CA SER A 124 -6.38 19.29 -6.86
C SER A 124 -6.72 17.87 -6.41
N SER A 125 -6.31 16.85 -7.19
CA SER A 125 -6.42 15.45 -6.79
C SER A 125 -5.49 15.08 -5.63
N VAL A 126 -4.44 15.85 -5.34
CA VAL A 126 -3.61 15.65 -4.14
C VAL A 126 -4.39 16.08 -2.90
N GLU A 127 -5.00 17.28 -2.91
CA GLU A 127 -5.80 17.74 -1.77
C GLU A 127 -7.12 16.98 -1.60
N GLU A 128 -7.65 16.37 -2.66
CA GLU A 128 -8.77 15.43 -2.56
C GLU A 128 -8.35 14.03 -2.08
N LEU A 129 -7.22 13.50 -2.53
CA LEU A 129 -6.82 12.14 -2.18
C LEU A 129 -6.27 12.09 -0.75
N LYS A 130 -5.62 13.18 -0.29
CA LYS A 130 -5.14 13.31 1.10
C LYS A 130 -6.27 13.34 2.12
N LYS A 131 -7.44 13.90 1.78
CA LYS A 131 -8.62 13.83 2.67
C LYS A 131 -9.33 12.49 2.58
N ARG A 132 -9.37 11.87 1.40
CA ARG A 132 -10.04 10.57 1.14
C ARG A 132 -9.45 9.43 1.96
N TYR A 133 -8.13 9.40 2.14
CA TYR A 133 -7.41 8.41 2.96
C TYR A 133 -7.49 8.68 4.46
N GLY A 134 -7.74 9.92 4.87
CA GLY A 134 -8.12 10.26 6.24
C GLY A 134 -7.68 11.63 6.77
N GLY A 135 -7.50 12.62 5.90
CA GLY A 135 -7.22 14.04 6.27
C GLY A 135 -6.05 14.25 7.23
N GLY A 1 7.40 -32.23 27.16
CA GLY A 1 7.55 -30.78 26.87
C GLY A 1 7.21 -30.49 25.42
N PRO A 2 6.80 -29.26 25.09
CA PRO A 2 6.48 -28.88 23.72
C PRO A 2 7.64 -29.03 22.72
N HIS A 3 7.32 -29.54 21.54
CA HIS A 3 8.10 -29.37 20.32
C HIS A 3 7.23 -28.66 19.28
N MET A 4 7.74 -27.57 18.70
CA MET A 4 6.97 -26.63 17.89
C MET A 4 6.86 -27.07 16.43
N ALA A 5 5.83 -26.58 15.76
CA ALA A 5 5.74 -26.60 14.30
C ALA A 5 6.81 -25.67 13.71
N GLN A 6 7.51 -26.11 12.67
CA GLN A 6 8.59 -25.36 12.02
C GLN A 6 8.07 -24.02 11.50
N PHE A 7 8.90 -22.97 11.61
CA PHE A 7 8.54 -21.62 11.17
C PHE A 7 8.16 -21.58 9.69
N ALA A 8 7.19 -20.73 9.34
CA ALA A 8 6.73 -20.59 7.96
C ALA A 8 7.84 -20.07 7.02
N THR A 9 7.97 -20.71 5.85
CA THR A 9 8.98 -20.37 4.83
C THR A 9 8.73 -18.99 4.21
N THR A 10 9.76 -18.45 3.55
CA THR A 10 9.74 -17.15 2.86
C THR A 10 10.30 -17.27 1.44
N VAL A 11 9.57 -16.70 0.48
CA VAL A 11 9.86 -16.63 -0.95
C VAL A 11 9.07 -15.44 -1.51
N LEU A 12 9.52 -14.86 -2.61
CA LEU A 12 8.74 -13.89 -3.41
C LEU A 12 7.81 -14.61 -4.41
N PRO A 13 6.50 -14.74 -4.15
CA PRO A 13 5.57 -15.32 -5.12
C PRO A 13 5.38 -14.40 -6.35
N PRO A 14 4.88 -14.94 -7.48
CA PRO A 14 4.52 -14.18 -8.67
C PRO A 14 3.31 -13.25 -8.42
N ILE A 15 3.00 -12.41 -9.41
CA ILE A 15 1.90 -11.44 -9.40
C ILE A 15 0.56 -12.16 -9.14
N PRO A 16 -0.32 -11.65 -8.26
CA PRO A 16 -1.62 -12.25 -7.95
C PRO A 16 -2.57 -12.22 -9.16
N ALA A 17 -3.53 -13.13 -9.16
CA ALA A 17 -4.59 -13.22 -10.17
C ALA A 17 -5.78 -12.31 -9.82
N ASN A 18 -6.08 -12.20 -8.52
CA ASN A 18 -7.14 -11.39 -7.93
C ASN A 18 -6.84 -11.08 -6.44
N SER A 19 -7.66 -10.26 -5.79
CA SER A 19 -7.58 -9.90 -4.37
C SER A 19 -7.33 -11.09 -3.43
N PHE A 20 -7.94 -12.24 -3.69
CA PHE A 20 -7.83 -13.46 -2.87
C PHE A 20 -6.44 -14.12 -2.90
N GLN A 21 -5.65 -13.86 -3.95
CA GLN A 21 -4.23 -14.20 -4.02
C GLN A 21 -3.37 -13.16 -3.29
N LEU A 22 -3.72 -11.89 -3.44
CA LEU A 22 -2.98 -10.78 -2.87
C LEU A 22 -3.05 -10.79 -1.34
N GLU A 23 -4.25 -10.88 -0.75
CA GLU A 23 -4.42 -10.96 0.70
C GLU A 23 -3.66 -12.14 1.31
N SER A 24 -3.53 -13.24 0.56
CA SER A 24 -2.83 -14.46 0.95
C SER A 24 -1.32 -14.27 0.94
N ASP A 25 -0.80 -13.53 -0.04
CA ASP A 25 0.62 -13.19 -0.12
C ASP A 25 0.98 -12.08 0.89
N PHE A 26 0.03 -11.20 1.24
CA PHE A 26 0.17 -10.17 2.27
C PHE A 26 0.14 -10.76 3.69
N ARG A 27 -0.77 -11.71 3.98
CA ARG A 27 -0.91 -12.30 5.32
C ARG A 27 0.24 -13.26 5.64
N GLN A 28 0.83 -13.88 4.62
CA GLN A 28 1.99 -14.76 4.82
C GLN A 28 3.29 -13.95 4.97
N LEU A 29 3.42 -12.83 4.24
CA LEU A 29 4.60 -11.96 4.25
C LEU A 29 4.50 -10.78 5.24
N LYS A 30 3.50 -10.78 6.13
CA LYS A 30 3.21 -9.67 7.06
C LYS A 30 4.38 -9.33 7.99
N SER A 31 5.10 -10.37 8.40
CA SER A 31 6.30 -10.34 9.23
C SER A 31 7.58 -10.04 8.44
N SER A 32 7.48 -9.82 7.12
CA SER A 32 8.61 -9.59 6.21
C SER A 32 8.32 -8.44 5.22
N PRO A 33 8.08 -7.21 5.72
CA PRO A 33 7.82 -6.03 4.90
C PRO A 33 8.93 -5.72 3.89
N ASP A 34 10.15 -6.17 4.19
CA ASP A 34 11.31 -5.96 3.31
C ASP A 34 11.20 -6.74 1.98
N MET A 35 10.52 -7.88 2.00
CA MET A 35 10.16 -8.63 0.78
C MET A 35 8.79 -8.25 0.23
N LEU A 36 7.85 -7.80 1.06
CA LEU A 36 6.58 -7.21 0.56
C LEU A 36 6.84 -6.09 -0.46
N TYR A 37 7.86 -5.27 -0.25
CA TYR A 37 8.32 -4.28 -1.25
C TYR A 37 8.69 -4.93 -2.60
N GLN A 38 9.55 -5.96 -2.63
CA GLN A 38 9.97 -6.60 -3.88
C GLN A 38 8.83 -7.39 -4.54
N TYR A 39 7.91 -7.93 -3.74
CA TYR A 39 6.67 -8.54 -4.21
C TYR A 39 5.76 -7.51 -4.93
N LEU A 40 5.54 -6.34 -4.31
CA LEU A 40 4.72 -5.26 -4.86
C LEU A 40 5.34 -4.65 -6.12
N LYS A 41 6.68 -4.57 -6.18
CA LYS A 41 7.43 -4.04 -7.32
C LYS A 41 7.11 -4.76 -8.64
N GLN A 42 6.74 -6.04 -8.57
CA GLN A 42 6.32 -6.84 -9.73
C GLN A 42 4.97 -6.36 -10.30
N ILE A 43 4.08 -5.89 -9.41
CA ILE A 43 2.65 -5.69 -9.68
C ILE A 43 2.43 -4.29 -10.27
N GLU A 44 1.73 -4.21 -11.40
CA GLU A 44 1.49 -2.97 -12.13
C GLU A 44 0.23 -2.23 -11.67
N PRO A 45 0.20 -0.88 -11.72
CA PRO A 45 -0.96 -0.08 -11.29
C PRO A 45 -2.19 -0.33 -12.18
N SER A 46 -2.01 -0.83 -13.40
CA SER A 46 -3.11 -1.19 -14.32
C SER A 46 -3.93 -2.39 -13.82
N LEU A 47 -3.35 -3.24 -12.95
CA LEU A 47 -4.03 -4.38 -12.33
C LEU A 47 -4.67 -4.04 -10.98
N TYR A 48 -4.25 -3.00 -10.26
CA TYR A 48 -4.85 -2.61 -8.98
C TYR A 48 -6.39 -2.47 -9.00
N PRO A 49 -7.01 -1.74 -9.96
CA PRO A 49 -8.46 -1.60 -10.03
C PRO A 49 -9.18 -2.90 -10.46
N LYS A 50 -8.43 -3.85 -11.02
CA LYS A 50 -8.91 -5.16 -11.50
C LYS A 50 -8.81 -6.27 -10.46
N LEU A 51 -7.69 -6.37 -9.74
CA LEU A 51 -7.46 -7.31 -8.64
C LEU A 51 -8.51 -7.15 -7.55
N PHE A 52 -8.75 -5.90 -7.17
CA PHE A 52 -9.68 -5.49 -6.12
C PHE A 52 -11.07 -5.09 -6.64
N GLN A 53 -11.43 -5.46 -7.88
CA GLN A 53 -12.66 -4.99 -8.52
C GLN A 53 -13.94 -5.38 -7.78
N LYS A 54 -13.95 -6.51 -7.07
CA LYS A 54 -15.11 -6.95 -6.26
C LYS A 54 -15.00 -6.52 -4.79
N ASN A 55 -13.78 -6.37 -4.28
CA ASN A 55 -13.52 -5.91 -2.91
C ASN A 55 -12.04 -5.51 -2.69
N LEU A 56 -11.81 -4.72 -1.65
CA LEU A 56 -10.52 -4.59 -0.95
C LEU A 56 -10.59 -5.33 0.40
N ASP A 57 -9.46 -5.55 1.07
CA ASP A 57 -9.41 -5.95 2.50
C ASP A 57 -8.96 -4.74 3.33
N PRO A 58 -9.59 -4.39 4.46
CA PRO A 58 -9.09 -3.35 5.35
C PRO A 58 -7.67 -3.64 5.87
N ASP A 59 -7.29 -4.91 5.96
CA ASP A 59 -5.96 -5.35 6.37
C ASP A 59 -4.91 -5.10 5.27
N VAL A 60 -5.32 -5.24 4.01
CA VAL A 60 -4.48 -5.01 2.84
C VAL A 60 -4.34 -3.52 2.56
N PHE A 61 -5.44 -2.76 2.66
CA PHE A 61 -5.41 -1.29 2.54
C PHE A 61 -4.31 -0.68 3.40
N ASN A 62 -4.25 -1.02 4.69
CA ASN A 62 -3.22 -0.47 5.57
C ASN A 62 -1.82 -1.02 5.28
N GLN A 63 -1.69 -2.26 4.83
CA GLN A 63 -0.40 -2.85 4.47
C GLN A 63 0.20 -2.23 3.20
N ILE A 64 -0.58 -2.02 2.13
CA ILE A 64 -0.11 -1.28 0.93
C ILE A 64 0.45 0.09 1.35
N VAL A 65 -0.29 0.84 2.17
CA VAL A 65 0.10 2.16 2.68
C VAL A 65 1.38 2.09 3.52
N LYS A 66 1.45 1.09 4.41
CA LYS A 66 2.62 0.80 5.26
C LYS A 66 3.88 0.47 4.45
N ILE A 67 3.78 -0.28 3.34
CA ILE A 67 4.94 -0.52 2.46
C ILE A 67 5.30 0.71 1.62
N LEU A 68 4.33 1.47 1.09
CA LEU A 68 4.62 2.74 0.41
C LEU A 68 5.46 3.68 1.31
N HIS A 69 5.15 3.71 2.61
CA HIS A 69 5.71 4.62 3.61
C HIS A 69 7.23 4.52 3.82
N ASP A 70 7.79 3.31 3.87
CA ASP A 70 9.20 3.11 4.25
C ASP A 70 10.02 2.38 3.18
N PHE A 71 9.51 2.32 1.95
CA PHE A 71 10.12 1.62 0.83
C PHE A 71 9.84 2.34 -0.47
N TYR A 72 8.64 2.86 -0.77
CA TYR A 72 8.50 3.53 -2.06
C TYR A 72 9.05 4.96 -2.03
N ILE A 73 8.91 5.63 -0.88
CA ILE A 73 9.53 6.94 -0.62
C ILE A 73 11.07 6.86 -0.71
N GLU A 74 11.62 5.72 -0.31
CA GLU A 74 13.06 5.48 -0.15
C GLU A 74 13.71 4.90 -1.43
N LYS A 75 13.00 4.00 -2.12
CA LYS A 75 13.50 3.09 -3.18
C LYS A 75 12.83 3.28 -4.55
N GLU A 76 11.60 3.81 -4.60
CA GLU A 76 10.88 4.22 -5.82
C GLU A 76 10.74 5.75 -5.96
N LYS A 77 10.03 6.21 -7.00
CA LYS A 77 9.72 7.62 -7.28
C LYS A 77 8.45 8.10 -6.53
N PRO A 78 8.34 9.41 -6.21
CA PRO A 78 7.19 9.99 -5.51
C PRO A 78 5.90 9.91 -6.32
N LEU A 79 6.01 9.89 -7.66
CA LEU A 79 4.87 9.69 -8.55
C LEU A 79 4.21 8.32 -8.32
N LEU A 80 5.02 7.28 -8.05
CA LEU A 80 4.55 5.90 -7.96
C LEU A 80 3.53 5.77 -6.83
N ILE A 81 3.89 6.20 -5.61
CA ILE A 81 3.02 6.23 -4.42
C ILE A 81 1.70 6.93 -4.76
N PHE A 82 1.74 8.11 -5.38
CA PHE A 82 0.53 8.85 -5.73
C PHE A 82 -0.39 8.08 -6.69
N GLU A 83 0.18 7.38 -7.69
CA GLU A 83 -0.58 6.55 -8.61
C GLU A 83 -1.17 5.31 -7.92
N ILE A 84 -0.40 4.59 -7.09
CA ILE A 84 -0.89 3.44 -6.31
C ILE A 84 -2.08 3.83 -5.43
N LEU A 85 -1.95 4.92 -4.66
CA LEU A 85 -3.01 5.43 -3.79
C LEU A 85 -4.26 5.81 -4.58
N GLN A 86 -4.08 6.38 -5.77
CA GLN A 86 -5.17 6.76 -6.66
C GLN A 86 -5.91 5.52 -7.20
N ARG A 87 -5.22 4.43 -7.57
CA ARG A 87 -5.90 3.20 -8.03
C ARG A 87 -6.77 2.60 -6.94
N LEU A 88 -6.30 2.58 -5.69
CA LEU A 88 -7.10 2.15 -4.55
C LEU A 88 -8.33 3.05 -4.30
N SER A 89 -8.26 4.34 -4.64
CA SER A 89 -9.42 5.25 -4.55
C SER A 89 -10.50 4.97 -5.60
N GLU A 90 -10.21 4.16 -6.62
CA GLU A 90 -11.17 3.70 -7.63
C GLU A 90 -12.05 2.56 -7.13
N LEU A 91 -11.84 2.08 -5.89
CA LEU A 91 -12.45 0.85 -5.38
C LEU A 91 -13.74 1.13 -4.58
N LYS A 92 -14.69 0.20 -4.60
CA LYS A 92 -16.01 0.29 -3.97
C LYS A 92 -16.01 0.07 -2.45
N ARG A 93 -14.99 -0.63 -1.94
CA ARG A 93 -14.78 -0.87 -0.50
C ARG A 93 -13.72 0.07 0.12
N PHE A 94 -13.15 1.00 -0.65
CA PHE A 94 -12.01 1.79 -0.16
C PHE A 94 -12.36 2.64 1.08
N ASP A 95 -13.56 3.25 1.10
CA ASP A 95 -14.04 4.07 2.21
C ASP A 95 -14.34 3.21 3.45
N MET A 96 -14.76 1.96 3.25
CA MET A 96 -14.94 0.99 4.34
C MET A 96 -13.59 0.51 4.92
N ALA A 97 -12.49 0.60 4.16
CA ALA A 97 -11.14 0.37 4.66
C ALA A 97 -10.58 1.59 5.42
N VAL A 98 -10.82 2.82 4.94
CA VAL A 98 -10.51 4.07 5.66
C VAL A 98 -11.26 4.13 7.00
N MET A 99 -12.51 3.69 7.03
CA MET A 99 -13.34 3.54 8.23
C MET A 99 -12.72 2.60 9.28
N PHE A 100 -12.03 1.55 8.83
CA PHE A 100 -11.31 0.59 9.69
C PHE A 100 -9.95 1.10 10.19
N MET A 101 -9.33 2.11 9.56
CA MET A 101 -8.02 2.60 9.97
C MET A 101 -8.08 3.35 11.31
N SER A 102 -7.04 3.16 12.13
CA SER A 102 -6.80 3.93 13.36
C SER A 102 -5.95 5.17 13.08
N GLU A 103 -5.72 6.01 14.10
CA GLU A 103 -4.76 7.12 14.01
C GLU A 103 -3.34 6.64 13.67
N THR A 104 -2.94 5.44 14.14
CA THR A 104 -1.65 4.82 13.82
C THR A 104 -1.50 4.46 12.34
N GLU A 105 -2.59 4.12 11.65
CA GLU A 105 -2.57 3.92 10.19
C GLU A 105 -2.79 5.24 9.41
N LYS A 106 -3.65 6.13 9.92
CA LYS A 106 -3.96 7.44 9.31
C LYS A 106 -2.76 8.40 9.27
N LYS A 107 -1.85 8.35 10.27
CA LYS A 107 -0.58 9.08 10.25
C LYS A 107 0.36 8.65 9.12
N ILE A 108 0.30 7.37 8.72
CA ILE A 108 1.10 6.81 7.62
C ILE A 108 0.60 7.36 6.29
N ALA A 109 -0.72 7.32 6.07
CA ALA A 109 -1.33 7.78 4.84
C ALA A 109 -1.02 9.27 4.56
N ARG A 110 -1.10 10.12 5.59
CA ARG A 110 -0.73 11.54 5.45
C ARG A 110 0.77 11.75 5.28
N ALA A 111 1.60 10.91 5.88
CA ALA A 111 3.05 10.97 5.69
C ALA A 111 3.48 10.59 4.26
N LEU A 112 2.62 9.89 3.49
CA LEU A 112 2.75 9.78 2.04
C LEU A 112 2.44 11.12 1.37
N PHE A 113 1.24 11.68 1.56
CA PHE A 113 0.82 12.94 0.93
C PHE A 113 1.72 14.13 1.26
N ASN A 114 2.32 14.15 2.44
CA ASN A 114 3.31 15.13 2.87
C ASN A 114 4.63 15.00 2.09
N HIS A 115 5.09 13.77 1.80
CA HIS A 115 6.27 13.51 0.96
C HIS A 115 5.99 13.77 -0.53
N ILE A 116 4.79 13.44 -1.02
CA ILE A 116 4.40 13.64 -2.42
C ILE A 116 4.33 15.14 -2.74
N ASP A 117 3.76 15.93 -1.83
CA ASP A 117 3.62 17.37 -1.95
C ASP A 117 4.96 18.09 -2.04
N LYS A 118 5.82 17.81 -1.06
CA LYS A 118 7.15 18.39 -0.99
C LYS A 118 8.07 17.89 -2.09
N SER A 119 7.73 16.75 -2.69
CA SER A 119 8.41 16.26 -3.90
C SER A 119 8.00 17.02 -5.18
N GLY A 120 7.14 18.03 -5.10
CA GLY A 120 6.82 18.94 -6.21
C GLY A 120 5.55 18.57 -6.98
N LEU A 121 4.65 17.78 -6.40
CA LEU A 121 3.37 17.38 -7.00
C LEU A 121 2.20 18.17 -6.40
N LYS A 122 1.66 19.13 -7.16
CA LYS A 122 0.93 20.32 -6.66
C LYS A 122 -0.48 20.49 -7.20
N ASP A 123 -1.13 19.38 -7.54
CA ASP A 123 -2.49 19.39 -8.11
C ASP A 123 -3.55 19.33 -7.01
N SER A 124 -4.74 19.91 -7.24
CA SER A 124 -5.89 19.76 -6.34
C SER A 124 -6.33 18.31 -6.13
N SER A 125 -5.99 17.43 -7.08
CA SER A 125 -6.16 15.98 -7.00
C SER A 125 -5.22 15.31 -5.97
N VAL A 126 -4.11 15.98 -5.60
CA VAL A 126 -3.19 15.51 -4.56
C VAL A 126 -3.85 15.64 -3.18
N GLU A 127 -4.42 16.82 -2.90
CA GLU A 127 -5.14 17.07 -1.65
C GLU A 127 -6.55 16.44 -1.61
N GLU A 128 -7.18 16.22 -2.76
CA GLU A 128 -8.39 15.40 -2.86
C GLU A 128 -8.14 13.99 -2.32
N LEU A 129 -7.00 13.41 -2.69
CA LEU A 129 -6.67 12.04 -2.34
C LEU A 129 -6.21 11.94 -0.87
N LYS A 130 -5.58 12.99 -0.32
CA LYS A 130 -5.23 13.06 1.10
C LYS A 130 -6.45 13.12 2.01
N LYS A 131 -7.55 13.76 1.57
CA LYS A 131 -8.78 13.78 2.37
C LYS A 131 -9.52 12.45 2.36
N ARG A 132 -9.50 11.74 1.22
CA ARG A 132 -10.11 10.41 1.06
C ARG A 132 -9.57 9.36 2.02
N TYR A 133 -8.26 9.41 2.31
CA TYR A 133 -7.58 8.49 3.24
C TYR A 133 -7.60 8.95 4.70
N GLY A 134 -7.71 10.25 4.99
CA GLY A 134 -7.80 10.71 6.39
C GLY A 134 -7.87 12.21 6.66
N GLY A 135 -8.43 13.00 5.73
CA GLY A 135 -8.64 14.46 5.92
C GLY A 135 -9.75 14.81 6.87
N GLY A 1 26.70 -11.45 21.38
CA GLY A 1 26.49 -9.99 21.26
C GLY A 1 25.12 -9.70 20.64
N PRO A 2 24.92 -8.50 20.08
CA PRO A 2 23.62 -8.03 19.61
C PRO A 2 23.20 -8.59 18.24
N HIS A 3 23.94 -9.54 17.64
CA HIS A 3 23.55 -10.17 16.37
C HIS A 3 22.17 -10.83 16.48
N MET A 4 21.29 -10.54 15.53
CA MET A 4 19.89 -11.01 15.53
C MET A 4 19.79 -12.49 15.16
N ALA A 5 18.81 -13.18 15.75
CA ALA A 5 18.48 -14.56 15.39
C ALA A 5 18.01 -14.66 13.93
N GLN A 6 18.54 -15.63 13.19
CA GLN A 6 18.27 -15.81 11.76
C GLN A 6 17.12 -16.80 11.50
N PHE A 7 16.42 -16.62 10.38
CA PHE A 7 15.26 -17.40 9.96
C PHE A 7 15.58 -18.38 8.82
N ALA A 8 14.74 -19.42 8.68
CA ALA A 8 14.64 -20.19 7.44
C ALA A 8 14.26 -19.28 6.25
N THR A 9 14.55 -19.71 5.01
CA THR A 9 14.33 -18.86 3.83
C THR A 9 12.89 -18.42 3.64
N THR A 10 12.71 -17.18 3.21
CA THR A 10 11.48 -16.66 2.60
C THR A 10 11.66 -16.57 1.09
N VAL A 11 10.55 -16.57 0.35
CA VAL A 11 10.53 -16.52 -1.12
C VAL A 11 9.40 -15.60 -1.56
N LEU A 12 9.70 -14.61 -2.39
CA LEU A 12 8.73 -13.75 -3.05
C LEU A 12 7.74 -14.58 -3.90
N PRO A 13 6.46 -14.66 -3.53
CA PRO A 13 5.45 -15.42 -4.28
C PRO A 13 5.11 -14.74 -5.63
N PRO A 14 4.56 -15.49 -6.61
CA PRO A 14 4.20 -14.99 -7.92
C PRO A 14 2.99 -14.03 -7.88
N ILE A 15 2.70 -13.35 -8.99
CA ILE A 15 1.63 -12.36 -9.07
C ILE A 15 0.24 -13.03 -8.88
N PRO A 16 -0.64 -12.46 -8.04
CA PRO A 16 -1.98 -12.97 -7.73
C PRO A 16 -2.99 -12.76 -8.88
N ALA A 17 -4.10 -13.51 -8.85
CA ALA A 17 -5.18 -13.41 -9.84
C ALA A 17 -6.38 -12.56 -9.35
N ASN A 18 -6.52 -12.41 -8.03
CA ASN A 18 -7.53 -11.54 -7.42
C ASN A 18 -7.15 -11.10 -5.99
N SER A 19 -7.99 -10.26 -5.38
CA SER A 19 -7.91 -9.83 -3.98
C SER A 19 -7.72 -11.00 -3.00
N PHE A 20 -8.43 -12.12 -3.18
CA PHE A 20 -8.34 -13.28 -2.27
C PHE A 20 -6.98 -13.98 -2.33
N GLN A 21 -6.30 -13.91 -3.49
CA GLN A 21 -4.92 -14.37 -3.67
C GLN A 21 -3.91 -13.35 -3.08
N LEU A 22 -4.14 -12.05 -3.30
CA LEU A 22 -3.28 -10.94 -2.85
C LEU A 22 -3.24 -10.88 -1.33
N GLU A 23 -4.42 -10.84 -0.67
CA GLU A 23 -4.50 -10.85 0.79
C GLU A 23 -3.78 -12.04 1.42
N SER A 24 -3.71 -13.17 0.70
CA SER A 24 -3.06 -14.39 1.18
C SER A 24 -1.54 -14.30 1.14
N ASP A 25 -0.98 -13.52 0.22
CA ASP A 25 0.45 -13.19 0.22
C ASP A 25 0.76 -12.06 1.22
N PHE A 26 -0.14 -11.09 1.37
CA PHE A 26 0.04 -9.96 2.29
C PHE A 26 0.06 -10.41 3.75
N ARG A 27 -0.79 -11.39 4.11
CA ARG A 27 -0.85 -11.91 5.48
C ARG A 27 0.28 -12.88 5.82
N GLN A 28 0.82 -13.57 4.81
CA GLN A 28 2.00 -14.41 5.02
C GLN A 28 3.30 -13.58 5.14
N LEU A 29 3.36 -12.44 4.43
CA LEU A 29 4.52 -11.53 4.40
C LEU A 29 4.40 -10.33 5.35
N LYS A 30 3.35 -10.27 6.19
CA LYS A 30 3.02 -9.12 7.06
C LYS A 30 4.14 -8.75 8.03
N SER A 31 4.87 -9.76 8.48
CA SER A 31 6.01 -9.65 9.39
C SER A 31 7.35 -9.44 8.66
N SER A 32 7.34 -9.34 7.32
CA SER A 32 8.52 -9.21 6.44
C SER A 32 8.32 -8.08 5.42
N PRO A 33 8.13 -6.84 5.88
CA PRO A 33 7.83 -5.69 5.01
C PRO A 33 8.92 -5.40 3.97
N ASP A 34 10.14 -5.85 4.24
CA ASP A 34 11.26 -5.68 3.31
C ASP A 34 11.07 -6.44 1.99
N MET A 35 10.42 -7.61 2.05
CA MET A 35 10.05 -8.37 0.86
C MET A 35 8.68 -8.00 0.31
N LEU A 36 7.77 -7.49 1.15
CA LEU A 36 6.49 -6.93 0.66
C LEU A 36 6.70 -5.86 -0.42
N TYR A 37 7.72 -5.01 -0.29
CA TYR A 37 8.14 -4.09 -1.37
C TYR A 37 8.46 -4.82 -2.70
N GLN A 38 9.32 -5.83 -2.68
CA GLN A 38 9.74 -6.55 -3.88
C GLN A 38 8.62 -7.42 -4.47
N TYR A 39 7.67 -7.86 -3.65
CA TYR A 39 6.43 -8.50 -4.09
C TYR A 39 5.52 -7.51 -4.84
N LEU A 40 5.33 -6.30 -4.29
CA LEU A 40 4.53 -5.24 -4.93
C LEU A 40 5.18 -4.73 -6.21
N LYS A 41 6.51 -4.71 -6.28
CA LYS A 41 7.27 -4.36 -7.49
C LYS A 41 6.89 -5.23 -8.70
N GLN A 42 6.58 -6.52 -8.49
CA GLN A 42 6.14 -7.42 -9.56
C GLN A 42 4.77 -7.00 -10.15
N ILE A 43 3.91 -6.43 -9.32
CA ILE A 43 2.50 -6.15 -9.63
C ILE A 43 2.41 -4.76 -10.29
N GLU A 44 2.08 -4.70 -11.57
CA GLU A 44 1.88 -3.43 -12.29
C GLU A 44 0.61 -2.68 -11.82
N PRO A 45 0.58 -1.33 -11.89
CA PRO A 45 -0.57 -0.53 -11.47
C PRO A 45 -1.85 -0.82 -12.28
N SER A 46 -1.74 -1.44 -13.46
CA SER A 46 -2.89 -1.90 -14.26
C SER A 46 -3.65 -3.05 -13.59
N LEU A 47 -3.00 -3.81 -12.69
CA LEU A 47 -3.62 -4.92 -11.97
C LEU A 47 -4.34 -4.45 -10.69
N TYR A 48 -3.95 -3.32 -10.10
CA TYR A 48 -4.58 -2.77 -8.89
C TYR A 48 -6.12 -2.65 -9.00
N PRO A 49 -6.67 -1.99 -10.05
CA PRO A 49 -8.12 -1.91 -10.20
C PRO A 49 -8.81 -3.22 -10.59
N LYS A 50 -8.06 -4.17 -11.19
CA LYS A 50 -8.55 -5.47 -11.63
C LYS A 50 -8.64 -6.48 -10.48
N LEU A 51 -7.57 -6.64 -9.70
CA LEU A 51 -7.49 -7.58 -8.57
C LEU A 51 -8.55 -7.29 -7.51
N PHE A 52 -8.77 -6.00 -7.24
CA PHE A 52 -9.71 -5.51 -6.23
C PHE A 52 -11.10 -5.14 -6.77
N GLN A 53 -11.44 -5.51 -8.03
CA GLN A 53 -12.68 -5.09 -8.71
C GLN A 53 -13.97 -5.51 -8.00
N LYS A 54 -13.98 -6.65 -7.30
CA LYS A 54 -15.12 -7.15 -6.50
C LYS A 54 -15.00 -6.82 -5.02
N ASN A 55 -13.78 -6.70 -4.49
CA ASN A 55 -13.49 -6.20 -3.14
C ASN A 55 -12.01 -5.82 -2.96
N LEU A 56 -11.76 -4.76 -2.18
CA LEU A 56 -10.53 -4.58 -1.41
C LEU A 56 -10.65 -5.33 -0.06
N ASP A 57 -9.53 -5.54 0.64
CA ASP A 57 -9.52 -5.96 2.05
C ASP A 57 -9.02 -4.80 2.94
N PRO A 58 -9.63 -4.55 4.12
CA PRO A 58 -9.14 -3.53 5.04
C PRO A 58 -7.72 -3.80 5.53
N ASP A 59 -7.39 -5.07 5.75
CA ASP A 59 -6.08 -5.51 6.22
C ASP A 59 -5.02 -5.47 5.09
N VAL A 60 -5.44 -5.38 3.83
CA VAL A 60 -4.54 -5.12 2.68
C VAL A 60 -4.32 -3.63 2.49
N PHE A 61 -5.39 -2.83 2.54
CA PHE A 61 -5.32 -1.36 2.38
C PHE A 61 -4.29 -0.72 3.30
N ASN A 62 -4.32 -1.03 4.61
CA ASN A 62 -3.38 -0.46 5.55
C ASN A 62 -1.93 -0.94 5.31
N GLN A 63 -1.74 -2.16 4.79
CA GLN A 63 -0.43 -2.69 4.45
C GLN A 63 0.16 -2.06 3.18
N ILE A 64 -0.63 -1.85 2.10
CA ILE A 64 -0.14 -1.12 0.91
C ILE A 64 0.42 0.25 1.33
N VAL A 65 -0.34 0.98 2.15
CA VAL A 65 0.05 2.30 2.69
C VAL A 65 1.34 2.21 3.51
N LYS A 66 1.39 1.24 4.43
CA LYS A 66 2.54 0.97 5.31
C LYS A 66 3.83 0.62 4.54
N ILE A 67 3.74 -0.06 3.39
CA ILE A 67 4.89 -0.37 2.53
C ILE A 67 5.28 0.81 1.63
N LEU A 68 4.31 1.54 1.05
CA LEU A 68 4.62 2.77 0.31
C LEU A 68 5.52 3.71 1.14
N HIS A 69 5.25 3.79 2.45
CA HIS A 69 5.90 4.70 3.39
C HIS A 69 7.42 4.53 3.52
N ASP A 70 7.90 3.30 3.58
CA ASP A 70 9.30 2.99 3.92
C ASP A 70 10.09 2.40 2.75
N PHE A 71 9.49 2.26 1.57
CA PHE A 71 10.07 1.56 0.45
C PHE A 71 9.78 2.27 -0.86
N TYR A 72 8.62 2.90 -1.08
CA TYR A 72 8.43 3.61 -2.34
C TYR A 72 8.91 5.05 -2.22
N ILE A 73 8.84 5.62 -1.00
CA ILE A 73 9.48 6.88 -0.65
C ILE A 73 11.00 6.76 -0.67
N GLU A 74 11.54 5.61 -0.26
CA GLU A 74 12.97 5.41 -0.10
C GLU A 74 13.64 4.86 -1.36
N LYS A 75 12.98 3.98 -2.13
CA LYS A 75 13.61 3.14 -3.17
C LYS A 75 13.00 3.32 -4.58
N GLU A 76 11.73 3.74 -4.68
CA GLU A 76 11.07 4.21 -5.92
C GLU A 76 10.97 5.75 -5.99
N LYS A 77 10.30 6.27 -7.03
CA LYS A 77 10.03 7.70 -7.29
C LYS A 77 8.78 8.22 -6.55
N PRO A 78 8.68 9.53 -6.25
CA PRO A 78 7.55 10.11 -5.51
C PRO A 78 6.23 10.06 -6.29
N LEU A 79 6.31 10.03 -7.63
CA LEU A 79 5.14 9.81 -8.49
C LEU A 79 4.53 8.42 -8.27
N LEU A 80 5.34 7.41 -7.94
CA LEU A 80 4.88 6.02 -7.81
C LEU A 80 3.84 5.90 -6.68
N ILE A 81 4.17 6.37 -5.46
CA ILE A 81 3.24 6.41 -4.31
C ILE A 81 1.91 7.04 -4.74
N PHE A 82 1.95 8.23 -5.37
CA PHE A 82 0.72 8.94 -5.74
C PHE A 82 -0.13 8.19 -6.77
N GLU A 83 0.48 7.49 -7.72
CA GLU A 83 -0.25 6.66 -8.68
C GLU A 83 -0.90 5.44 -8.00
N ILE A 84 -0.18 4.73 -7.12
CA ILE A 84 -0.73 3.58 -6.36
C ILE A 84 -1.97 3.99 -5.54
N LEU A 85 -1.87 5.10 -4.81
CA LEU A 85 -2.92 5.62 -3.94
C LEU A 85 -4.17 6.02 -4.73
N GLN A 86 -3.98 6.60 -5.91
CA GLN A 86 -5.05 6.91 -6.86
C GLN A 86 -5.82 5.64 -7.23
N ARG A 87 -5.14 4.57 -7.67
CA ARG A 87 -5.83 3.36 -8.16
C ARG A 87 -6.77 2.76 -7.14
N LEU A 88 -6.29 2.63 -5.90
CA LEU A 88 -7.07 2.11 -4.78
C LEU A 88 -8.30 2.95 -4.42
N SER A 89 -8.25 4.28 -4.60
CA SER A 89 -9.31 5.18 -4.16
C SER A 89 -10.63 5.06 -4.96
N GLU A 90 -10.61 4.40 -6.12
CA GLU A 90 -11.81 4.23 -6.95
C GLU A 90 -12.63 2.98 -6.58
N LEU A 91 -12.07 2.14 -5.70
CA LEU A 91 -12.59 0.81 -5.40
C LEU A 91 -13.88 0.84 -4.55
N LYS A 92 -14.80 -0.09 -4.79
CA LYS A 92 -16.12 -0.12 -4.14
C LYS A 92 -16.07 -0.44 -2.65
N ARG A 93 -14.99 -1.09 -2.18
CA ARG A 93 -14.69 -1.31 -0.75
C ARG A 93 -13.60 -0.40 -0.15
N PHE A 94 -13.11 0.62 -0.88
CA PHE A 94 -12.00 1.46 -0.37
C PHE A 94 -12.42 2.26 0.87
N ASP A 95 -13.64 2.77 0.90
CA ASP A 95 -14.13 3.65 1.95
C ASP A 95 -14.40 2.87 3.25
N MET A 96 -14.80 1.60 3.15
CA MET A 96 -14.82 0.69 4.30
C MET A 96 -13.41 0.31 4.77
N ALA A 97 -12.42 0.23 3.87
CA ALA A 97 -11.03 0.03 4.28
C ALA A 97 -10.46 1.24 5.04
N VAL A 98 -10.83 2.47 4.63
CA VAL A 98 -10.55 3.70 5.38
C VAL A 98 -11.26 3.70 6.74
N MET A 99 -12.51 3.22 6.81
CA MET A 99 -13.26 3.08 8.07
C MET A 99 -12.59 2.11 9.06
N PHE A 100 -11.91 1.07 8.56
CA PHE A 100 -11.12 0.10 9.33
C PHE A 100 -9.69 0.56 9.66
N MET A 101 -9.21 1.70 9.14
CA MET A 101 -7.92 2.24 9.55
C MET A 101 -7.98 2.89 10.94
N SER A 102 -6.89 2.76 11.70
CA SER A 102 -6.68 3.39 13.00
C SER A 102 -5.64 4.52 12.91
N GLU A 103 -5.53 5.37 13.94
CA GLU A 103 -4.59 6.52 14.01
C GLU A 103 -3.16 6.19 13.55
N THR A 104 -2.63 5.04 13.98
CA THR A 104 -1.28 4.55 13.65
C THR A 104 -1.09 4.30 12.15
N GLU A 105 -2.14 3.94 11.44
CA GLU A 105 -2.15 3.80 9.97
C GLU A 105 -2.39 5.15 9.26
N LYS A 106 -3.26 5.98 9.86
CA LYS A 106 -3.67 7.30 9.33
C LYS A 106 -2.53 8.31 9.30
N LYS A 107 -1.66 8.32 10.32
CA LYS A 107 -0.44 9.14 10.35
C LYS A 107 0.52 8.80 9.21
N ILE A 108 0.52 7.54 8.74
CA ILE A 108 1.34 7.08 7.61
C ILE A 108 0.70 7.53 6.30
N ALA A 109 -0.62 7.38 6.14
CA ALA A 109 -1.32 7.80 4.92
C ALA A 109 -1.09 9.28 4.62
N ARG A 110 -1.15 10.15 5.64
CA ARG A 110 -0.83 11.59 5.46
C ARG A 110 0.65 11.84 5.17
N ALA A 111 1.55 11.06 5.77
CA ALA A 111 2.99 11.16 5.55
C ALA A 111 3.40 10.78 4.11
N LEU A 112 2.57 10.00 3.40
CA LEU A 112 2.72 9.78 1.95
C LEU A 112 2.47 11.08 1.18
N PHE A 113 1.30 11.69 1.35
CA PHE A 113 0.95 12.94 0.66
C PHE A 113 1.92 14.09 0.98
N ASN A 114 2.39 14.18 2.23
CA ASN A 114 3.40 15.15 2.64
C ASN A 114 4.76 14.96 1.93
N HIS A 115 5.19 13.72 1.66
CA HIS A 115 6.40 13.44 0.87
C HIS A 115 6.21 13.75 -0.63
N ILE A 116 5.05 13.42 -1.19
CA ILE A 116 4.70 13.66 -2.59
C ILE A 116 4.72 15.17 -2.86
N ASP A 117 4.08 15.94 -1.98
CA ASP A 117 3.91 17.38 -2.12
C ASP A 117 5.25 18.10 -2.13
N LYS A 118 6.07 17.84 -1.12
CA LYS A 118 7.39 18.44 -0.98
C LYS A 118 8.34 18.00 -2.08
N SER A 119 8.10 16.82 -2.68
CA SER A 119 8.92 16.34 -3.81
C SER A 119 8.70 17.13 -5.11
N GLY A 120 7.71 18.03 -5.13
CA GLY A 120 7.43 18.95 -6.24
C GLY A 120 6.12 18.66 -6.98
N LEU A 121 5.27 17.77 -6.44
CA LEU A 121 3.98 17.41 -7.04
C LEU A 121 2.85 18.21 -6.38
N LYS A 122 2.26 19.15 -7.15
CA LYS A 122 1.24 20.09 -6.68
C LYS A 122 0.02 19.98 -7.58
N ASP A 123 -0.99 19.29 -7.09
CA ASP A 123 -2.31 19.24 -7.72
C ASP A 123 -3.41 19.42 -6.67
N SER A 124 -4.53 20.04 -7.06
CA SER A 124 -5.74 20.03 -6.23
C SER A 124 -6.23 18.60 -5.96
N SER A 125 -5.87 17.64 -6.81
CA SER A 125 -6.12 16.21 -6.61
C SER A 125 -5.31 15.59 -5.46
N VAL A 126 -4.16 16.18 -5.08
CA VAL A 126 -3.35 15.73 -3.92
C VAL A 126 -4.11 15.96 -2.63
N GLU A 127 -4.66 17.17 -2.48
CA GLU A 127 -5.40 17.61 -1.29
C GLU A 127 -6.79 16.98 -1.23
N GLU A 128 -7.38 16.67 -2.40
CA GLU A 128 -8.61 15.91 -2.51
C GLU A 128 -8.45 14.42 -2.19
N LEU A 129 -7.30 13.81 -2.51
CA LEU A 129 -7.05 12.40 -2.27
C LEU A 129 -6.60 12.14 -0.82
N LYS A 130 -5.87 13.08 -0.20
CA LYS A 130 -5.44 12.96 1.20
C LYS A 130 -6.61 12.94 2.19
N LYS A 131 -7.71 13.65 1.86
CA LYS A 131 -8.94 13.61 2.65
C LYS A 131 -9.72 12.29 2.48
N ARG A 132 -9.64 11.62 1.32
CA ARG A 132 -10.26 10.29 1.11
C ARG A 132 -9.67 9.19 1.99
N TYR A 133 -8.36 9.23 2.24
CA TYR A 133 -7.63 8.24 3.05
C TYR A 133 -7.75 8.48 4.55
N GLY A 134 -7.94 9.73 5.00
CA GLY A 134 -8.33 10.00 6.39
C GLY A 134 -8.22 11.45 6.86
N GLY A 135 -8.33 12.42 5.95
CA GLY A 135 -8.04 13.85 6.18
C GLY A 135 -9.25 14.77 6.20
N GLY A 1 10.23 -4.86 19.47
CA GLY A 1 10.62 -4.61 20.87
C GLY A 1 12.02 -4.04 20.95
N PRO A 2 12.89 -4.52 21.87
CA PRO A 2 14.28 -4.06 21.99
C PRO A 2 15.11 -4.06 20.70
N HIS A 3 14.81 -4.92 19.73
CA HIS A 3 15.41 -4.89 18.39
C HIS A 3 14.52 -5.60 17.35
N MET A 4 14.73 -5.36 16.05
CA MET A 4 14.05 -6.10 14.98
C MET A 4 14.93 -7.27 14.49
N ALA A 5 14.39 -8.48 14.57
CA ALA A 5 15.09 -9.73 14.25
C ALA A 5 15.30 -9.89 12.73
N GLN A 6 16.32 -10.66 12.35
CA GLN A 6 16.69 -10.86 10.95
C GLN A 6 15.57 -11.59 10.18
N PHE A 7 15.33 -11.21 8.92
CA PHE A 7 14.33 -11.86 8.07
C PHE A 7 14.75 -13.28 7.68
N ALA A 8 13.76 -14.16 7.52
CA ALA A 8 13.94 -15.59 7.24
C ALA A 8 14.50 -15.89 5.83
N THR A 9 14.86 -17.15 5.61
CA THR A 9 15.04 -17.72 4.27
C THR A 9 13.68 -17.84 3.59
N THR A 10 13.48 -17.06 2.52
CA THR A 10 12.18 -16.84 1.86
C THR A 10 12.35 -16.78 0.33
N VAL A 11 11.26 -16.62 -0.41
CA VAL A 11 11.31 -16.21 -1.81
C VAL A 11 10.07 -15.40 -2.18
N LEU A 12 10.23 -14.38 -3.00
CA LEU A 12 9.15 -13.55 -3.53
C LEU A 12 8.12 -14.38 -4.33
N PRO A 13 6.85 -14.46 -3.89
CA PRO A 13 5.78 -15.17 -4.57
C PRO A 13 5.35 -14.48 -5.88
N PRO A 14 4.70 -15.21 -6.81
CA PRO A 14 4.28 -14.70 -8.11
C PRO A 14 3.12 -13.71 -8.03
N ILE A 15 2.88 -12.98 -9.12
CA ILE A 15 1.80 -11.98 -9.22
C ILE A 15 0.42 -12.66 -9.06
N PRO A 16 -0.46 -12.09 -8.22
CA PRO A 16 -1.80 -12.61 -7.93
C PRO A 16 -2.76 -12.49 -9.11
N ALA A 17 -3.85 -13.27 -9.08
CA ALA A 17 -4.90 -13.29 -10.11
C ALA A 17 -6.18 -12.51 -9.71
N ASN A 18 -6.41 -12.39 -8.40
CA ASN A 18 -7.53 -11.66 -7.78
C ASN A 18 -7.18 -11.25 -6.33
N SER A 19 -7.99 -10.41 -5.71
CA SER A 19 -7.88 -9.93 -4.31
C SER A 19 -7.55 -11.03 -3.30
N PHE A 20 -8.14 -12.22 -3.45
CA PHE A 20 -7.98 -13.37 -2.55
C PHE A 20 -6.60 -14.05 -2.64
N GLN A 21 -5.86 -13.83 -3.73
CA GLN A 21 -4.44 -14.17 -3.85
C GLN A 21 -3.57 -13.08 -3.18
N LEU A 22 -3.90 -11.81 -3.43
CA LEU A 22 -3.14 -10.66 -2.94
C LEU A 22 -3.13 -10.64 -1.40
N GLU A 23 -4.31 -10.73 -0.76
CA GLU A 23 -4.42 -10.81 0.70
C GLU A 23 -3.67 -12.03 1.27
N SER A 24 -3.61 -13.12 0.50
CA SER A 24 -2.95 -14.37 0.91
C SER A 24 -1.43 -14.21 0.96
N ASP A 25 -0.86 -13.47 -0.01
CA ASP A 25 0.56 -13.11 0.00
C ASP A 25 0.86 -12.03 1.07
N PHE A 26 -0.05 -11.09 1.28
CA PHE A 26 0.07 -10.01 2.26
C PHE A 26 0.05 -10.55 3.69
N ARG A 27 -0.75 -11.59 3.98
CA ARG A 27 -0.81 -12.19 5.31
C ARG A 27 0.37 -13.11 5.59
N GLN A 28 0.92 -13.77 4.55
CA GLN A 28 2.06 -14.66 4.75
C GLN A 28 3.38 -13.88 4.90
N LEU A 29 3.47 -12.71 4.26
CA LEU A 29 4.64 -11.82 4.28
C LEU A 29 4.54 -10.66 5.27
N LYS A 30 3.51 -10.61 6.13
CA LYS A 30 3.19 -9.46 7.00
C LYS A 30 4.33 -9.07 7.93
N SER A 31 5.08 -10.07 8.40
CA SER A 31 6.23 -9.92 9.29
C SER A 31 7.56 -9.71 8.55
N SER A 32 7.52 -9.65 7.22
CA SER A 32 8.67 -9.47 6.32
C SER A 32 8.43 -8.30 5.34
N PRO A 33 8.18 -7.07 5.86
CA PRO A 33 7.92 -5.88 5.04
C PRO A 33 9.04 -5.58 4.03
N ASP A 34 10.25 -6.06 4.34
CA ASP A 34 11.44 -5.88 3.51
C ASP A 34 11.32 -6.60 2.15
N MET A 35 10.63 -7.73 2.11
CA MET A 35 10.25 -8.43 0.87
C MET A 35 8.89 -8.03 0.32
N LEU A 36 7.94 -7.57 1.17
CA LEU A 36 6.65 -7.04 0.70
C LEU A 36 6.81 -5.93 -0.34
N TYR A 37 7.79 -5.04 -0.17
CA TYR A 37 8.15 -4.03 -1.19
C TYR A 37 8.48 -4.66 -2.56
N GLN A 38 9.37 -5.65 -2.59
CA GLN A 38 9.84 -6.28 -3.82
C GLN A 38 8.78 -7.18 -4.46
N TYR A 39 7.85 -7.72 -3.66
CA TYR A 39 6.63 -8.39 -4.15
C TYR A 39 5.73 -7.40 -4.89
N LEU A 40 5.51 -6.21 -4.32
CA LEU A 40 4.65 -5.16 -4.89
C LEU A 40 5.26 -4.55 -6.15
N LYS A 41 6.58 -4.47 -6.21
CA LYS A 41 7.36 -4.01 -7.38
C LYS A 41 7.18 -4.88 -8.63
N GLN A 42 6.73 -6.14 -8.49
CA GLN A 42 6.37 -7.01 -9.63
C GLN A 42 5.06 -6.58 -10.28
N ILE A 43 4.16 -6.01 -9.48
CA ILE A 43 2.77 -5.68 -9.76
C ILE A 43 2.71 -4.24 -10.32
N GLU A 44 1.85 -4.03 -11.32
CA GLU A 44 1.60 -2.73 -11.94
C GLU A 44 0.29 -2.08 -11.45
N PRO A 45 0.16 -0.75 -11.44
CA PRO A 45 -1.07 -0.05 -11.05
C PRO A 45 -2.28 -0.43 -11.90
N SER A 46 -2.08 -0.88 -13.15
CA SER A 46 -3.19 -1.32 -14.01
C SER A 46 -3.82 -2.65 -13.55
N LEU A 47 -3.14 -3.43 -12.72
CA LEU A 47 -3.73 -4.63 -12.10
C LEU A 47 -4.56 -4.31 -10.86
N TYR A 48 -4.34 -3.18 -10.17
CA TYR A 48 -5.08 -2.82 -8.95
C TYR A 48 -6.61 -2.82 -9.14
N PRO A 49 -7.19 -2.17 -10.18
CA PRO A 49 -8.64 -2.22 -10.43
C PRO A 49 -9.16 -3.61 -10.85
N LYS A 50 -8.31 -4.48 -11.40
CA LYS A 50 -8.64 -5.86 -11.79
C LYS A 50 -8.62 -6.82 -10.58
N LEU A 51 -7.57 -6.78 -9.77
CA LEU A 51 -7.41 -7.61 -8.57
C LEU A 51 -8.55 -7.35 -7.59
N PHE A 52 -8.82 -6.08 -7.32
CA PHE A 52 -9.80 -5.61 -6.36
C PHE A 52 -11.18 -5.29 -6.98
N GLN A 53 -11.50 -5.87 -8.14
CA GLN A 53 -12.75 -5.61 -8.89
C GLN A 53 -14.02 -5.98 -8.11
N LYS A 54 -13.99 -7.04 -7.28
CA LYS A 54 -15.13 -7.47 -6.46
C LYS A 54 -15.05 -6.95 -5.03
N ASN A 55 -13.84 -6.73 -4.51
CA ASN A 55 -13.57 -6.11 -3.20
C ASN A 55 -12.09 -5.76 -3.00
N LEU A 56 -11.83 -4.73 -2.19
CA LEU A 56 -10.60 -4.57 -1.39
C LEU A 56 -10.75 -5.25 -0.02
N ASP A 57 -9.64 -5.43 0.70
CA ASP A 57 -9.60 -5.84 2.11
C ASP A 57 -9.14 -4.67 3.00
N PRO A 58 -9.72 -4.43 4.19
CA PRO A 58 -9.34 -3.30 5.03
C PRO A 58 -7.93 -3.45 5.62
N ASP A 59 -7.46 -4.68 5.83
CA ASP A 59 -6.10 -4.94 6.31
C ASP A 59 -5.07 -4.81 5.16
N VAL A 60 -5.47 -5.10 3.92
CA VAL A 60 -4.60 -4.91 2.74
C VAL A 60 -4.45 -3.43 2.43
N PHE A 61 -5.53 -2.66 2.50
CA PHE A 61 -5.51 -1.20 2.33
C PHE A 61 -4.41 -0.55 3.18
N ASN A 62 -4.38 -0.85 4.48
CA ASN A 62 -3.39 -0.26 5.37
C ASN A 62 -1.97 -0.84 5.19
N GLN A 63 -1.83 -2.09 4.73
CA GLN A 63 -0.53 -2.67 4.41
C GLN A 63 0.09 -2.11 3.13
N ILE A 64 -0.68 -1.91 2.05
CA ILE A 64 -0.19 -1.19 0.85
C ILE A 64 0.40 0.16 1.27
N VAL A 65 -0.33 0.91 2.09
CA VAL A 65 0.07 2.23 2.63
C VAL A 65 1.34 2.13 3.47
N LYS A 66 1.39 1.17 4.39
CA LYS A 66 2.55 0.89 5.26
C LYS A 66 3.82 0.51 4.50
N ILE A 67 3.72 -0.21 3.38
CA ILE A 67 4.89 -0.52 2.54
C ILE A 67 5.28 0.65 1.63
N LEU A 68 4.33 1.44 1.11
CA LEU A 68 4.66 2.70 0.42
C LEU A 68 5.52 3.61 1.32
N HIS A 69 5.23 3.64 2.64
CA HIS A 69 5.78 4.58 3.62
C HIS A 69 7.30 4.50 3.82
N ASP A 70 7.87 3.29 3.87
CA ASP A 70 9.27 3.09 4.30
C ASP A 70 10.12 2.36 3.25
N PHE A 71 9.61 2.29 2.01
CA PHE A 71 10.24 1.62 0.90
C PHE A 71 9.94 2.35 -0.42
N TYR A 72 8.70 2.79 -0.73
CA TYR A 72 8.54 3.44 -2.03
C TYR A 72 9.07 4.88 -2.00
N ILE A 73 8.95 5.55 -0.85
CA ILE A 73 9.46 6.91 -0.65
C ILE A 73 10.98 6.97 -0.80
N GLU A 74 11.67 5.93 -0.35
CA GLU A 74 13.12 5.85 -0.37
C GLU A 74 13.66 5.22 -1.67
N LYS A 75 13.03 4.14 -2.15
CA LYS A 75 13.58 3.24 -3.18
C LYS A 75 12.92 3.42 -4.56
N GLU A 76 11.67 3.88 -4.62
CA GLU A 76 10.93 4.35 -5.81
C GLU A 76 10.77 5.89 -5.87
N LYS A 77 10.06 6.42 -6.86
CA LYS A 77 9.71 7.84 -7.00
C LYS A 77 8.41 8.22 -6.27
N PRO A 78 8.23 9.51 -5.90
CA PRO A 78 7.02 10.06 -5.29
C PRO A 78 5.76 9.80 -6.12
N LEU A 79 5.92 9.95 -7.43
CA LEU A 79 4.85 9.83 -8.41
C LEU A 79 4.30 8.39 -8.45
N LEU A 80 5.11 7.39 -8.09
CA LEU A 80 4.67 6.00 -8.02
C LEU A 80 3.65 5.81 -6.87
N ILE A 81 4.00 6.21 -5.64
CA ILE A 81 3.12 6.17 -4.45
C ILE A 81 1.80 6.87 -4.77
N PHE A 82 1.85 8.08 -5.36
CA PHE A 82 0.66 8.83 -5.71
C PHE A 82 -0.28 8.05 -6.63
N GLU A 83 0.25 7.36 -7.65
CA GLU A 83 -0.57 6.54 -8.54
C GLU A 83 -1.14 5.30 -7.87
N ILE A 84 -0.37 4.57 -7.04
CA ILE A 84 -0.89 3.44 -6.25
C ILE A 84 -2.07 3.88 -5.39
N LEU A 85 -1.94 5.01 -4.68
CA LEU A 85 -2.99 5.56 -3.83
C LEU A 85 -4.23 5.98 -4.62
N GLN A 86 -4.01 6.56 -5.81
CA GLN A 86 -5.06 6.93 -6.76
C GLN A 86 -5.85 5.71 -7.23
N ARG A 87 -5.21 4.59 -7.63
CA ARG A 87 -5.95 3.40 -8.10
C ARG A 87 -6.90 2.84 -7.04
N LEU A 88 -6.39 2.70 -5.82
CA LEU A 88 -7.17 2.22 -4.67
C LEU A 88 -8.39 3.09 -4.37
N SER A 89 -8.30 4.41 -4.56
CA SER A 89 -9.39 5.35 -4.27
C SER A 89 -10.59 5.25 -5.23
N GLU A 90 -10.46 4.50 -6.33
CA GLU A 90 -11.54 4.17 -7.27
C GLU A 90 -12.38 2.97 -6.78
N LEU A 91 -11.89 2.23 -5.78
CA LEU A 91 -12.46 0.92 -5.41
C LEU A 91 -13.70 1.03 -4.53
N LYS A 92 -14.64 0.09 -4.69
CA LYS A 92 -15.95 0.14 -4.02
C LYS A 92 -15.87 -0.07 -2.51
N ARG A 93 -14.84 -0.74 -2.00
CA ARG A 93 -14.56 -0.96 -0.57
C ARG A 93 -13.52 -0.01 0.02
N PHE A 94 -12.96 0.94 -0.75
CA PHE A 94 -11.85 1.76 -0.26
C PHE A 94 -12.26 2.60 0.96
N ASP A 95 -13.47 3.16 0.95
CA ASP A 95 -13.94 4.09 1.98
C ASP A 95 -14.29 3.33 3.27
N MET A 96 -14.77 2.07 3.17
CA MET A 96 -14.94 1.22 4.35
C MET A 96 -13.60 0.71 4.90
N ALA A 97 -12.54 0.63 4.07
CA ALA A 97 -11.18 0.39 4.55
C ALA A 97 -10.62 1.59 5.31
N VAL A 98 -10.82 2.83 4.83
CA VAL A 98 -10.48 4.07 5.54
C VAL A 98 -11.20 4.18 6.90
N MET A 99 -12.44 3.70 6.97
CA MET A 99 -13.22 3.63 8.21
C MET A 99 -12.67 2.61 9.22
N PHE A 100 -12.06 1.51 8.76
CA PHE A 100 -11.42 0.50 9.62
C PHE A 100 -10.05 0.94 10.18
N MET A 101 -9.36 1.88 9.53
CA MET A 101 -8.01 2.31 9.93
C MET A 101 -7.99 3.02 11.30
N SER A 102 -6.91 2.81 12.08
CA SER A 102 -6.67 3.48 13.36
C SER A 102 -5.70 4.67 13.21
N GLU A 103 -5.46 5.42 14.29
CA GLU A 103 -4.49 6.53 14.30
C GLU A 103 -3.08 6.09 13.85
N THR A 104 -2.66 4.87 14.23
CA THR A 104 -1.40 4.25 13.81
C THR A 104 -1.27 4.12 12.28
N GLU A 105 -2.36 3.84 11.57
CA GLU A 105 -2.39 3.71 10.11
C GLU A 105 -2.58 5.07 9.41
N LYS A 106 -3.42 5.93 9.98
CA LYS A 106 -3.75 7.26 9.42
C LYS A 106 -2.54 8.19 9.41
N LYS A 107 -1.67 8.11 10.42
CA LYS A 107 -0.41 8.88 10.47
C LYS A 107 0.64 8.43 9.47
N ILE A 108 0.53 7.19 8.99
CA ILE A 108 1.29 6.69 7.83
C ILE A 108 0.71 7.27 6.53
N ALA A 109 -0.61 7.20 6.36
CA ALA A 109 -1.28 7.64 5.13
C ALA A 109 -1.01 9.11 4.83
N ARG A 110 -1.06 9.98 5.85
CA ARG A 110 -0.77 11.42 5.69
C ARG A 110 0.69 11.68 5.35
N ALA A 111 1.61 10.86 5.87
CA ALA A 111 3.05 10.99 5.63
C ALA A 111 3.46 10.58 4.20
N LEU A 112 2.62 9.82 3.49
CA LEU A 112 2.74 9.65 2.03
C LEU A 112 2.44 10.97 1.33
N PHE A 113 1.26 11.56 1.56
CA PHE A 113 0.87 12.81 0.92
C PHE A 113 1.78 14.00 1.26
N ASN A 114 2.37 14.02 2.46
CA ASN A 114 3.41 14.98 2.85
C ASN A 114 4.71 14.84 2.04
N HIS A 115 5.12 13.61 1.70
CA HIS A 115 6.26 13.36 0.81
C HIS A 115 5.95 13.69 -0.66
N ILE A 116 4.76 13.33 -1.13
CA ILE A 116 4.34 13.54 -2.51
C ILE A 116 4.30 15.05 -2.79
N ASP A 117 3.77 15.82 -1.84
CA ASP A 117 3.73 17.27 -1.85
C ASP A 117 5.11 17.89 -2.02
N LYS A 118 6.00 17.59 -1.08
CA LYS A 118 7.33 18.18 -1.03
C LYS A 118 8.20 17.77 -2.20
N SER A 119 7.80 16.71 -2.91
CA SER A 119 8.46 16.36 -4.18
C SER A 119 8.14 17.31 -5.35
N GLY A 120 7.11 18.16 -5.24
CA GLY A 120 6.66 19.09 -6.28
C GLY A 120 5.30 18.76 -6.90
N LEU A 121 4.57 17.77 -6.37
CA LEU A 121 3.26 17.37 -6.87
C LEU A 121 2.16 18.13 -6.10
N LYS A 122 1.51 19.07 -6.80
CA LYS A 122 0.59 20.08 -6.24
C LYS A 122 -0.62 20.40 -7.12
N ASP A 123 -1.25 19.32 -7.59
CA ASP A 123 -2.53 19.33 -8.30
C ASP A 123 -3.69 19.34 -7.28
N SER A 124 -4.88 19.84 -7.65
CA SER A 124 -6.08 19.72 -6.79
C SER A 124 -6.50 18.27 -6.51
N SER A 125 -6.01 17.31 -7.31
CA SER A 125 -6.15 15.86 -7.08
C SER A 125 -5.32 15.35 -5.91
N VAL A 126 -4.17 15.99 -5.61
CA VAL A 126 -3.30 15.60 -4.49
C VAL A 126 -4.05 15.80 -3.17
N GLU A 127 -4.69 16.96 -3.04
CA GLU A 127 -5.46 17.33 -1.85
C GLU A 127 -6.86 16.69 -1.77
N GLU A 128 -7.43 16.19 -2.87
CA GLU A 128 -8.59 15.29 -2.81
C GLU A 128 -8.22 13.95 -2.17
N LEU A 129 -7.11 13.36 -2.60
CA LEU A 129 -6.71 12.02 -2.15
C LEU A 129 -6.19 12.06 -0.72
N LYS A 130 -5.51 13.15 -0.32
CA LYS A 130 -5.00 13.31 1.05
C LYS A 130 -6.11 13.31 2.09
N LYS A 131 -7.31 13.79 1.75
CA LYS A 131 -8.47 13.76 2.65
C LYS A 131 -9.25 12.45 2.57
N ARG A 132 -9.33 11.82 1.38
CA ARG A 132 -9.98 10.51 1.18
C ARG A 132 -9.41 9.41 2.06
N TYR A 133 -8.10 9.39 2.27
CA TYR A 133 -7.41 8.38 3.09
C TYR A 133 -7.51 8.64 4.61
N GLY A 134 -7.70 9.90 5.00
CA GLY A 134 -8.02 10.27 6.39
C GLY A 134 -7.57 11.66 6.84
N GLY A 135 -7.40 12.60 5.89
CA GLY A 135 -6.90 13.96 6.17
C GLY A 135 -5.54 14.04 6.88
N GLY A 1 21.76 2.43 17.50
CA GLY A 1 20.32 2.52 17.78
C GLY A 1 19.72 1.14 17.99
N PRO A 2 18.62 0.79 17.31
CA PRO A 2 17.95 -0.51 17.45
C PRO A 2 18.79 -1.64 16.81
N HIS A 3 18.81 -2.80 17.46
CA HIS A 3 19.53 -3.99 17.02
C HIS A 3 18.68 -5.25 17.18
N MET A 4 18.14 -5.75 16.07
CA MET A 4 17.33 -6.97 15.94
C MET A 4 18.09 -8.11 15.27
N ALA A 5 17.71 -9.35 15.58
CA ALA A 5 18.19 -10.56 14.91
C ALA A 5 17.50 -10.82 13.55
N GLN A 6 18.12 -11.68 12.74
CA GLN A 6 17.59 -12.18 11.47
C GLN A 6 16.47 -13.22 11.68
N PHE A 7 15.65 -13.42 10.65
CA PHE A 7 14.64 -14.50 10.60
C PHE A 7 14.86 -15.43 9.40
N ALA A 8 14.34 -16.66 9.51
CA ALA A 8 14.51 -17.73 8.52
C ALA A 8 14.05 -17.33 7.10
N THR A 9 14.71 -17.87 6.07
CA THR A 9 14.58 -17.43 4.67
C THR A 9 13.17 -17.56 4.11
N THR A 10 12.90 -16.77 3.07
CA THR A 10 11.58 -16.62 2.43
C THR A 10 11.67 -16.56 0.91
N VAL A 11 10.53 -16.75 0.23
CA VAL A 11 10.42 -16.81 -1.23
C VAL A 11 9.30 -15.87 -1.67
N LEU A 12 9.66 -14.91 -2.51
CA LEU A 12 8.75 -13.98 -3.17
C LEU A 12 7.77 -14.77 -4.05
N PRO A 13 6.46 -14.66 -3.80
CA PRO A 13 5.44 -15.26 -4.65
C PRO A 13 5.35 -14.54 -6.00
N PRO A 14 4.84 -15.20 -7.05
CA PRO A 14 4.54 -14.58 -8.34
C PRO A 14 3.36 -13.60 -8.22
N ILE A 15 3.09 -12.85 -9.29
CA ILE A 15 1.99 -11.89 -9.34
C ILE A 15 0.64 -12.62 -9.13
N PRO A 16 -0.27 -12.09 -8.29
CA PRO A 16 -1.58 -12.67 -7.98
C PRO A 16 -2.53 -12.66 -9.18
N ALA A 17 -3.61 -13.43 -9.06
CA ALA A 17 -4.67 -13.54 -10.06
C ALA A 17 -5.86 -12.62 -9.76
N ASN A 18 -6.16 -12.43 -8.46
CA ASN A 18 -7.28 -11.66 -7.94
C ASN A 18 -6.98 -11.13 -6.51
N SER A 19 -7.92 -10.35 -5.96
CA SER A 19 -7.95 -9.88 -4.56
C SER A 19 -7.64 -10.99 -3.56
N PHE A 20 -8.21 -12.18 -3.74
CA PHE A 20 -7.98 -13.32 -2.85
C PHE A 20 -6.54 -13.85 -2.87
N GLN A 21 -5.91 -13.83 -4.04
CA GLN A 21 -4.48 -14.18 -4.15
C GLN A 21 -3.59 -13.10 -3.53
N LEU A 22 -3.96 -11.83 -3.70
CA LEU A 22 -3.22 -10.69 -3.14
C LEU A 22 -3.27 -10.72 -1.61
N GLU A 23 -4.46 -10.76 -1.01
CA GLU A 23 -4.62 -10.78 0.45
C GLU A 23 -3.92 -12.00 1.09
N SER A 24 -3.83 -13.12 0.35
CA SER A 24 -3.13 -14.34 0.77
C SER A 24 -1.62 -14.15 0.84
N ASP A 25 -1.05 -13.45 -0.14
CA ASP A 25 0.38 -13.14 -0.19
C ASP A 25 0.72 -11.97 0.74
N PHE A 26 -0.23 -11.08 1.03
CA PHE A 26 -0.07 -10.01 2.01
C PHE A 26 -0.09 -10.59 3.43
N ARG A 27 -1.07 -11.44 3.77
CA ARG A 27 -1.22 -11.96 5.13
C ARG A 27 -0.07 -12.85 5.53
N GLN A 28 0.51 -13.58 4.57
CA GLN A 28 1.64 -14.49 4.85
C GLN A 28 3.00 -13.75 4.97
N LEU A 29 3.07 -12.55 4.39
CA LEU A 29 4.26 -11.69 4.36
C LEU A 29 4.15 -10.43 5.25
N LYS A 30 3.07 -10.26 6.02
CA LYS A 30 2.79 -9.02 6.77
C LYS A 30 3.81 -8.74 7.87
N SER A 31 4.40 -9.79 8.42
CA SER A 31 5.55 -9.73 9.34
C SER A 31 6.92 -9.75 8.66
N SER A 32 6.99 -9.55 7.33
CA SER A 32 8.20 -9.44 6.52
C SER A 32 8.06 -8.30 5.48
N PRO A 33 7.86 -7.05 5.91
CA PRO A 33 7.63 -5.91 5.02
C PRO A 33 8.79 -5.67 4.04
N ASP A 34 9.99 -6.12 4.38
CA ASP A 34 11.16 -5.94 3.52
C ASP A 34 11.05 -6.75 2.21
N MET A 35 10.37 -7.89 2.22
CA MET A 35 10.06 -8.63 0.99
C MET A 35 8.73 -8.21 0.35
N LEU A 36 7.77 -7.68 1.13
CA LEU A 36 6.55 -7.09 0.57
C LEU A 36 6.86 -5.98 -0.45
N TYR A 37 7.92 -5.19 -0.23
CA TYR A 37 8.41 -4.22 -1.20
C TYR A 37 8.78 -4.86 -2.56
N GLN A 38 9.56 -5.94 -2.58
CA GLN A 38 9.94 -6.61 -3.84
C GLN A 38 8.78 -7.36 -4.50
N TYR A 39 7.85 -7.89 -3.70
CA TYR A 39 6.59 -8.43 -4.18
C TYR A 39 5.76 -7.38 -4.94
N LEU A 40 5.61 -6.17 -4.38
CA LEU A 40 4.88 -5.06 -5.02
C LEU A 40 5.63 -4.48 -6.22
N LYS A 41 6.96 -4.51 -6.21
CA LYS A 41 7.80 -4.10 -7.36
C LYS A 41 7.56 -4.95 -8.62
N GLN A 42 6.92 -6.11 -8.51
CA GLN A 42 6.44 -6.91 -9.66
C GLN A 42 5.11 -6.36 -10.23
N ILE A 43 4.23 -5.89 -9.35
CA ILE A 43 2.81 -5.60 -9.58
C ILE A 43 2.63 -4.15 -10.02
N GLU A 44 2.28 -3.95 -11.28
CA GLU A 44 2.00 -2.65 -11.89
C GLU A 44 0.64 -2.07 -11.44
N PRO A 45 0.46 -0.73 -11.42
CA PRO A 45 -0.81 -0.09 -11.04
C PRO A 45 -1.98 -0.49 -11.95
N SER A 46 -1.72 -0.98 -13.16
CA SER A 46 -2.75 -1.51 -14.07
C SER A 46 -3.43 -2.77 -13.53
N LEU A 47 -2.78 -3.51 -12.62
CA LEU A 47 -3.38 -4.69 -11.99
C LEU A 47 -4.23 -4.35 -10.76
N TYR A 48 -3.97 -3.24 -10.08
CA TYR A 48 -4.70 -2.85 -8.86
C TYR A 48 -6.23 -2.81 -9.03
N PRO A 49 -6.80 -2.14 -10.04
CA PRO A 49 -8.25 -2.10 -10.23
C PRO A 49 -8.82 -3.41 -10.79
N LYS A 50 -7.99 -4.27 -11.39
CA LYS A 50 -8.36 -5.61 -11.84
C LYS A 50 -8.47 -6.57 -10.66
N LEU A 51 -7.44 -6.69 -9.83
CA LEU A 51 -7.37 -7.61 -8.70
C LEU A 51 -8.52 -7.34 -7.72
N PHE A 52 -8.69 -6.07 -7.36
CA PHE A 52 -9.67 -5.59 -6.38
C PHE A 52 -11.04 -5.21 -6.99
N GLN A 53 -11.34 -5.66 -8.22
CA GLN A 53 -12.55 -5.27 -8.95
C GLN A 53 -13.86 -5.59 -8.23
N LYS A 54 -13.90 -6.67 -7.44
CA LYS A 54 -15.08 -7.00 -6.60
C LYS A 54 -14.90 -6.61 -5.14
N ASN A 55 -13.67 -6.62 -4.61
CA ASN A 55 -13.39 -6.14 -3.25
C ASN A 55 -11.90 -5.86 -2.93
N LEU A 56 -11.68 -4.86 -2.08
CA LEU A 56 -10.48 -4.69 -1.26
C LEU A 56 -10.67 -5.33 0.14
N ASP A 57 -9.59 -5.44 0.93
CA ASP A 57 -9.60 -5.82 2.35
C ASP A 57 -9.06 -4.67 3.22
N PRO A 58 -9.61 -4.39 4.43
CA PRO A 58 -9.08 -3.37 5.33
C PRO A 58 -7.67 -3.69 5.84
N ASP A 59 -7.34 -4.98 5.95
CA ASP A 59 -6.01 -5.47 6.36
C ASP A 59 -4.98 -5.18 5.25
N VAL A 60 -5.41 -5.27 3.98
CA VAL A 60 -4.57 -5.04 2.81
C VAL A 60 -4.40 -3.55 2.53
N PHE A 61 -5.49 -2.78 2.61
CA PHE A 61 -5.47 -1.32 2.43
C PHE A 61 -4.37 -0.65 3.27
N ASN A 62 -4.32 -0.95 4.58
CA ASN A 62 -3.32 -0.36 5.46
C ASN A 62 -1.91 -0.95 5.24
N GLN A 63 -1.77 -2.21 4.80
CA GLN A 63 -0.49 -2.79 4.44
C GLN A 63 0.12 -2.14 3.19
N ILE A 64 -0.67 -1.90 2.12
CA ILE A 64 -0.19 -1.16 0.93
C ILE A 64 0.38 0.21 1.36
N VAL A 65 -0.36 0.96 2.17
CA VAL A 65 0.04 2.28 2.71
C VAL A 65 1.33 2.18 3.53
N LYS A 66 1.39 1.18 4.41
CA LYS A 66 2.56 0.87 5.25
C LYS A 66 3.82 0.56 4.43
N ILE A 67 3.73 -0.20 3.34
CA ILE A 67 4.90 -0.47 2.49
C ILE A 67 5.30 0.76 1.67
N LEU A 68 4.34 1.55 1.16
CA LEU A 68 4.69 2.80 0.47
C LEU A 68 5.54 3.73 1.36
N HIS A 69 5.25 3.77 2.67
CA HIS A 69 5.84 4.70 3.64
C HIS A 69 7.35 4.57 3.87
N ASP A 70 7.88 3.34 3.92
CA ASP A 70 9.26 3.09 4.36
C ASP A 70 10.07 2.31 3.31
N PHE A 71 9.57 2.29 2.08
CA PHE A 71 10.19 1.61 0.95
C PHE A 71 9.92 2.38 -0.34
N TYR A 72 8.71 2.91 -0.63
CA TYR A 72 8.56 3.57 -1.93
C TYR A 72 9.08 5.01 -1.86
N ILE A 73 8.94 5.66 -0.70
CA ILE A 73 9.53 6.99 -0.45
C ILE A 73 11.07 6.95 -0.51
N GLU A 74 11.66 5.82 -0.11
CA GLU A 74 13.11 5.66 0.05
C GLU A 74 13.78 5.06 -1.21
N LYS A 75 13.08 4.16 -1.92
CA LYS A 75 13.60 3.31 -3.01
C LYS A 75 12.94 3.54 -4.37
N GLU A 76 11.69 3.97 -4.42
CA GLU A 76 10.93 4.34 -5.64
C GLU A 76 10.69 5.86 -5.79
N LYS A 77 9.98 6.25 -6.85
CA LYS A 77 9.65 7.64 -7.20
C LYS A 77 8.39 8.13 -6.46
N PRO A 78 8.27 9.44 -6.17
CA PRO A 78 7.11 10.03 -5.50
C PRO A 78 5.82 9.86 -6.30
N LEU A 79 5.95 9.82 -7.63
CA LEU A 79 4.85 9.62 -8.58
C LEU A 79 4.27 8.20 -8.51
N LEU A 80 5.07 7.23 -8.07
CA LEU A 80 4.65 5.84 -7.87
C LEU A 80 3.59 5.78 -6.76
N ILE A 81 3.94 6.23 -5.55
CA ILE A 81 3.07 6.24 -4.36
C ILE A 81 1.74 6.92 -4.69
N PHE A 82 1.77 8.12 -5.27
CA PHE A 82 0.56 8.85 -5.60
C PHE A 82 -0.37 8.05 -6.52
N GLU A 83 0.17 7.39 -7.55
CA GLU A 83 -0.66 6.64 -8.50
C GLU A 83 -1.13 5.28 -7.96
N ILE A 84 -0.36 4.59 -7.11
CA ILE A 84 -0.84 3.43 -6.33
C ILE A 84 -2.07 3.81 -5.49
N LEU A 85 -1.98 4.91 -4.74
CA LEU A 85 -3.06 5.41 -3.87
C LEU A 85 -4.30 5.81 -4.68
N GLN A 86 -4.09 6.38 -5.87
CA GLN A 86 -5.13 6.74 -6.82
C GLN A 86 -5.93 5.49 -7.26
N ARG A 87 -5.26 4.38 -7.64
CA ARG A 87 -5.98 3.17 -8.10
C ARG A 87 -6.92 2.63 -7.02
N LEU A 88 -6.43 2.52 -5.79
CA LEU A 88 -7.23 2.05 -4.66
C LEU A 88 -8.45 2.93 -4.37
N SER A 89 -8.38 4.23 -4.62
CA SER A 89 -9.49 5.17 -4.35
C SER A 89 -10.69 5.02 -5.29
N GLU A 90 -10.54 4.28 -6.38
CA GLU A 90 -11.63 3.98 -7.33
C GLU A 90 -12.36 2.67 -7.01
N LEU A 91 -12.02 2.02 -5.88
CA LEU A 91 -12.59 0.75 -5.44
C LEU A 91 -13.84 0.94 -4.56
N LYS A 92 -14.78 -0.02 -4.57
CA LYS A 92 -16.09 0.12 -3.90
C LYS A 92 -16.06 0.07 -2.38
N ARG A 93 -15.10 -0.66 -1.80
CA ARG A 93 -14.87 -0.81 -0.36
C ARG A 93 -13.75 0.09 0.18
N PHE A 94 -13.11 0.93 -0.65
CA PHE A 94 -11.93 1.69 -0.20
C PHE A 94 -12.23 2.56 1.04
N ASP A 95 -13.40 3.20 1.09
CA ASP A 95 -13.80 4.09 2.18
C ASP A 95 -14.17 3.30 3.44
N MET A 96 -14.67 2.07 3.25
CA MET A 96 -14.91 1.12 4.33
C MET A 96 -13.61 0.50 4.85
N ALA A 97 -12.50 0.59 4.11
CA ALA A 97 -11.16 0.26 4.61
C ALA A 97 -10.53 1.43 5.38
N VAL A 98 -10.70 2.68 4.92
CA VAL A 98 -10.31 3.89 5.67
C VAL A 98 -11.00 3.96 7.04
N MET A 99 -12.28 3.58 7.10
CA MET A 99 -13.11 3.42 8.30
C MET A 99 -12.51 2.46 9.35
N PHE A 100 -11.63 1.54 8.93
CA PHE A 100 -10.98 0.51 9.72
C PHE A 100 -9.49 0.81 10.02
N MET A 101 -8.94 1.91 9.52
CA MET A 101 -7.62 2.43 9.91
C MET A 101 -7.67 3.19 11.24
N SER A 102 -6.61 3.08 12.05
CA SER A 102 -6.43 3.85 13.30
C SER A 102 -5.55 5.08 13.10
N GLU A 103 -5.36 5.89 14.14
CA GLU A 103 -4.40 7.01 14.17
C GLU A 103 -2.99 6.58 13.72
N THR A 104 -2.55 5.41 14.21
CA THR A 104 -1.27 4.77 13.86
C THR A 104 -1.11 4.48 12.37
N GLU A 105 -2.19 4.16 11.66
CA GLU A 105 -2.20 3.97 10.21
C GLU A 105 -2.43 5.30 9.46
N LYS A 106 -3.24 6.20 10.01
CA LYS A 106 -3.58 7.50 9.40
C LYS A 106 -2.40 8.47 9.40
N LYS A 107 -1.51 8.45 10.41
CA LYS A 107 -0.25 9.21 10.39
C LYS A 107 0.67 8.80 9.23
N ILE A 108 0.64 7.52 8.87
CA ILE A 108 1.36 6.95 7.71
C ILE A 108 0.74 7.46 6.41
N ALA A 109 -0.60 7.37 6.31
CA ALA A 109 -1.32 7.75 5.10
C ALA A 109 -1.07 9.23 4.75
N ARG A 110 -1.10 10.13 5.74
CA ARG A 110 -0.79 11.56 5.53
C ARG A 110 0.68 11.79 5.24
N ALA A 111 1.58 10.98 5.83
CA ALA A 111 3.02 11.06 5.57
C ALA A 111 3.39 10.70 4.12
N LEU A 112 2.57 9.91 3.42
CA LEU A 112 2.69 9.74 1.97
C LEU A 112 2.42 11.07 1.25
N PHE A 113 1.25 11.67 1.45
CA PHE A 113 0.87 12.93 0.82
C PHE A 113 1.81 14.10 1.18
N ASN A 114 2.37 14.12 2.39
CA ASN A 114 3.40 15.07 2.81
C ASN A 114 4.69 14.95 1.99
N HIS A 115 5.15 13.72 1.70
CA HIS A 115 6.34 13.51 0.86
C HIS A 115 6.07 13.82 -0.62
N ILE A 116 4.91 13.41 -1.15
CA ILE A 116 4.52 13.61 -2.54
C ILE A 116 4.47 15.11 -2.84
N ASP A 117 3.91 15.89 -1.92
CA ASP A 117 3.74 17.34 -2.02
C ASP A 117 5.07 18.05 -2.16
N LYS A 118 5.95 17.84 -1.17
CA LYS A 118 7.28 18.44 -1.15
C LYS A 118 8.19 17.95 -2.28
N SER A 119 7.87 16.79 -2.85
CA SER A 119 8.60 16.23 -4.02
C SER A 119 8.20 16.86 -5.37
N GLY A 120 7.29 17.83 -5.35
CA GLY A 120 6.98 18.72 -6.48
C GLY A 120 5.59 18.52 -7.07
N LEU A 121 4.76 17.65 -6.47
CA LEU A 121 3.47 17.26 -7.03
C LEU A 121 2.33 18.04 -6.36
N LYS A 122 1.82 19.03 -7.11
CA LYS A 122 0.73 19.93 -6.76
C LYS A 122 -0.37 19.84 -7.82
N ASP A 123 -1.38 19.04 -7.52
CA ASP A 123 -2.65 19.00 -8.25
C ASP A 123 -3.80 18.96 -7.23
N SER A 124 -4.97 19.50 -7.59
CA SER A 124 -6.17 19.43 -6.74
C SER A 124 -6.59 17.99 -6.40
N SER A 125 -6.16 16.99 -7.19
CA SER A 125 -6.34 15.57 -6.87
C SER A 125 -5.49 15.11 -5.70
N VAL A 126 -4.31 15.70 -5.44
CA VAL A 126 -3.45 15.33 -4.30
C VAL A 126 -4.14 15.67 -2.98
N GLU A 127 -4.65 16.90 -2.87
CA GLU A 127 -5.37 17.38 -1.70
C GLU A 127 -6.80 16.78 -1.57
N GLU A 128 -7.41 16.33 -2.68
CA GLU A 128 -8.67 15.58 -2.68
C GLU A 128 -8.49 14.13 -2.23
N LEU A 129 -7.38 13.50 -2.61
CA LEU A 129 -7.08 12.11 -2.32
C LEU A 129 -6.55 11.96 -0.90
N LYS A 130 -5.82 12.95 -0.37
CA LYS A 130 -5.36 12.92 1.03
C LYS A 130 -6.53 12.92 2.02
N LYS A 131 -7.62 13.64 1.70
CA LYS A 131 -8.81 13.65 2.58
C LYS A 131 -9.63 12.36 2.51
N ARG A 132 -9.56 11.62 1.39
CA ARG A 132 -10.14 10.28 1.25
C ARG A 132 -9.50 9.27 2.21
N TYR A 133 -8.19 9.35 2.41
CA TYR A 133 -7.43 8.40 3.24
C TYR A 133 -7.38 8.76 4.73
N GLY A 134 -7.45 10.05 5.09
CA GLY A 134 -7.47 10.43 6.51
C GLY A 134 -7.50 11.90 6.88
N GLY A 135 -7.86 12.78 5.94
CA GLY A 135 -8.07 14.22 6.18
C GLY A 135 -6.89 14.95 6.79
N GLY A 1 30.27 -9.17 18.58
CA GLY A 1 29.05 -8.61 19.16
C GLY A 1 27.84 -9.41 18.71
N PRO A 2 26.69 -8.78 18.38
CA PRO A 2 25.39 -9.46 18.30
C PRO A 2 25.28 -10.56 17.22
N HIS A 3 24.59 -11.66 17.57
CA HIS A 3 24.21 -12.75 16.66
C HIS A 3 22.72 -13.11 16.86
N MET A 4 21.94 -12.99 15.80
CA MET A 4 20.48 -13.20 15.79
C MET A 4 20.10 -14.61 15.32
N ALA A 5 18.93 -15.10 15.73
CA ALA A 5 18.37 -16.38 15.30
C ALA A 5 18.14 -16.46 13.78
N GLN A 6 18.01 -17.69 13.26
CA GLN A 6 17.42 -17.92 11.95
C GLN A 6 15.90 -18.01 12.05
N PHE A 7 15.20 -17.29 11.19
CA PHE A 7 13.74 -17.23 11.14
C PHE A 7 13.20 -18.05 9.97
N ALA A 8 11.92 -18.41 10.00
CA ALA A 8 11.34 -19.33 9.04
C ALA A 8 11.52 -18.84 7.59
N THR A 9 11.99 -19.73 6.71
CA THR A 9 12.41 -19.40 5.34
C THR A 9 11.22 -19.20 4.41
N THR A 10 11.20 -18.07 3.71
CA THR A 10 10.18 -17.68 2.73
C THR A 10 10.81 -17.11 1.46
N VAL A 11 10.05 -17.09 0.36
CA VAL A 11 10.46 -16.71 -1.00
C VAL A 11 9.30 -15.93 -1.63
N LEU A 12 9.66 -14.89 -2.37
CA LEU A 12 8.75 -13.99 -3.09
C LEU A 12 7.82 -14.79 -4.04
N PRO A 13 6.51 -14.77 -3.80
CA PRO A 13 5.53 -15.31 -4.74
C PRO A 13 5.38 -14.42 -5.99
N PRO A 14 5.01 -14.98 -7.15
CA PRO A 14 4.70 -14.21 -8.36
C PRO A 14 3.37 -13.44 -8.20
N ILE A 15 3.05 -12.62 -9.21
CA ILE A 15 1.88 -11.72 -9.23
C ILE A 15 0.58 -12.51 -9.01
N PRO A 16 -0.34 -12.03 -8.16
CA PRO A 16 -1.63 -12.67 -7.85
C PRO A 16 -2.63 -12.59 -9.01
N ALA A 17 -3.67 -13.45 -8.98
CA ALA A 17 -4.74 -13.45 -9.98
C ALA A 17 -5.88 -12.48 -9.61
N ASN A 18 -6.16 -12.35 -8.32
CA ASN A 18 -7.24 -11.54 -7.76
C ASN A 18 -6.97 -11.13 -6.29
N SER A 19 -7.79 -10.27 -5.68
CA SER A 19 -7.64 -9.83 -4.27
C SER A 19 -7.40 -10.98 -3.31
N PHE A 20 -8.12 -12.09 -3.49
CA PHE A 20 -8.05 -13.26 -2.61
C PHE A 20 -6.66 -13.93 -2.60
N GLN A 21 -5.92 -13.83 -3.71
CA GLN A 21 -4.52 -14.27 -3.83
C GLN A 21 -3.55 -13.24 -3.23
N LEU A 22 -3.82 -11.95 -3.42
CA LEU A 22 -3.02 -10.85 -2.90
C LEU A 22 -3.05 -10.83 -1.37
N GLU A 23 -4.25 -10.84 -0.77
CA GLU A 23 -4.42 -10.85 0.69
C GLU A 23 -3.76 -12.08 1.34
N SER A 24 -3.61 -13.18 0.60
CA SER A 24 -2.94 -14.40 1.07
C SER A 24 -1.42 -14.25 1.13
N ASP A 25 -0.84 -13.44 0.23
CA ASP A 25 0.57 -13.07 0.23
C ASP A 25 0.86 -11.92 1.22
N PHE A 26 -0.10 -11.03 1.44
CA PHE A 26 0.00 -9.95 2.42
C PHE A 26 -0.08 -10.49 3.84
N ARG A 27 -1.03 -11.40 4.15
CA ARG A 27 -1.20 -11.92 5.52
C ARG A 27 -0.05 -12.79 5.97
N GLN A 28 0.66 -13.40 5.01
CA GLN A 28 1.81 -14.27 5.31
C GLN A 28 3.12 -13.47 5.45
N LEU A 29 3.28 -12.38 4.66
CA LEU A 29 4.47 -11.52 4.62
C LEU A 29 4.37 -10.24 5.48
N LYS A 30 3.33 -10.11 6.33
CA LYS A 30 3.01 -8.89 7.10
C LYS A 30 4.16 -8.39 7.98
N SER A 31 4.91 -9.34 8.53
CA SER A 31 6.08 -9.10 9.37
C SER A 31 7.40 -9.11 8.59
N SER A 32 7.34 -9.15 7.26
CA SER A 32 8.49 -9.20 6.34
C SER A 32 8.38 -8.09 5.27
N PRO A 33 8.29 -6.82 5.69
CA PRO A 33 8.02 -5.70 4.79
C PRO A 33 9.11 -5.49 3.73
N ASP A 34 10.33 -5.97 4.01
CA ASP A 34 11.45 -5.82 3.07
C ASP A 34 11.28 -6.71 1.83
N MET A 35 10.57 -7.83 1.97
CA MET A 35 10.15 -8.65 0.83
C MET A 35 8.80 -8.21 0.26
N LEU A 36 7.91 -7.62 1.07
CA LEU A 36 6.67 -7.00 0.57
C LEU A 36 6.96 -5.90 -0.49
N TYR A 37 8.02 -5.09 -0.32
CA TYR A 37 8.45 -4.15 -1.36
C TYR A 37 8.78 -4.85 -2.70
N GLN A 38 9.57 -5.92 -2.70
CA GLN A 38 9.96 -6.63 -3.92
C GLN A 38 8.79 -7.38 -4.55
N TYR A 39 7.89 -7.93 -3.73
CA TYR A 39 6.63 -8.50 -4.16
C TYR A 39 5.75 -7.48 -4.90
N LEU A 40 5.62 -6.25 -4.37
CA LEU A 40 4.84 -5.17 -4.96
C LEU A 40 5.50 -4.60 -6.23
N LYS A 41 6.83 -4.65 -6.35
CA LYS A 41 7.57 -4.21 -7.55
C LYS A 41 7.28 -5.05 -8.81
N GLN A 42 6.66 -6.23 -8.64
CA GLN A 42 6.15 -7.03 -9.75
C GLN A 42 4.79 -6.51 -10.27
N ILE A 43 4.00 -5.85 -9.41
CA ILE A 43 2.56 -5.62 -9.61
C ILE A 43 2.34 -4.17 -10.08
N GLU A 44 2.00 -3.99 -11.36
CA GLU A 44 1.75 -2.67 -11.95
C GLU A 44 0.42 -2.03 -11.47
N PRO A 45 0.29 -0.69 -11.44
CA PRO A 45 -0.94 0.00 -11.06
C PRO A 45 -2.14 -0.32 -11.98
N SER A 46 -1.88 -0.82 -13.20
CA SER A 46 -2.90 -1.32 -14.13
C SER A 46 -3.67 -2.53 -13.57
N LEU A 47 -3.03 -3.34 -12.71
CA LEU A 47 -3.65 -4.51 -12.10
C LEU A 47 -4.44 -4.19 -10.83
N TYR A 48 -4.17 -3.08 -10.14
CA TYR A 48 -4.88 -2.69 -8.92
C TYR A 48 -6.41 -2.64 -9.07
N PRO A 49 -6.99 -1.94 -10.08
CA PRO A 49 -8.43 -1.91 -10.28
C PRO A 49 -9.03 -3.25 -10.72
N LYS A 50 -8.22 -4.15 -11.30
CA LYS A 50 -8.61 -5.49 -11.76
C LYS A 50 -8.63 -6.50 -10.62
N LEU A 51 -7.59 -6.54 -9.79
CA LEU A 51 -7.45 -7.43 -8.64
C LEU A 51 -8.55 -7.21 -7.61
N PHE A 52 -8.79 -5.95 -7.30
CA PHE A 52 -9.71 -5.48 -6.25
C PHE A 52 -11.11 -5.10 -6.78
N GLN A 53 -11.49 -5.56 -7.97
CA GLN A 53 -12.76 -5.16 -8.59
C GLN A 53 -14.01 -5.64 -7.83
N LYS A 54 -13.95 -6.78 -7.13
CA LYS A 54 -15.07 -7.23 -6.27
C LYS A 54 -15.03 -6.64 -4.86
N ASN A 55 -13.84 -6.37 -4.35
CA ASN A 55 -13.57 -5.73 -3.07
C ASN A 55 -12.08 -5.37 -2.95
N LEU A 56 -11.78 -4.26 -2.27
CA LEU A 56 -10.56 -4.13 -1.48
C LEU A 56 -10.71 -4.91 -0.16
N ASP A 57 -9.61 -5.22 0.52
CA ASP A 57 -9.62 -5.74 1.90
C ASP A 57 -9.09 -4.69 2.89
N PRO A 58 -9.71 -4.49 4.07
CA PRO A 58 -9.22 -3.50 5.05
C PRO A 58 -7.82 -3.86 5.58
N ASP A 59 -7.51 -5.16 5.67
CA ASP A 59 -6.19 -5.65 6.06
C ASP A 59 -5.13 -5.38 4.98
N VAL A 60 -5.54 -5.27 3.72
CA VAL A 60 -4.65 -5.00 2.59
C VAL A 60 -4.41 -3.50 2.43
N PHE A 61 -5.48 -2.70 2.54
CA PHE A 61 -5.44 -1.24 2.39
C PHE A 61 -4.34 -0.61 3.27
N ASN A 62 -4.35 -0.91 4.57
CA ASN A 62 -3.36 -0.34 5.49
C ASN A 62 -1.93 -0.89 5.23
N GLN A 63 -1.81 -2.14 4.77
CA GLN A 63 -0.51 -2.73 4.45
C GLN A 63 0.12 -2.14 3.19
N ILE A 64 -0.63 -1.91 2.11
CA ILE A 64 -0.11 -1.22 0.90
C ILE A 64 0.51 0.14 1.32
N VAL A 65 -0.22 0.90 2.13
CA VAL A 65 0.19 2.22 2.66
C VAL A 65 1.46 2.11 3.51
N LYS A 66 1.50 1.14 4.42
CA LYS A 66 2.65 0.82 5.30
C LYS A 66 3.93 0.42 4.55
N ILE A 67 3.83 -0.18 3.36
CA ILE A 67 4.99 -0.48 2.50
C ILE A 67 5.38 0.72 1.62
N LEU A 68 4.43 1.47 1.07
CA LEU A 68 4.74 2.74 0.38
C LEU A 68 5.58 3.68 1.28
N HIS A 69 5.25 3.71 2.57
CA HIS A 69 5.80 4.63 3.59
C HIS A 69 7.32 4.52 3.76
N ASP A 70 7.85 3.30 3.72
CA ASP A 70 9.24 3.05 4.14
C ASP A 70 10.11 2.46 3.02
N PHE A 71 9.56 2.28 1.82
CA PHE A 71 10.19 1.58 0.72
C PHE A 71 9.92 2.29 -0.58
N TYR A 72 8.69 2.74 -0.90
CA TYR A 72 8.55 3.43 -2.19
C TYR A 72 9.12 4.84 -2.12
N ILE A 73 9.14 5.45 -0.95
CA ILE A 73 9.79 6.76 -0.70
C ILE A 73 11.32 6.67 -0.80
N GLU A 74 11.92 5.56 -0.38
CA GLU A 74 13.39 5.33 -0.42
C GLU A 74 13.90 4.73 -1.74
N LYS A 75 13.13 3.83 -2.32
CA LYS A 75 13.53 2.93 -3.41
C LYS A 75 12.91 3.32 -4.76
N GLU A 76 11.67 3.83 -4.76
CA GLU A 76 10.91 4.27 -5.94
C GLU A 76 10.72 5.80 -6.02
N LYS A 77 9.99 6.27 -7.03
CA LYS A 77 9.67 7.69 -7.23
C LYS A 77 8.45 8.13 -6.41
N PRO A 78 8.40 9.39 -5.94
CA PRO A 78 7.24 10.01 -5.26
C PRO A 78 5.93 9.81 -6.03
N LEU A 79 6.07 9.93 -7.36
CA LEU A 79 4.98 9.83 -8.32
C LEU A 79 4.29 8.45 -8.30
N LEU A 80 5.05 7.37 -8.06
CA LEU A 80 4.55 5.99 -8.05
C LEU A 80 3.57 5.81 -6.87
N ILE A 81 3.97 6.21 -5.66
CA ILE A 81 3.15 6.19 -4.43
C ILE A 81 1.81 6.89 -4.71
N PHE A 82 1.84 8.10 -5.28
CA PHE A 82 0.62 8.83 -5.58
C PHE A 82 -0.32 8.08 -6.54
N GLU A 83 0.23 7.40 -7.56
CA GLU A 83 -0.58 6.57 -8.46
C GLU A 83 -1.17 5.34 -7.77
N ILE A 84 -0.39 4.60 -6.98
CA ILE A 84 -0.89 3.44 -6.21
C ILE A 84 -2.08 3.85 -5.33
N LEU A 85 -1.91 4.95 -4.58
CA LEU A 85 -2.94 5.47 -3.69
C LEU A 85 -4.20 5.87 -4.46
N GLN A 86 -4.01 6.46 -5.64
CA GLN A 86 -5.08 6.85 -6.53
C GLN A 86 -5.85 5.63 -7.07
N ARG A 87 -5.19 4.55 -7.55
CA ARG A 87 -5.90 3.34 -8.01
C ARG A 87 -6.80 2.74 -6.95
N LEU A 88 -6.30 2.62 -5.72
CA LEU A 88 -7.07 2.13 -4.57
C LEU A 88 -8.32 2.97 -4.30
N SER A 89 -8.26 4.29 -4.53
CA SER A 89 -9.42 5.16 -4.32
C SER A 89 -10.54 5.03 -5.38
N GLU A 90 -10.28 4.36 -6.52
CA GLU A 90 -11.30 3.99 -7.50
C GLU A 90 -11.97 2.64 -7.17
N LEU A 91 -11.67 2.05 -6.00
CA LEU A 91 -12.29 0.79 -5.55
C LEU A 91 -13.56 1.06 -4.73
N LYS A 92 -14.56 0.19 -4.82
CA LYS A 92 -15.89 0.42 -4.26
C LYS A 92 -15.96 0.33 -2.72
N ARG A 93 -15.06 -0.43 -2.10
CA ARG A 93 -14.93 -0.65 -0.65
C ARG A 93 -13.84 0.23 -0.01
N PHE A 94 -13.15 1.07 -0.79
CA PHE A 94 -11.95 1.76 -0.27
C PHE A 94 -12.22 2.62 0.98
N ASP A 95 -13.39 3.28 1.06
CA ASP A 95 -13.74 4.16 2.19
C ASP A 95 -14.19 3.36 3.42
N MET A 96 -14.69 2.13 3.21
CA MET A 96 -14.88 1.16 4.30
C MET A 96 -13.56 0.59 4.82
N ALA A 97 -12.47 0.66 4.04
CA ALA A 97 -11.12 0.39 4.53
C ALA A 97 -10.53 1.59 5.30
N VAL A 98 -10.81 2.84 4.90
CA VAL A 98 -10.49 4.06 5.68
C VAL A 98 -11.23 4.08 7.02
N MET A 99 -12.47 3.56 7.06
CA MET A 99 -13.23 3.29 8.28
C MET A 99 -12.54 2.26 9.21
N PHE A 100 -11.83 1.28 8.64
CA PHE A 100 -11.10 0.24 9.38
C PHE A 100 -9.64 0.61 9.74
N MET A 101 -9.14 1.77 9.29
CA MET A 101 -7.85 2.29 9.76
C MET A 101 -8.01 2.99 11.11
N SER A 102 -6.99 2.86 11.96
CA SER A 102 -6.80 3.67 13.17
C SER A 102 -5.96 4.92 12.89
N GLU A 103 -5.74 5.76 13.90
CA GLU A 103 -4.72 6.82 13.85
C GLU A 103 -3.32 6.30 13.51
N THR A 104 -2.96 5.11 13.99
CA THR A 104 -1.65 4.49 13.71
C THR A 104 -1.43 4.29 12.21
N GLU A 105 -2.50 3.99 11.48
CA GLU A 105 -2.50 3.82 10.02
C GLU A 105 -2.75 5.13 9.26
N LYS A 106 -3.61 6.02 9.79
CA LYS A 106 -3.91 7.34 9.21
C LYS A 106 -2.70 8.29 9.22
N LYS A 107 -1.81 8.20 10.23
CA LYS A 107 -0.54 8.93 10.26
C LYS A 107 0.42 8.52 9.13
N ILE A 108 0.37 7.25 8.72
CA ILE A 108 1.16 6.74 7.60
C ILE A 108 0.62 7.31 6.28
N ALA A 109 -0.69 7.28 6.08
CA ALA A 109 -1.33 7.79 4.87
C ALA A 109 -0.99 9.27 4.62
N ARG A 110 -1.04 10.10 5.66
CA ARG A 110 -0.65 11.53 5.54
C ARG A 110 0.84 11.72 5.32
N ALA A 111 1.69 10.87 5.92
CA ALA A 111 3.14 10.94 5.73
C ALA A 111 3.55 10.70 4.26
N LEU A 112 2.77 9.92 3.52
CA LEU A 112 2.89 9.78 2.06
C LEU A 112 2.57 11.11 1.37
N PHE A 113 1.36 11.66 1.56
CA PHE A 113 0.95 12.92 0.95
C PHE A 113 1.88 14.11 1.30
N ASN A 114 2.53 14.07 2.46
CA ASN A 114 3.53 15.05 2.90
C ASN A 114 4.88 14.91 2.15
N HIS A 115 5.31 13.68 1.80
CA HIS A 115 6.46 13.43 0.94
C HIS A 115 6.17 13.75 -0.55
N ILE A 116 4.97 13.44 -1.01
CA ILE A 116 4.54 13.68 -2.40
C ILE A 116 4.48 15.19 -2.66
N ASP A 117 4.00 15.97 -1.69
CA ASP A 117 3.89 17.43 -1.74
C ASP A 117 5.25 18.10 -1.94
N LYS A 118 6.17 17.82 -1.02
CA LYS A 118 7.53 18.35 -1.06
C LYS A 118 8.32 17.91 -2.29
N SER A 119 7.93 16.79 -2.90
CA SER A 119 8.59 16.34 -4.14
C SER A 119 8.36 17.28 -5.32
N GLY A 120 7.30 18.11 -5.28
CA GLY A 120 6.90 19.01 -6.37
C GLY A 120 5.57 18.63 -7.02
N LEU A 121 4.84 17.65 -6.46
CA LEU A 121 3.51 17.26 -6.93
C LEU A 121 2.43 18.02 -6.14
N LYS A 122 1.81 18.98 -6.81
CA LYS A 122 0.82 19.88 -6.22
C LYS A 122 -0.32 20.18 -7.19
N ASP A 123 -1.42 19.47 -6.97
CA ASP A 123 -2.66 19.54 -7.75
C ASP A 123 -3.89 19.44 -6.83
N SER A 124 -5.07 19.83 -7.32
CA SER A 124 -6.36 19.66 -6.62
C SER A 124 -6.68 18.20 -6.34
N SER A 125 -6.12 17.26 -7.12
CA SER A 125 -6.23 15.82 -6.88
C SER A 125 -5.45 15.36 -5.63
N VAL A 126 -4.31 15.99 -5.31
CA VAL A 126 -3.50 15.66 -4.11
C VAL A 126 -4.28 15.99 -2.83
N GLU A 127 -4.85 17.19 -2.78
CA GLU A 127 -5.65 17.67 -1.64
C GLU A 127 -7.04 17.00 -1.54
N GLU A 128 -7.53 16.37 -2.61
CA GLU A 128 -8.66 15.46 -2.56
C GLU A 128 -8.26 14.06 -2.03
N LEU A 129 -7.16 13.50 -2.51
CA LEU A 129 -6.82 12.12 -2.25
C LEU A 129 -6.34 11.95 -0.80
N LYS A 130 -5.74 12.98 -0.22
CA LYS A 130 -5.45 13.04 1.21
C LYS A 130 -6.71 12.94 2.08
N LYS A 131 -7.80 13.66 1.74
CA LYS A 131 -9.06 13.63 2.52
C LYS A 131 -9.83 12.32 2.33
N ARG A 132 -9.72 11.70 1.15
CA ARG A 132 -10.22 10.34 0.87
C ARG A 132 -9.64 9.31 1.85
N TYR A 133 -8.35 9.40 2.18
CA TYR A 133 -7.64 8.47 3.10
C TYR A 133 -7.73 8.86 4.58
N GLY A 134 -7.99 10.13 4.91
CA GLY A 134 -8.26 10.57 6.28
C GLY A 134 -7.99 12.04 6.60
N GLY A 135 -7.68 12.85 5.59
CA GLY A 135 -7.23 14.24 5.71
C GLY A 135 -5.72 14.40 5.89
N GLY A 1 15.70 -6.04 25.48
CA GLY A 1 15.50 -6.25 24.05
C GLY A 1 14.78 -7.57 23.82
N PRO A 2 13.55 -7.57 23.29
CA PRO A 2 12.78 -8.78 23.05
C PRO A 2 13.43 -9.68 22.00
N HIS A 3 13.11 -10.97 21.98
CA HIS A 3 13.42 -11.86 20.86
C HIS A 3 12.56 -11.52 19.64
N MET A 4 13.20 -11.33 18.49
CA MET A 4 12.55 -11.07 17.20
C MET A 4 12.05 -12.39 16.59
N ALA A 5 10.80 -12.41 16.14
CA ALA A 5 10.22 -13.55 15.46
C ALA A 5 10.78 -13.72 14.03
N GLN A 6 10.73 -14.95 13.52
CA GLN A 6 10.99 -15.25 12.11
C GLN A 6 9.95 -14.59 11.18
N PHE A 7 10.34 -14.39 9.92
CA PHE A 7 9.36 -14.30 8.83
C PHE A 7 8.55 -15.60 8.78
N ALA A 8 7.24 -15.55 8.50
CA ALA A 8 6.49 -16.75 8.16
C ALA A 8 7.14 -17.37 6.91
N THR A 9 7.66 -18.60 7.03
CA THR A 9 8.73 -19.09 6.13
C THR A 9 8.30 -19.05 4.66
N THR A 10 8.91 -18.11 3.94
CA THR A 10 8.66 -17.77 2.54
C THR A 10 9.94 -17.27 1.86
N VAL A 11 9.94 -17.31 0.53
CA VAL A 11 10.81 -16.54 -0.37
C VAL A 11 9.89 -15.97 -1.45
N LEU A 12 10.18 -14.77 -1.93
CA LEU A 12 9.31 -13.94 -2.77
C LEU A 12 8.51 -14.73 -3.84
N PRO A 13 7.17 -14.78 -3.73
CA PRO A 13 6.30 -15.46 -4.70
C PRO A 13 5.94 -14.53 -5.89
N PRO A 14 5.43 -15.07 -7.01
CA PRO A 14 5.11 -14.32 -8.24
C PRO A 14 3.85 -13.45 -8.13
N ILE A 15 3.58 -12.67 -9.17
CA ILE A 15 2.46 -11.74 -9.29
C ILE A 15 1.10 -12.47 -9.13
N PRO A 16 0.15 -11.92 -8.35
CA PRO A 16 -1.22 -12.47 -8.17
C PRO A 16 -2.11 -12.28 -9.41
N ALA A 17 -3.21 -13.03 -9.49
CA ALA A 17 -4.18 -12.97 -10.60
C ALA A 17 -5.47 -12.19 -10.27
N ASN A 18 -5.86 -12.20 -8.99
CA ASN A 18 -7.01 -11.48 -8.43
C ASN A 18 -6.81 -11.16 -6.93
N SER A 19 -7.68 -10.34 -6.34
CA SER A 19 -7.65 -9.91 -4.92
C SER A 19 -7.40 -11.06 -3.94
N PHE A 20 -8.03 -12.22 -4.18
CA PHE A 20 -7.94 -13.41 -3.32
C PHE A 20 -6.52 -14.01 -3.24
N GLN A 21 -5.72 -13.78 -4.29
CA GLN A 21 -4.31 -14.16 -4.39
C GLN A 21 -3.40 -13.12 -3.72
N LEU A 22 -3.74 -11.84 -3.85
CA LEU A 22 -3.03 -10.71 -3.24
C LEU A 22 -3.16 -10.77 -1.71
N GLU A 23 -4.39 -10.87 -1.18
CA GLU A 23 -4.62 -10.96 0.27
C GLU A 23 -3.91 -12.17 0.89
N SER A 24 -3.73 -13.24 0.12
CA SER A 24 -3.03 -14.47 0.54
C SER A 24 -1.53 -14.26 0.75
N ASP A 25 -0.92 -13.43 -0.09
CA ASP A 25 0.50 -13.08 0.01
C ASP A 25 0.71 -11.91 0.99
N PHE A 26 -0.25 -11.02 1.14
CA PHE A 26 -0.19 -9.93 2.13
C PHE A 26 -0.33 -10.47 3.55
N ARG A 27 -1.28 -11.38 3.82
CA ARG A 27 -1.53 -11.88 5.18
C ARG A 27 -0.40 -12.77 5.70
N GLN A 28 0.37 -13.36 4.78
CA GLN A 28 1.55 -14.16 5.14
C GLN A 28 2.84 -13.31 5.26
N LEU A 29 2.97 -12.25 4.46
CA LEU A 29 4.17 -11.40 4.41
C LEU A 29 4.04 -10.12 5.24
N LYS A 30 2.93 -9.91 5.95
CA LYS A 30 2.66 -8.69 6.75
C LYS A 30 3.75 -8.41 7.78
N SER A 31 4.29 -9.47 8.37
CA SER A 31 5.39 -9.41 9.33
C SER A 31 6.79 -9.44 8.69
N SER A 32 6.85 -9.28 7.36
CA SER A 32 8.05 -9.32 6.51
C SER A 32 8.02 -8.17 5.48
N PRO A 33 7.87 -6.90 5.91
CA PRO A 33 7.74 -5.74 5.01
C PRO A 33 8.94 -5.57 4.07
N ASP A 34 10.10 -6.08 4.49
CA ASP A 34 11.37 -6.05 3.74
C ASP A 34 11.33 -6.87 2.45
N MET A 35 10.52 -7.94 2.43
CA MET A 35 10.18 -8.68 1.22
C MET A 35 8.89 -8.18 0.54
N LEU A 36 7.91 -7.66 1.29
CA LEU A 36 6.71 -7.06 0.69
C LEU A 36 7.03 -6.00 -0.38
N TYR A 37 8.00 -5.12 -0.14
CA TYR A 37 8.45 -4.16 -1.16
C TYR A 37 8.89 -4.84 -2.47
N GLN A 38 9.69 -5.91 -2.41
CA GLN A 38 10.17 -6.62 -3.61
C GLN A 38 9.08 -7.46 -4.28
N TYR A 39 8.11 -7.98 -3.51
CA TYR A 39 6.88 -8.57 -4.01
C TYR A 39 6.04 -7.54 -4.81
N LEU A 40 5.85 -6.33 -4.26
CA LEU A 40 5.11 -5.23 -4.89
C LEU A 40 5.80 -4.74 -6.17
N LYS A 41 7.14 -4.75 -6.19
CA LYS A 41 7.97 -4.30 -7.32
C LYS A 41 7.81 -5.16 -8.58
N GLN A 42 7.21 -6.35 -8.48
CA GLN A 42 6.87 -7.18 -9.64
C GLN A 42 5.61 -6.69 -10.36
N ILE A 43 4.74 -5.98 -9.63
CA ILE A 43 3.33 -5.73 -9.99
C ILE A 43 3.20 -4.35 -10.67
N GLU A 44 2.45 -4.27 -11.76
CA GLU A 44 2.09 -2.97 -12.38
C GLU A 44 0.90 -2.29 -11.67
N PRO A 45 0.84 -0.94 -11.59
CA PRO A 45 -0.30 -0.23 -11.01
C PRO A 45 -1.61 -0.50 -11.77
N SER A 46 -1.53 -0.89 -13.05
CA SER A 46 -2.68 -1.22 -13.90
C SER A 46 -3.40 -2.51 -13.49
N LEU A 47 -2.75 -3.37 -12.70
CA LEU A 47 -3.39 -4.54 -12.11
C LEU A 47 -4.27 -4.18 -10.91
N TYR A 48 -3.95 -3.11 -10.17
CA TYR A 48 -4.66 -2.74 -8.93
C TYR A 48 -6.20 -2.66 -9.07
N PRO A 49 -6.76 -1.94 -10.07
CA PRO A 49 -8.21 -1.86 -10.23
C PRO A 49 -8.84 -3.15 -10.76
N LYS A 50 -8.04 -4.05 -11.36
CA LYS A 50 -8.48 -5.36 -11.86
C LYS A 50 -8.46 -6.45 -10.78
N LEU A 51 -7.40 -6.46 -9.96
CA LEU A 51 -7.25 -7.35 -8.80
C LEU A 51 -8.43 -7.15 -7.86
N PHE A 52 -8.71 -5.89 -7.53
CA PHE A 52 -9.73 -5.47 -6.56
C PHE A 52 -11.11 -5.09 -7.16
N GLN A 53 -11.40 -5.52 -8.40
CA GLN A 53 -12.65 -5.15 -9.11
C GLN A 53 -13.94 -5.64 -8.42
N LYS A 54 -13.89 -6.75 -7.68
CA LYS A 54 -15.03 -7.27 -6.90
C LYS A 54 -15.01 -6.80 -5.44
N ASN A 55 -13.82 -6.50 -4.89
CA ASN A 55 -13.62 -5.89 -3.58
C ASN A 55 -12.15 -5.52 -3.32
N LEU A 56 -11.93 -4.56 -2.41
CA LEU A 56 -10.72 -4.46 -1.59
C LEU A 56 -10.86 -5.29 -0.29
N ASP A 57 -9.74 -5.60 0.37
CA ASP A 57 -9.69 -6.08 1.75
C ASP A 57 -9.29 -4.93 2.70
N PRO A 58 -10.00 -4.70 3.83
CA PRO A 58 -9.83 -3.49 4.63
C PRO A 58 -8.47 -3.39 5.32
N ASP A 59 -7.85 -4.52 5.62
CA ASP A 59 -6.53 -4.59 6.25
C ASP A 59 -5.38 -4.49 5.23
N VAL A 60 -5.63 -5.00 4.03
CA VAL A 60 -4.72 -4.90 2.87
C VAL A 60 -4.49 -3.44 2.48
N PHE A 61 -5.55 -2.64 2.49
CA PHE A 61 -5.50 -1.18 2.32
C PHE A 61 -4.37 -0.53 3.14
N ASN A 62 -4.35 -0.76 4.46
CA ASN A 62 -3.32 -0.15 5.30
C ASN A 62 -1.94 -0.81 5.16
N GLN A 63 -1.84 -2.08 4.75
CA GLN A 63 -0.56 -2.70 4.40
C GLN A 63 0.07 -2.07 3.14
N ILE A 64 -0.70 -1.85 2.06
CA ILE A 64 -0.19 -1.16 0.85
C ILE A 64 0.43 0.19 1.25
N VAL A 65 -0.30 0.97 2.06
CA VAL A 65 0.12 2.29 2.57
C VAL A 65 1.39 2.19 3.43
N LYS A 66 1.41 1.22 4.34
CA LYS A 66 2.53 0.92 5.25
C LYS A 66 3.84 0.55 4.53
N ILE A 67 3.76 -0.14 3.39
CA ILE A 67 4.97 -0.45 2.58
C ILE A 67 5.39 0.73 1.70
N LEU A 68 4.47 1.49 1.11
CA LEU A 68 4.83 2.70 0.38
C LEU A 68 5.69 3.65 1.24
N HIS A 69 5.36 3.74 2.52
CA HIS A 69 5.91 4.70 3.49
C HIS A 69 7.42 4.61 3.75
N ASP A 70 7.99 3.39 3.78
CA ASP A 70 9.39 3.17 4.19
C ASP A 70 10.23 2.47 3.11
N PHE A 71 9.68 2.31 1.90
CA PHE A 71 10.28 1.56 0.82
C PHE A 71 9.99 2.22 -0.53
N TYR A 72 8.78 2.76 -0.83
CA TYR A 72 8.65 3.43 -2.13
C TYR A 72 9.16 4.87 -2.04
N ILE A 73 9.02 5.52 -0.89
CA ILE A 73 9.59 6.84 -0.60
C ILE A 73 11.12 6.80 -0.65
N GLU A 74 11.72 5.72 -0.17
CA GLU A 74 13.17 5.53 -0.14
C GLU A 74 13.71 5.06 -1.50
N LYS A 75 13.09 4.02 -2.08
CA LYS A 75 13.69 3.20 -3.15
C LYS A 75 13.10 3.47 -4.54
N GLU A 76 11.84 3.90 -4.61
CA GLU A 76 11.13 4.28 -5.84
C GLU A 76 10.85 5.80 -5.91
N LYS A 77 10.12 6.22 -6.96
CA LYS A 77 9.80 7.62 -7.30
C LYS A 77 8.54 8.14 -6.58
N PRO A 78 8.44 9.45 -6.30
CA PRO A 78 7.29 10.06 -5.62
C PRO A 78 6.00 9.94 -6.44
N LEU A 79 6.12 9.91 -7.78
CA LEU A 79 4.98 9.75 -8.70
C LEU A 79 4.28 8.39 -8.52
N LEU A 80 5.03 7.33 -8.21
CA LEU A 80 4.52 5.95 -8.16
C LEU A 80 3.56 5.76 -6.97
N ILE A 81 3.99 6.11 -5.75
CA ILE A 81 3.17 6.09 -4.51
C ILE A 81 1.82 6.75 -4.78
N PHE A 82 1.84 7.95 -5.38
CA PHE A 82 0.62 8.69 -5.66
C PHE A 82 -0.34 7.95 -6.59
N GLU A 83 0.17 7.29 -7.63
CA GLU A 83 -0.67 6.51 -8.53
C GLU A 83 -1.24 5.26 -7.85
N ILE A 84 -0.47 4.56 -7.00
CA ILE A 84 -0.98 3.44 -6.18
C ILE A 84 -2.18 3.89 -5.32
N LEU A 85 -2.04 5.03 -4.63
CA LEU A 85 -3.10 5.60 -3.80
C LEU A 85 -4.33 6.01 -4.61
N GLN A 86 -4.12 6.53 -5.82
CA GLN A 86 -5.16 6.81 -6.80
C GLN A 86 -5.95 5.53 -7.13
N ARG A 87 -5.30 4.44 -7.52
CA ARG A 87 -6.03 3.24 -8.00
C ARG A 87 -6.93 2.67 -6.90
N LEU A 88 -6.40 2.56 -5.68
CA LEU A 88 -7.18 2.15 -4.51
C LEU A 88 -8.37 3.07 -4.20
N SER A 89 -8.29 4.37 -4.55
CA SER A 89 -9.36 5.33 -4.22
C SER A 89 -10.64 5.11 -5.02
N GLU A 90 -10.54 4.45 -6.17
CA GLU A 90 -11.67 4.12 -7.03
C GLU A 90 -12.39 2.84 -6.60
N LEU A 91 -11.91 2.16 -5.55
CA LEU A 91 -12.48 0.88 -5.09
C LEU A 91 -13.66 1.11 -4.15
N LYS A 92 -14.70 0.29 -4.25
CA LYS A 92 -15.98 0.55 -3.56
C LYS A 92 -15.90 0.40 -2.03
N ARG A 93 -14.98 -0.46 -1.56
CA ARG A 93 -14.69 -0.73 -0.14
C ARG A 93 -13.56 0.13 0.43
N PHE A 94 -12.93 1.02 -0.36
CA PHE A 94 -11.83 1.87 0.15
C PHE A 94 -12.27 2.69 1.38
N ASP A 95 -13.50 3.20 1.39
CA ASP A 95 -14.05 4.09 2.42
C ASP A 95 -14.32 3.32 3.73
N MET A 96 -14.67 2.03 3.62
CA MET A 96 -14.74 1.14 4.78
C MET A 96 -13.33 0.79 5.29
N ALA A 97 -12.34 0.65 4.41
CA ALA A 97 -10.98 0.39 4.84
C ALA A 97 -10.36 1.58 5.60
N VAL A 98 -10.71 2.82 5.22
CA VAL A 98 -10.39 4.05 5.97
C VAL A 98 -11.13 4.09 7.31
N MET A 99 -12.39 3.64 7.36
CA MET A 99 -13.16 3.48 8.60
C MET A 99 -12.51 2.46 9.56
N PHE A 100 -11.88 1.41 9.02
CA PHE A 100 -11.15 0.36 9.75
C PHE A 100 -9.72 0.79 10.16
N MET A 101 -9.17 1.88 9.61
CA MET A 101 -7.84 2.35 10.02
C MET A 101 -7.83 2.88 11.47
N SER A 102 -6.67 2.77 12.11
CA SER A 102 -6.37 3.38 13.41
C SER A 102 -5.44 4.59 13.22
N GLU A 103 -5.30 5.44 14.24
CA GLU A 103 -4.42 6.62 14.24
C GLU A 103 -2.99 6.32 13.78
N THR A 104 -2.44 5.18 14.19
CA THR A 104 -1.11 4.69 13.81
C THR A 104 -0.99 4.40 12.30
N GLU A 105 -2.07 3.96 11.66
CA GLU A 105 -2.14 3.77 10.20
C GLU A 105 -2.38 5.11 9.47
N LYS A 106 -3.25 5.96 10.03
CA LYS A 106 -3.65 7.28 9.47
C LYS A 106 -2.47 8.24 9.36
N LYS A 107 -1.56 8.24 10.34
CA LYS A 107 -0.31 9.03 10.30
C LYS A 107 0.63 8.63 9.15
N ILE A 108 0.55 7.38 8.70
CA ILE A 108 1.29 6.87 7.54
C ILE A 108 0.66 7.41 6.25
N ALA A 109 -0.68 7.31 6.12
CA ALA A 109 -1.39 7.77 4.93
C ALA A 109 -1.14 9.26 4.63
N ARG A 110 -1.15 10.11 5.67
CA ARG A 110 -0.83 11.55 5.52
C ARG A 110 0.64 11.79 5.18
N ALA A 111 1.56 10.99 5.73
CA ALA A 111 2.99 11.17 5.50
C ALA A 111 3.40 10.79 4.06
N LEU A 112 2.64 9.92 3.39
CA LEU A 112 2.75 9.69 1.94
C LEU A 112 2.45 10.97 1.16
N PHE A 113 1.28 11.58 1.36
CA PHE A 113 0.90 12.82 0.68
C PHE A 113 1.90 13.96 0.93
N ASN A 114 2.48 14.05 2.13
CA ASN A 114 3.56 14.99 2.42
C ASN A 114 4.83 14.76 1.58
N HIS A 115 5.28 13.51 1.41
CA HIS A 115 6.45 13.20 0.57
C HIS A 115 6.18 13.52 -0.91
N ILE A 116 4.97 13.22 -1.37
CA ILE A 116 4.51 13.48 -2.74
C ILE A 116 4.47 15.00 -2.99
N ASP A 117 3.96 15.76 -2.02
CA ASP A 117 3.82 17.21 -2.08
C ASP A 117 5.17 17.92 -2.16
N LYS A 118 6.06 17.60 -1.22
CA LYS A 118 7.42 18.16 -1.20
C LYS A 118 8.25 17.78 -2.42
N SER A 119 7.87 16.69 -3.08
CA SER A 119 8.48 16.27 -4.35
C SER A 119 8.02 17.08 -5.58
N GLY A 120 7.15 18.07 -5.38
CA GLY A 120 6.74 19.07 -6.38
C GLY A 120 5.28 18.94 -6.82
N LEU A 121 4.58 17.88 -6.42
CA LEU A 121 3.27 17.51 -6.96
C LEU A 121 2.13 18.22 -6.20
N LYS A 122 1.50 19.18 -6.86
CA LYS A 122 0.44 20.06 -6.36
C LYS A 122 -0.84 19.98 -7.21
N ASP A 123 -1.36 18.76 -7.36
CA ASP A 123 -2.60 18.51 -8.12
C ASP A 123 -3.85 18.62 -7.22
N SER A 124 -5.02 18.87 -7.79
CA SER A 124 -6.30 18.77 -7.06
C SER A 124 -6.54 17.37 -6.51
N SER A 125 -5.99 16.34 -7.18
CA SER A 125 -6.04 14.95 -6.72
C SER A 125 -5.25 14.74 -5.42
N VAL A 126 -4.26 15.58 -5.11
CA VAL A 126 -3.51 15.50 -3.86
C VAL A 126 -4.39 15.93 -2.68
N GLU A 127 -5.03 17.09 -2.82
CA GLU A 127 -5.88 17.67 -1.77
C GLU A 127 -7.25 16.97 -1.62
N GLU A 128 -7.68 16.20 -2.62
CA GLU A 128 -8.84 15.30 -2.52
C GLU A 128 -8.48 13.93 -1.95
N LEU A 129 -7.35 13.33 -2.32
CA LEU A 129 -6.99 12.00 -1.85
C LEU A 129 -6.53 12.06 -0.38
N LYS A 130 -5.92 13.17 0.05
CA LYS A 130 -5.54 13.36 1.45
C LYS A 130 -6.75 13.35 2.39
N LYS A 131 -7.89 13.93 1.98
CA LYS A 131 -9.10 13.89 2.82
C LYS A 131 -9.78 12.53 2.81
N ARG A 132 -9.78 11.85 1.65
CA ARG A 132 -10.41 10.53 1.46
C ARG A 132 -9.77 9.43 2.33
N TYR A 133 -8.45 9.47 2.50
CA TYR A 133 -7.69 8.53 3.34
C TYR A 133 -7.68 8.88 4.84
N GLY A 134 -7.93 10.13 5.23
CA GLY A 134 -8.16 10.47 6.65
C GLY A 134 -8.01 11.94 7.07
N GLY A 135 -8.17 12.88 6.13
CA GLY A 135 -7.75 14.28 6.26
C GLY A 135 -8.86 15.28 6.55
N GLY A 1 29.15 -8.38 20.79
CA GLY A 1 27.76 -8.52 20.33
C GLY A 1 27.31 -9.96 20.48
N PRO A 2 26.30 -10.26 21.32
CA PRO A 2 25.74 -11.61 21.46
C PRO A 2 25.02 -12.07 20.18
N HIS A 3 24.85 -13.38 19.99
CA HIS A 3 24.07 -13.91 18.86
C HIS A 3 22.57 -13.74 19.10
N MET A 4 21.87 -13.25 18.08
CA MET A 4 20.42 -13.08 18.05
C MET A 4 19.75 -14.18 17.23
N ALA A 5 18.56 -14.61 17.66
CA ALA A 5 17.85 -15.72 17.03
C ALA A 5 17.60 -15.46 15.53
N GLN A 6 17.86 -16.49 14.72
CA GLN A 6 17.85 -16.47 13.26
C GLN A 6 16.49 -16.90 12.68
N PHE A 7 16.08 -16.32 11.54
CA PHE A 7 14.76 -16.55 10.93
C PHE A 7 14.77 -17.70 9.90
N ALA A 8 13.64 -18.42 9.78
CA ALA A 8 13.43 -19.44 8.74
C ALA A 8 13.12 -18.80 7.38
N THR A 9 13.57 -19.41 6.28
CA THR A 9 13.65 -18.77 4.96
C THR A 9 12.28 -18.42 4.36
N THR A 10 12.29 -17.40 3.51
CA THR A 10 11.14 -16.83 2.82
C THR A 10 11.44 -16.65 1.32
N VAL A 11 10.39 -16.46 0.52
CA VAL A 11 10.43 -16.36 -0.94
C VAL A 11 9.34 -15.41 -1.43
N LEU A 12 9.65 -14.67 -2.49
CA LEU A 12 8.74 -13.83 -3.26
C LEU A 12 7.85 -14.70 -4.16
N PRO A 13 6.53 -14.77 -3.91
CA PRO A 13 5.58 -15.42 -4.82
C PRO A 13 5.34 -14.58 -6.09
N PRO A 14 4.87 -15.21 -7.18
CA PRO A 14 4.48 -14.53 -8.41
C PRO A 14 3.19 -13.70 -8.22
N ILE A 15 2.86 -12.93 -9.26
CA ILE A 15 1.73 -12.00 -9.28
C ILE A 15 0.39 -12.74 -9.10
N PRO A 16 -0.53 -12.21 -8.26
CA PRO A 16 -1.81 -12.83 -7.91
C PRO A 16 -2.84 -12.78 -9.06
N ALA A 17 -3.86 -13.66 -8.98
CA ALA A 17 -4.97 -13.71 -9.95
C ALA A 17 -6.15 -12.81 -9.58
N ASN A 18 -6.40 -12.65 -8.28
CA ASN A 18 -7.49 -11.84 -7.70
C ASN A 18 -7.15 -11.37 -6.27
N SER A 19 -7.92 -10.43 -5.72
CA SER A 19 -7.75 -9.89 -4.35
C SER A 19 -7.51 -10.94 -3.26
N PHE A 20 -8.19 -12.09 -3.35
CA PHE A 20 -8.08 -13.19 -2.38
C PHE A 20 -6.67 -13.83 -2.31
N GLN A 21 -5.94 -13.79 -3.43
CA GLN A 21 -4.53 -14.21 -3.55
C GLN A 21 -3.57 -13.12 -3.04
N LEU A 22 -3.90 -11.84 -3.28
CA LEU A 22 -3.11 -10.70 -2.82
C LEU A 22 -3.09 -10.66 -1.30
N GLU A 23 -4.26 -10.71 -0.66
CA GLU A 23 -4.34 -10.77 0.82
C GLU A 23 -3.63 -12.01 1.39
N SER A 24 -3.60 -13.12 0.64
CA SER A 24 -2.91 -14.35 1.04
C SER A 24 -1.39 -14.17 1.10
N ASP A 25 -0.83 -13.38 0.19
CA ASP A 25 0.61 -13.07 0.15
C ASP A 25 0.94 -11.93 1.13
N PHE A 26 0.04 -10.99 1.32
CA PHE A 26 0.17 -9.88 2.28
C PHE A 26 0.16 -10.38 3.72
N ARG A 27 -0.77 -11.27 4.08
CA ARG A 27 -0.92 -11.74 5.46
C ARG A 27 0.19 -12.69 5.87
N GLN A 28 0.84 -13.35 4.90
CA GLN A 28 1.99 -14.19 5.19
C GLN A 28 3.29 -13.37 5.31
N LEU A 29 3.46 -12.34 4.46
CA LEU A 29 4.66 -11.50 4.40
C LEU A 29 4.58 -10.25 5.29
N LYS A 30 3.54 -10.10 6.12
CA LYS A 30 3.27 -8.92 6.96
C LYS A 30 4.43 -8.61 7.91
N SER A 31 5.09 -9.66 8.38
CA SER A 31 6.29 -9.64 9.23
C SER A 31 7.61 -9.45 8.45
N SER A 32 7.58 -9.33 7.12
CA SER A 32 8.75 -9.17 6.25
C SER A 32 8.50 -8.06 5.19
N PRO A 33 8.30 -6.81 5.63
CA PRO A 33 8.02 -5.69 4.73
C PRO A 33 9.15 -5.44 3.71
N ASP A 34 10.37 -5.89 4.03
CA ASP A 34 11.53 -5.74 3.14
C ASP A 34 11.40 -6.55 1.83
N MET A 35 10.70 -7.69 1.88
CA MET A 35 10.36 -8.45 0.67
C MET A 35 9.00 -8.04 0.08
N LEU A 36 8.06 -7.55 0.89
CA LEU A 36 6.80 -6.99 0.38
C LEU A 36 7.04 -5.89 -0.66
N TYR A 37 8.09 -5.06 -0.50
CA TYR A 37 8.51 -4.09 -1.51
C TYR A 37 8.77 -4.73 -2.88
N GLN A 38 9.58 -5.80 -2.96
CA GLN A 38 9.90 -6.47 -4.23
C GLN A 38 8.72 -7.26 -4.78
N TYR A 39 7.88 -7.84 -3.93
CA TYR A 39 6.61 -8.47 -4.33
C TYR A 39 5.71 -7.45 -5.05
N LEU A 40 5.57 -6.24 -4.51
CA LEU A 40 4.76 -5.16 -5.06
C LEU A 40 5.38 -4.54 -6.32
N LYS A 41 6.72 -4.54 -6.43
CA LYS A 41 7.44 -4.09 -7.63
C LYS A 41 7.14 -4.93 -8.88
N GLN A 42 6.69 -6.18 -8.73
CA GLN A 42 6.22 -7.02 -9.85
C GLN A 42 4.87 -6.54 -10.42
N ILE A 43 4.01 -6.01 -9.54
CA ILE A 43 2.59 -5.79 -9.81
C ILE A 43 2.40 -4.40 -10.45
N GLU A 44 1.85 -4.35 -11.67
CA GLU A 44 1.53 -3.08 -12.35
C GLU A 44 0.28 -2.39 -11.75
N PRO A 45 0.19 -1.05 -11.78
CA PRO A 45 -0.95 -0.32 -11.21
C PRO A 45 -2.27 -0.59 -11.96
N SER A 46 -2.22 -1.13 -13.18
CA SER A 46 -3.38 -1.63 -13.93
C SER A 46 -3.99 -2.89 -13.30
N LEU A 47 -3.23 -3.70 -12.54
CA LEU A 47 -3.79 -4.86 -11.85
C LEU A 47 -4.61 -4.45 -10.62
N TYR A 48 -4.32 -3.32 -9.96
CA TYR A 48 -5.04 -2.87 -8.76
C TYR A 48 -6.58 -2.81 -8.96
N PRO A 49 -7.12 -2.11 -9.97
CA PRO A 49 -8.56 -2.06 -10.22
C PRO A 49 -9.17 -3.41 -10.64
N LYS A 50 -8.37 -4.35 -11.15
CA LYS A 50 -8.80 -5.69 -11.61
C LYS A 50 -8.73 -6.78 -10.55
N LEU A 51 -7.72 -6.74 -9.68
CA LEU A 51 -7.59 -7.63 -8.52
C LEU A 51 -8.66 -7.32 -7.48
N PHE A 52 -8.85 -6.03 -7.21
CA PHE A 52 -9.82 -5.51 -6.22
C PHE A 52 -11.20 -5.16 -6.83
N GLN A 53 -11.55 -5.76 -7.98
CA GLN A 53 -12.77 -5.44 -8.73
C GLN A 53 -14.09 -5.81 -8.03
N LYS A 54 -14.06 -6.82 -7.14
CA LYS A 54 -15.22 -7.19 -6.31
C LYS A 54 -15.11 -6.61 -4.91
N ASN A 55 -13.89 -6.49 -4.39
CA ASN A 55 -13.59 -5.90 -3.08
C ASN A 55 -12.10 -5.65 -2.85
N LEU A 56 -11.81 -4.57 -2.12
CA LEU A 56 -10.60 -4.42 -1.30
C LEU A 56 -10.75 -5.17 0.04
N ASP A 57 -9.68 -5.27 0.83
CA ASP A 57 -9.73 -5.62 2.25
C ASP A 57 -9.18 -4.48 3.11
N PRO A 58 -9.75 -4.14 4.28
CA PRO A 58 -9.22 -3.10 5.17
C PRO A 58 -7.83 -3.43 5.71
N ASP A 59 -7.52 -4.73 5.83
CA ASP A 59 -6.24 -5.21 6.33
C ASP A 59 -5.15 -5.12 5.25
N VAL A 60 -5.55 -5.19 3.96
CA VAL A 60 -4.67 -4.97 2.80
C VAL A 60 -4.48 -3.48 2.55
N PHE A 61 -5.56 -2.69 2.59
CA PHE A 61 -5.54 -1.23 2.43
C PHE A 61 -4.43 -0.58 3.26
N ASN A 62 -4.39 -0.89 4.57
CA ASN A 62 -3.42 -0.29 5.47
C ASN A 62 -2.01 -0.86 5.29
N GLN A 63 -1.84 -2.09 4.80
CA GLN A 63 -0.56 -2.68 4.47
C GLN A 63 0.06 -2.13 3.17
N ILE A 64 -0.72 -1.90 2.11
CA ILE A 64 -0.21 -1.23 0.89
C ILE A 64 0.40 0.13 1.28
N VAL A 65 -0.34 0.91 2.09
CA VAL A 65 0.09 2.20 2.66
C VAL A 65 1.35 2.04 3.51
N LYS A 66 1.38 1.01 4.37
CA LYS A 66 2.52 0.67 5.24
C LYS A 66 3.81 0.34 4.49
N ILE A 67 3.76 -0.22 3.28
CA ILE A 67 4.96 -0.46 2.45
C ILE A 67 5.34 0.75 1.61
N LEU A 68 4.37 1.48 1.05
CA LEU A 68 4.67 2.74 0.35
C LEU A 68 5.54 3.68 1.23
N HIS A 69 5.25 3.70 2.53
CA HIS A 69 5.77 4.60 3.55
C HIS A 69 7.30 4.63 3.70
N ASP A 70 7.95 3.48 3.69
CA ASP A 70 9.41 3.39 3.92
C ASP A 70 10.16 2.50 2.93
N PHE A 71 9.59 2.35 1.72
CA PHE A 71 10.18 1.59 0.61
C PHE A 71 9.92 2.28 -0.71
N TYR A 72 8.74 2.84 -1.00
CA TYR A 72 8.59 3.53 -2.28
C TYR A 72 9.12 4.95 -2.18
N ILE A 73 8.91 5.59 -1.02
CA ILE A 73 9.48 6.89 -0.65
C ILE A 73 11.01 6.90 -0.69
N GLU A 74 11.63 5.75 -0.41
CA GLU A 74 13.08 5.59 -0.42
C GLU A 74 13.66 5.02 -1.72
N LYS A 75 13.06 3.95 -2.24
CA LYS A 75 13.64 3.06 -3.26
C LYS A 75 12.99 3.21 -4.64
N GLU A 76 11.77 3.75 -4.71
CA GLU A 76 11.10 4.22 -5.93
C GLU A 76 10.94 5.76 -5.96
N LYS A 77 10.25 6.28 -6.99
CA LYS A 77 9.93 7.70 -7.19
C LYS A 77 8.69 8.17 -6.42
N PRO A 78 8.59 9.45 -6.04
CA PRO A 78 7.42 10.01 -5.35
C PRO A 78 6.14 9.95 -6.19
N LEU A 79 6.28 9.99 -7.52
CA LEU A 79 5.15 9.88 -8.45
C LEU A 79 4.44 8.52 -8.30
N LEU A 80 5.20 7.45 -8.00
CA LEU A 80 4.71 6.08 -7.88
C LEU A 80 3.71 5.93 -6.74
N ILE A 81 4.06 6.40 -5.52
CA ILE A 81 3.18 6.38 -4.33
C ILE A 81 1.83 7.02 -4.67
N PHE A 82 1.84 8.21 -5.27
CA PHE A 82 0.61 8.90 -5.65
C PHE A 82 -0.26 8.09 -6.63
N GLU A 83 0.35 7.37 -7.58
CA GLU A 83 -0.40 6.47 -8.47
C GLU A 83 -1.01 5.27 -7.75
N ILE A 84 -0.25 4.57 -6.89
CA ILE A 84 -0.78 3.41 -6.14
C ILE A 84 -1.98 3.83 -5.27
N LEU A 85 -1.86 4.98 -4.59
CA LEU A 85 -2.92 5.53 -3.76
C LEU A 85 -4.16 5.92 -4.57
N GLN A 86 -3.95 6.46 -5.77
CA GLN A 86 -5.01 6.77 -6.72
C GLN A 86 -5.78 5.51 -7.10
N ARG A 87 -5.11 4.41 -7.51
CA ARG A 87 -5.80 3.21 -8.00
C ARG A 87 -6.76 2.63 -6.96
N LEU A 88 -6.29 2.55 -5.71
CA LEU A 88 -7.09 2.06 -4.57
C LEU A 88 -8.31 2.94 -4.26
N SER A 89 -8.22 4.24 -4.50
CA SER A 89 -9.31 5.16 -4.20
C SER A 89 -10.45 5.14 -5.22
N GLU A 90 -10.30 4.43 -6.34
CA GLU A 90 -11.39 4.15 -7.28
C GLU A 90 -12.26 2.95 -6.84
N LEU A 91 -11.83 2.23 -5.81
CA LEU A 91 -12.46 0.97 -5.39
C LEU A 91 -13.73 1.19 -4.54
N LYS A 92 -14.67 0.26 -4.62
CA LYS A 92 -16.03 0.38 -4.07
C LYS A 92 -16.09 0.27 -2.54
N ARG A 93 -15.10 -0.40 -1.94
CA ARG A 93 -14.88 -0.57 -0.50
C ARG A 93 -13.82 0.37 0.07
N PHE A 94 -13.18 1.25 -0.72
CA PHE A 94 -12.04 2.05 -0.21
C PHE A 94 -12.41 2.84 1.07
N ASP A 95 -13.60 3.43 1.12
CA ASP A 95 -14.01 4.28 2.24
C ASP A 95 -14.36 3.45 3.47
N MET A 96 -14.87 2.23 3.26
CA MET A 96 -15.07 1.24 4.33
C MET A 96 -13.74 0.63 4.80
N ALA A 97 -12.65 0.77 4.06
CA ALA A 97 -11.30 0.46 4.56
C ALA A 97 -10.71 1.63 5.37
N VAL A 98 -10.92 2.89 4.95
CA VAL A 98 -10.53 4.10 5.72
C VAL A 98 -11.26 4.16 7.07
N MET A 99 -12.51 3.71 7.12
CA MET A 99 -13.29 3.56 8.36
C MET A 99 -12.66 2.53 9.32
N PHE A 100 -12.03 1.48 8.79
CA PHE A 100 -11.38 0.41 9.56
C PHE A 100 -9.91 0.70 9.93
N MET A 101 -9.37 1.86 9.55
CA MET A 101 -8.06 2.34 10.00
C MET A 101 -8.15 3.12 11.33
N SER A 102 -7.15 2.93 12.18
CA SER A 102 -6.93 3.66 13.43
C SER A 102 -5.75 4.65 13.30
N GLU A 103 -5.43 5.36 14.38
CA GLU A 103 -4.38 6.40 14.43
C GLU A 103 -3.01 5.92 13.91
N THR A 104 -2.60 4.71 14.27
CA THR A 104 -1.33 4.09 13.86
C THR A 104 -1.26 3.79 12.36
N GLU A 105 -2.41 3.57 11.71
CA GLU A 105 -2.49 3.42 10.26
C GLU A 105 -2.65 4.77 9.54
N LYS A 106 -3.39 5.71 10.14
CA LYS A 106 -3.65 7.04 9.57
C LYS A 106 -2.42 7.96 9.61
N LYS A 107 -1.55 7.85 10.62
CA LYS A 107 -0.24 8.54 10.64
C LYS A 107 0.67 8.16 9.47
N ILE A 108 0.47 6.97 8.91
CA ILE A 108 1.18 6.49 7.72
C ILE A 108 0.58 7.11 6.46
N ALA A 109 -0.76 7.08 6.31
CA ALA A 109 -1.44 7.66 5.15
C ALA A 109 -1.11 9.14 4.96
N ARG A 110 -1.09 9.93 6.04
CA ARG A 110 -0.71 11.35 5.99
C ARG A 110 0.77 11.53 5.62
N ALA A 111 1.66 10.69 6.13
CA ALA A 111 3.09 10.75 5.85
C ALA A 111 3.43 10.48 4.36
N LEU A 112 2.59 9.72 3.64
CA LEU A 112 2.67 9.60 2.20
C LEU A 112 2.37 10.93 1.49
N PHE A 113 1.21 11.52 1.76
CA PHE A 113 0.83 12.80 1.14
C PHE A 113 1.76 13.96 1.52
N ASN A 114 2.33 13.92 2.72
CA ASN A 114 3.38 14.85 3.17
C ASN A 114 4.67 14.70 2.32
N HIS A 115 5.06 13.47 1.98
CA HIS A 115 6.25 13.21 1.15
C HIS A 115 6.02 13.56 -0.33
N ILE A 116 4.82 13.29 -0.84
CA ILE A 116 4.42 13.62 -2.21
C ILE A 116 4.41 15.15 -2.39
N ASP A 117 3.95 15.88 -1.37
CA ASP A 117 3.90 17.35 -1.36
C ASP A 117 5.28 17.99 -1.44
N LYS A 118 6.18 17.57 -0.54
CA LYS A 118 7.57 18.03 -0.53
C LYS A 118 8.32 17.64 -1.80
N SER A 119 7.85 16.61 -2.51
CA SER A 119 8.38 16.18 -3.81
C SER A 119 7.85 16.95 -5.03
N GLY A 120 7.14 18.06 -4.80
CA GLY A 120 6.70 19.02 -5.82
C GLY A 120 5.28 18.77 -6.32
N LEU A 121 4.60 17.74 -5.82
CA LEU A 121 3.32 17.28 -6.33
C LEU A 121 2.18 17.82 -5.46
N LYS A 122 1.45 18.81 -5.99
CA LYS A 122 0.42 19.59 -5.31
C LYS A 122 -0.67 20.16 -6.21
N ASP A 123 -1.09 19.35 -7.18
CA ASP A 123 -2.29 19.61 -7.97
C ASP A 123 -3.54 19.53 -7.08
N SER A 124 -4.66 20.08 -7.54
CA SER A 124 -5.97 19.95 -6.89
C SER A 124 -6.45 18.49 -6.80
N SER A 125 -5.89 17.58 -7.61
CA SER A 125 -6.05 16.12 -7.47
C SER A 125 -5.32 15.54 -6.27
N VAL A 126 -4.19 16.13 -5.85
CA VAL A 126 -3.40 15.63 -4.71
C VAL A 126 -4.17 15.84 -3.40
N GLU A 127 -4.73 17.04 -3.23
CA GLU A 127 -5.53 17.38 -2.04
C GLU A 127 -6.96 16.83 -2.07
N GLU A 128 -7.46 16.45 -3.25
CA GLU A 128 -8.67 15.64 -3.41
C GLU A 128 -8.48 14.18 -2.96
N LEU A 129 -7.28 13.63 -3.15
CA LEU A 129 -6.98 12.24 -2.82
C LEU A 129 -6.60 12.05 -1.34
N LYS A 130 -5.94 13.05 -0.73
CA LYS A 130 -5.52 12.96 0.68
C LYS A 130 -6.69 12.99 1.64
N LYS A 131 -7.78 13.67 1.26
CA LYS A 131 -9.02 13.69 2.05
C LYS A 131 -9.77 12.35 2.02
N ARG A 132 -9.66 11.59 0.93
CA ARG A 132 -10.18 10.21 0.82
C ARG A 132 -9.60 9.29 1.89
N TYR A 133 -8.28 9.33 2.13
CA TYR A 133 -7.57 8.43 3.06
C TYR A 133 -7.67 8.83 4.54
N GLY A 134 -8.06 10.07 4.82
CA GLY A 134 -8.53 10.50 6.15
C GLY A 134 -8.30 11.97 6.48
N GLY A 135 -8.31 12.85 5.47
CA GLY A 135 -8.23 14.31 5.66
C GLY A 135 -9.55 14.91 6.09
N GLY A 1 15.72 -11.79 26.63
CA GLY A 1 14.26 -11.94 26.63
C GLY A 1 13.82 -13.29 26.06
N PRO A 2 12.62 -13.39 25.46
CA PRO A 2 12.02 -14.66 25.04
C PRO A 2 12.76 -15.37 23.90
N HIS A 3 12.63 -16.70 23.83
CA HIS A 3 13.20 -17.55 22.77
C HIS A 3 12.38 -17.46 21.47
N MET A 4 13.06 -17.46 20.33
CA MET A 4 12.44 -17.33 19.00
C MET A 4 12.03 -18.68 18.39
N ALA A 5 11.01 -18.66 17.55
CA ALA A 5 10.60 -19.78 16.70
C ALA A 5 11.44 -19.88 15.41
N GLN A 6 11.47 -21.08 14.80
CA GLN A 6 12.22 -21.39 13.58
C GLN A 6 11.90 -20.41 12.45
N PHE A 7 12.94 -19.90 11.78
CA PHE A 7 12.75 -18.93 10.69
C PHE A 7 12.04 -19.59 9.50
N ALA A 8 11.05 -18.88 8.93
CA ALA A 8 10.35 -19.33 7.74
C ALA A 8 11.22 -19.08 6.49
N THR A 9 11.36 -20.08 5.63
CA THR A 9 12.12 -19.94 4.37
C THR A 9 11.28 -19.23 3.30
N THR A 10 11.91 -18.33 2.54
CA THR A 10 11.19 -17.39 1.65
C THR A 10 11.75 -17.29 0.23
N VAL A 11 10.86 -17.02 -0.73
CA VAL A 11 11.16 -16.61 -2.11
C VAL A 11 9.94 -15.85 -2.65
N LEU A 12 10.17 -14.72 -3.33
CA LEU A 12 9.14 -13.77 -3.75
C LEU A 12 8.03 -14.46 -4.59
N PRO A 13 6.79 -14.53 -4.07
CA PRO A 13 5.68 -15.18 -4.75
C PRO A 13 5.27 -14.41 -6.03
N PRO A 14 4.65 -15.09 -7.01
CA PRO A 14 4.29 -14.49 -8.29
C PRO A 14 3.10 -13.53 -8.15
N ILE A 15 2.87 -12.74 -9.19
CA ILE A 15 1.80 -11.74 -9.23
C ILE A 15 0.42 -12.40 -8.99
N PRO A 16 -0.46 -11.81 -8.16
CA PRO A 16 -1.79 -12.32 -7.85
C PRO A 16 -2.75 -12.25 -9.05
N ALA A 17 -3.79 -13.08 -9.05
CA ALA A 17 -4.84 -13.08 -10.09
C ALA A 17 -6.05 -12.21 -9.71
N ASN A 18 -6.35 -12.18 -8.41
CA ASN A 18 -7.46 -11.47 -7.78
C ASN A 18 -7.17 -11.26 -6.29
N SER A 19 -7.97 -10.44 -5.58
CA SER A 19 -7.76 -10.09 -4.16
C SER A 19 -7.51 -11.33 -3.26
N PHE A 20 -8.20 -12.43 -3.53
CA PHE A 20 -8.10 -13.68 -2.77
C PHE A 20 -6.70 -14.34 -2.79
N GLN A 21 -5.90 -14.02 -3.82
CA GLN A 21 -4.48 -14.40 -3.95
C GLN A 21 -3.59 -13.34 -3.28
N LEU A 22 -3.89 -12.06 -3.47
CA LEU A 22 -3.12 -10.94 -2.94
C LEU A 22 -3.14 -10.94 -1.41
N GLU A 23 -4.34 -11.00 -0.82
CA GLU A 23 -4.52 -11.07 0.64
C GLU A 23 -3.77 -12.27 1.24
N SER A 24 -3.65 -13.38 0.48
CA SER A 24 -2.91 -14.58 0.89
C SER A 24 -1.39 -14.35 0.96
N ASP A 25 -0.83 -13.55 0.05
CA ASP A 25 0.58 -13.17 0.10
C ASP A 25 0.85 -12.07 1.13
N PHE A 26 -0.05 -11.10 1.26
CA PHE A 26 0.07 -10.02 2.23
C PHE A 26 0.05 -10.58 3.66
N ARG A 27 -0.81 -11.56 3.95
CA ARG A 27 -0.89 -12.17 5.28
C ARG A 27 0.30 -13.06 5.62
N GLN A 28 0.99 -13.61 4.61
CA GLN A 28 2.18 -14.43 4.83
C GLN A 28 3.46 -13.58 4.99
N LEU A 29 3.53 -12.46 4.26
CA LEU A 29 4.70 -11.59 4.19
C LEU A 29 4.57 -10.35 5.10
N LYS A 30 3.51 -10.23 5.91
CA LYS A 30 3.22 -9.08 6.79
C LYS A 30 4.36 -8.79 7.77
N SER A 31 5.04 -9.84 8.18
CA SER A 31 6.20 -9.82 9.08
C SER A 31 7.55 -9.66 8.34
N SER A 32 7.54 -9.59 7.01
CA SER A 32 8.74 -9.47 6.17
C SER A 32 8.57 -8.33 5.14
N PRO A 33 8.35 -7.10 5.60
CA PRO A 33 8.07 -5.95 4.74
C PRO A 33 9.20 -5.65 3.75
N ASP A 34 10.42 -6.09 4.06
CA ASP A 34 11.61 -5.90 3.21
C ASP A 34 11.53 -6.70 1.90
N MET A 35 10.76 -7.81 1.87
CA MET A 35 10.36 -8.49 0.65
C MET A 35 9.02 -8.05 0.06
N LEU A 36 8.08 -7.56 0.89
CA LEU A 36 6.82 -6.97 0.40
C LEU A 36 7.06 -5.84 -0.62
N TYR A 37 8.09 -5.01 -0.40
CA TYR A 37 8.57 -4.01 -1.37
C TYR A 37 8.82 -4.61 -2.77
N GLN A 38 9.50 -5.75 -2.87
CA GLN A 38 9.86 -6.38 -4.14
C GLN A 38 8.70 -7.16 -4.75
N TYR A 39 7.83 -7.73 -3.92
CA TYR A 39 6.54 -8.31 -4.34
C TYR A 39 5.66 -7.25 -5.03
N LEU A 40 5.60 -6.02 -4.50
CA LEU A 40 4.87 -4.88 -5.07
C LEU A 40 5.51 -4.39 -6.37
N LYS A 41 6.85 -4.41 -6.49
CA LYS A 41 7.56 -4.00 -7.72
C LYS A 41 7.12 -4.82 -8.95
N GLN A 42 6.66 -6.05 -8.75
CA GLN A 42 6.09 -6.90 -9.82
C GLN A 42 4.72 -6.39 -10.30
N ILE A 43 3.92 -5.82 -9.41
CA ILE A 43 2.48 -5.54 -9.59
C ILE A 43 2.29 -4.11 -10.13
N GLU A 44 1.97 -3.98 -11.41
CA GLU A 44 1.65 -2.68 -12.01
C GLU A 44 0.34 -2.09 -11.46
N PRO A 45 0.19 -0.75 -11.38
CA PRO A 45 -1.03 -0.10 -10.90
C PRO A 45 -2.27 -0.44 -11.74
N SER A 46 -2.11 -0.87 -12.99
CA SER A 46 -3.22 -1.30 -13.86
C SER A 46 -3.84 -2.63 -13.41
N LEU A 47 -3.15 -3.42 -12.60
CA LEU A 47 -3.70 -4.62 -11.96
C LEU A 47 -4.55 -4.28 -10.74
N TYR A 48 -4.30 -3.20 -10.01
CA TYR A 48 -5.04 -2.83 -8.80
C TYR A 48 -6.58 -2.81 -9.00
N PRO A 49 -7.14 -2.14 -10.03
CA PRO A 49 -8.57 -2.15 -10.30
C PRO A 49 -9.13 -3.51 -10.79
N LYS A 50 -8.27 -4.39 -11.32
CA LYS A 50 -8.60 -5.79 -11.69
C LYS A 50 -8.60 -6.72 -10.47
N LEU A 51 -7.59 -6.63 -9.60
CA LEU A 51 -7.46 -7.48 -8.42
C LEU A 51 -8.60 -7.27 -7.43
N PHE A 52 -8.92 -6.00 -7.22
CA PHE A 52 -9.92 -5.53 -6.25
C PHE A 52 -11.28 -5.21 -6.90
N GLN A 53 -11.56 -5.77 -8.08
CA GLN A 53 -12.75 -5.49 -8.88
C GLN A 53 -14.09 -5.82 -8.20
N LYS A 54 -14.13 -6.82 -7.31
CA LYS A 54 -15.31 -7.20 -6.52
C LYS A 54 -15.24 -6.81 -5.05
N ASN A 55 -14.03 -6.64 -4.49
CA ASN A 55 -13.81 -6.00 -3.20
C ASN A 55 -12.33 -5.57 -3.04
N LEU A 56 -12.10 -4.47 -2.31
CA LEU A 56 -10.86 -4.28 -1.55
C LEU A 56 -10.94 -5.03 -0.21
N ASP A 57 -9.80 -5.40 0.37
CA ASP A 57 -9.71 -5.90 1.76
C ASP A 57 -9.26 -4.76 2.71
N PRO A 58 -9.90 -4.55 3.87
CA PRO A 58 -9.46 -3.54 4.83
C PRO A 58 -8.10 -3.87 5.45
N ASP A 59 -7.78 -5.15 5.62
CA ASP A 59 -6.44 -5.57 6.10
C ASP A 59 -5.35 -5.40 5.03
N VAL A 60 -5.72 -5.29 3.75
CA VAL A 60 -4.78 -5.02 2.66
C VAL A 60 -4.55 -3.52 2.46
N PHE A 61 -5.60 -2.70 2.51
CA PHE A 61 -5.53 -1.23 2.37
C PHE A 61 -4.39 -0.63 3.20
N ASN A 62 -4.34 -0.98 4.49
CA ASN A 62 -3.36 -0.42 5.42
C ASN A 62 -1.96 -0.98 5.15
N GLN A 63 -1.84 -2.26 4.77
CA GLN A 63 -0.56 -2.87 4.40
C GLN A 63 0.04 -2.25 3.13
N ILE A 64 -0.74 -1.99 2.07
CA ILE A 64 -0.25 -1.26 0.88
C ILE A 64 0.36 0.10 1.32
N VAL A 65 -0.40 0.88 2.10
CA VAL A 65 0.01 2.21 2.61
C VAL A 65 1.29 2.12 3.45
N LYS A 66 1.32 1.15 4.35
CA LYS A 66 2.44 0.83 5.25
C LYS A 66 3.72 0.44 4.53
N ILE A 67 3.66 -0.26 3.39
CA ILE A 67 4.87 -0.52 2.59
C ILE A 67 5.29 0.68 1.75
N LEU A 68 4.36 1.46 1.19
CA LEU A 68 4.76 2.69 0.47
C LEU A 68 5.60 3.61 1.39
N HIS A 69 5.28 3.65 2.69
CA HIS A 69 5.81 4.56 3.70
C HIS A 69 7.34 4.55 3.88
N ASP A 70 7.98 3.39 3.92
CA ASP A 70 9.45 3.31 4.17
C ASP A 70 10.23 2.46 3.17
N PHE A 71 9.69 2.33 1.95
CA PHE A 71 10.28 1.60 0.83
C PHE A 71 10.02 2.34 -0.48
N TYR A 72 8.83 2.87 -0.77
CA TYR A 72 8.65 3.54 -2.06
C TYR A 72 9.13 4.97 -1.98
N ILE A 73 8.95 5.61 -0.82
CA ILE A 73 9.48 6.95 -0.53
C ILE A 73 11.02 6.96 -0.52
N GLU A 74 11.63 5.88 -0.05
CA GLU A 74 13.08 5.72 0.07
C GLU A 74 13.71 5.22 -1.24
N LYS A 75 13.15 4.15 -1.84
CA LYS A 75 13.78 3.37 -2.91
C LYS A 75 13.18 3.61 -4.30
N GLU A 76 11.90 3.95 -4.38
CA GLU A 76 11.22 4.36 -5.62
C GLU A 76 11.02 5.88 -5.73
N LYS A 77 10.35 6.31 -6.80
CA LYS A 77 9.97 7.71 -7.11
C LYS A 77 8.70 8.16 -6.36
N PRO A 78 8.55 9.45 -6.04
CA PRO A 78 7.36 10.03 -5.40
C PRO A 78 6.10 9.91 -6.27
N LEU A 79 6.28 9.87 -7.60
CA LEU A 79 5.18 9.70 -8.55
C LEU A 79 4.48 8.33 -8.36
N LEU A 80 5.24 7.32 -7.91
CA LEU A 80 4.76 5.94 -7.79
C LEU A 80 3.75 5.78 -6.65
N ILE A 81 4.09 6.21 -5.41
CA ILE A 81 3.17 6.21 -4.26
C ILE A 81 1.83 6.84 -4.67
N PHE A 82 1.87 8.01 -5.31
CA PHE A 82 0.67 8.73 -5.71
C PHE A 82 -0.21 7.98 -6.74
N GLU A 83 0.40 7.26 -7.69
CA GLU A 83 -0.34 6.38 -8.61
C GLU A 83 -1.04 5.24 -7.85
N ILE A 84 -0.32 4.53 -6.96
CA ILE A 84 -0.89 3.41 -6.18
C ILE A 84 -2.10 3.87 -5.34
N LEU A 85 -1.96 5.00 -4.64
CA LEU A 85 -3.02 5.55 -3.79
C LEU A 85 -4.25 5.99 -4.59
N GLN A 86 -4.04 6.52 -5.79
CA GLN A 86 -5.10 6.85 -6.73
C GLN A 86 -5.88 5.61 -7.17
N ARG A 87 -5.23 4.51 -7.56
CA ARG A 87 -5.97 3.30 -8.03
C ARG A 87 -6.92 2.77 -6.95
N LEU A 88 -6.43 2.68 -5.71
CA LEU A 88 -7.24 2.26 -4.55
C LEU A 88 -8.45 3.16 -4.26
N SER A 89 -8.34 4.47 -4.51
CA SER A 89 -9.42 5.43 -4.21
C SER A 89 -10.68 5.23 -5.07
N GLU A 90 -10.54 4.58 -6.22
CA GLU A 90 -11.65 4.28 -7.14
C GLU A 90 -12.43 3.02 -6.72
N LEU A 91 -11.98 2.30 -5.68
CA LEU A 91 -12.56 1.03 -5.25
C LEU A 91 -13.77 1.24 -4.33
N LYS A 92 -14.75 0.34 -4.40
CA LYS A 92 -16.06 0.56 -3.80
C LYS A 92 -16.05 0.51 -2.27
N ARG A 93 -15.19 -0.36 -1.71
CA ARG A 93 -14.96 -0.57 -0.28
C ARG A 93 -13.79 0.25 0.26
N PHE A 94 -13.14 1.11 -0.55
CA PHE A 94 -12.02 1.92 -0.06
C PHE A 94 -12.42 2.77 1.16
N ASP A 95 -13.66 3.28 1.18
CA ASP A 95 -14.14 4.21 2.18
C ASP A 95 -14.44 3.52 3.52
N MET A 96 -14.87 2.25 3.47
CA MET A 96 -14.89 1.39 4.64
C MET A 96 -13.47 1.04 5.13
N ALA A 97 -12.50 0.84 4.23
CA ALA A 97 -11.13 0.57 4.65
C ALA A 97 -10.48 1.77 5.36
N VAL A 98 -10.77 3.00 4.91
CA VAL A 98 -10.40 4.24 5.61
C VAL A 98 -11.11 4.34 6.96
N MET A 99 -12.39 3.98 7.04
CA MET A 99 -13.16 3.97 8.29
C MET A 99 -12.64 2.95 9.31
N PHE A 100 -12.10 1.83 8.83
CA PHE A 100 -11.48 0.77 9.62
C PHE A 100 -10.00 1.00 9.92
N MET A 101 -9.35 2.01 9.33
CA MET A 101 -8.05 2.48 9.79
C MET A 101 -8.18 3.19 11.16
N SER A 102 -7.21 2.98 12.04
CA SER A 102 -7.06 3.71 13.30
C SER A 102 -5.89 4.71 13.24
N GLU A 103 -5.56 5.34 14.37
CA GLU A 103 -4.74 6.56 14.43
C GLU A 103 -3.29 6.39 13.91
N THR A 104 -2.65 5.23 14.11
CA THR A 104 -1.34 4.92 13.50
C THR A 104 -1.48 4.67 12.00
N GLU A 105 -2.53 3.98 11.55
CA GLU A 105 -2.68 3.71 10.11
C GLU A 105 -2.93 5.02 9.35
N LYS A 106 -3.60 5.99 10.00
CA LYS A 106 -3.73 7.37 9.53
C LYS A 106 -2.43 8.17 9.57
N LYS A 107 -1.57 8.04 10.62
CA LYS A 107 -0.27 8.74 10.67
C LYS A 107 0.70 8.30 9.56
N ILE A 108 0.53 7.08 9.06
CA ILE A 108 1.23 6.58 7.86
C ILE A 108 0.59 7.15 6.59
N ALA A 109 -0.74 7.07 6.46
CA ALA A 109 -1.46 7.51 5.25
C ALA A 109 -1.20 8.99 4.93
N ARG A 110 -1.18 9.86 5.95
CA ARG A 110 -0.90 11.28 5.77
C ARG A 110 0.56 11.57 5.48
N ALA A 111 1.48 10.76 6.02
CA ALA A 111 2.91 10.90 5.74
C ALA A 111 3.24 10.63 4.25
N LEU A 112 2.47 9.76 3.58
CA LEU A 112 2.56 9.58 2.13
C LEU A 112 2.24 10.86 1.37
N PHE A 113 1.04 11.43 1.57
CA PHE A 113 0.64 12.67 0.90
C PHE A 113 1.50 13.87 1.29
N ASN A 114 2.05 13.90 2.51
CA ASN A 114 3.01 14.90 2.94
C ASN A 114 4.35 14.80 2.16
N HIS A 115 4.81 13.58 1.83
CA HIS A 115 6.01 13.36 1.02
C HIS A 115 5.78 13.68 -0.47
N ILE A 116 4.62 13.31 -1.01
CA ILE A 116 4.26 13.55 -2.42
C ILE A 116 4.20 15.06 -2.69
N ASP A 117 3.61 15.82 -1.76
CA ASP A 117 3.42 17.25 -1.87
C ASP A 117 4.75 18.01 -1.90
N LYS A 118 5.60 17.74 -0.90
CA LYS A 118 6.95 18.31 -0.80
C LYS A 118 7.89 17.83 -1.91
N SER A 119 7.55 16.70 -2.53
CA SER A 119 8.24 16.22 -3.76
C SER A 119 7.87 17.00 -5.03
N GLY A 120 7.08 18.07 -4.91
CA GLY A 120 6.80 19.02 -6.00
C GLY A 120 5.55 18.73 -6.79
N LEU A 121 4.72 17.78 -6.35
CA LEU A 121 3.49 17.36 -7.02
C LEU A 121 2.31 18.17 -6.47
N LYS A 122 1.78 19.09 -7.29
CA LYS A 122 0.72 20.05 -6.96
C LYS A 122 -0.42 20.00 -7.98
N ASP A 123 -1.09 18.86 -8.05
CA ASP A 123 -2.39 18.72 -8.72
C ASP A 123 -3.52 18.77 -7.69
N SER A 124 -4.69 19.29 -8.04
CA SER A 124 -5.87 19.26 -7.16
C SER A 124 -6.24 17.83 -6.73
N SER A 125 -5.87 16.81 -7.50
CA SER A 125 -6.04 15.39 -7.15
C SER A 125 -5.18 14.97 -5.95
N VAL A 126 -4.04 15.62 -5.70
CA VAL A 126 -3.18 15.34 -4.54
C VAL A 126 -3.92 15.67 -3.24
N GLU A 127 -4.52 16.86 -3.18
CA GLU A 127 -5.28 17.34 -2.03
C GLU A 127 -6.72 16.80 -1.95
N GLU A 128 -7.29 16.30 -3.06
CA GLU A 128 -8.51 15.50 -3.05
C GLU A 128 -8.28 14.09 -2.48
N LEU A 129 -7.09 13.50 -2.69
CA LEU A 129 -6.78 12.16 -2.20
C LEU A 129 -6.27 12.18 -0.75
N LYS A 130 -5.59 13.25 -0.33
CA LYS A 130 -5.14 13.41 1.07
C LYS A 130 -6.32 13.38 2.04
N LYS A 131 -7.46 13.99 1.65
CA LYS A 131 -8.67 14.03 2.48
C LYS A 131 -9.40 12.69 2.51
N ARG A 132 -9.40 11.96 1.39
CA ARG A 132 -10.07 10.66 1.27
C ARG A 132 -9.45 9.56 2.13
N TYR A 133 -8.13 9.59 2.36
CA TYR A 133 -7.44 8.70 3.29
C TYR A 133 -7.38 9.23 4.74
N GLY A 134 -7.33 10.55 4.97
CA GLY A 134 -7.15 11.07 6.33
C GLY A 134 -7.38 12.57 6.59
N GLY A 135 -8.22 13.22 5.78
CA GLY A 135 -8.72 14.59 6.05
C GLY A 135 -9.90 14.62 7.00
#